data_2GM2
#
_entry.id   2GM2
#
_entity_poly.entity_id   1
_entity_poly.type   'polypeptide(L)'
_entity_poly.pdbx_seq_one_letter_code
;MPLNQEHPDYTYALRAADGRHAKVNEQILQQSFILMPDELVEHWPVPSLGQLQPAHMDAVLALNPAVILLGTGERQQFPS
TDVLAACLTRGIGLEAMTNAAAARTYNVLASEGRRVALAMIVGGLEHHHHHH
;
_entity_poly.pdbx_strand_id   A
#
# COMPACT_ATOMS: atom_id res chain seq x y z
N MET A 1 -13.33 -3.15 30.64
CA MET A 1 -13.93 -3.30 29.28
C MET A 1 -12.96 -2.82 28.22
N PRO A 2 -12.99 -3.44 27.03
CA PRO A 2 -12.19 -2.98 25.89
C PRO A 2 -12.67 -1.61 25.41
N LEU A 3 -11.79 -0.61 25.49
CA LEU A 3 -12.18 0.76 25.19
C LEU A 3 -11.97 1.08 23.71
N ASN A 4 -11.73 0.07 22.90
CA ASN A 4 -11.64 0.25 21.47
C ASN A 4 -12.89 -0.30 20.79
N GLN A 5 -13.97 0.45 20.88
CA GLN A 5 -15.25 0.05 20.29
C GLN A 5 -15.90 1.24 19.60
N GLU A 6 -17.23 1.18 19.48
CA GLU A 6 -18.01 2.19 18.77
C GLU A 6 -17.67 2.19 17.29
N HIS A 7 -18.47 1.43 16.54
CA HIS A 7 -18.30 1.24 15.10
C HIS A 7 -16.84 1.02 14.67
N PRO A 8 -16.17 -0.02 15.19
CA PRO A 8 -14.86 -0.43 14.71
C PRO A 8 -15.03 -1.30 13.46
N ASP A 9 -16.26 -1.76 13.26
CA ASP A 9 -16.63 -2.61 12.14
C ASP A 9 -15.82 -3.90 12.18
N TYR A 10 -15.56 -4.49 11.02
CA TYR A 10 -14.79 -5.74 10.96
C TYR A 10 -13.35 -5.47 10.53
N THR A 11 -12.42 -6.05 11.25
CA THR A 11 -11.00 -5.86 10.98
C THR A 11 -10.59 -6.53 9.66
N TYR A 12 -10.23 -5.71 8.70
CA TYR A 12 -9.82 -6.20 7.38
C TYR A 12 -8.48 -6.91 7.45
N ALA A 13 -8.35 -8.00 6.71
CA ALA A 13 -7.11 -8.75 6.63
C ALA A 13 -6.70 -8.98 5.18
N LEU A 14 -5.41 -8.84 4.92
CA LEU A 14 -4.87 -9.13 3.60
C LEU A 14 -4.59 -10.63 3.49
N ARG A 15 -5.26 -11.29 2.57
CA ARG A 15 -5.15 -12.74 2.47
C ARG A 15 -3.97 -13.14 1.59
N ALA A 16 -3.87 -12.52 0.42
CA ALA A 16 -2.79 -12.85 -0.50
C ALA A 16 -2.57 -11.73 -1.51
N ALA A 17 -1.31 -11.41 -1.75
CA ALA A 17 -0.95 -10.45 -2.78
C ALA A 17 0.03 -11.08 -3.76
N ASP A 18 -0.44 -11.35 -4.96
CA ASP A 18 0.36 -12.06 -5.96
C ASP A 18 1.27 -11.10 -6.71
N GLY A 19 0.90 -9.82 -6.74
CA GLY A 19 1.71 -8.84 -7.42
C GLY A 19 0.97 -8.15 -8.54
N ARG A 20 0.02 -8.85 -9.13
CA ARG A 20 -0.81 -8.28 -10.18
C ARG A 20 -2.20 -8.03 -9.64
N HIS A 21 -2.60 -8.85 -8.68
CA HIS A 21 -3.86 -8.64 -7.98
C HIS A 21 -3.62 -8.67 -6.48
N ALA A 22 -4.53 -8.09 -5.73
CA ALA A 22 -4.46 -8.12 -4.28
C ALA A 22 -5.78 -8.59 -3.70
N LYS A 23 -5.73 -9.66 -2.92
CA LYS A 23 -6.93 -10.21 -2.30
C LYS A 23 -7.05 -9.73 -0.86
N VAL A 24 -7.86 -8.71 -0.66
CA VAL A 24 -8.10 -8.15 0.66
C VAL A 24 -9.39 -8.73 1.21
N ASN A 25 -9.27 -9.73 2.09
CA ASN A 25 -10.41 -10.48 2.61
C ASN A 25 -11.10 -11.25 1.48
N GLU A 26 -12.01 -10.60 0.79
CA GLU A 26 -12.68 -11.20 -0.37
C GLU A 26 -12.70 -10.20 -1.51
N GLN A 27 -12.08 -9.05 -1.28
CA GLN A 27 -12.05 -7.98 -2.27
C GLN A 27 -10.80 -8.09 -3.13
N ILE A 28 -10.99 -8.19 -4.43
CA ILE A 28 -9.88 -8.31 -5.35
C ILE A 28 -9.58 -6.95 -5.99
N LEU A 29 -8.48 -6.35 -5.59
CA LEU A 29 -8.08 -5.07 -6.12
C LEU A 29 -6.99 -5.22 -7.16
N GLN A 30 -7.09 -4.44 -8.23
CA GLN A 30 -6.15 -4.49 -9.34
C GLN A 30 -5.60 -3.10 -9.65
N GLN A 31 -5.46 -2.30 -8.61
CA GLN A 31 -4.97 -0.94 -8.75
C GLN A 31 -4.05 -0.58 -7.59
N SER A 32 -3.90 0.70 -7.31
CA SER A 32 -3.11 1.13 -6.18
C SER A 32 -4.03 1.63 -5.06
N PHE A 33 -3.73 1.21 -3.84
CA PHE A 33 -4.56 1.58 -2.70
C PHE A 33 -3.73 1.66 -1.42
N ILE A 34 -4.28 2.30 -0.41
CA ILE A 34 -3.58 2.49 0.86
C ILE A 34 -4.36 1.84 2.00
N LEU A 35 -3.75 0.86 2.65
CA LEU A 35 -4.38 0.18 3.76
C LEU A 35 -3.69 0.56 5.07
N MET A 36 -4.47 1.06 6.03
CA MET A 36 -3.95 1.40 7.34
C MET A 36 -4.88 0.91 8.43
N PRO A 37 -4.36 0.73 9.66
CA PRO A 37 -5.17 0.31 10.82
C PRO A 37 -6.12 1.41 11.32
N ASP A 38 -6.70 2.14 10.37
CA ASP A 38 -7.63 3.22 10.69
C ASP A 38 -8.79 3.17 9.69
N GLU A 39 -8.45 2.99 8.43
CA GLU A 39 -9.43 2.79 7.36
C GLU A 39 -8.74 2.33 6.08
N LEU A 40 -9.53 2.07 5.05
CA LEU A 40 -8.99 1.64 3.77
C LEU A 40 -9.18 2.74 2.73
N VAL A 41 -8.08 3.25 2.20
CA VAL A 41 -8.13 4.27 1.18
C VAL A 41 -8.01 3.63 -0.20
N GLU A 42 -9.15 3.45 -0.85
CA GLU A 42 -9.19 2.84 -2.17
C GLU A 42 -8.78 3.87 -3.23
N HIS A 43 -8.95 5.13 -2.89
CA HIS A 43 -8.74 6.20 -3.84
C HIS A 43 -7.28 6.67 -3.85
N TRP A 44 -6.48 6.04 -4.70
CA TRP A 44 -5.13 6.50 -4.95
C TRP A 44 -4.82 6.36 -6.43
N PRO A 45 -4.93 7.46 -7.18
CA PRO A 45 -4.86 7.45 -8.65
C PRO A 45 -3.43 7.36 -9.19
N VAL A 46 -2.57 6.65 -8.49
CA VAL A 46 -1.19 6.49 -8.93
C VAL A 46 -0.88 5.02 -9.23
N PRO A 47 -1.21 4.54 -10.44
CA PRO A 47 -0.98 3.15 -10.84
C PRO A 47 0.46 2.92 -11.29
N SER A 48 1.15 4.00 -11.61
CA SER A 48 2.53 3.94 -12.04
C SER A 48 3.34 4.97 -11.27
N LEU A 49 4.52 4.58 -10.80
CA LEU A 49 5.32 5.45 -9.95
C LEU A 49 6.10 6.47 -10.78
N GLY A 50 5.89 6.45 -12.10
CA GLY A 50 6.45 7.47 -12.96
C GLY A 50 5.76 8.81 -12.73
N GLN A 51 4.64 8.77 -12.04
CA GLN A 51 3.93 9.98 -11.62
C GLN A 51 4.00 10.14 -10.11
N LEU A 52 4.85 9.34 -9.48
CA LEU A 52 4.95 9.33 -8.03
C LEU A 52 5.69 10.57 -7.54
N GLN A 53 4.97 11.40 -6.80
CA GLN A 53 5.48 12.67 -6.32
C GLN A 53 4.79 12.98 -4.99
N PRO A 54 5.49 13.64 -4.04
CA PRO A 54 4.91 14.02 -2.75
C PRO A 54 3.58 14.76 -2.89
N ALA A 55 3.35 15.37 -4.04
CA ALA A 55 2.11 16.08 -4.33
C ALA A 55 0.93 15.11 -4.40
N HIS A 56 1.20 13.88 -4.78
CA HIS A 56 0.15 12.85 -4.86
C HIS A 56 0.23 11.92 -3.65
N MET A 57 1.33 12.03 -2.92
CA MET A 57 1.49 11.29 -1.68
C MET A 57 1.12 12.18 -0.51
N ASP A 58 0.62 13.38 -0.82
CA ASP A 58 0.24 14.37 0.19
C ASP A 58 -0.82 13.81 1.11
N ALA A 59 -1.77 13.06 0.53
CA ALA A 59 -2.81 12.40 1.31
C ALA A 59 -2.19 11.44 2.32
N VAL A 60 -1.13 10.75 1.90
CA VAL A 60 -0.43 9.83 2.78
C VAL A 60 0.29 10.59 3.88
N LEU A 61 0.92 11.69 3.50
CA LEU A 61 1.62 12.54 4.45
C LEU A 61 0.65 13.19 5.43
N ALA A 62 -0.57 13.45 4.96
CA ALA A 62 -1.62 14.04 5.78
C ALA A 62 -2.08 13.08 6.87
N LEU A 63 -2.09 11.79 6.54
CA LEU A 63 -2.45 10.76 7.51
C LEU A 63 -1.36 10.64 8.58
N ASN A 64 -0.14 11.02 8.20
CA ASN A 64 1.01 11.05 9.10
C ASN A 64 1.30 9.67 9.70
N PRO A 65 1.98 8.82 8.93
CA PRO A 65 2.43 7.52 9.40
C PRO A 65 3.85 7.56 9.94
N ALA A 66 4.33 6.42 10.42
CA ALA A 66 5.70 6.31 10.87
C ALA A 66 6.55 5.63 9.81
N VAL A 67 5.99 4.56 9.25
CA VAL A 67 6.66 3.82 8.20
C VAL A 67 5.69 3.55 7.05
N ILE A 68 6.19 3.66 5.82
CA ILE A 68 5.37 3.46 4.65
C ILE A 68 5.91 2.30 3.82
N LEU A 69 5.09 1.28 3.65
CA LEU A 69 5.48 0.12 2.85
C LEU A 69 4.87 0.22 1.48
N LEU A 70 5.71 0.47 0.48
CA LEU A 70 5.25 0.58 -0.89
C LEU A 70 5.43 -0.73 -1.62
N GLY A 71 4.32 -1.33 -2.01
CA GLY A 71 4.37 -2.57 -2.76
C GLY A 71 4.35 -2.29 -4.25
N THR A 72 5.38 -2.75 -4.95
CA THR A 72 5.49 -2.52 -6.39
C THR A 72 5.02 -3.74 -7.17
N GLY A 73 3.99 -4.41 -6.66
CA GLY A 73 3.52 -5.64 -7.24
C GLY A 73 4.62 -6.66 -7.43
N GLU A 74 4.90 -6.97 -8.68
CA GLU A 74 5.97 -7.89 -9.04
C GLU A 74 7.05 -7.14 -9.83
N ARG A 75 6.81 -5.86 -10.03
CA ARG A 75 7.66 -5.06 -10.89
C ARG A 75 8.39 -4.02 -10.05
N GLN A 76 9.43 -4.48 -9.37
CA GLN A 76 10.13 -3.67 -8.38
C GLN A 76 10.84 -2.49 -9.01
N GLN A 77 10.47 -1.30 -8.56
CA GLN A 77 11.09 -0.07 -9.02
C GLN A 77 11.05 0.96 -7.89
N PHE A 78 12.14 1.68 -7.71
CA PHE A 78 12.28 2.61 -6.60
C PHE A 78 11.68 3.97 -6.94
N PRO A 79 11.03 4.60 -5.95
CA PRO A 79 10.41 5.93 -6.11
C PRO A 79 11.43 7.01 -6.43
N SER A 80 10.96 8.13 -6.94
CA SER A 80 11.81 9.26 -7.26
C SER A 80 12.55 9.74 -6.02
N THR A 81 13.81 10.11 -6.17
CA THR A 81 14.61 10.62 -5.05
C THR A 81 13.98 11.90 -4.49
N ASP A 82 13.18 12.58 -5.31
CA ASP A 82 12.42 13.74 -4.88
C ASP A 82 11.48 13.39 -3.72
N VAL A 83 10.89 12.21 -3.80
CA VAL A 83 9.98 11.74 -2.76
C VAL A 83 10.74 11.47 -1.46
N LEU A 84 11.96 10.94 -1.61
CA LEU A 84 12.78 10.57 -0.46
C LEU A 84 13.14 11.81 0.36
N ALA A 85 13.29 12.95 -0.30
CA ALA A 85 13.62 14.20 0.36
C ALA A 85 12.55 14.59 1.37
N ALA A 86 11.30 14.46 0.95
CA ALA A 86 10.16 14.79 1.81
C ALA A 86 10.04 13.80 2.96
N CYS A 87 10.37 12.55 2.68
CA CYS A 87 10.29 11.51 3.69
C CYS A 87 11.40 11.65 4.72
N LEU A 88 12.62 11.89 4.23
CA LEU A 88 13.80 11.99 5.09
C LEU A 88 13.65 13.14 6.10
N THR A 89 13.18 14.28 5.62
CA THR A 89 13.03 15.46 6.45
C THR A 89 12.03 15.23 7.59
N ARG A 90 10.94 14.53 7.28
CA ARG A 90 9.94 14.22 8.31
C ARG A 90 10.37 13.04 9.17
N GLY A 91 11.31 12.26 8.66
CA GLY A 91 11.74 11.06 9.36
C GLY A 91 10.86 9.88 9.05
N ILE A 92 10.28 9.89 7.85
CA ILE A 92 9.37 8.84 7.43
C ILE A 92 10.16 7.70 6.80
N GLY A 93 9.92 6.49 7.29
CA GLY A 93 10.58 5.32 6.74
C GLY A 93 9.87 4.80 5.52
N LEU A 94 10.28 5.25 4.35
CA LEU A 94 9.69 4.78 3.11
C LEU A 94 10.44 3.55 2.61
N GLU A 95 9.73 2.45 2.50
CA GLU A 95 10.32 1.18 2.08
C GLU A 95 9.66 0.69 0.80
N ALA A 96 10.49 0.42 -0.21
CA ALA A 96 9.99 -0.08 -1.48
C ALA A 96 10.25 -1.58 -1.62
N MET A 97 9.19 -2.37 -1.61
CA MET A 97 9.29 -3.81 -1.73
C MET A 97 8.29 -4.34 -2.75
N THR A 98 8.27 -5.65 -2.91
CA THR A 98 7.22 -6.29 -3.69
C THR A 98 6.04 -6.59 -2.77
N ASN A 99 4.87 -6.83 -3.35
CA ASN A 99 3.67 -7.05 -2.55
C ASN A 99 3.82 -8.28 -1.64
N ALA A 100 4.54 -9.28 -2.13
CA ALA A 100 4.76 -10.49 -1.36
C ALA A 100 5.60 -10.19 -0.10
N ALA A 101 6.65 -9.40 -0.28
CA ALA A 101 7.53 -9.07 0.83
C ALA A 101 6.90 -8.05 1.77
N ALA A 102 6.21 -7.07 1.18
CA ALA A 102 5.55 -6.03 1.95
C ALA A 102 4.48 -6.62 2.86
N ALA A 103 3.83 -7.68 2.40
CA ALA A 103 2.78 -8.34 3.16
C ALA A 103 3.34 -8.95 4.44
N ARG A 104 4.60 -9.35 4.40
CA ARG A 104 5.25 -9.97 5.55
C ARG A 104 5.63 -8.89 6.56
N THR A 105 6.27 -7.83 6.06
CA THR A 105 6.69 -6.72 6.91
C THR A 105 5.48 -6.04 7.55
N TYR A 106 4.40 -5.91 6.79
CA TYR A 106 3.18 -5.31 7.30
C TYR A 106 2.61 -6.14 8.44
N ASN A 107 2.72 -7.45 8.32
CA ASN A 107 2.26 -8.37 9.35
C ASN A 107 2.95 -8.08 10.68
N VAL A 108 4.27 -7.92 10.63
CA VAL A 108 5.05 -7.64 11.82
C VAL A 108 4.66 -6.30 12.44
N LEU A 109 4.58 -5.27 11.60
CA LEU A 109 4.27 -3.92 12.05
C LEU A 109 2.83 -3.83 12.57
N ALA A 110 1.94 -4.64 12.02
CA ALA A 110 0.56 -4.70 12.49
C ALA A 110 0.51 -5.23 13.92
N SER A 111 1.40 -6.16 14.23
CA SER A 111 1.49 -6.72 15.57
C SER A 111 2.23 -5.75 16.50
N GLU A 112 3.10 -4.93 15.93
CA GLU A 112 3.81 -3.91 16.70
C GLU A 112 2.83 -2.81 17.12
N GLY A 113 1.91 -2.48 16.23
CA GLY A 113 0.89 -1.50 16.55
C GLY A 113 1.31 -0.10 16.17
N ARG A 114 2.46 0.01 15.50
CA ARG A 114 2.98 1.29 15.07
C ARG A 114 2.35 1.70 13.75
N ARG A 115 2.14 2.99 13.55
CA ARG A 115 1.44 3.49 12.37
C ARG A 115 2.21 3.22 11.09
N VAL A 116 1.79 2.18 10.39
CA VAL A 116 2.35 1.83 9.10
C VAL A 116 1.33 2.08 8.00
N ALA A 117 1.79 2.66 6.90
CA ALA A 117 0.93 2.88 5.75
C ALA A 117 1.28 1.87 4.65
N LEU A 118 0.35 0.98 4.37
CA LEU A 118 0.56 -0.05 3.35
C LEU A 118 0.02 0.43 2.01
N ALA A 119 0.92 0.86 1.14
CA ALA A 119 0.53 1.32 -0.18
C ALA A 119 0.81 0.23 -1.21
N MET A 120 -0.22 -0.47 -1.61
CA MET A 120 -0.08 -1.58 -2.54
C MET A 120 -0.36 -1.15 -3.97
N ILE A 121 0.65 -1.27 -4.81
CA ILE A 121 0.48 -1.12 -6.24
C ILE A 121 0.54 -2.49 -6.89
N VAL A 122 -0.57 -2.95 -7.44
CA VAL A 122 -0.58 -4.24 -8.13
C VAL A 122 -0.61 -4.05 -9.64
N GLY A 123 0.49 -4.42 -10.29
CA GLY A 123 0.60 -4.26 -11.73
C GLY A 123 -0.07 -5.38 -12.49
N GLY A 124 -1.38 -5.41 -12.40
CA GLY A 124 -2.16 -6.41 -13.11
C GLY A 124 -3.49 -5.84 -13.55
N LEU A 125 -3.43 -4.78 -14.32
CA LEU A 125 -4.62 -4.07 -14.77
C LEU A 125 -5.17 -4.70 -16.05
N GLU A 126 -4.31 -5.42 -16.76
CA GLU A 126 -4.69 -6.01 -18.03
C GLU A 126 -5.54 -7.27 -17.84
N HIS A 127 -5.87 -7.91 -18.95
CA HIS A 127 -6.73 -9.08 -18.95
C HIS A 127 -6.10 -10.18 -19.82
N HIS A 128 -6.94 -11.01 -20.43
CA HIS A 128 -6.50 -11.96 -21.46
C HIS A 128 -5.51 -11.25 -22.39
N HIS A 129 -4.25 -11.68 -22.36
CA HIS A 129 -3.15 -10.90 -22.92
C HIS A 129 -3.23 -10.83 -24.44
N HIS A 130 -2.97 -11.94 -25.12
CA HIS A 130 -2.95 -11.93 -26.58
C HIS A 130 -3.50 -13.25 -27.13
N HIS A 131 -3.25 -14.34 -26.42
CA HIS A 131 -3.75 -15.64 -26.81
C HIS A 131 -5.27 -15.72 -26.57
N HIS A 132 -5.97 -16.39 -27.48
CA HIS A 132 -7.41 -16.57 -27.35
C HIS A 132 -7.73 -18.04 -27.21
N MET A 1 -15.46 -22.69 20.69
CA MET A 1 -15.59 -23.94 19.91
C MET A 1 -16.17 -23.65 18.53
N PRO A 2 -15.60 -24.26 17.47
CA PRO A 2 -16.01 -24.01 16.09
C PRO A 2 -17.42 -24.51 15.77
N LEU A 3 -17.98 -25.33 16.66
CA LEU A 3 -19.33 -25.86 16.47
C LEU A 3 -20.36 -24.82 16.92
N ASN A 4 -20.15 -23.59 16.51
CA ASN A 4 -20.99 -22.45 16.87
C ASN A 4 -20.39 -21.20 16.26
N GLN A 5 -19.14 -20.94 16.61
CA GLN A 5 -18.37 -19.84 16.06
C GLN A 5 -16.90 -20.14 16.28
N GLU A 6 -16.18 -20.41 15.19
CA GLU A 6 -14.79 -20.84 15.28
C GLU A 6 -13.93 -19.88 16.10
N HIS A 7 -13.71 -18.69 15.57
CA HIS A 7 -12.87 -17.70 16.23
C HIS A 7 -12.93 -16.37 15.50
N PRO A 8 -13.31 -15.29 16.19
CA PRO A 8 -13.29 -13.94 15.63
C PRO A 8 -11.91 -13.60 15.06
N ASP A 9 -11.89 -13.23 13.79
CA ASP A 9 -10.64 -12.95 13.09
C ASP A 9 -10.16 -11.54 13.40
N TYR A 10 -8.85 -11.39 13.59
CA TYR A 10 -8.29 -10.10 13.99
C TYR A 10 -7.50 -9.46 12.87
N THR A 11 -7.68 -9.95 11.64
CA THR A 11 -6.98 -9.37 10.51
C THR A 11 -7.99 -8.76 9.54
N TYR A 12 -7.51 -8.29 8.39
CA TYR A 12 -8.38 -7.74 7.37
C TYR A 12 -8.40 -8.64 6.15
N ALA A 13 -8.21 -9.94 6.41
CA ALA A 13 -8.26 -10.98 5.38
C ALA A 13 -7.14 -10.83 4.36
N LEU A 14 -6.22 -9.91 4.61
CA LEU A 14 -5.06 -9.74 3.74
C LEU A 14 -4.05 -10.83 4.01
N ARG A 15 -4.35 -12.02 3.51
CA ARG A 15 -3.47 -13.17 3.68
C ARG A 15 -3.20 -13.81 2.34
N ALA A 16 -3.66 -13.18 1.27
CA ALA A 16 -3.43 -13.67 -0.07
C ALA A 16 -2.53 -12.72 -0.84
N ALA A 17 -1.26 -13.06 -0.91
CA ALA A 17 -0.28 -12.24 -1.59
C ALA A 17 0.28 -12.95 -2.81
N ASP A 18 -0.04 -12.44 -3.99
CA ASP A 18 0.43 -13.03 -5.23
C ASP A 18 1.52 -12.18 -5.87
N GLY A 19 1.36 -10.87 -5.79
CA GLY A 19 2.27 -9.96 -6.44
C GLY A 19 1.55 -9.10 -7.47
N ARG A 20 0.87 -9.77 -8.39
CA ARG A 20 0.06 -9.08 -9.38
C ARG A 20 -1.40 -9.15 -8.96
N HIS A 21 -1.64 -9.84 -7.84
CA HIS A 21 -2.98 -9.99 -7.29
C HIS A 21 -2.92 -9.84 -5.78
N ALA A 22 -3.88 -9.13 -5.22
CA ALA A 22 -3.97 -8.95 -3.78
C ALA A 22 -5.43 -8.95 -3.34
N LYS A 23 -5.70 -9.44 -2.15
CA LYS A 23 -7.07 -9.51 -1.66
C LYS A 23 -7.20 -8.89 -0.28
N VAL A 24 -8.01 -7.85 -0.18
CA VAL A 24 -8.31 -7.21 1.10
C VAL A 24 -9.77 -7.42 1.44
N ASN A 25 -10.02 -8.03 2.60
CA ASN A 25 -11.37 -8.45 3.01
C ASN A 25 -11.95 -9.46 2.02
N GLU A 26 -12.53 -8.94 0.95
CA GLU A 26 -13.12 -9.80 -0.07
C GLU A 26 -12.91 -9.19 -1.46
N GLN A 27 -12.13 -8.13 -1.52
CA GLN A 27 -11.90 -7.42 -2.77
C GLN A 27 -10.52 -7.76 -3.33
N ILE A 28 -10.48 -8.16 -4.59
CA ILE A 28 -9.22 -8.43 -5.26
C ILE A 28 -8.75 -7.18 -5.99
N LEU A 29 -7.76 -6.52 -5.42
CA LEU A 29 -7.27 -5.27 -5.97
C LEU A 29 -6.01 -5.48 -6.79
N GLN A 30 -6.07 -5.05 -8.04
CA GLN A 30 -4.91 -5.14 -8.93
C GLN A 30 -4.46 -3.73 -9.33
N GLN A 31 -4.75 -2.78 -8.45
CA GLN A 31 -4.41 -1.38 -8.69
C GLN A 31 -3.57 -0.84 -7.53
N SER A 32 -3.61 0.46 -7.30
CA SER A 32 -2.87 1.08 -6.22
C SER A 32 -3.81 1.48 -5.09
N PHE A 33 -3.50 1.06 -3.87
CA PHE A 33 -4.32 1.42 -2.71
C PHE A 33 -3.47 1.48 -1.44
N ILE A 34 -3.89 2.31 -0.50
CA ILE A 34 -3.20 2.45 0.77
C ILE A 34 -3.99 1.78 1.89
N LEU A 35 -3.45 0.69 2.40
CA LEU A 35 -4.11 -0.04 3.48
C LEU A 35 -3.39 0.21 4.80
N MET A 36 -4.16 0.60 5.80
CA MET A 36 -3.61 0.80 7.13
C MET A 36 -4.40 -0.03 8.13
N PRO A 37 -3.81 -0.34 9.30
CA PRO A 37 -4.47 -1.15 10.35
C PRO A 37 -5.71 -0.45 10.92
N ASP A 38 -5.95 0.78 10.49
CA ASP A 38 -7.11 1.53 10.96
C ASP A 38 -8.07 1.83 9.81
N GLU A 39 -7.58 2.56 8.82
CA GLU A 39 -8.43 3.03 7.73
C GLU A 39 -7.87 2.58 6.37
N LEU A 40 -8.76 2.53 5.38
CA LEU A 40 -8.39 2.12 4.03
C LEU A 40 -8.58 3.29 3.06
N VAL A 41 -7.53 3.61 2.31
CA VAL A 41 -7.59 4.68 1.34
C VAL A 41 -7.22 4.15 -0.05
N GLU A 42 -8.23 3.79 -0.84
CA GLU A 42 -7.99 3.30 -2.19
C GLU A 42 -8.36 4.37 -3.21
N HIS A 43 -8.65 5.57 -2.72
CA HIS A 43 -8.94 6.73 -3.58
C HIS A 43 -7.64 7.43 -3.95
N TRP A 44 -6.64 6.64 -4.30
CA TRP A 44 -5.30 7.16 -4.57
C TRP A 44 -4.96 7.01 -6.05
N PRO A 45 -5.11 8.10 -6.82
CA PRO A 45 -4.94 8.08 -8.28
C PRO A 45 -3.48 8.07 -8.71
N VAL A 46 -2.80 6.96 -8.48
CA VAL A 46 -1.43 6.78 -8.94
C VAL A 46 -1.31 5.50 -9.75
N PRO A 47 -1.38 5.61 -11.09
CA PRO A 47 -1.29 4.46 -11.99
C PRO A 47 0.14 3.92 -12.08
N SER A 48 0.40 2.84 -11.33
CA SER A 48 1.72 2.21 -11.28
C SER A 48 2.74 3.13 -10.61
N LEU A 49 3.86 2.56 -10.17
CA LEU A 49 4.89 3.35 -9.50
C LEU A 49 5.79 4.01 -10.53
N GLY A 50 5.19 4.84 -11.38
CA GLY A 50 5.96 5.59 -12.36
C GLY A 50 5.46 7.01 -12.50
N GLN A 51 4.42 7.35 -11.75
CA GLN A 51 3.82 8.67 -11.82
C GLN A 51 3.67 9.24 -10.40
N LEU A 52 4.44 8.70 -9.48
CA LEU A 52 4.36 9.15 -8.09
C LEU A 52 5.18 10.42 -7.88
N GLN A 53 4.52 11.55 -8.09
CA GLN A 53 5.11 12.84 -7.79
C GLN A 53 4.81 13.22 -6.35
N PRO A 54 5.60 14.15 -5.76
CA PRO A 54 5.41 14.58 -4.37
C PRO A 54 3.99 15.08 -4.11
N ALA A 55 3.39 15.69 -5.12
CA ALA A 55 2.01 16.19 -5.03
C ALA A 55 1.04 15.04 -4.75
N HIS A 56 1.33 13.86 -5.26
CA HIS A 56 0.46 12.69 -5.08
C HIS A 56 0.81 11.96 -3.78
N MET A 57 2.03 12.13 -3.31
CA MET A 57 2.50 11.45 -2.10
C MET A 57 2.16 12.28 -0.86
N ASP A 58 1.82 13.55 -1.10
CA ASP A 58 1.53 14.50 -0.02
C ASP A 58 0.37 14.02 0.85
N ALA A 59 -0.60 13.37 0.24
CA ALA A 59 -1.75 12.84 0.96
C ALA A 59 -1.32 11.84 2.03
N VAL A 60 -0.33 11.02 1.70
CA VAL A 60 0.18 10.03 2.62
C VAL A 60 0.90 10.72 3.78
N LEU A 61 1.64 11.77 3.46
CA LEU A 61 2.36 12.55 4.46
C LEU A 61 1.38 13.33 5.34
N ALA A 62 0.21 13.63 4.80
CA ALA A 62 -0.83 14.32 5.54
C ALA A 62 -1.51 13.40 6.55
N LEU A 63 -1.54 12.11 6.22
CA LEU A 63 -2.10 11.11 7.12
C LEU A 63 -1.15 10.88 8.31
N ASN A 64 0.15 10.97 8.02
CA ASN A 64 1.20 10.79 9.02
C ASN A 64 1.18 9.39 9.63
N PRO A 65 1.75 8.41 8.91
CA PRO A 65 1.90 7.05 9.41
C PRO A 65 3.22 6.87 10.15
N ALA A 66 3.39 5.73 10.80
CA ALA A 66 4.63 5.43 11.49
C ALA A 66 5.69 5.01 10.47
N VAL A 67 5.32 4.11 9.59
CA VAL A 67 6.22 3.64 8.54
C VAL A 67 5.41 3.33 7.28
N ILE A 68 6.01 3.55 6.12
CA ILE A 68 5.33 3.32 4.87
C ILE A 68 5.95 2.15 4.11
N LEU A 69 5.14 1.15 3.81
CA LEU A 69 5.59 0.02 3.00
C LEU A 69 4.99 0.11 1.62
N LEU A 70 5.84 0.47 0.65
CA LEU A 70 5.41 0.63 -0.72
C LEU A 70 5.56 -0.69 -1.47
N GLY A 71 4.46 -1.18 -2.01
CA GLY A 71 4.49 -2.39 -2.80
C GLY A 71 4.53 -2.08 -4.28
N THR A 72 5.48 -2.67 -4.99
CA THR A 72 5.68 -2.40 -6.40
C THR A 72 4.95 -3.41 -7.28
N GLY A 73 4.07 -4.20 -6.67
CA GLY A 73 3.54 -5.38 -7.36
C GLY A 73 4.64 -6.36 -7.73
N GLU A 74 5.24 -6.13 -8.88
CA GLU A 74 6.36 -6.94 -9.34
C GLU A 74 7.54 -6.02 -9.63
N ARG A 75 8.73 -6.61 -9.79
CA ARG A 75 9.96 -5.88 -10.04
C ARG A 75 10.33 -4.99 -8.85
N GLN A 76 11.52 -4.42 -8.90
CA GLN A 76 11.93 -3.46 -7.88
C GLN A 76 12.01 -2.07 -8.46
N GLN A 77 11.12 -1.22 -7.98
CA GLN A 77 11.07 0.16 -8.42
C GLN A 77 11.03 1.08 -7.20
N PHE A 78 11.43 2.32 -7.37
CA PHE A 78 11.47 3.26 -6.27
C PHE A 78 10.93 4.62 -6.70
N PRO A 79 10.37 5.39 -5.76
CA PRO A 79 9.91 6.75 -6.03
C PRO A 79 11.07 7.68 -6.32
N SER A 80 10.80 8.78 -7.02
CA SER A 80 11.83 9.73 -7.38
C SER A 80 12.54 10.26 -6.14
N THR A 81 13.80 10.65 -6.30
CA THR A 81 14.61 11.12 -5.19
C THR A 81 13.98 12.34 -4.52
N ASP A 82 13.37 13.20 -5.32
CA ASP A 82 12.73 14.42 -4.82
C ASP A 82 11.44 14.08 -4.07
N VAL A 83 10.93 12.88 -4.30
CA VAL A 83 9.73 12.41 -3.62
C VAL A 83 10.11 11.74 -2.30
N LEU A 84 11.11 10.87 -2.36
CA LEU A 84 11.59 10.15 -1.19
C LEU A 84 12.10 11.13 -0.14
N ALA A 85 12.81 12.16 -0.60
CA ALA A 85 13.37 13.18 0.29
C ALA A 85 12.29 13.84 1.14
N ALA A 86 11.12 14.05 0.53
CA ALA A 86 10.02 14.71 1.24
C ALA A 86 9.53 13.87 2.41
N CYS A 87 9.51 12.55 2.22
CA CYS A 87 9.08 11.64 3.27
C CYS A 87 10.17 11.51 4.34
N LEU A 88 11.42 11.45 3.88
CA LEU A 88 12.57 11.29 4.77
C LEU A 88 12.71 12.51 5.68
N THR A 89 12.60 13.70 5.11
CA THR A 89 12.76 14.94 5.86
C THR A 89 11.64 15.13 6.88
N ARG A 90 10.43 14.68 6.54
CA ARG A 90 9.30 14.75 7.47
C ARG A 90 9.56 13.82 8.66
N GLY A 91 10.24 12.71 8.41
CA GLY A 91 10.58 11.80 9.48
C GLY A 91 9.82 10.50 9.40
N ILE A 92 9.24 10.22 8.24
CA ILE A 92 8.48 8.99 8.06
C ILE A 92 9.35 7.96 7.34
N GLY A 93 9.48 6.77 7.93
CA GLY A 93 10.26 5.72 7.33
C GLY A 93 9.62 5.20 6.05
N LEU A 94 10.34 5.28 4.95
CA LEU A 94 9.84 4.83 3.67
C LEU A 94 10.58 3.59 3.21
N GLU A 95 9.84 2.53 2.94
CA GLU A 95 10.42 1.29 2.44
C GLU A 95 9.68 0.85 1.18
N ALA A 96 10.40 0.26 0.24
CA ALA A 96 9.82 -0.15 -1.03
C ALA A 96 10.20 -1.60 -1.33
N MET A 97 9.19 -2.45 -1.42
CA MET A 97 9.39 -3.87 -1.68
C MET A 97 8.33 -4.38 -2.63
N THR A 98 8.42 -5.66 -2.98
CA THR A 98 7.41 -6.27 -3.83
C THR A 98 6.12 -6.51 -3.05
N ASN A 99 5.05 -6.86 -3.76
CA ASN A 99 3.70 -6.97 -3.20
C ASN A 99 3.66 -7.87 -1.97
N ALA A 100 4.21 -9.07 -2.08
CA ALA A 100 4.13 -10.06 -1.01
C ALA A 100 5.05 -9.70 0.15
N ALA A 101 6.24 -9.20 -0.16
CA ALA A 101 7.20 -8.80 0.85
C ALA A 101 6.64 -7.68 1.72
N ALA A 102 5.93 -6.75 1.09
CA ALA A 102 5.30 -5.65 1.80
C ALA A 102 4.20 -6.17 2.72
N ALA A 103 3.37 -7.06 2.20
CA ALA A 103 2.29 -7.65 2.98
C ALA A 103 2.83 -8.47 4.16
N ARG A 104 3.93 -9.18 3.91
CA ARG A 104 4.58 -9.96 4.95
C ARG A 104 5.01 -9.07 6.11
N THR A 105 5.66 -7.95 5.78
CA THR A 105 6.15 -7.03 6.78
C THR A 105 5.00 -6.37 7.53
N TYR A 106 3.89 -6.15 6.82
CA TYR A 106 2.69 -5.55 7.41
C TYR A 106 2.23 -6.37 8.63
N ASN A 107 2.16 -7.69 8.46
CA ASN A 107 1.71 -8.57 9.53
C ASN A 107 2.63 -8.49 10.74
N VAL A 108 3.94 -8.38 10.49
CA VAL A 108 4.92 -8.29 11.55
C VAL A 108 4.76 -6.98 12.33
N LEU A 109 4.49 -5.90 11.61
CA LEU A 109 4.32 -4.59 12.22
C LEU A 109 2.97 -4.49 12.92
N ALA A 110 1.97 -5.15 12.36
CA ALA A 110 0.62 -5.14 12.93
C ALA A 110 0.60 -5.76 14.32
N SER A 111 1.47 -6.74 14.54
CA SER A 111 1.58 -7.40 15.83
C SER A 111 2.01 -6.40 16.91
N GLU A 112 2.87 -5.47 16.53
CA GLU A 112 3.38 -4.46 17.45
C GLU A 112 2.39 -3.30 17.60
N GLY A 113 1.51 -3.15 16.61
CA GLY A 113 0.56 -2.07 16.64
C GLY A 113 1.11 -0.81 15.99
N ARG A 114 2.21 -0.97 15.26
CA ARG A 114 2.82 0.15 14.55
C ARG A 114 1.99 0.50 13.32
N ARG A 115 1.64 1.77 13.19
CA ARG A 115 0.83 2.23 12.07
C ARG A 115 1.64 2.26 10.78
N VAL A 116 1.60 1.15 10.06
CA VAL A 116 2.25 1.06 8.78
C VAL A 116 1.28 1.37 7.65
N ALA A 117 1.66 2.29 6.79
CA ALA A 117 0.88 2.62 5.61
C ALA A 117 1.29 1.70 4.48
N LEU A 118 0.49 0.67 4.26
CA LEU A 118 0.80 -0.32 3.25
C LEU A 118 0.22 0.12 1.91
N ALA A 119 1.05 0.81 1.13
CA ALA A 119 0.66 1.26 -0.18
C ALA A 119 0.93 0.17 -1.21
N MET A 120 -0.06 -0.66 -1.45
CA MET A 120 0.09 -1.78 -2.35
C MET A 120 -0.25 -1.38 -3.77
N ILE A 121 0.79 -1.13 -4.55
CA ILE A 121 0.61 -0.87 -5.96
C ILE A 121 0.81 -2.18 -6.71
N VAL A 122 -0.06 -2.45 -7.67
CA VAL A 122 0.04 -3.65 -8.49
C VAL A 122 0.34 -3.27 -9.94
N GLY A 123 1.24 -4.02 -10.57
CA GLY A 123 1.71 -3.66 -11.89
C GLY A 123 1.04 -4.46 -12.99
N GLY A 124 -0.26 -4.67 -12.85
CA GLY A 124 -1.00 -5.44 -13.82
C GLY A 124 -1.25 -4.67 -15.11
N LEU A 125 -1.13 -3.36 -15.04
CA LEU A 125 -1.42 -2.50 -16.19
C LEU A 125 -0.23 -2.43 -17.15
N GLU A 126 0.89 -3.07 -16.78
CA GLU A 126 2.11 -2.98 -17.58
C GLU A 126 1.99 -3.83 -18.84
N HIS A 127 0.96 -4.65 -18.94
CA HIS A 127 0.71 -5.41 -20.16
C HIS A 127 0.14 -4.49 -21.23
N HIS A 128 -0.31 -3.31 -20.79
CA HIS A 128 -0.84 -2.27 -21.68
C HIS A 128 -2.18 -2.68 -22.28
N HIS A 129 -2.13 -3.41 -23.40
CA HIS A 129 -3.34 -3.84 -24.12
C HIS A 129 -4.11 -2.63 -24.66
N HIS A 130 -4.84 -1.97 -23.78
CA HIS A 130 -5.76 -0.89 -24.13
C HIS A 130 -6.52 -0.51 -22.87
N HIS A 131 -6.20 0.66 -22.32
CA HIS A 131 -6.70 1.03 -20.99
C HIS A 131 -8.19 1.38 -20.98
N HIS A 132 -9.02 0.33 -20.97
CA HIS A 132 -10.46 0.46 -20.79
C HIS A 132 -11.06 -0.95 -20.65
N MET A 1 -16.89 -12.48 21.12
CA MET A 1 -15.96 -11.51 21.75
C MET A 1 -14.54 -11.77 21.26
N PRO A 2 -13.78 -10.70 20.94
CA PRO A 2 -12.37 -10.81 20.55
C PRO A 2 -11.55 -11.58 21.59
N LEU A 3 -10.78 -12.55 21.13
CA LEU A 3 -10.06 -13.46 22.02
C LEU A 3 -8.87 -12.77 22.69
N ASN A 4 -8.50 -11.62 22.18
CA ASN A 4 -7.41 -10.84 22.75
C ASN A 4 -7.89 -9.43 23.03
N GLN A 5 -9.21 -9.30 23.20
CA GLN A 5 -9.86 -8.01 23.38
C GLN A 5 -9.57 -7.10 22.19
N GLU A 6 -9.69 -5.79 22.39
CA GLU A 6 -9.42 -4.80 21.35
C GLU A 6 -10.50 -4.85 20.27
N HIS A 7 -10.50 -3.85 19.39
CA HIS A 7 -11.47 -3.78 18.30
C HIS A 7 -11.20 -4.83 17.24
N PRO A 8 -12.26 -5.43 16.68
CA PRO A 8 -12.16 -6.37 15.56
C PRO A 8 -11.95 -5.66 14.23
N ASP A 9 -11.72 -4.35 14.32
CA ASP A 9 -11.52 -3.51 13.15
C ASP A 9 -10.13 -3.71 12.55
N TYR A 10 -9.23 -4.26 13.34
CA TYR A 10 -7.83 -4.41 12.93
C TYR A 10 -7.63 -5.66 12.08
N THR A 11 -8.51 -6.64 12.25
CA THR A 11 -8.40 -7.90 11.54
C THR A 11 -9.05 -7.83 10.16
N TYR A 12 -8.26 -8.07 9.12
CA TYR A 12 -8.75 -8.04 7.76
C TYR A 12 -8.17 -9.25 7.00
N ALA A 13 -8.69 -9.52 5.82
CA ALA A 13 -8.25 -10.68 5.04
C ALA A 13 -6.85 -10.48 4.46
N LEU A 14 -6.77 -10.03 3.20
CA LEU A 14 -5.50 -9.80 2.51
C LEU A 14 -4.66 -11.10 2.48
N ARG A 15 -5.33 -12.24 2.52
CA ARG A 15 -4.65 -13.52 2.61
C ARG A 15 -4.14 -14.01 1.26
N ALA A 16 -4.32 -13.20 0.23
CA ALA A 16 -3.84 -13.57 -1.10
C ALA A 16 -3.26 -12.36 -1.81
N ALA A 17 -1.94 -12.31 -1.90
CA ALA A 17 -1.25 -11.24 -2.60
C ALA A 17 -0.12 -11.82 -3.43
N ASP A 18 -0.26 -11.75 -4.75
CA ASP A 18 0.70 -12.39 -5.63
C ASP A 18 1.00 -11.53 -6.85
N GLY A 19 1.70 -10.41 -6.61
CA GLY A 19 2.23 -9.60 -7.68
C GLY A 19 1.19 -8.83 -8.45
N ARG A 20 0.45 -9.52 -9.31
CA ARG A 20 -0.47 -8.87 -10.23
C ARG A 20 -1.91 -8.90 -9.69
N HIS A 21 -2.10 -9.58 -8.59
CA HIS A 21 -3.42 -9.64 -7.95
C HIS A 21 -3.29 -9.48 -6.44
N ALA A 22 -4.33 -8.92 -5.86
CA ALA A 22 -4.39 -8.69 -4.42
C ALA A 22 -5.81 -8.87 -3.93
N LYS A 23 -6.01 -9.84 -3.04
CA LYS A 23 -7.34 -10.18 -2.56
C LYS A 23 -7.67 -9.39 -1.30
N VAL A 24 -8.32 -8.25 -1.49
CA VAL A 24 -8.80 -7.46 -0.37
C VAL A 24 -10.19 -7.94 0.01
N ASN A 25 -10.26 -8.67 1.11
CA ASN A 25 -11.49 -9.34 1.54
C ASN A 25 -11.86 -10.44 0.53
N GLU A 26 -12.52 -10.05 -0.55
CA GLU A 26 -12.82 -10.97 -1.64
C GLU A 26 -12.71 -10.25 -2.98
N GLN A 27 -12.27 -9.01 -2.95
CA GLN A 27 -12.22 -8.18 -4.14
C GLN A 27 -10.78 -7.95 -4.56
N ILE A 28 -10.51 -8.09 -5.84
CA ILE A 28 -9.17 -7.96 -6.37
C ILE A 28 -8.85 -6.51 -6.72
N LEU A 29 -7.91 -5.93 -6.01
CA LEU A 29 -7.43 -4.59 -6.31
C LEU A 29 -6.25 -4.68 -7.27
N GLN A 30 -6.42 -4.11 -8.46
CA GLN A 30 -5.41 -4.22 -9.51
C GLN A 30 -4.61 -2.94 -9.69
N GLN A 31 -4.92 -1.91 -8.91
CA GLN A 31 -4.20 -0.64 -9.04
C GLN A 31 -3.50 -0.25 -7.74
N SER A 32 -4.21 0.44 -6.86
CA SER A 32 -3.58 0.97 -5.66
C SER A 32 -4.59 1.03 -4.50
N PHE A 33 -4.08 0.88 -3.29
CA PHE A 33 -4.89 1.06 -2.08
C PHE A 33 -3.99 1.24 -0.87
N ILE A 34 -4.42 2.06 0.08
CA ILE A 34 -3.66 2.28 1.30
C ILE A 34 -4.27 1.49 2.44
N LEU A 35 -3.55 0.50 2.93
CA LEU A 35 -4.01 -0.32 4.03
C LEU A 35 -3.27 0.05 5.31
N MET A 36 -4.01 0.42 6.33
CA MET A 36 -3.44 0.75 7.63
C MET A 36 -4.26 0.09 8.73
N PRO A 37 -3.71 -0.04 9.95
CA PRO A 37 -4.43 -0.63 11.09
C PRO A 37 -5.56 0.27 11.62
N ASP A 38 -6.13 1.08 10.73
CA ASP A 38 -7.21 1.99 11.07
C ASP A 38 -8.10 2.24 9.85
N GLU A 39 -7.48 2.70 8.77
CA GLU A 39 -8.22 3.08 7.57
C GLU A 39 -7.80 2.23 6.37
N LEU A 40 -8.70 2.12 5.41
CA LEU A 40 -8.41 1.52 4.13
C LEU A 40 -8.79 2.51 3.03
N VAL A 41 -7.78 3.12 2.43
CA VAL A 41 -8.02 4.13 1.41
C VAL A 41 -8.13 3.50 0.04
N GLU A 42 -9.36 3.31 -0.41
CA GLU A 42 -9.63 2.77 -1.73
C GLU A 42 -9.59 3.88 -2.77
N HIS A 43 -9.83 5.11 -2.29
CA HIS A 43 -9.91 6.27 -3.15
C HIS A 43 -8.52 6.88 -3.38
N TRP A 44 -7.55 6.03 -3.70
CA TRP A 44 -6.20 6.49 -3.93
C TRP A 44 -5.54 5.66 -5.05
N PRO A 45 -5.76 6.07 -6.31
CA PRO A 45 -5.20 5.39 -7.45
C PRO A 45 -3.84 5.96 -7.87
N VAL A 46 -2.87 5.08 -8.09
CA VAL A 46 -1.56 5.48 -8.56
C VAL A 46 -1.11 4.58 -9.71
N PRO A 47 -1.21 5.07 -10.96
CA PRO A 47 -0.77 4.31 -12.13
C PRO A 47 0.75 4.18 -12.20
N SER A 48 1.25 3.06 -11.67
CA SER A 48 2.69 2.81 -11.60
C SER A 48 3.37 3.88 -10.77
N LEU A 49 4.69 4.00 -10.86
CA LEU A 49 5.40 5.06 -10.15
C LEU A 49 5.47 6.32 -11.01
N GLY A 50 4.45 6.50 -11.85
CA GLY A 50 4.39 7.67 -12.69
C GLY A 50 3.87 8.88 -11.95
N GLN A 51 2.71 8.75 -11.33
CA GLN A 51 2.13 9.82 -10.54
C GLN A 51 2.41 9.63 -9.07
N LEU A 52 3.42 8.82 -8.76
CA LEU A 52 3.83 8.64 -7.38
C LEU A 52 4.73 9.80 -6.96
N GLN A 53 4.09 10.91 -6.63
CA GLN A 53 4.79 12.14 -6.32
C GLN A 53 4.36 12.65 -4.95
N PRO A 54 5.16 13.55 -4.34
CA PRO A 54 4.85 14.12 -3.02
C PRO A 54 3.44 14.71 -2.95
N ALA A 55 2.97 15.29 -4.05
CA ALA A 55 1.65 15.91 -4.10
C ALA A 55 0.53 14.86 -4.16
N HIS A 56 0.89 13.63 -4.53
CA HIS A 56 -0.09 12.55 -4.61
C HIS A 56 -0.07 11.74 -3.32
N MET A 57 1.08 11.75 -2.66
CA MET A 57 1.24 11.06 -1.38
C MET A 57 1.01 12.04 -0.23
N ASP A 58 0.63 13.26 -0.59
CA ASP A 58 0.47 14.35 0.38
C ASP A 58 -0.49 13.98 1.50
N ALA A 59 -1.59 13.32 1.14
CA ALA A 59 -2.57 12.86 2.12
C ALA A 59 -1.93 11.94 3.15
N VAL A 60 -1.03 11.09 2.67
CA VAL A 60 -0.32 10.15 3.53
C VAL A 60 0.66 10.90 4.43
N LEU A 61 1.30 11.92 3.86
CA LEU A 61 2.26 12.73 4.60
C LEU A 61 1.54 13.56 5.67
N ALA A 62 0.29 13.90 5.41
CA ALA A 62 -0.53 14.64 6.35
C ALA A 62 -0.90 13.75 7.55
N LEU A 63 -1.12 12.47 7.27
CA LEU A 63 -1.42 11.50 8.33
C LEU A 63 -0.15 11.10 9.08
N ASN A 64 0.99 11.60 8.56
CA ASN A 64 2.33 11.38 9.13
C ASN A 64 2.51 10.03 9.83
N PRO A 65 2.79 8.98 9.06
CA PRO A 65 3.10 7.67 9.59
C PRO A 65 4.58 7.54 9.95
N ALA A 66 4.96 6.39 10.50
CA ALA A 66 6.35 6.15 10.85
C ALA A 66 7.09 5.56 9.66
N VAL A 67 6.41 4.65 8.97
CA VAL A 67 6.98 4.01 7.80
C VAL A 67 5.92 3.87 6.71
N ILE A 68 6.26 4.30 5.51
CA ILE A 68 5.39 4.15 4.36
C ILE A 68 5.91 2.99 3.52
N LEU A 69 5.08 1.97 3.37
CA LEU A 69 5.49 0.75 2.69
C LEU A 69 4.90 0.71 1.29
N LEU A 70 5.78 0.75 0.30
CA LEU A 70 5.38 0.68 -1.09
C LEU A 70 5.61 -0.72 -1.64
N GLY A 71 4.54 -1.47 -1.82
CA GLY A 71 4.63 -2.75 -2.48
C GLY A 71 4.42 -2.60 -3.97
N THR A 72 5.51 -2.52 -4.71
CA THR A 72 5.44 -2.17 -6.13
C THR A 72 5.27 -3.42 -7.01
N GLY A 73 4.19 -4.15 -6.77
CA GLY A 73 3.89 -5.32 -7.56
C GLY A 73 4.92 -6.42 -7.42
N GLU A 74 5.52 -6.80 -8.54
CA GLU A 74 6.46 -7.91 -8.58
C GLU A 74 7.74 -7.60 -7.81
N ARG A 75 8.55 -6.67 -8.32
CA ARG A 75 9.79 -6.30 -7.66
C ARG A 75 9.72 -4.87 -7.16
N GLN A 76 10.60 -4.52 -6.22
CA GLN A 76 10.61 -3.19 -5.67
C GLN A 76 11.17 -2.19 -6.68
N GLN A 77 10.58 -1.00 -6.69
CA GLN A 77 10.99 0.07 -7.58
C GLN A 77 11.19 1.35 -6.78
N PHE A 78 12.32 2.01 -7.01
CA PHE A 78 12.69 3.18 -6.24
C PHE A 78 12.04 4.43 -6.84
N PRO A 79 11.35 5.23 -6.00
CA PRO A 79 10.68 6.45 -6.44
C PRO A 79 11.67 7.56 -6.84
N SER A 80 11.13 8.67 -7.32
CA SER A 80 11.93 9.79 -7.75
C SER A 80 12.61 10.48 -6.56
N THR A 81 13.68 11.20 -6.84
CA THR A 81 14.47 11.89 -5.83
C THR A 81 13.61 12.79 -4.93
N ASP A 82 12.65 13.48 -5.53
CA ASP A 82 11.77 14.39 -4.79
C ASP A 82 11.00 13.66 -3.71
N VAL A 83 10.65 12.41 -3.98
CA VAL A 83 9.93 11.60 -3.00
C VAL A 83 10.85 11.26 -1.83
N LEU A 84 12.08 10.87 -2.15
CA LEU A 84 13.07 10.56 -1.13
C LEU A 84 13.37 11.78 -0.28
N ALA A 85 13.50 12.92 -0.93
CA ALA A 85 13.79 14.18 -0.23
C ALA A 85 12.69 14.51 0.77
N ALA A 86 11.44 14.46 0.31
CA ALA A 86 10.30 14.75 1.16
C ALA A 86 10.20 13.76 2.31
N CYS A 87 10.48 12.49 2.03
CA CYS A 87 10.42 11.44 3.04
C CYS A 87 11.49 11.66 4.10
N LEU A 88 12.69 12.02 3.64
CA LEU A 88 13.82 12.22 4.53
C LEU A 88 13.60 13.44 5.43
N THR A 89 13.19 14.54 4.83
CA THR A 89 13.07 15.80 5.55
C THR A 89 11.92 15.77 6.56
N ARG A 90 10.94 14.90 6.33
CA ARG A 90 9.81 14.77 7.23
C ARG A 90 10.09 13.74 8.32
N GLY A 91 11.23 13.06 8.21
CA GLY A 91 11.62 12.08 9.20
C GLY A 91 10.74 10.84 9.16
N ILE A 92 10.40 10.39 7.96
CA ILE A 92 9.57 9.21 7.79
C ILE A 92 10.36 8.13 7.06
N GLY A 93 10.11 6.87 7.39
CA GLY A 93 10.79 5.78 6.75
C GLY A 93 10.09 5.33 5.49
N LEU A 94 10.84 5.17 4.40
CA LEU A 94 10.28 4.71 3.14
C LEU A 94 10.70 3.28 2.88
N GLU A 95 9.75 2.37 2.89
CA GLU A 95 10.04 0.96 2.70
C GLU A 95 9.54 0.50 1.34
N ALA A 96 10.47 0.13 0.47
CA ALA A 96 10.13 -0.36 -0.86
C ALA A 96 10.41 -1.85 -0.97
N MET A 97 9.38 -2.64 -1.22
CA MET A 97 9.53 -4.09 -1.32
C MET A 97 8.55 -4.68 -2.33
N THR A 98 8.56 -6.00 -2.41
CA THR A 98 7.66 -6.73 -3.30
C THR A 98 6.27 -6.83 -2.68
N ASN A 99 5.29 -7.16 -3.51
CA ASN A 99 3.92 -7.36 -3.05
C ASN A 99 3.87 -8.40 -1.93
N ALA A 100 4.61 -9.49 -2.12
CA ALA A 100 4.63 -10.57 -1.14
C ALA A 100 5.31 -10.14 0.16
N ALA A 101 6.46 -9.48 0.03
CA ALA A 101 7.21 -9.05 1.21
C ALA A 101 6.44 -8.01 2.01
N ALA A 102 5.75 -7.12 1.30
CA ALA A 102 4.95 -6.08 1.94
C ALA A 102 3.85 -6.68 2.81
N ALA A 103 3.11 -7.63 2.25
CA ALA A 103 2.01 -8.27 2.96
C ALA A 103 2.53 -9.12 4.11
N ARG A 104 3.69 -9.74 3.90
CA ARG A 104 4.29 -10.61 4.90
C ARG A 104 4.64 -9.85 6.17
N THR A 105 5.41 -8.77 6.02
CA THR A 105 5.88 -8.03 7.19
C THR A 105 4.76 -7.19 7.78
N TYR A 106 3.70 -6.97 7.00
CA TYR A 106 2.55 -6.20 7.47
C TYR A 106 1.91 -6.90 8.66
N ASN A 107 1.94 -8.24 8.66
CA ASN A 107 1.41 -9.03 9.76
C ASN A 107 2.05 -8.61 11.07
N VAL A 108 3.37 -8.47 11.06
CA VAL A 108 4.12 -8.09 12.25
C VAL A 108 3.82 -6.65 12.63
N LEU A 109 3.91 -5.76 11.64
CA LEU A 109 3.74 -4.33 11.87
C LEU A 109 2.34 -4.00 12.38
N ALA A 110 1.33 -4.61 11.77
CA ALA A 110 -0.05 -4.36 12.17
C ALA A 110 -0.34 -4.85 13.58
N SER A 111 0.16 -6.05 13.89
CA SER A 111 -0.03 -6.62 15.21
C SER A 111 0.72 -5.81 16.27
N GLU A 112 1.91 -5.35 15.91
CA GLU A 112 2.73 -4.54 16.79
C GLU A 112 2.08 -3.19 17.06
N GLY A 113 1.42 -2.65 16.05
CA GLY A 113 0.82 -1.34 16.17
C GLY A 113 1.69 -0.26 15.57
N ARG A 114 2.58 -0.69 14.68
CA ARG A 114 3.48 0.22 14.00
C ARG A 114 2.71 1.14 13.06
N ARG A 115 3.09 2.41 13.03
CA ARG A 115 2.49 3.36 12.08
C ARG A 115 2.96 3.06 10.66
N VAL A 116 2.42 2.00 10.09
CA VAL A 116 2.77 1.61 8.74
C VAL A 116 1.68 1.99 7.76
N ALA A 117 2.05 2.73 6.74
CA ALA A 117 1.14 3.07 5.67
C ALA A 117 1.41 2.17 4.49
N LEU A 118 0.60 1.15 4.32
CA LEU A 118 0.83 0.18 3.26
C LEU A 118 0.14 0.63 1.99
N ALA A 119 0.88 1.39 1.19
CA ALA A 119 0.40 1.85 -0.10
C ALA A 119 0.76 0.81 -1.15
N MET A 120 -0.19 -0.08 -1.42
CA MET A 120 0.08 -1.19 -2.32
C MET A 120 -0.17 -0.77 -3.76
N ILE A 121 0.88 -0.89 -4.58
CA ILE A 121 0.77 -0.60 -6.00
C ILE A 121 0.83 -1.91 -6.78
N VAL A 122 -0.31 -2.33 -7.29
CA VAL A 122 -0.41 -3.59 -8.00
C VAL A 122 -0.10 -3.38 -9.47
N GLY A 123 0.69 -4.29 -10.04
CA GLY A 123 1.05 -4.18 -11.43
C GLY A 123 -0.15 -4.28 -12.35
N GLY A 124 -0.99 -5.26 -12.10
CA GLY A 124 -2.16 -5.48 -12.92
C GLY A 124 -1.81 -6.06 -14.27
N LEU A 125 -1.47 -5.19 -15.21
CA LEU A 125 -1.11 -5.61 -16.56
C LEU A 125 0.22 -4.99 -16.97
N GLU A 126 0.60 -5.18 -18.23
CA GLU A 126 1.87 -4.64 -18.71
C GLU A 126 1.64 -3.86 -20.01
N HIS A 127 2.69 -3.23 -20.51
CA HIS A 127 2.58 -2.36 -21.68
C HIS A 127 2.25 -3.17 -22.94
N HIS A 128 1.49 -2.56 -23.84
CA HIS A 128 1.20 -3.14 -25.15
C HIS A 128 1.05 -2.01 -26.17
N HIS A 129 1.93 -1.99 -27.16
CA HIS A 129 1.92 -0.93 -28.15
C HIS A 129 0.86 -1.19 -29.22
N HIS A 130 0.60 -2.45 -29.52
CA HIS A 130 -0.38 -2.78 -30.54
C HIS A 130 -1.79 -2.58 -29.99
N HIS A 131 -2.62 -1.88 -30.74
CA HIS A 131 -3.99 -1.59 -30.34
C HIS A 131 -4.91 -2.73 -30.75
N HIS A 132 -5.82 -3.09 -29.86
CA HIS A 132 -6.80 -4.12 -30.17
C HIS A 132 -8.15 -3.72 -29.60
N MET A 1 -35.11 -11.76 6.69
CA MET A 1 -34.16 -11.54 7.80
C MET A 1 -32.83 -11.05 7.27
N PRO A 2 -32.58 -9.73 7.31
CA PRO A 2 -31.37 -9.13 6.77
C PRO A 2 -30.17 -9.27 7.71
N LEU A 3 -29.43 -10.36 7.57
CA LEU A 3 -28.19 -10.53 8.29
C LEU A 3 -27.03 -10.06 7.41
N ASN A 4 -26.57 -8.85 7.67
CA ASN A 4 -25.58 -8.20 6.83
C ASN A 4 -24.19 -8.31 7.43
N GLN A 5 -23.95 -9.42 8.12
CA GLN A 5 -22.67 -9.67 8.79
C GLN A 5 -22.48 -8.73 9.97
N GLU A 6 -23.00 -9.13 11.11
CA GLU A 6 -22.90 -8.33 12.33
C GLU A 6 -21.56 -8.53 13.00
N HIS A 7 -20.71 -9.35 12.39
CA HIS A 7 -19.36 -9.58 12.93
C HIS A 7 -18.32 -9.01 11.96
N PRO A 8 -17.92 -7.74 12.15
CA PRO A 8 -17.01 -7.05 11.25
C PRO A 8 -15.55 -7.18 11.67
N ASP A 9 -15.27 -8.14 12.55
CA ASP A 9 -13.92 -8.34 13.07
C ASP A 9 -13.00 -8.86 11.97
N TYR A 10 -13.53 -9.72 11.12
CA TYR A 10 -12.77 -10.23 9.99
C TYR A 10 -13.15 -9.48 8.73
N THR A 11 -12.40 -8.43 8.44
CA THR A 11 -12.67 -7.59 7.28
C THR A 11 -11.38 -7.36 6.49
N TYR A 12 -10.32 -6.98 7.17
CA TYR A 12 -9.05 -6.70 6.51
C TYR A 12 -8.27 -8.00 6.38
N ALA A 13 -8.69 -8.82 5.41
CA ALA A 13 -8.12 -10.15 5.23
C ALA A 13 -6.71 -10.10 4.68
N LEU A 14 -6.54 -9.49 3.50
CA LEU A 14 -5.25 -9.52 2.79
C LEU A 14 -4.80 -10.96 2.61
N ARG A 15 -5.74 -11.79 2.19
CA ARG A 15 -5.58 -13.24 2.14
C ARG A 15 -4.49 -13.65 1.15
N ALA A 16 -4.34 -12.90 0.07
CA ALA A 16 -3.35 -13.24 -0.93
C ALA A 16 -2.70 -12.00 -1.50
N ALA A 17 -1.38 -11.97 -1.44
CA ALA A 17 -0.59 -10.92 -2.06
C ALA A 17 0.19 -11.52 -3.22
N ASP A 18 -0.23 -11.19 -4.44
CA ASP A 18 0.36 -11.80 -5.63
C ASP A 18 1.44 -10.91 -6.22
N GLY A 19 1.09 -9.65 -6.42
CA GLY A 19 1.97 -8.74 -7.13
C GLY A 19 1.25 -8.15 -8.33
N ARG A 20 0.55 -9.01 -9.06
CA ARG A 20 -0.29 -8.55 -10.16
C ARG A 20 -1.61 -8.04 -9.61
N HIS A 21 -2.06 -8.65 -8.52
CA HIS A 21 -3.25 -8.20 -7.81
C HIS A 21 -3.19 -8.61 -6.35
N ALA A 22 -4.14 -8.16 -5.56
CA ALA A 22 -4.21 -8.50 -4.15
C ALA A 22 -5.63 -8.85 -3.76
N LYS A 23 -5.79 -9.83 -2.89
CA LYS A 23 -7.10 -10.27 -2.47
C LYS A 23 -7.47 -9.66 -1.12
N VAL A 24 -8.28 -8.62 -1.14
CA VAL A 24 -8.82 -8.06 0.08
C VAL A 24 -10.12 -8.77 0.42
N ASN A 25 -9.99 -9.91 1.11
CA ASN A 25 -11.11 -10.80 1.40
C ASN A 25 -11.63 -11.45 0.11
N GLU A 26 -12.39 -10.70 -0.65
CA GLU A 26 -12.82 -11.13 -1.98
C GLU A 26 -12.54 -10.03 -3.01
N GLN A 27 -12.14 -8.86 -2.52
CA GLN A 27 -11.98 -7.70 -3.38
C GLN A 27 -10.60 -7.72 -4.04
N ILE A 28 -10.60 -8.05 -5.32
CA ILE A 28 -9.37 -8.05 -6.11
C ILE A 28 -9.13 -6.65 -6.68
N LEU A 29 -8.22 -5.92 -6.08
CA LEU A 29 -7.91 -4.57 -6.52
C LEU A 29 -6.82 -4.58 -7.58
N GLN A 30 -6.80 -3.55 -8.43
CA GLN A 30 -5.87 -3.49 -9.54
C GLN A 30 -5.27 -2.09 -9.69
N GLN A 31 -5.05 -1.44 -8.56
CA GLN A 31 -4.44 -0.12 -8.54
C GLN A 31 -3.63 0.03 -7.26
N SER A 32 -3.27 1.25 -6.90
CA SER A 32 -2.57 1.50 -5.66
C SER A 32 -3.55 1.85 -4.56
N PHE A 33 -3.34 1.30 -3.38
CA PHE A 33 -4.19 1.59 -2.24
C PHE A 33 -3.38 1.57 -0.96
N ILE A 34 -3.78 2.40 -0.01
CA ILE A 34 -3.06 2.50 1.26
C ILE A 34 -3.78 1.72 2.34
N LEU A 35 -3.12 0.71 2.87
CA LEU A 35 -3.71 -0.11 3.91
C LEU A 35 -3.09 0.22 5.26
N MET A 36 -3.90 0.69 6.18
CA MET A 36 -3.44 1.04 7.52
C MET A 36 -4.17 0.19 8.55
N PRO A 37 -3.61 0.09 9.77
CA PRO A 37 -4.24 -0.64 10.88
C PRO A 37 -5.47 0.08 11.43
N ASP A 38 -6.37 0.45 10.54
CA ASP A 38 -7.60 1.13 10.92
C ASP A 38 -8.65 1.00 9.82
N GLU A 39 -8.25 1.30 8.59
CA GLU A 39 -9.15 1.22 7.45
C GLU A 39 -8.35 1.08 6.16
N LEU A 40 -9.05 0.80 5.07
CA LEU A 40 -8.43 0.70 3.76
C LEU A 40 -8.64 2.00 2.99
N VAL A 41 -7.56 2.75 2.79
CA VAL A 41 -7.65 4.04 2.13
C VAL A 41 -7.50 3.89 0.62
N GLU A 42 -8.63 3.98 -0.07
CA GLU A 42 -8.65 3.96 -1.53
C GLU A 42 -8.78 5.39 -2.05
N HIS A 43 -9.21 5.53 -3.31
CA HIS A 43 -9.41 6.83 -3.94
C HIS A 43 -8.08 7.58 -4.05
N TRP A 44 -7.05 6.86 -4.44
CA TRP A 44 -5.72 7.44 -4.55
C TRP A 44 -5.17 7.15 -5.95
N PRO A 45 -5.40 8.08 -6.90
CA PRO A 45 -5.02 7.90 -8.31
C PRO A 45 -3.52 7.93 -8.53
N VAL A 46 -2.88 6.79 -8.34
CA VAL A 46 -1.46 6.65 -8.57
C VAL A 46 -1.16 5.36 -9.34
N PRO A 47 -0.98 5.46 -10.66
CA PRO A 47 -0.52 4.34 -11.49
C PRO A 47 0.90 3.93 -11.12
N SER A 48 1.29 2.74 -11.53
CA SER A 48 2.60 2.18 -11.20
C SER A 48 3.73 3.13 -11.61
N LEU A 49 4.30 3.82 -10.62
CA LEU A 49 5.37 4.80 -10.82
C LEU A 49 4.94 5.92 -11.77
N GLY A 50 3.63 6.08 -11.93
CA GLY A 50 3.12 7.09 -12.82
C GLY A 50 2.87 8.40 -12.11
N GLN A 51 1.75 8.49 -11.42
CA GLN A 51 1.39 9.70 -10.69
C GLN A 51 1.90 9.63 -9.26
N LEU A 52 2.92 8.79 -9.04
CA LEU A 52 3.57 8.70 -7.74
C LEU A 52 4.45 9.92 -7.53
N GLN A 53 3.83 11.00 -7.12
CA GLN A 53 4.47 12.31 -7.05
C GLN A 53 4.35 12.88 -5.64
N PRO A 54 5.20 13.85 -5.28
CA PRO A 54 5.18 14.49 -3.96
C PRO A 54 3.82 15.10 -3.63
N ALA A 55 3.09 15.48 -4.69
CA ALA A 55 1.74 16.04 -4.52
C ALA A 55 0.78 14.99 -3.96
N HIS A 56 0.83 13.79 -4.50
CA HIS A 56 -0.04 12.70 -4.03
C HIS A 56 0.48 12.12 -2.73
N MET A 57 1.80 12.16 -2.58
CA MET A 57 2.45 11.66 -1.37
C MET A 57 2.17 12.59 -0.19
N ASP A 58 1.89 13.85 -0.51
CA ASP A 58 1.64 14.87 0.51
C ASP A 58 0.43 14.49 1.37
N ALA A 59 -0.52 13.78 0.76
CA ALA A 59 -1.67 13.25 1.49
C ALA A 59 -1.22 12.22 2.53
N VAL A 60 -0.31 11.35 2.11
CA VAL A 60 0.22 10.31 2.98
C VAL A 60 1.06 10.96 4.08
N LEU A 61 1.78 12.02 3.71
CA LEU A 61 2.59 12.76 4.66
C LEU A 61 1.73 13.35 5.78
N ALA A 62 0.54 13.84 5.40
CA ALA A 62 -0.39 14.42 6.36
C ALA A 62 -0.95 13.36 7.29
N LEU A 63 -1.10 12.14 6.78
CA LEU A 63 -1.58 11.03 7.58
C LEU A 63 -0.55 10.63 8.64
N ASN A 64 0.68 11.09 8.44
CA ASN A 64 1.79 10.87 9.37
C ASN A 64 2.13 9.38 9.52
N PRO A 65 2.90 8.85 8.56
CA PRO A 65 3.42 7.50 8.65
C PRO A 65 4.83 7.47 9.22
N ALA A 66 5.05 6.63 10.23
CA ALA A 66 6.38 6.46 10.78
C ALA A 66 7.20 5.57 9.87
N VAL A 67 6.56 4.52 9.39
CA VAL A 67 7.17 3.63 8.42
C VAL A 67 6.19 3.37 7.28
N ILE A 68 6.69 3.36 6.06
CA ILE A 68 5.86 3.12 4.90
C ILE A 68 6.45 2.03 4.02
N LEU A 69 5.65 1.01 3.77
CA LEU A 69 6.08 -0.12 2.96
C LEU A 69 5.48 0.01 1.57
N LEU A 70 6.35 0.20 0.59
CA LEU A 70 5.91 0.37 -0.78
C LEU A 70 5.96 -0.96 -1.52
N GLY A 71 4.81 -1.60 -1.64
CA GLY A 71 4.75 -2.87 -2.34
C GLY A 71 4.45 -2.66 -3.82
N THR A 72 5.51 -2.55 -4.61
CA THR A 72 5.38 -2.20 -6.01
C THR A 72 5.04 -3.41 -6.89
N GLY A 73 4.01 -4.14 -6.50
CA GLY A 73 3.64 -5.33 -7.23
C GLY A 73 4.68 -6.42 -7.15
N GLU A 74 5.02 -6.98 -8.30
CA GLU A 74 5.94 -8.11 -8.36
C GLU A 74 7.39 -7.64 -8.21
N ARG A 75 7.82 -6.78 -9.13
CA ARG A 75 9.21 -6.30 -9.11
C ARG A 75 9.36 -5.11 -8.17
N GLN A 76 10.49 -5.08 -7.47
CA GLN A 76 10.80 -4.00 -6.56
C GLN A 76 11.12 -2.72 -7.33
N GLN A 77 10.27 -1.72 -7.17
CA GLN A 77 10.42 -0.46 -7.87
C GLN A 77 10.54 0.68 -6.86
N PHE A 78 10.98 1.85 -7.32
CA PHE A 78 11.24 2.96 -6.43
C PHE A 78 10.76 4.29 -7.03
N PRO A 79 10.39 5.25 -6.18
CA PRO A 79 9.93 6.57 -6.61
C PRO A 79 11.09 7.50 -6.96
N SER A 80 10.74 8.70 -7.42
CA SER A 80 11.74 9.68 -7.80
C SER A 80 12.30 10.41 -6.57
N THR A 81 13.38 11.16 -6.79
CA THR A 81 14.13 11.79 -5.71
C THR A 81 13.30 12.82 -4.94
N ASP A 82 12.45 13.56 -5.64
CA ASP A 82 11.60 14.57 -5.01
C ASP A 82 10.63 13.92 -4.02
N VAL A 83 10.24 12.68 -4.32
CA VAL A 83 9.36 11.93 -3.45
C VAL A 83 10.13 11.44 -2.23
N LEU A 84 11.38 11.05 -2.46
CA LEU A 84 12.25 10.59 -1.39
C LEU A 84 12.51 11.72 -0.39
N ALA A 85 12.75 12.92 -0.92
CA ALA A 85 13.03 14.08 -0.10
C ALA A 85 11.87 14.39 0.86
N ALA A 86 10.66 14.16 0.40
CA ALA A 86 9.46 14.41 1.21
C ALA A 86 9.41 13.44 2.39
N CYS A 87 9.96 12.26 2.19
CA CYS A 87 9.98 11.24 3.23
C CYS A 87 11.15 11.49 4.18
N LEU A 88 12.28 11.86 3.60
CA LEU A 88 13.51 12.11 4.37
C LEU A 88 13.31 13.26 5.36
N THR A 89 12.69 14.33 4.89
CA THR A 89 12.51 15.54 5.69
C THR A 89 11.64 15.30 6.92
N ARG A 90 10.71 14.36 6.81
CA ARG A 90 9.83 14.03 7.93
C ARG A 90 10.35 12.84 8.70
N GLY A 91 11.38 12.19 8.17
CA GLY A 91 11.97 11.05 8.84
C GLY A 91 11.10 9.81 8.74
N ILE A 92 10.50 9.62 7.57
CA ILE A 92 9.62 8.49 7.34
C ILE A 92 10.40 7.31 6.77
N GLY A 93 10.30 6.16 7.44
CA GLY A 93 10.99 4.98 6.97
C GLY A 93 10.36 4.39 5.72
N LEU A 94 10.91 4.75 4.57
CA LEU A 94 10.40 4.27 3.30
C LEU A 94 11.14 3.01 2.85
N GLU A 95 10.41 1.91 2.75
CA GLU A 95 10.99 0.67 2.26
C GLU A 95 10.25 0.19 1.02
N ALA A 96 10.98 0.10 -0.08
CA ALA A 96 10.43 -0.45 -1.31
C ALA A 96 10.54 -1.97 -1.27
N MET A 97 9.40 -2.65 -1.30
CA MET A 97 9.36 -4.09 -1.14
C MET A 97 8.50 -4.73 -2.21
N THR A 98 8.53 -6.04 -2.27
CA THR A 98 7.65 -6.80 -3.15
C THR A 98 6.30 -6.95 -2.49
N ASN A 99 5.26 -7.09 -3.29
CA ASN A 99 3.88 -7.14 -2.78
C ASN A 99 3.72 -8.25 -1.76
N ALA A 100 4.18 -9.45 -2.10
CA ALA A 100 4.06 -10.61 -1.22
C ALA A 100 4.82 -10.43 0.09
N ALA A 101 6.01 -9.82 0.01
CA ALA A 101 6.84 -9.65 1.20
C ALA A 101 6.33 -8.53 2.08
N ALA A 102 5.89 -7.44 1.46
CA ALA A 102 5.38 -6.29 2.19
C ALA A 102 4.18 -6.67 3.05
N ALA A 103 3.36 -7.58 2.52
CA ALA A 103 2.20 -8.07 3.25
C ALA A 103 2.61 -8.76 4.55
N ARG A 104 3.74 -9.48 4.49
CA ARG A 104 4.23 -10.20 5.66
C ARG A 104 4.72 -9.23 6.72
N THR A 105 5.42 -8.18 6.27
CA THR A 105 5.93 -7.17 7.18
C THR A 105 4.77 -6.41 7.83
N TYR A 106 3.76 -6.10 7.03
CA TYR A 106 2.57 -5.42 7.53
C TYR A 106 1.90 -6.24 8.63
N ASN A 107 1.83 -7.56 8.41
CA ASN A 107 1.26 -8.48 9.39
C ASN A 107 1.88 -8.27 10.78
N VAL A 108 3.20 -8.10 10.81
CA VAL A 108 3.91 -7.92 12.07
C VAL A 108 3.67 -6.53 12.64
N LEU A 109 3.90 -5.50 11.81
CA LEU A 109 3.82 -4.12 12.26
C LEU A 109 2.41 -3.73 12.68
N ALA A 110 1.42 -4.25 11.97
CA ALA A 110 0.03 -3.94 12.28
C ALA A 110 -0.44 -4.63 13.55
N SER A 111 0.19 -5.75 13.89
CA SER A 111 -0.16 -6.49 15.09
C SER A 111 0.38 -5.80 16.34
N GLU A 112 1.37 -4.93 16.15
CA GLU A 112 1.92 -4.17 17.26
C GLU A 112 1.19 -2.84 17.40
N GLY A 113 0.52 -2.43 16.33
CA GLY A 113 -0.22 -1.18 16.34
C GLY A 113 0.67 0.01 16.00
N ARG A 114 1.54 -0.17 15.02
CA ARG A 114 2.44 0.90 14.60
C ARG A 114 1.77 1.79 13.56
N ARG A 115 2.40 2.93 13.28
CA ARG A 115 1.93 3.83 12.25
C ARG A 115 2.57 3.47 10.92
N VAL A 116 2.14 2.34 10.36
CA VAL A 116 2.68 1.85 9.12
C VAL A 116 1.71 2.10 7.98
N ALA A 117 2.20 2.74 6.94
CA ALA A 117 1.41 2.98 5.75
C ALA A 117 1.78 1.98 4.68
N LEU A 118 0.92 1.02 4.43
CA LEU A 118 1.17 0.01 3.42
C LEU A 118 0.67 0.51 2.07
N ALA A 119 1.57 1.04 1.27
CA ALA A 119 1.25 1.49 -0.07
C ALA A 119 1.30 0.32 -1.03
N MET A 120 0.16 -0.29 -1.25
CA MET A 120 0.09 -1.52 -2.01
C MET A 120 -0.24 -1.24 -3.47
N ILE A 121 0.73 -1.47 -4.33
CA ILE A 121 0.54 -1.30 -5.76
C ILE A 121 0.40 -2.66 -6.42
N VAL A 122 -0.72 -2.88 -7.10
CA VAL A 122 -0.94 -4.13 -7.80
C VAL A 122 -1.36 -3.90 -9.25
N GLY A 123 -0.48 -4.28 -10.16
CA GLY A 123 -0.77 -4.12 -11.59
C GLY A 123 0.19 -3.16 -12.25
N GLY A 124 0.01 -2.95 -13.56
CA GLY A 124 0.81 -1.98 -14.27
C GLY A 124 1.62 -2.61 -15.39
N LEU A 125 2.74 -3.22 -15.05
CA LEU A 125 3.64 -3.81 -16.04
C LEU A 125 3.55 -5.32 -16.02
N GLU A 126 2.39 -5.84 -15.69
CA GLU A 126 2.18 -7.27 -15.58
C GLU A 126 1.28 -7.80 -16.69
N HIS A 127 0.89 -6.92 -17.61
CA HIS A 127 0.04 -7.30 -18.72
C HIS A 127 0.86 -7.82 -19.89
N HIS A 128 0.20 -8.52 -20.79
CA HIS A 128 0.85 -9.11 -21.95
C HIS A 128 0.01 -8.86 -23.20
N HIS A 129 0.62 -8.24 -24.20
CA HIS A 129 -0.10 -7.88 -25.43
C HIS A 129 -0.37 -9.11 -26.29
N HIS A 130 0.71 -9.74 -26.76
CA HIS A 130 0.63 -10.87 -27.66
C HIS A 130 -0.02 -10.48 -28.99
N HIS A 131 0.82 -10.21 -29.98
CA HIS A 131 0.34 -9.81 -31.29
C HIS A 131 -0.23 -11.00 -32.05
N HIS A 132 -1.44 -10.84 -32.56
CA HIS A 132 -2.05 -11.85 -33.40
C HIS A 132 -2.74 -11.17 -34.57
N MET A 1 -30.71 -6.82 14.17
CA MET A 1 -29.32 -6.29 14.01
C MET A 1 -29.24 -5.36 12.81
N PRO A 2 -29.19 -4.04 13.06
CA PRO A 2 -29.04 -3.04 12.00
C PRO A 2 -27.58 -2.78 11.67
N LEU A 3 -27.31 -2.42 10.43
CA LEU A 3 -25.94 -2.11 10.01
C LEU A 3 -25.71 -0.60 10.06
N ASN A 4 -26.25 0.11 9.07
CA ASN A 4 -26.14 1.57 8.97
C ASN A 4 -24.72 1.99 8.62
N GLN A 5 -23.77 1.68 9.49
CA GLN A 5 -22.36 1.98 9.25
C GLN A 5 -21.74 0.89 8.38
N GLU A 6 -22.49 0.47 7.37
CA GLU A 6 -22.10 -0.62 6.48
C GLU A 6 -21.28 -0.09 5.31
N HIS A 7 -20.66 1.06 5.50
CA HIS A 7 -19.85 1.67 4.46
C HIS A 7 -18.51 0.94 4.29
N PRO A 8 -17.76 0.68 5.39
CA PRO A 8 -16.54 -0.13 5.33
C PRO A 8 -16.87 -1.62 5.39
N ASP A 9 -15.85 -2.44 5.20
CA ASP A 9 -16.01 -3.89 5.24
C ASP A 9 -16.00 -4.41 6.67
N TYR A 10 -16.23 -5.70 6.80
CA TYR A 10 -16.19 -6.39 8.09
C TYR A 10 -14.74 -6.51 8.56
N THR A 11 -14.24 -5.46 9.20
CA THR A 11 -12.84 -5.39 9.63
C THR A 11 -11.93 -5.28 8.40
N TYR A 12 -10.64 -5.09 8.60
CA TYR A 12 -9.69 -5.05 7.49
C TYR A 12 -8.41 -5.78 7.83
N ALA A 13 -8.26 -6.97 7.27
CA ALA A 13 -7.08 -7.78 7.48
C ALA A 13 -6.49 -8.22 6.15
N LEU A 14 -5.16 -8.25 6.08
CA LEU A 14 -4.47 -8.67 4.87
C LEU A 14 -4.40 -10.19 4.81
N ARG A 15 -4.99 -10.77 3.77
CA ARG A 15 -5.02 -12.22 3.61
C ARG A 15 -3.72 -12.73 3.01
N ALA A 16 -3.45 -12.34 1.78
CA ALA A 16 -2.26 -12.78 1.08
C ALA A 16 -1.92 -11.81 -0.04
N ALA A 17 -0.69 -11.90 -0.53
CA ALA A 17 -0.22 -11.03 -1.58
C ALA A 17 0.20 -11.85 -2.79
N ASP A 18 -0.21 -11.41 -3.97
CA ASP A 18 0.11 -12.11 -5.20
C ASP A 18 1.06 -11.30 -6.08
N GLY A 19 0.88 -9.99 -6.06
CA GLY A 19 1.65 -9.13 -6.93
C GLY A 19 0.76 -8.33 -7.85
N ARG A 20 -0.03 -9.04 -8.65
CA ARG A 20 -1.01 -8.40 -9.52
C ARG A 20 -2.40 -8.62 -8.95
N HIS A 21 -2.44 -9.20 -7.75
CA HIS A 21 -3.68 -9.39 -7.00
C HIS A 21 -3.43 -9.06 -5.53
N ALA A 22 -4.41 -8.42 -4.90
CA ALA A 22 -4.32 -8.11 -3.48
C ALA A 22 -5.65 -8.44 -2.82
N LYS A 23 -5.62 -9.34 -1.83
CA LYS A 23 -6.83 -9.78 -1.18
C LYS A 23 -6.94 -9.23 0.23
N VAL A 24 -7.85 -8.27 0.41
CA VAL A 24 -8.15 -7.73 1.73
C VAL A 24 -9.46 -8.32 2.22
N ASN A 25 -9.41 -9.01 3.36
CA ASN A 25 -10.56 -9.77 3.88
C ASN A 25 -10.90 -10.91 2.92
N GLU A 26 -11.65 -10.61 1.87
CA GLU A 26 -11.88 -11.56 0.80
C GLU A 26 -12.04 -10.83 -0.53
N GLN A 27 -11.79 -9.53 -0.52
CA GLN A 27 -12.03 -8.69 -1.68
C GLN A 27 -10.71 -8.44 -2.42
N ILE A 28 -10.68 -8.78 -3.69
CA ILE A 28 -9.50 -8.57 -4.50
C ILE A 28 -9.48 -7.15 -5.06
N LEU A 29 -8.63 -6.31 -4.49
CA LEU A 29 -8.53 -4.93 -4.92
C LEU A 29 -7.37 -4.74 -5.88
N GLN A 30 -7.66 -4.72 -7.17
CA GLN A 30 -6.65 -4.52 -8.18
C GLN A 30 -6.57 -3.06 -8.58
N GLN A 31 -6.31 -2.21 -7.60
CA GLN A 31 -6.18 -0.78 -7.83
C GLN A 31 -4.91 -0.26 -7.17
N SER A 32 -4.80 1.05 -7.09
CA SER A 32 -3.77 1.68 -6.29
C SER A 32 -4.43 2.28 -5.07
N PHE A 33 -4.11 1.74 -3.90
CA PHE A 33 -4.82 2.11 -2.68
C PHE A 33 -3.88 2.12 -1.48
N ILE A 34 -4.32 2.76 -0.41
CA ILE A 34 -3.55 2.82 0.82
C ILE A 34 -4.30 2.07 1.91
N LEU A 35 -3.70 1.01 2.42
CA LEU A 35 -4.35 0.20 3.45
C LEU A 35 -3.70 0.45 4.81
N MET A 36 -4.52 0.96 5.72
CA MET A 36 -4.09 1.18 7.09
C MET A 36 -4.63 0.05 7.95
N PRO A 37 -4.09 -0.14 9.18
CA PRO A 37 -4.57 -1.18 10.10
C PRO A 37 -5.95 -0.85 10.71
N ASP A 38 -6.79 -0.23 9.90
CA ASP A 38 -8.12 0.23 10.34
C ASP A 38 -8.80 1.01 9.21
N GLU A 39 -8.05 1.94 8.65
CA GLU A 39 -8.58 2.86 7.65
C GLU A 39 -8.16 2.43 6.25
N LEU A 40 -8.92 2.84 5.25
CA LEU A 40 -8.63 2.45 3.88
C LEU A 40 -8.80 3.63 2.92
N VAL A 41 -7.79 3.86 2.10
CA VAL A 41 -7.87 4.83 1.04
C VAL A 41 -8.16 4.10 -0.27
N GLU A 42 -9.38 4.25 -0.77
CA GLU A 42 -9.86 3.44 -1.89
C GLU A 42 -9.37 3.98 -3.23
N HIS A 43 -9.02 5.26 -3.26
CA HIS A 43 -8.54 5.88 -4.49
C HIS A 43 -7.22 6.62 -4.27
N TRP A 44 -6.13 6.03 -4.76
CA TRP A 44 -4.84 6.70 -4.77
C TRP A 44 -4.37 6.85 -6.22
N PRO A 45 -4.21 8.10 -6.68
CA PRO A 45 -3.92 8.42 -8.10
C PRO A 45 -2.49 8.07 -8.53
N VAL A 46 -2.02 6.88 -8.20
CA VAL A 46 -0.71 6.42 -8.66
C VAL A 46 -0.82 5.00 -9.25
N PRO A 47 -1.29 4.89 -10.50
CA PRO A 47 -1.49 3.60 -11.16
C PRO A 47 -0.18 2.97 -11.63
N SER A 48 0.88 3.76 -11.63
CA SER A 48 2.20 3.28 -12.03
C SER A 48 3.27 4.10 -11.31
N LEU A 49 4.47 3.55 -11.21
CA LEU A 49 5.56 4.20 -10.48
C LEU A 49 5.90 5.56 -11.11
N GLY A 50 5.72 5.67 -12.42
CA GLY A 50 6.00 6.92 -13.11
C GLY A 50 4.99 8.01 -12.77
N GLN A 51 3.95 7.65 -12.03
CA GLN A 51 2.92 8.60 -11.63
C GLN A 51 3.10 8.98 -10.16
N LEU A 52 4.19 8.50 -9.56
CA LEU A 52 4.47 8.78 -8.16
C LEU A 52 5.18 10.12 -8.03
N GLN A 53 4.39 11.17 -7.92
CA GLN A 53 4.90 12.52 -7.76
C GLN A 53 4.62 13.00 -6.34
N PRO A 54 5.43 13.94 -5.82
CA PRO A 54 5.29 14.46 -4.46
C PRO A 54 3.86 14.95 -4.15
N ALA A 55 3.19 15.47 -5.17
CA ALA A 55 1.82 15.96 -5.02
C ALA A 55 0.84 14.82 -4.75
N HIS A 56 1.22 13.61 -5.10
CA HIS A 56 0.39 12.43 -4.87
C HIS A 56 0.76 11.78 -3.54
N MET A 57 1.99 12.01 -3.11
CA MET A 57 2.45 11.49 -1.83
C MET A 57 2.01 12.43 -0.71
N ASP A 58 1.61 13.63 -1.11
CA ASP A 58 1.15 14.68 -0.20
C ASP A 58 0.06 14.16 0.73
N ALA A 59 -0.91 13.46 0.17
CA ALA A 59 -2.03 12.91 0.94
C ALA A 59 -1.52 11.94 1.99
N VAL A 60 -0.52 11.15 1.62
CA VAL A 60 0.03 10.14 2.52
C VAL A 60 0.79 10.83 3.64
N LEU A 61 1.53 11.88 3.28
CA LEU A 61 2.28 12.66 4.26
C LEU A 61 1.35 13.42 5.18
N ALA A 62 0.19 13.82 4.67
CA ALA A 62 -0.80 14.55 5.45
C ALA A 62 -1.40 13.66 6.54
N LEU A 63 -1.55 12.38 6.23
CA LEU A 63 -2.08 11.43 7.20
C LEU A 63 -1.07 11.17 8.32
N ASN A 64 0.21 11.36 7.99
CA ASN A 64 1.32 11.16 8.92
C ASN A 64 1.39 9.73 9.46
N PRO A 65 1.90 8.81 8.66
CA PRO A 65 2.16 7.44 9.08
C PRO A 65 3.57 7.29 9.66
N ALA A 66 3.78 6.25 10.45
CA ALA A 66 5.08 6.01 11.05
C ALA A 66 5.96 5.23 10.08
N VAL A 67 5.33 4.37 9.30
CA VAL A 67 6.04 3.58 8.31
C VAL A 67 5.15 3.37 7.08
N ILE A 68 5.74 3.42 5.90
CA ILE A 68 4.99 3.27 4.66
C ILE A 68 5.62 2.21 3.77
N LEU A 69 4.84 1.22 3.41
CA LEU A 69 5.31 0.16 2.54
C LEU A 69 4.69 0.28 1.17
N LEU A 70 5.52 0.45 0.16
CA LEU A 70 5.04 0.60 -1.20
C LEU A 70 5.14 -0.74 -1.92
N GLY A 71 4.01 -1.27 -2.33
CA GLY A 71 3.99 -2.52 -3.05
C GLY A 71 3.75 -2.32 -4.53
N THR A 72 4.82 -2.10 -5.27
CA THR A 72 4.72 -1.87 -6.70
C THR A 72 4.76 -3.17 -7.49
N GLY A 73 3.62 -3.86 -7.53
CA GLY A 73 3.53 -5.13 -8.24
C GLY A 73 4.66 -6.09 -7.87
N GLU A 74 5.55 -6.31 -8.82
CA GLU A 74 6.74 -7.14 -8.59
C GLU A 74 7.99 -6.40 -9.06
N ARG A 75 7.94 -5.08 -9.00
CA ARG A 75 9.05 -4.24 -9.44
C ARG A 75 9.61 -3.44 -8.27
N GLN A 76 10.82 -3.76 -7.86
CA GLN A 76 11.49 -2.98 -6.83
C GLN A 76 12.43 -1.97 -7.48
N GLN A 77 11.92 -0.76 -7.67
CA GLN A 77 12.69 0.31 -8.26
C GLN A 77 12.59 1.55 -7.38
N PHE A 78 13.72 2.18 -7.11
CA PHE A 78 13.73 3.38 -6.30
C PHE A 78 13.22 4.55 -7.12
N PRO A 79 12.23 5.29 -6.58
CA PRO A 79 11.68 6.49 -7.23
C PRO A 79 12.63 7.68 -7.08
N SER A 80 12.17 8.84 -7.52
CA SER A 80 12.96 10.06 -7.42
C SER A 80 13.12 10.45 -5.96
N THR A 81 14.28 11.00 -5.63
CA THR A 81 14.62 11.35 -4.25
C THR A 81 13.65 12.38 -3.69
N ASP A 82 12.98 13.11 -4.57
CA ASP A 82 12.02 14.15 -4.17
C ASP A 82 10.97 13.59 -3.23
N VAL A 83 10.47 12.40 -3.56
CA VAL A 83 9.43 11.76 -2.77
C VAL A 83 10.03 11.07 -1.54
N LEU A 84 11.20 10.48 -1.73
CA LEU A 84 11.85 9.70 -0.68
C LEU A 84 12.35 10.61 0.45
N ALA A 85 13.01 11.70 0.09
CA ALA A 85 13.61 12.61 1.06
C ALA A 85 12.57 13.16 2.03
N ALA A 86 11.42 13.54 1.49
CA ALA A 86 10.34 14.14 2.29
C ALA A 86 9.87 13.18 3.37
N CYS A 87 9.92 11.88 3.08
CA CYS A 87 9.49 10.87 4.02
C CYS A 87 10.60 10.57 5.02
N LEU A 88 11.81 10.35 4.49
CA LEU A 88 12.96 9.95 5.31
C LEU A 88 13.31 11.02 6.34
N THR A 89 13.23 12.29 5.95
CA THR A 89 13.59 13.38 6.84
C THR A 89 12.68 13.45 8.06
N ARG A 90 11.40 13.15 7.87
CA ARG A 90 10.43 13.22 8.96
C ARG A 90 10.36 11.92 9.74
N GLY A 91 11.27 11.00 9.43
CA GLY A 91 11.34 9.74 10.16
C GLY A 91 10.30 8.74 9.70
N ILE A 92 9.83 8.91 8.48
CA ILE A 92 8.85 8.01 7.92
C ILE A 92 9.53 6.98 7.02
N GLY A 93 9.44 5.72 7.41
CA GLY A 93 10.10 4.66 6.66
C GLY A 93 9.32 4.27 5.43
N LEU A 94 9.63 4.91 4.31
CA LEU A 94 9.02 4.56 3.03
C LEU A 94 9.89 3.55 2.30
N GLU A 95 9.45 2.30 2.28
CA GLU A 95 10.20 1.25 1.63
C GLU A 95 9.45 0.70 0.42
N ALA A 96 10.06 0.82 -0.75
CA ALA A 96 9.48 0.29 -1.98
C ALA A 96 9.84 -1.18 -2.15
N MET A 97 8.83 -2.03 -2.13
CA MET A 97 9.02 -3.46 -2.29
C MET A 97 8.00 -3.99 -3.30
N THR A 98 7.94 -5.31 -3.42
CA THR A 98 6.93 -5.93 -4.23
C THR A 98 5.67 -6.13 -3.39
N ASN A 99 4.55 -6.37 -4.04
CA ASN A 99 3.29 -6.60 -3.34
C ASN A 99 3.45 -7.75 -2.33
N ALA A 100 4.15 -8.80 -2.75
CA ALA A 100 4.37 -9.97 -1.90
C ALA A 100 5.36 -9.68 -0.78
N ALA A 101 6.36 -8.85 -1.06
CA ALA A 101 7.37 -8.51 -0.06
C ALA A 101 6.80 -7.55 0.98
N ALA A 102 6.01 -6.59 0.52
CA ALA A 102 5.40 -5.61 1.41
C ALA A 102 4.47 -6.29 2.41
N ALA A 103 3.75 -7.32 1.94
CA ALA A 103 2.87 -8.09 2.81
C ALA A 103 3.63 -8.71 3.98
N ARG A 104 4.87 -9.12 3.71
CA ARG A 104 5.71 -9.73 4.74
C ARG A 104 6.01 -8.74 5.86
N THR A 105 6.47 -7.55 5.48
CA THR A 105 6.80 -6.52 6.45
C THR A 105 5.55 -6.00 7.14
N TYR A 106 4.45 -5.93 6.39
CA TYR A 106 3.18 -5.45 6.93
C TYR A 106 2.70 -6.35 8.05
N ASN A 107 2.91 -7.65 7.91
CA ASN A 107 2.52 -8.61 8.94
C ASN A 107 3.20 -8.29 10.27
N VAL A 108 4.50 -8.04 10.20
CA VAL A 108 5.28 -7.72 11.41
C VAL A 108 4.81 -6.40 12.02
N LEU A 109 4.56 -5.41 11.16
CA LEU A 109 4.14 -4.10 11.62
C LEU A 109 2.71 -4.15 12.18
N ALA A 110 1.89 -5.03 11.62
CA ALA A 110 0.53 -5.21 12.08
C ALA A 110 0.51 -5.76 13.51
N SER A 111 1.38 -6.72 13.78
CA SER A 111 1.48 -7.30 15.11
C SER A 111 2.15 -6.32 16.09
N GLU A 112 2.75 -5.27 15.54
CA GLU A 112 3.35 -4.23 16.35
C GLU A 112 2.32 -3.17 16.73
N GLY A 113 1.27 -3.07 15.93
CA GLY A 113 0.24 -2.08 16.17
C GLY A 113 0.72 -0.68 15.89
N ARG A 114 1.59 -0.55 14.90
CA ARG A 114 2.14 0.74 14.52
C ARG A 114 1.37 1.31 13.34
N ARG A 115 1.42 2.63 13.17
CA ARG A 115 0.69 3.27 12.07
C ARG A 115 1.44 3.07 10.77
N VAL A 116 1.12 1.98 10.09
CA VAL A 116 1.74 1.65 8.83
C VAL A 116 0.79 1.93 7.67
N ALA A 117 1.31 2.61 6.66
CA ALA A 117 0.54 2.89 5.46
C ALA A 117 0.95 1.93 4.35
N LEU A 118 0.08 0.98 4.04
CA LEU A 118 0.37 0.01 3.02
C LEU A 118 -0.11 0.53 1.65
N ALA A 119 0.80 1.17 0.94
CA ALA A 119 0.49 1.71 -0.37
C ALA A 119 0.69 0.64 -1.43
N MET A 120 -0.40 0.07 -1.90
CA MET A 120 -0.34 -1.04 -2.84
C MET A 120 -0.71 -0.59 -4.24
N ILE A 121 0.25 -0.71 -5.15
CA ILE A 121 -0.01 -0.49 -6.55
C ILE A 121 -0.19 -1.85 -7.21
N VAL A 122 -1.44 -2.27 -7.32
CA VAL A 122 -1.76 -3.60 -7.79
C VAL A 122 -1.98 -3.62 -9.29
N GLY A 123 -1.13 -4.35 -10.00
CA GLY A 123 -1.26 -4.46 -11.42
C GLY A 123 -0.17 -5.30 -12.03
N GLY A 124 -0.24 -5.52 -13.33
CA GLY A 124 0.78 -6.26 -14.03
C GLY A 124 1.77 -5.36 -14.73
N LEU A 125 3.00 -5.30 -14.22
CA LEU A 125 4.02 -4.43 -14.78
C LEU A 125 4.83 -5.17 -15.83
N GLU A 126 4.65 -6.48 -15.89
CA GLU A 126 5.35 -7.33 -16.86
C GLU A 126 5.00 -6.90 -18.28
N HIS A 127 3.71 -6.60 -18.49
CA HIS A 127 3.21 -6.20 -19.80
C HIS A 127 3.35 -7.37 -20.79
N HIS A 128 3.34 -8.58 -20.25
CA HIS A 128 3.56 -9.78 -21.05
C HIS A 128 2.30 -10.19 -21.80
N HIS A 129 1.18 -9.55 -21.46
CA HIS A 129 -0.08 -9.82 -22.13
C HIS A 129 -0.42 -8.69 -23.09
N HIS A 130 -0.73 -9.05 -24.33
CA HIS A 130 -1.16 -8.10 -25.34
C HIS A 130 -2.35 -7.28 -24.86
N HIS A 131 -2.13 -5.99 -24.64
CA HIS A 131 -3.19 -5.10 -24.18
C HIS A 131 -3.89 -4.46 -25.38
N HIS A 132 -5.20 -4.27 -25.27
CA HIS A 132 -5.97 -3.65 -26.34
C HIS A 132 -5.90 -2.14 -26.24
N MET A 1 -33.36 4.29 16.04
CA MET A 1 -33.67 2.85 16.06
C MET A 1 -33.55 2.29 17.47
N PRO A 2 -34.35 1.27 17.81
CA PRO A 2 -34.23 0.57 19.10
C PRO A 2 -32.90 -0.17 19.21
N LEU A 3 -32.46 -0.76 18.10
CA LEU A 3 -31.20 -1.46 18.04
C LEU A 3 -30.34 -0.90 16.92
N ASN A 4 -29.21 -1.54 16.67
CA ASN A 4 -28.32 -1.16 15.55
C ASN A 4 -27.74 0.24 15.74
N GLN A 5 -27.65 0.70 16.98
CA GLN A 5 -27.14 2.04 17.25
C GLN A 5 -25.66 2.01 17.58
N GLU A 6 -25.06 0.82 17.50
CA GLU A 6 -23.62 0.69 17.71
C GLU A 6 -22.90 0.70 16.37
N HIS A 7 -23.59 0.17 15.35
CA HIS A 7 -23.09 0.13 13.98
C HIS A 7 -21.79 -0.68 13.89
N PRO A 8 -21.91 -2.00 13.74
CA PRO A 8 -20.77 -2.90 13.65
C PRO A 8 -19.95 -2.65 12.39
N ASP A 9 -18.71 -2.22 12.58
CA ASP A 9 -17.83 -1.92 11.46
C ASP A 9 -16.88 -3.09 11.20
N TYR A 10 -16.52 -3.29 9.95
CA TYR A 10 -15.61 -4.35 9.58
C TYR A 10 -14.31 -3.78 9.05
N THR A 11 -13.23 -3.97 9.80
CA THR A 11 -11.92 -3.51 9.38
C THR A 11 -11.41 -4.34 8.20
N TYR A 12 -11.01 -3.66 7.13
CA TYR A 12 -10.51 -4.32 5.92
C TYR A 12 -9.25 -5.12 6.20
N ALA A 13 -9.33 -6.43 6.02
CA ALA A 13 -8.20 -7.30 6.23
C ALA A 13 -7.69 -7.88 4.91
N LEU A 14 -6.43 -7.60 4.60
CA LEU A 14 -5.82 -8.10 3.37
C LEU A 14 -5.60 -9.60 3.46
N ARG A 15 -6.07 -10.33 2.45
CA ARG A 15 -5.99 -11.78 2.46
C ARG A 15 -4.87 -12.25 1.52
N ALA A 16 -4.98 -11.89 0.25
CA ALA A 16 -4.05 -12.40 -0.76
C ALA A 16 -3.25 -11.28 -1.40
N ALA A 17 -1.96 -11.51 -1.51
CA ALA A 17 -1.06 -10.60 -2.20
C ALA A 17 -0.04 -11.40 -2.99
N ASP A 18 -0.17 -11.40 -4.30
CA ASP A 18 0.65 -12.24 -5.16
C ASP A 18 1.23 -11.41 -6.31
N GLY A 19 1.84 -12.07 -7.27
CA GLY A 19 2.45 -11.38 -8.38
C GLY A 19 1.43 -10.76 -9.31
N ARG A 20 1.37 -9.43 -9.29
CA ARG A 20 0.51 -8.67 -10.21
C ARG A 20 -0.97 -8.91 -9.89
N HIS A 21 -1.26 -9.38 -8.68
CA HIS A 21 -2.63 -9.62 -8.26
C HIS A 21 -2.75 -9.55 -6.74
N ALA A 22 -3.86 -9.00 -6.29
CA ALA A 22 -4.12 -8.85 -4.86
C ALA A 22 -5.61 -9.02 -4.57
N LYS A 23 -5.92 -9.37 -3.33
CA LYS A 23 -7.30 -9.60 -2.93
C LYS A 23 -7.50 -9.23 -1.45
N VAL A 24 -8.21 -8.14 -1.21
CA VAL A 24 -8.51 -7.71 0.14
C VAL A 24 -9.82 -8.30 0.60
N ASN A 25 -9.73 -9.37 1.38
CA ASN A 25 -10.90 -10.11 1.85
C ASN A 25 -11.69 -10.66 0.66
N GLU A 26 -12.77 -9.96 0.29
CA GLU A 26 -13.62 -10.41 -0.80
C GLU A 26 -13.46 -9.51 -2.03
N GLN A 27 -12.76 -8.40 -1.86
CA GLN A 27 -12.59 -7.43 -2.94
C GLN A 27 -11.25 -7.61 -3.61
N ILE A 28 -11.27 -7.91 -4.91
CA ILE A 28 -10.05 -8.10 -5.67
C ILE A 28 -9.55 -6.76 -6.20
N LEU A 29 -8.31 -6.43 -5.87
CA LEU A 29 -7.73 -5.15 -6.26
C LEU A 29 -6.51 -5.34 -7.14
N GLN A 30 -6.57 -4.79 -8.34
CA GLN A 30 -5.45 -4.76 -9.25
C GLN A 30 -5.03 -3.32 -9.50
N GLN A 31 -5.22 -2.50 -8.48
CA GLN A 31 -4.91 -1.09 -8.56
C GLN A 31 -3.90 -0.71 -7.48
N SER A 32 -3.59 0.58 -7.39
CA SER A 32 -2.68 1.07 -6.37
C SER A 32 -3.50 1.68 -5.23
N PHE A 33 -3.23 1.22 -4.01
CA PHE A 33 -4.00 1.65 -2.85
C PHE A 33 -3.13 1.71 -1.60
N ILE A 34 -3.63 2.35 -0.56
CA ILE A 34 -2.91 2.43 0.71
C ILE A 34 -3.76 1.87 1.84
N LEU A 35 -3.17 0.96 2.61
CA LEU A 35 -3.85 0.33 3.71
C LEU A 35 -3.17 0.69 5.03
N MET A 36 -3.98 1.03 6.03
CA MET A 36 -3.47 1.33 7.36
C MET A 36 -4.37 0.66 8.39
N PRO A 37 -3.83 0.23 9.55
CA PRO A 37 -4.61 -0.44 10.61
C PRO A 37 -5.73 0.41 11.19
N ASP A 38 -6.70 0.76 10.35
CA ASP A 38 -7.87 1.53 10.74
C ASP A 38 -8.89 1.53 9.60
N GLU A 39 -8.41 1.84 8.40
CA GLU A 39 -9.26 1.84 7.21
C GLU A 39 -8.42 1.64 5.95
N LEU A 40 -9.11 1.44 4.83
CA LEU A 40 -8.46 1.22 3.55
C LEU A 40 -8.75 2.39 2.62
N VAL A 41 -7.70 2.98 2.07
CA VAL A 41 -7.86 4.10 1.16
C VAL A 41 -7.47 3.67 -0.25
N GLU A 42 -8.48 3.43 -1.08
CA GLU A 42 -8.26 3.06 -2.46
C GLU A 42 -8.42 4.28 -3.37
N HIS A 43 -8.71 5.41 -2.76
CA HIS A 43 -8.82 6.68 -3.47
C HIS A 43 -7.43 7.30 -3.63
N TRP A 44 -6.54 6.56 -4.28
CA TRP A 44 -5.17 7.01 -4.45
C TRP A 44 -4.87 7.19 -5.95
N PRO A 45 -4.86 8.44 -6.43
CA PRO A 45 -4.67 8.76 -7.84
C PRO A 45 -3.21 8.59 -8.28
N VAL A 46 -2.78 7.35 -8.41
CA VAL A 46 -1.44 7.04 -8.91
C VAL A 46 -1.53 5.94 -9.96
N PRO A 47 -1.11 6.24 -11.20
CA PRO A 47 -1.06 5.25 -12.29
C PRO A 47 0.06 4.23 -12.10
N SER A 48 0.01 3.52 -10.98
CA SER A 48 0.98 2.50 -10.62
C SER A 48 2.34 3.12 -10.29
N LEU A 49 3.09 3.52 -11.31
CA LEU A 49 4.42 4.07 -11.09
C LEU A 49 4.73 5.10 -12.16
N GLY A 50 5.86 5.79 -12.02
CA GLY A 50 6.24 6.80 -12.97
C GLY A 50 5.67 8.15 -12.61
N GLN A 51 4.34 8.20 -12.45
CA GLN A 51 3.66 9.44 -12.10
C GLN A 51 3.42 9.52 -10.60
N LEU A 52 4.26 8.83 -9.83
CA LEU A 52 4.23 8.93 -8.38
C LEU A 52 4.80 10.27 -7.97
N GLN A 53 3.97 11.09 -7.33
CA GLN A 53 4.35 12.47 -7.03
C GLN A 53 4.05 12.80 -5.57
N PRO A 54 4.82 13.73 -4.98
CA PRO A 54 4.64 14.18 -3.60
C PRO A 54 3.22 14.65 -3.29
N ALA A 55 2.56 15.24 -4.28
CA ALA A 55 1.18 15.70 -4.11
C ALA A 55 0.23 14.52 -3.95
N HIS A 56 0.55 13.41 -4.60
CA HIS A 56 -0.30 12.22 -4.55
C HIS A 56 -0.01 11.41 -3.29
N MET A 57 1.22 11.51 -2.80
CA MET A 57 1.61 10.80 -1.58
C MET A 57 1.38 11.70 -0.37
N ASP A 58 0.96 12.93 -0.63
CA ASP A 58 0.73 13.93 0.41
C ASP A 58 -0.27 13.44 1.44
N ALA A 59 -1.33 12.79 0.95
CA ALA A 59 -2.36 12.24 1.83
C ALA A 59 -1.76 11.20 2.78
N VAL A 60 -0.82 10.41 2.26
CA VAL A 60 -0.16 9.38 3.05
C VAL A 60 0.67 10.01 4.16
N LEU A 61 1.35 11.10 3.82
CA LEU A 61 2.16 11.83 4.78
C LEU A 61 1.27 12.56 5.78
N ALA A 62 0.12 13.01 5.30
CA ALA A 62 -0.86 13.72 6.14
C ALA A 62 -1.44 12.79 7.19
N LEU A 63 -1.43 11.49 6.91
CA LEU A 63 -1.92 10.50 7.86
C LEU A 63 -0.89 10.23 8.96
N ASN A 64 0.18 11.03 8.95
CA ASN A 64 1.32 10.95 9.89
C ASN A 64 1.58 9.54 10.44
N PRO A 65 2.08 8.64 9.58
CA PRO A 65 2.42 7.28 9.98
C PRO A 65 3.81 7.21 10.61
N ALA A 66 4.13 6.07 11.19
CA ALA A 66 5.44 5.88 11.80
C ALA A 66 6.46 5.41 10.76
N VAL A 67 6.02 4.48 9.93
CA VAL A 67 6.85 3.96 8.86
C VAL A 67 5.99 3.68 7.62
N ILE A 68 6.59 3.73 6.44
CA ILE A 68 5.85 3.49 5.21
C ILE A 68 6.51 2.39 4.40
N LEU A 69 5.74 1.36 4.09
CA LEU A 69 6.23 0.26 3.26
C LEU A 69 5.66 0.41 1.86
N LEU A 70 6.56 0.47 0.88
CA LEU A 70 6.17 0.72 -0.49
C LEU A 70 6.12 -0.60 -1.26
N GLY A 71 4.91 -1.08 -1.52
CA GLY A 71 4.75 -2.27 -2.32
C GLY A 71 4.85 -1.95 -3.80
N THR A 72 6.04 -2.11 -4.35
CA THR A 72 6.30 -1.71 -5.72
C THR A 72 5.99 -2.87 -6.69
N GLY A 73 4.73 -3.29 -6.70
CA GLY A 73 4.35 -4.45 -7.47
C GLY A 73 5.12 -5.68 -7.03
N GLU A 74 5.92 -6.24 -7.92
CA GLU A 74 6.77 -7.38 -7.60
C GLU A 74 8.18 -7.14 -8.09
N ARG A 75 8.45 -5.89 -8.46
CA ARG A 75 9.77 -5.48 -8.90
C ARG A 75 10.21 -4.23 -8.15
N GLN A 76 11.31 -4.33 -7.43
CA GLN A 76 11.81 -3.19 -6.68
C GLN A 76 12.42 -2.19 -7.65
N GLN A 77 11.74 -1.06 -7.81
CA GLN A 77 12.18 -0.03 -8.73
C GLN A 77 12.35 1.28 -8.00
N PHE A 78 13.22 2.13 -8.53
CA PHE A 78 13.48 3.43 -7.92
C PHE A 78 12.35 4.40 -8.24
N PRO A 79 11.71 4.96 -7.20
CA PRO A 79 10.63 5.92 -7.37
C PRO A 79 11.15 7.30 -7.76
N SER A 80 10.24 8.25 -7.93
CA SER A 80 10.59 9.61 -8.24
C SER A 80 11.41 10.23 -7.10
N THR A 81 12.43 11.01 -7.45
CA THR A 81 13.33 11.58 -6.46
C THR A 81 12.59 12.57 -5.55
N ASP A 82 11.54 13.18 -6.09
CA ASP A 82 10.72 14.12 -5.33
C ASP A 82 10.06 13.41 -4.16
N VAL A 83 9.68 12.16 -4.37
CA VAL A 83 9.03 11.36 -3.35
C VAL A 83 10.00 11.00 -2.23
N LEU A 84 11.23 10.68 -2.63
CA LEU A 84 12.26 10.27 -1.68
C LEU A 84 12.61 11.41 -0.72
N ALA A 85 12.44 12.64 -1.20
CA ALA A 85 12.74 13.81 -0.39
C ALA A 85 11.66 14.04 0.66
N ALA A 86 10.44 13.64 0.34
CA ALA A 86 9.29 13.89 1.21
C ALA A 86 9.34 13.04 2.47
N CYS A 87 9.66 11.76 2.31
CA CYS A 87 9.72 10.85 3.44
C CYS A 87 10.95 11.14 4.31
N LEU A 88 12.04 11.51 3.65
CA LEU A 88 13.31 11.76 4.34
C LEU A 88 13.20 12.97 5.25
N THR A 89 12.63 14.05 4.73
CA THR A 89 12.53 15.30 5.48
C THR A 89 11.63 15.16 6.70
N ARG A 90 10.59 14.34 6.59
CA ARG A 90 9.68 14.11 7.71
C ARG A 90 10.27 13.08 8.69
N GLY A 91 11.31 12.39 8.28
CA GLY A 91 11.93 11.40 9.14
C GLY A 91 11.11 10.13 9.23
N ILE A 92 10.48 9.78 8.12
CA ILE A 92 9.66 8.57 8.06
C ILE A 92 10.36 7.52 7.21
N GLY A 93 10.54 6.34 7.77
CA GLY A 93 11.19 5.26 7.05
C GLY A 93 10.38 4.77 5.88
N LEU A 94 11.00 4.69 4.72
CA LEU A 94 10.33 4.20 3.51
C LEU A 94 11.09 3.01 2.94
N GLU A 95 10.45 1.85 2.92
CA GLU A 95 11.08 0.64 2.39
C GLU A 95 10.36 0.17 1.14
N ALA A 96 11.05 0.24 0.01
CA ALA A 96 10.50 -0.24 -1.26
C ALA A 96 10.69 -1.74 -1.37
N MET A 97 9.61 -2.47 -1.54
CA MET A 97 9.63 -3.93 -1.57
C MET A 97 8.56 -4.46 -2.51
N THR A 98 8.37 -5.77 -2.50
CA THR A 98 7.32 -6.39 -3.30
C THR A 98 6.03 -6.51 -2.50
N ASN A 99 4.90 -6.57 -3.19
CA ASN A 99 3.60 -6.66 -2.54
C ASN A 99 3.50 -7.92 -1.71
N ALA A 100 4.01 -9.02 -2.25
CA ALA A 100 3.97 -10.31 -1.58
C ALA A 100 4.75 -10.28 -0.26
N ALA A 101 5.73 -9.39 -0.17
CA ALA A 101 6.56 -9.29 1.03
C ALA A 101 6.04 -8.21 1.97
N ALA A 102 5.68 -7.06 1.41
CA ALA A 102 5.23 -5.91 2.19
C ALA A 102 4.00 -6.25 3.03
N ALA A 103 3.10 -7.02 2.43
CA ALA A 103 1.86 -7.43 3.10
C ALA A 103 2.15 -8.23 4.36
N ARG A 104 3.23 -8.99 4.33
CA ARG A 104 3.59 -9.85 5.44
C ARG A 104 4.18 -9.02 6.58
N THR A 105 5.12 -8.15 6.23
CA THR A 105 5.74 -7.26 7.20
C THR A 105 4.72 -6.32 7.83
N TYR A 106 3.74 -5.90 7.01
CA TYR A 106 2.65 -5.05 7.48
C TYR A 106 1.93 -5.69 8.67
N ASN A 107 1.53 -6.95 8.52
CA ASN A 107 0.80 -7.66 9.55
C ASN A 107 1.62 -7.77 10.84
N VAL A 108 2.92 -7.95 10.68
CA VAL A 108 3.82 -8.03 11.83
C VAL A 108 3.88 -6.70 12.57
N LEU A 109 4.18 -5.63 11.85
CA LEU A 109 4.37 -4.31 12.44
C LEU A 109 3.07 -3.80 13.05
N ALA A 110 1.96 -3.97 12.33
CA ALA A 110 0.67 -3.47 12.77
C ALA A 110 0.24 -4.07 14.10
N SER A 111 0.59 -5.33 14.30
CA SER A 111 0.22 -6.04 15.53
C SER A 111 1.03 -5.53 16.72
N GLU A 112 2.26 -5.10 16.46
CA GLU A 112 3.13 -4.57 17.51
C GLU A 112 2.65 -3.17 17.89
N GLY A 113 2.24 -2.42 16.88
CA GLY A 113 1.88 -1.04 17.10
C GLY A 113 2.72 -0.12 16.25
N ARG A 114 3.62 -0.72 15.45
CA ARG A 114 4.38 0.03 14.47
C ARG A 114 3.45 0.43 13.34
N ARG A 115 2.82 1.59 13.50
CA ARG A 115 1.84 2.05 12.53
C ARG A 115 2.49 2.36 11.19
N VAL A 116 2.28 1.46 10.26
CA VAL A 116 2.87 1.54 8.94
C VAL A 116 1.81 1.80 7.89
N ALA A 117 2.10 2.71 6.98
CA ALA A 117 1.24 2.95 5.85
C ALA A 117 1.62 1.99 4.73
N LEU A 118 0.74 1.03 4.47
CA LEU A 118 1.01 0.02 3.46
C LEU A 118 0.55 0.51 2.10
N ALA A 119 1.47 1.09 1.34
CA ALA A 119 1.17 1.57 0.01
C ALA A 119 1.42 0.46 -1.00
N MET A 120 0.37 -0.27 -1.34
CA MET A 120 0.50 -1.40 -2.23
C MET A 120 0.17 -1.00 -3.66
N ILE A 121 1.19 -0.96 -4.49
CA ILE A 121 1.01 -0.68 -5.90
C ILE A 121 0.87 -1.99 -6.65
N VAL A 122 -0.38 -2.35 -6.94
CA VAL A 122 -0.65 -3.54 -7.72
C VAL A 122 -0.87 -3.15 -9.17
N GLY A 123 -0.16 -3.81 -10.07
CA GLY A 123 -0.30 -3.52 -11.48
C GLY A 123 0.64 -4.34 -12.32
N GLY A 124 0.65 -4.09 -13.61
CA GLY A 124 1.50 -4.81 -14.52
C GLY A 124 1.06 -4.66 -15.95
N LEU A 125 2.01 -4.41 -16.83
CA LEU A 125 1.70 -4.19 -18.24
C LEU A 125 1.59 -5.51 -18.99
N GLU A 126 0.40 -6.07 -19.00
CA GLU A 126 0.15 -7.33 -19.69
C GLU A 126 -1.32 -7.41 -20.10
N HIS A 127 -1.62 -8.21 -21.11
CA HIS A 127 -2.99 -8.35 -21.61
C HIS A 127 -3.48 -9.78 -21.46
N HIS A 128 -4.74 -9.99 -21.83
CA HIS A 128 -5.35 -11.32 -21.85
C HIS A 128 -5.31 -11.94 -20.45
N HIS A 129 -5.74 -11.15 -19.46
CA HIS A 129 -5.65 -11.56 -18.05
C HIS A 129 -6.54 -12.78 -17.76
N HIS A 130 -5.89 -13.85 -17.33
CA HIS A 130 -6.55 -15.04 -16.77
C HIS A 130 -7.87 -15.38 -17.47
N HIS A 131 -7.77 -15.99 -18.65
CA HIS A 131 -8.95 -16.30 -19.46
C HIS A 131 -9.87 -17.29 -18.75
N HIS A 132 -11.09 -16.85 -18.49
CA HIS A 132 -12.11 -17.68 -17.87
C HIS A 132 -13.48 -17.11 -18.18
N MET A 1 -26.09 3.82 29.83
CA MET A 1 -25.30 4.92 30.42
C MET A 1 -23.80 4.63 30.33
N PRO A 2 -23.32 3.42 30.70
CA PRO A 2 -21.96 3.01 30.38
C PRO A 2 -21.81 2.70 28.89
N LEU A 3 -20.93 3.43 28.21
CA LEU A 3 -20.77 3.28 26.77
C LEU A 3 -19.79 2.17 26.44
N ASN A 4 -20.22 1.25 25.60
CA ASN A 4 -19.33 0.19 25.14
C ASN A 4 -18.53 0.69 23.94
N GLN A 5 -17.37 0.08 23.71
CA GLN A 5 -16.52 0.49 22.60
C GLN A 5 -17.19 0.16 21.27
N GLU A 6 -17.58 1.20 20.55
CA GLU A 6 -18.20 1.02 19.26
C GLU A 6 -17.16 1.11 18.15
N HIS A 7 -17.12 0.08 17.33
CA HIS A 7 -16.22 0.03 16.20
C HIS A 7 -17.01 -0.31 14.94
N PRO A 8 -16.67 0.31 13.80
CA PRO A 8 -17.40 0.15 12.54
C PRO A 8 -17.27 -1.27 11.96
N ASP A 9 -18.03 -2.19 12.54
CA ASP A 9 -18.10 -3.58 12.10
C ASP A 9 -16.75 -4.29 12.20
N TYR A 10 -15.99 -4.26 11.11
CA TYR A 10 -14.74 -4.99 11.04
C TYR A 10 -13.82 -4.36 10.00
N THR A 11 -12.57 -4.75 10.00
CA THR A 11 -11.59 -4.20 9.08
C THR A 11 -11.43 -5.09 7.86
N TYR A 12 -10.97 -4.52 6.76
CA TYR A 12 -10.71 -5.27 5.55
C TYR A 12 -9.26 -5.73 5.54
N ALA A 13 -9.04 -7.01 5.76
CA ALA A 13 -7.70 -7.55 5.89
C ALA A 13 -7.17 -8.07 4.58
N LEU A 14 -5.87 -7.94 4.37
CA LEU A 14 -5.21 -8.50 3.21
C LEU A 14 -5.09 -10.01 3.36
N ARG A 15 -5.82 -10.74 2.53
CA ARG A 15 -5.81 -12.20 2.59
C ARG A 15 -4.50 -12.73 2.05
N ALA A 16 -4.12 -12.27 0.86
CA ALA A 16 -2.89 -12.68 0.21
C ALA A 16 -2.64 -11.88 -1.06
N ALA A 17 -1.40 -11.47 -1.25
CA ALA A 17 -1.00 -10.76 -2.45
C ALA A 17 -0.07 -11.65 -3.27
N ASP A 18 -0.34 -11.76 -4.56
CA ASP A 18 0.42 -12.67 -5.42
C ASP A 18 1.23 -11.90 -6.46
N GLY A 19 1.56 -10.65 -6.15
CA GLY A 19 2.39 -9.86 -7.01
C GLY A 19 1.67 -8.69 -7.64
N ARG A 20 1.32 -8.83 -8.91
CA ARG A 20 0.60 -7.77 -9.63
C ARG A 20 -0.90 -7.85 -9.33
N HIS A 21 -1.23 -8.62 -8.31
CA HIS A 21 -2.61 -8.84 -7.92
C HIS A 21 -2.71 -9.04 -6.41
N ALA A 22 -3.79 -8.54 -5.83
CA ALA A 22 -3.98 -8.63 -4.38
C ALA A 22 -5.41 -9.00 -4.04
N LYS A 23 -5.63 -9.44 -2.81
CA LYS A 23 -6.96 -9.79 -2.32
C LYS A 23 -7.18 -9.23 -0.92
N VAL A 24 -7.96 -8.16 -0.82
CA VAL A 24 -8.27 -7.55 0.47
C VAL A 24 -9.74 -7.79 0.81
N ASN A 25 -9.99 -8.67 1.78
CA ASN A 25 -11.35 -9.11 2.14
C ASN A 25 -12.03 -9.76 0.94
N GLU A 26 -12.68 -8.96 0.11
CA GLU A 26 -13.21 -9.44 -1.18
C GLU A 26 -13.07 -8.36 -2.24
N GLN A 27 -12.35 -7.31 -1.90
CA GLN A 27 -12.15 -6.20 -2.80
C GLN A 27 -10.86 -6.40 -3.60
N ILE A 28 -11.01 -6.80 -4.84
CA ILE A 28 -9.87 -7.00 -5.72
C ILE A 28 -9.46 -5.67 -6.34
N LEU A 29 -8.60 -4.96 -5.63
CA LEU A 29 -8.12 -3.66 -6.08
C LEU A 29 -6.99 -3.85 -7.08
N GLN A 30 -7.14 -3.23 -8.24
CA GLN A 30 -6.19 -3.40 -9.33
C GLN A 30 -5.46 -2.10 -9.62
N GLN A 31 -5.21 -1.34 -8.56
CA GLN A 31 -4.46 -0.10 -8.64
C GLN A 31 -3.75 0.14 -7.31
N SER A 32 -3.16 1.32 -7.15
CA SER A 32 -2.49 1.66 -5.91
C SER A 32 -3.51 1.96 -4.80
N PHE A 33 -3.23 1.46 -3.61
CA PHE A 33 -4.08 1.74 -2.45
C PHE A 33 -3.26 1.65 -1.17
N ILE A 34 -3.75 2.27 -0.10
CA ILE A 34 -3.04 2.25 1.18
C ILE A 34 -3.83 1.44 2.20
N LEU A 35 -3.21 0.37 2.68
CA LEU A 35 -3.81 -0.48 3.69
C LEU A 35 -3.14 -0.23 5.03
N MET A 36 -3.92 0.18 6.03
CA MET A 36 -3.37 0.49 7.34
C MET A 36 -4.23 -0.13 8.44
N PRO A 37 -3.62 -0.45 9.59
CA PRO A 37 -4.35 -0.82 10.81
C PRO A 37 -4.99 0.42 11.43
N ASP A 38 -5.54 1.26 10.57
CA ASP A 38 -6.05 2.57 10.93
C ASP A 38 -7.26 2.88 10.05
N GLU A 39 -7.04 2.75 8.74
CA GLU A 39 -8.11 2.87 7.75
C GLU A 39 -7.66 2.27 6.43
N LEU A 40 -8.58 2.23 5.47
CA LEU A 40 -8.26 1.74 4.13
C LEU A 40 -8.43 2.88 3.13
N VAL A 41 -7.33 3.30 2.54
CA VAL A 41 -7.36 4.35 1.52
C VAL A 41 -7.28 3.73 0.13
N GLU A 42 -8.44 3.38 -0.41
CA GLU A 42 -8.48 2.74 -1.71
C GLU A 42 -8.80 3.74 -2.82
N HIS A 43 -9.16 4.97 -2.43
CA HIS A 43 -9.41 6.03 -3.40
C HIS A 43 -8.16 6.88 -3.59
N TRP A 44 -7.04 6.19 -3.71
CA TRP A 44 -5.76 6.83 -4.00
C TRP A 44 -5.08 6.09 -5.15
N PRO A 45 -5.68 6.16 -6.34
CA PRO A 45 -5.28 5.32 -7.47
C PRO A 45 -4.16 5.93 -8.29
N VAL A 46 -2.93 5.61 -7.92
CA VAL A 46 -1.78 5.93 -8.76
C VAL A 46 -1.68 4.89 -9.86
N PRO A 47 -1.81 5.32 -11.13
CA PRO A 47 -1.86 4.40 -12.28
C PRO A 47 -0.64 3.49 -12.36
N SER A 48 0.54 4.08 -12.39
CA SER A 48 1.77 3.32 -12.50
C SER A 48 2.95 4.13 -11.97
N LEU A 49 4.13 3.52 -11.99
CA LEU A 49 5.33 4.16 -11.48
C LEU A 49 6.05 4.92 -12.58
N GLY A 50 5.29 5.34 -13.58
CA GLY A 50 5.84 6.17 -14.64
C GLY A 50 6.00 7.60 -14.19
N GLN A 51 5.40 7.91 -13.04
CA GLN A 51 5.47 9.25 -12.46
C GLN A 51 5.58 9.16 -10.94
N LEU A 52 4.45 8.86 -10.30
CA LEU A 52 4.32 8.88 -8.84
C LEU A 52 4.69 10.26 -8.30
N GLN A 53 3.69 11.11 -8.23
CA GLN A 53 3.89 12.50 -7.85
C GLN A 53 3.91 12.65 -6.34
N PRO A 54 4.98 13.24 -5.79
CA PRO A 54 5.05 13.62 -4.37
C PRO A 54 3.90 14.57 -4.01
N ALA A 55 3.43 15.33 -5.00
CA ALA A 55 2.30 16.22 -4.82
C ALA A 55 0.99 15.44 -4.75
N HIS A 56 1.06 14.14 -5.06
CA HIS A 56 -0.10 13.27 -4.93
C HIS A 56 0.04 12.44 -3.68
N MET A 57 1.26 12.38 -3.16
CA MET A 57 1.53 11.67 -1.91
C MET A 57 1.26 12.58 -0.72
N ASP A 58 0.74 13.76 -1.00
CA ASP A 58 0.44 14.76 0.00
C ASP A 58 -0.63 14.25 0.96
N ALA A 59 -1.54 13.43 0.43
CA ALA A 59 -2.57 12.80 1.24
C ALA A 59 -1.94 11.89 2.30
N VAL A 60 -0.87 11.21 1.91
CA VAL A 60 -0.17 10.30 2.81
C VAL A 60 0.57 11.10 3.89
N LEU A 61 1.17 12.21 3.46
CA LEU A 61 1.91 13.06 4.37
C LEU A 61 0.97 13.75 5.36
N ALA A 62 -0.27 13.94 4.93
CA ALA A 62 -1.29 14.55 5.78
C ALA A 62 -1.73 13.59 6.87
N LEU A 63 -1.96 12.33 6.50
CA LEU A 63 -2.35 11.30 7.46
C LEU A 63 -1.18 10.97 8.38
N ASN A 64 0.02 11.00 7.81
CA ASN A 64 1.28 10.84 8.54
C ASN A 64 1.29 9.61 9.45
N PRO A 65 1.65 8.45 8.90
CA PRO A 65 1.78 7.22 9.68
C PRO A 65 3.11 7.17 10.43
N ALA A 66 3.27 6.15 11.26
CA ALA A 66 4.52 5.98 12.01
C ALA A 66 5.59 5.39 11.11
N VAL A 67 5.17 4.52 10.20
CA VAL A 67 6.06 3.92 9.22
C VAL A 67 5.29 3.58 7.95
N ILE A 68 5.95 3.64 6.80
CA ILE A 68 5.28 3.38 5.53
C ILE A 68 6.01 2.29 4.74
N LEU A 69 5.22 1.37 4.20
CA LEU A 69 5.74 0.31 3.35
C LEU A 69 5.27 0.52 1.92
N LEU A 70 6.20 0.49 0.98
CA LEU A 70 5.86 0.69 -0.41
C LEU A 70 5.98 -0.63 -1.16
N GLY A 71 4.87 -1.15 -1.64
CA GLY A 71 4.88 -2.37 -2.42
C GLY A 71 4.60 -2.10 -3.88
N THR A 72 5.63 -2.17 -4.70
CA THR A 72 5.48 -1.84 -6.10
C THR A 72 5.20 -3.08 -6.96
N GLY A 73 3.99 -3.61 -6.84
CA GLY A 73 3.59 -4.79 -7.60
C GLY A 73 4.53 -5.95 -7.38
N GLU A 74 4.92 -6.61 -8.46
CA GLU A 74 5.92 -7.66 -8.40
C GLU A 74 7.20 -7.16 -9.08
N ARG A 75 7.32 -5.84 -9.13
CA ARG A 75 8.45 -5.18 -9.76
C ARG A 75 9.04 -4.16 -8.81
N GLN A 76 10.09 -4.54 -8.08
CA GLN A 76 10.69 -3.64 -7.12
C GLN A 76 11.39 -2.49 -7.83
N GLN A 77 10.70 -1.36 -7.89
CA GLN A 77 11.25 -0.17 -8.54
C GLN A 77 11.83 0.76 -7.50
N PHE A 78 12.89 1.47 -7.86
CA PHE A 78 13.49 2.43 -6.96
C PHE A 78 12.85 3.79 -7.16
N PRO A 79 12.19 4.31 -6.11
CA PRO A 79 11.43 5.57 -6.18
C PRO A 79 12.32 6.78 -6.47
N SER A 80 11.72 7.81 -7.03
CA SER A 80 12.42 9.04 -7.35
C SER A 80 12.95 9.69 -6.08
N THR A 81 14.01 10.48 -6.22
CA THR A 81 14.65 11.12 -5.07
C THR A 81 13.69 12.08 -4.38
N ASP A 82 12.79 12.67 -5.16
CA ASP A 82 11.76 13.57 -4.62
C ASP A 82 10.92 12.84 -3.58
N VAL A 83 10.58 11.59 -3.89
CA VAL A 83 9.81 10.76 -2.98
C VAL A 83 10.61 10.44 -1.73
N LEU A 84 11.88 10.09 -1.93
CA LEU A 84 12.78 9.77 -0.83
C LEU A 84 12.94 10.97 0.09
N ALA A 85 13.19 12.14 -0.50
CA ALA A 85 13.37 13.37 0.24
C ALA A 85 12.11 13.72 1.03
N ALA A 86 10.94 13.53 0.41
CA ALA A 86 9.67 13.82 1.05
C ALA A 86 9.50 13.00 2.33
N CYS A 87 9.80 11.72 2.25
CA CYS A 87 9.66 10.82 3.40
C CYS A 87 10.62 11.23 4.52
N LEU A 88 11.83 11.61 4.14
CA LEU A 88 12.84 12.01 5.11
C LEU A 88 12.49 13.35 5.76
N THR A 89 11.86 14.22 4.98
CA THR A 89 11.46 15.53 5.48
C THR A 89 10.24 15.41 6.38
N ARG A 90 9.41 14.40 6.12
CA ARG A 90 8.22 14.17 6.93
C ARG A 90 8.58 13.41 8.19
N GLY A 91 9.73 12.74 8.15
CA GLY A 91 10.21 12.01 9.31
C GLY A 91 9.65 10.61 9.38
N ILE A 92 9.44 10.00 8.22
CA ILE A 92 8.86 8.67 8.15
C ILE A 92 9.80 7.70 7.42
N GLY A 93 10.07 6.57 8.05
CA GLY A 93 10.91 5.56 7.42
C GLY A 93 10.20 4.86 6.27
N LEU A 94 10.87 4.77 5.13
CA LEU A 94 10.27 4.18 3.93
C LEU A 94 10.93 2.86 3.59
N GLU A 95 10.11 1.82 3.46
CA GLU A 95 10.58 0.52 2.99
C GLU A 95 10.07 0.26 1.57
N ALA A 96 10.98 0.08 0.63
CA ALA A 96 10.61 -0.16 -0.76
C ALA A 96 10.74 -1.64 -1.10
N MET A 97 9.61 -2.29 -1.35
CA MET A 97 9.58 -3.71 -1.65
C MET A 97 8.49 -4.02 -2.67
N THR A 98 8.24 -5.29 -2.90
CA THR A 98 7.14 -5.73 -3.76
C THR A 98 5.90 -5.98 -2.92
N ASN A 99 4.76 -6.21 -3.56
CA ASN A 99 3.52 -6.47 -2.84
C ASN A 99 3.63 -7.72 -1.98
N ALA A 100 4.35 -8.72 -2.49
CA ALA A 100 4.52 -9.96 -1.77
C ALA A 100 5.48 -9.78 -0.59
N ALA A 101 6.57 -9.06 -0.83
CA ALA A 101 7.56 -8.82 0.22
C ALA A 101 7.02 -7.87 1.28
N ALA A 102 6.33 -6.82 0.85
CA ALA A 102 5.77 -5.84 1.75
C ALA A 102 4.71 -6.46 2.65
N ALA A 103 3.96 -7.43 2.11
CA ALA A 103 2.95 -8.13 2.88
C ALA A 103 3.59 -8.90 4.04
N ARG A 104 4.75 -9.48 3.77
CA ARG A 104 5.52 -10.19 4.79
C ARG A 104 5.96 -9.23 5.89
N THR A 105 6.53 -8.10 5.48
CA THR A 105 6.99 -7.09 6.41
C THR A 105 5.81 -6.46 7.16
N TYR A 106 4.69 -6.29 6.46
CA TYR A 106 3.48 -5.72 7.05
C TYR A 106 2.95 -6.60 8.16
N ASN A 107 3.05 -7.91 7.98
CA ASN A 107 2.58 -8.87 8.98
C ASN A 107 3.25 -8.61 10.33
N VAL A 108 4.55 -8.35 10.30
CA VAL A 108 5.30 -8.09 11.52
C VAL A 108 4.84 -6.78 12.16
N LEU A 109 4.81 -5.71 11.37
CA LEU A 109 4.46 -4.38 11.87
C LEU A 109 3.02 -4.34 12.38
N ALA A 110 2.14 -5.05 11.69
CA ALA A 110 0.73 -5.11 12.08
C ALA A 110 0.57 -5.86 13.40
N SER A 111 1.47 -6.80 13.66
CA SER A 111 1.46 -7.57 14.89
C SER A 111 1.95 -6.71 16.06
N GLU A 112 2.90 -5.83 15.76
CA GLU A 112 3.41 -4.89 16.75
C GLU A 112 2.36 -3.86 17.12
N GLY A 113 1.40 -3.66 16.22
CA GLY A 113 0.36 -2.68 16.44
C GLY A 113 0.82 -1.28 16.09
N ARG A 114 1.85 -1.19 15.27
CA ARG A 114 2.38 0.09 14.86
C ARG A 114 1.63 0.63 13.65
N ARG A 115 1.35 1.92 13.67
CA ARG A 115 0.61 2.56 12.60
C ARG A 115 1.44 2.59 11.32
N VAL A 116 1.33 1.53 10.54
CA VAL A 116 2.07 1.41 9.30
C VAL A 116 1.15 1.60 8.10
N ALA A 117 1.64 2.34 7.11
CA ALA A 117 0.88 2.55 5.89
C ALA A 117 1.40 1.63 4.80
N LEU A 118 0.64 0.58 4.50
CA LEU A 118 1.02 -0.35 3.45
C LEU A 118 0.50 0.15 2.10
N ALA A 119 1.35 0.84 1.38
CA ALA A 119 0.99 1.33 0.06
C ALA A 119 1.22 0.26 -0.98
N MET A 120 0.16 -0.44 -1.33
CA MET A 120 0.25 -1.53 -2.29
C MET A 120 -0.10 -1.02 -3.67
N ILE A 121 0.88 -0.99 -4.54
CA ILE A 121 0.69 -0.55 -5.90
C ILE A 121 0.41 -1.74 -6.79
N VAL A 122 -0.84 -1.93 -7.14
CA VAL A 122 -1.20 -3.01 -8.05
C VAL A 122 -1.11 -2.52 -9.49
N GLY A 123 -0.02 -2.88 -10.14
CA GLY A 123 0.19 -2.49 -11.51
C GLY A 123 0.68 -3.64 -12.36
N GLY A 124 -0.25 -4.39 -12.92
CA GLY A 124 0.10 -5.55 -13.71
C GLY A 124 -0.49 -5.49 -15.10
N LEU A 125 -0.40 -4.33 -15.73
CA LEU A 125 -1.00 -4.11 -17.03
C LEU A 125 -0.06 -4.58 -18.15
N GLU A 126 1.08 -5.16 -17.75
CA GLU A 126 2.01 -5.77 -18.69
C GLU A 126 1.29 -6.91 -19.43
N HIS A 127 0.52 -7.68 -18.68
CA HIS A 127 -0.38 -8.67 -19.25
C HIS A 127 -1.73 -8.59 -18.57
N HIS A 128 -2.53 -7.62 -19.01
CA HIS A 128 -3.84 -7.36 -18.42
C HIS A 128 -4.72 -6.70 -19.48
N HIS A 129 -4.90 -7.42 -20.58
CA HIS A 129 -5.63 -6.93 -21.75
C HIS A 129 -5.14 -5.54 -22.13
N HIS A 130 -5.99 -4.53 -21.95
CA HIS A 130 -5.60 -3.13 -22.16
C HIS A 130 -5.19 -2.88 -23.63
N HIS A 131 -5.62 -3.78 -24.50
CA HIS A 131 -5.27 -3.69 -25.91
C HIS A 131 -6.44 -3.16 -26.72
N HIS A 132 -6.54 -1.84 -26.80
CA HIS A 132 -7.56 -1.20 -27.61
C HIS A 132 -7.32 0.31 -27.63
N MET A 1 -7.77 -7.91 19.42
CA MET A 1 -8.25 -7.84 20.82
C MET A 1 -9.06 -9.08 21.17
N PRO A 2 -8.51 -9.95 22.01
CA PRO A 2 -9.15 -11.20 22.42
C PRO A 2 -10.17 -10.99 23.53
N LEU A 3 -11.41 -11.38 23.28
CA LEU A 3 -12.44 -11.34 24.30
C LEU A 3 -12.99 -12.74 24.53
N ASN A 4 -12.50 -13.68 23.73
CA ASN A 4 -12.86 -15.09 23.85
C ASN A 4 -11.63 -15.94 23.56
N GLN A 5 -10.89 -16.27 24.62
CA GLN A 5 -9.56 -16.88 24.50
C GLN A 5 -8.65 -15.94 23.70
N GLU A 6 -8.57 -16.19 22.40
CA GLU A 6 -7.93 -15.28 21.47
C GLU A 6 -8.80 -15.18 20.23
N HIS A 7 -9.15 -13.97 19.83
CA HIS A 7 -10.15 -13.80 18.77
C HIS A 7 -9.81 -12.63 17.86
N PRO A 8 -8.93 -12.86 16.88
CA PRO A 8 -8.69 -11.93 15.79
C PRO A 8 -9.46 -12.34 14.53
N ASP A 9 -10.48 -11.59 14.15
CA ASP A 9 -11.27 -11.93 12.98
C ASP A 9 -10.42 -11.74 11.72
N TYR A 10 -10.43 -12.75 10.87
CA TYR A 10 -9.59 -12.75 9.69
C TYR A 10 -10.37 -12.22 8.48
N THR A 11 -10.47 -10.91 8.39
CA THR A 11 -11.14 -10.28 7.27
C THR A 11 -10.17 -9.47 6.43
N TYR A 12 -9.85 -8.26 6.89
CA TYR A 12 -8.96 -7.36 6.17
C TYR A 12 -7.51 -7.82 6.29
N ALA A 13 -7.15 -8.78 5.45
CA ALA A 13 -5.78 -9.26 5.37
C ALA A 13 -5.51 -9.75 3.96
N LEU A 14 -4.25 -10.00 3.65
CA LEU A 14 -3.89 -10.51 2.33
C LEU A 14 -4.19 -11.99 2.24
N ARG A 15 -5.39 -12.31 1.79
CA ARG A 15 -5.82 -13.69 1.67
C ARG A 15 -5.24 -14.32 0.42
N ALA A 16 -4.81 -13.46 -0.50
CA ALA A 16 -4.12 -13.87 -1.71
C ALA A 16 -3.25 -12.73 -2.22
N ALA A 17 -1.96 -13.00 -2.34
CA ALA A 17 -1.01 -11.97 -2.73
C ALA A 17 -0.47 -12.25 -4.13
N ASP A 18 -0.55 -11.27 -5.00
CA ASP A 18 -0.10 -11.40 -6.37
C ASP A 18 0.76 -10.22 -6.77
N GLY A 19 1.50 -10.38 -7.86
CA GLY A 19 2.28 -9.28 -8.37
C GLY A 19 1.45 -8.35 -9.22
N ARG A 20 0.25 -8.79 -9.59
CA ARG A 20 -0.65 -7.97 -10.40
C ARG A 20 -2.04 -7.90 -9.77
N HIS A 21 -2.23 -8.57 -8.64
CA HIS A 21 -3.53 -8.61 -7.98
C HIS A 21 -3.34 -8.56 -6.47
N ALA A 22 -4.42 -8.29 -5.75
CA ALA A 22 -4.38 -8.25 -4.29
C ALA A 22 -5.76 -8.47 -3.71
N LYS A 23 -5.93 -9.55 -2.96
CA LYS A 23 -7.20 -9.82 -2.31
C LYS A 23 -7.19 -9.31 -0.87
N VAL A 24 -7.71 -8.12 -0.69
CA VAL A 24 -7.82 -7.53 0.63
C VAL A 24 -9.21 -7.80 1.17
N ASN A 25 -9.30 -8.73 2.11
CA ASN A 25 -10.58 -9.15 2.71
C ASN A 25 -11.44 -9.90 1.69
N GLU A 26 -12.04 -9.15 0.78
CA GLU A 26 -12.90 -9.73 -0.24
C GLU A 26 -12.84 -8.88 -1.52
N GLN A 27 -11.91 -7.93 -1.55
CA GLN A 27 -11.85 -6.94 -2.60
C GLN A 27 -10.55 -7.09 -3.40
N ILE A 28 -10.66 -7.16 -4.71
CA ILE A 28 -9.50 -7.27 -5.57
C ILE A 28 -9.03 -5.88 -5.98
N LEU A 29 -8.05 -5.38 -5.26
CA LEU A 29 -7.49 -4.07 -5.56
C LEU A 29 -6.25 -4.23 -6.44
N GLN A 30 -6.45 -4.11 -7.74
CA GLN A 30 -5.39 -4.37 -8.70
C GLN A 30 -4.89 -3.07 -9.35
N GLN A 31 -4.92 -2.00 -8.57
CA GLN A 31 -4.42 -0.70 -9.02
C GLN A 31 -3.38 -0.17 -8.04
N SER A 32 -3.81 0.73 -7.16
CA SER A 32 -2.95 1.28 -6.14
C SER A 32 -3.81 1.72 -4.95
N PHE A 33 -3.36 1.40 -3.74
CA PHE A 33 -4.12 1.73 -2.55
C PHE A 33 -3.21 1.81 -1.33
N ILE A 34 -3.69 2.50 -0.30
CA ILE A 34 -2.97 2.61 0.95
C ILE A 34 -3.71 1.83 2.04
N LEU A 35 -3.09 0.77 2.51
CA LEU A 35 -3.71 -0.07 3.53
C LEU A 35 -3.04 0.16 4.88
N MET A 36 -3.83 0.64 5.84
CA MET A 36 -3.34 0.86 7.18
C MET A 36 -4.25 0.16 8.18
N PRO A 37 -3.78 -0.03 9.43
CA PRO A 37 -4.60 -0.65 10.48
C PRO A 37 -5.95 0.05 10.66
N ASP A 38 -7.01 -0.66 10.28
CA ASP A 38 -8.41 -0.21 10.48
C ASP A 38 -8.85 0.83 9.43
N GLU A 39 -7.92 1.37 8.67
CA GLU A 39 -8.26 2.38 7.68
C GLU A 39 -7.68 2.05 6.31
N LEU A 40 -8.51 2.16 5.29
CA LEU A 40 -8.10 1.84 3.94
C LEU A 40 -8.33 3.03 3.00
N VAL A 41 -7.31 3.39 2.25
CA VAL A 41 -7.43 4.39 1.22
C VAL A 41 -7.43 3.71 -0.14
N GLU A 42 -8.61 3.50 -0.69
CA GLU A 42 -8.77 2.73 -1.92
C GLU A 42 -8.57 3.61 -3.14
N HIS A 43 -8.96 4.88 -3.03
CA HIS A 43 -8.82 5.80 -4.15
C HIS A 43 -7.48 6.53 -4.11
N TRP A 44 -6.45 5.86 -4.60
CA TRP A 44 -5.14 6.47 -4.76
C TRP A 44 -4.51 6.00 -6.06
N PRO A 45 -4.84 6.67 -7.17
CA PRO A 45 -4.45 6.24 -8.52
C PRO A 45 -2.98 6.48 -8.84
N VAL A 46 -2.28 5.40 -9.16
CA VAL A 46 -0.92 5.48 -9.67
C VAL A 46 -0.79 4.55 -10.88
N PRO A 47 -0.77 5.10 -12.11
CA PRO A 47 -0.71 4.30 -13.33
C PRO A 47 0.57 3.49 -13.44
N SER A 48 1.69 4.17 -13.64
CA SER A 48 3.00 3.53 -13.73
C SER A 48 4.07 4.55 -13.39
N LEU A 49 4.18 4.88 -12.11
CA LEU A 49 5.05 5.96 -11.65
C LEU A 49 4.71 7.26 -12.41
N GLY A 50 5.68 8.15 -12.55
CA GLY A 50 5.45 9.37 -13.31
C GLY A 50 4.72 10.42 -12.51
N GLN A 51 3.47 10.10 -12.14
CA GLN A 51 2.66 11.00 -11.33
C GLN A 51 3.03 10.85 -9.86
N LEU A 52 4.06 10.06 -9.60
CA LEU A 52 4.55 9.88 -8.23
C LEU A 52 5.37 11.09 -7.82
N GLN A 53 4.69 12.07 -7.26
CA GLN A 53 5.32 13.32 -6.83
C GLN A 53 4.88 13.64 -5.41
N PRO A 54 5.62 14.54 -4.72
CA PRO A 54 5.30 14.93 -3.34
C PRO A 54 3.83 15.34 -3.16
N ALA A 55 3.30 16.07 -4.14
CA ALA A 55 1.91 16.51 -4.09
C ALA A 55 0.93 15.35 -4.24
N HIS A 56 1.40 14.26 -4.83
CA HIS A 56 0.56 13.09 -5.03
C HIS A 56 0.72 12.12 -3.87
N MET A 57 1.86 12.22 -3.19
CA MET A 57 2.14 11.41 -2.01
C MET A 57 1.65 12.16 -0.77
N ASP A 58 1.09 13.33 -1.00
CA ASP A 58 0.60 14.23 0.05
C ASP A 58 -0.38 13.52 0.97
N ALA A 59 -1.22 12.66 0.41
CA ALA A 59 -2.20 11.91 1.18
C ALA A 59 -1.52 11.11 2.28
N VAL A 60 -0.44 10.43 1.93
CA VAL A 60 0.29 9.60 2.88
C VAL A 60 0.95 10.48 3.93
N LEU A 61 1.53 11.60 3.49
CA LEU A 61 2.18 12.54 4.39
C LEU A 61 1.16 13.13 5.36
N ALA A 62 -0.03 13.41 4.84
CA ALA A 62 -1.11 13.98 5.63
C ALA A 62 -1.64 12.97 6.66
N LEU A 63 -1.45 11.69 6.39
CA LEU A 63 -1.85 10.64 7.32
C LEU A 63 -0.85 10.53 8.47
N ASN A 64 0.40 10.93 8.21
CA ASN A 64 1.48 10.85 9.19
C ASN A 64 1.61 9.45 9.77
N PRO A 65 2.10 8.48 8.98
CA PRO A 65 2.35 7.12 9.46
C PRO A 65 3.69 7.01 10.17
N ALA A 66 3.89 5.92 10.89
CA ALA A 66 5.14 5.69 11.60
C ALA A 66 6.16 5.02 10.69
N VAL A 67 5.64 4.27 9.71
CA VAL A 67 6.49 3.62 8.72
C VAL A 67 5.67 3.35 7.45
N ILE A 68 6.30 3.51 6.29
CA ILE A 68 5.63 3.27 5.03
C ILE A 68 6.23 2.06 4.33
N LEU A 69 5.36 1.17 3.85
CA LEU A 69 5.80 0.03 3.07
C LEU A 69 5.34 0.19 1.63
N LEU A 70 6.28 0.20 0.72
CA LEU A 70 5.98 0.37 -0.69
C LEU A 70 6.10 -0.99 -1.38
N GLY A 71 4.99 -1.50 -1.90
CA GLY A 71 5.00 -2.77 -2.58
C GLY A 71 4.60 -2.64 -4.03
N THR A 72 5.57 -2.67 -4.92
CA THR A 72 5.30 -2.51 -6.34
C THR A 72 5.03 -3.87 -7.02
N GLY A 73 3.91 -4.48 -6.63
CA GLY A 73 3.51 -5.76 -7.17
C GLY A 73 4.62 -6.79 -7.26
N GLU A 74 4.98 -7.16 -8.48
CA GLU A 74 6.02 -8.14 -8.73
C GLU A 74 7.28 -7.45 -9.26
N ARG A 75 7.11 -6.20 -9.68
CA ARG A 75 8.15 -5.49 -10.40
C ARG A 75 8.78 -4.43 -9.52
N GLN A 76 10.02 -4.65 -9.13
CA GLN A 76 10.71 -3.76 -8.21
C GLN A 76 10.93 -2.38 -8.84
N GLN A 77 10.19 -1.39 -8.34
CA GLN A 77 10.34 -0.03 -8.82
C GLN A 77 10.82 0.87 -7.68
N PHE A 78 11.48 1.97 -8.04
CA PHE A 78 12.02 2.88 -7.04
C PHE A 78 11.25 4.19 -7.03
N PRO A 79 10.98 4.73 -5.84
CA PRO A 79 10.28 6.02 -5.70
C PRO A 79 11.13 7.18 -6.19
N SER A 80 10.46 8.22 -6.68
CA SER A 80 11.16 9.40 -7.18
C SER A 80 11.95 10.08 -6.07
N THR A 81 13.17 10.50 -6.39
CA THR A 81 14.03 11.17 -5.43
C THR A 81 13.38 12.47 -4.93
N ASP A 82 12.51 13.04 -5.74
CA ASP A 82 11.84 14.30 -5.40
C ASP A 82 10.86 14.06 -4.27
N VAL A 83 10.29 12.85 -4.23
CA VAL A 83 9.35 12.48 -3.19
C VAL A 83 10.09 12.12 -1.91
N LEU A 84 11.28 11.56 -2.07
CA LEU A 84 12.10 11.13 -0.94
C LEU A 84 12.42 12.31 -0.02
N ALA A 85 12.63 13.47 -0.60
CA ALA A 85 12.92 14.68 0.17
C ALA A 85 11.78 15.00 1.13
N ALA A 86 10.55 14.87 0.65
CA ALA A 86 9.36 15.15 1.45
C ALA A 86 9.26 14.17 2.61
N CYS A 87 9.46 12.89 2.34
CA CYS A 87 9.36 11.87 3.37
C CYS A 87 10.49 12.05 4.39
N LEU A 88 11.66 12.45 3.91
CA LEU A 88 12.81 12.69 4.76
C LEU A 88 12.53 13.83 5.74
N THR A 89 11.92 14.90 5.23
CA THR A 89 11.60 16.06 6.05
C THR A 89 10.48 15.77 7.04
N ARG A 90 9.86 14.60 6.92
CA ARG A 90 8.82 14.19 7.86
C ARG A 90 9.37 13.15 8.84
N GLY A 91 10.53 12.60 8.52
CA GLY A 91 11.16 11.62 9.38
C GLY A 91 10.44 10.29 9.36
N ILE A 92 9.85 9.96 8.22
CA ILE A 92 9.10 8.71 8.09
C ILE A 92 9.92 7.68 7.31
N GLY A 93 9.93 6.45 7.81
CA GLY A 93 10.65 5.38 7.13
C GLY A 93 9.91 4.88 5.91
N LEU A 94 10.66 4.41 4.92
CA LEU A 94 10.08 3.98 3.66
C LEU A 94 10.81 2.74 3.16
N GLU A 95 10.16 1.58 3.28
CA GLU A 95 10.73 0.33 2.82
C GLU A 95 10.11 -0.08 1.48
N ALA A 96 10.94 -0.24 0.47
CA ALA A 96 10.48 -0.61 -0.85
C ALA A 96 10.71 -2.10 -1.12
N MET A 97 9.62 -2.82 -1.33
CA MET A 97 9.67 -4.26 -1.59
C MET A 97 8.56 -4.66 -2.56
N THR A 98 8.36 -5.95 -2.70
CA THR A 98 7.28 -6.48 -3.53
C THR A 98 6.01 -6.63 -2.71
N ASN A 99 4.90 -6.93 -3.40
CA ASN A 99 3.61 -7.10 -2.74
C ASN A 99 3.66 -8.18 -1.67
N ALA A 100 4.18 -9.35 -2.05
CA ALA A 100 4.26 -10.49 -1.15
C ALA A 100 5.17 -10.20 0.05
N ALA A 101 6.23 -9.45 -0.19
CA ALA A 101 7.19 -9.15 0.86
C ALA A 101 6.62 -8.12 1.83
N ALA A 102 5.99 -7.08 1.29
CA ALA A 102 5.44 -6.02 2.12
C ALA A 102 4.25 -6.51 2.93
N ALA A 103 3.50 -7.45 2.37
CA ALA A 103 2.36 -8.04 3.07
C ALA A 103 2.82 -8.76 4.33
N ARG A 104 3.98 -9.41 4.25
CA ARG A 104 4.56 -10.10 5.39
C ARG A 104 4.91 -9.10 6.50
N THR A 105 5.54 -8.00 6.11
CA THR A 105 5.96 -6.99 7.05
C THR A 105 4.76 -6.33 7.74
N TYR A 106 3.69 -6.12 6.96
CA TYR A 106 2.47 -5.53 7.48
C TYR A 106 1.92 -6.36 8.64
N ASN A 107 1.92 -7.68 8.47
CA ASN A 107 1.44 -8.59 9.50
C ASN A 107 2.22 -8.39 10.80
N VAL A 108 3.53 -8.25 10.69
CA VAL A 108 4.39 -8.09 11.85
C VAL A 108 4.15 -6.74 12.52
N LEU A 109 4.17 -5.68 11.74
CA LEU A 109 4.04 -4.32 12.26
C LEU A 109 2.66 -4.10 12.89
N ALA A 110 1.65 -4.76 12.34
CA ALA A 110 0.30 -4.65 12.87
C ALA A 110 0.22 -5.23 14.28
N SER A 111 0.96 -6.31 14.51
CA SER A 111 0.97 -6.96 15.82
C SER A 111 1.95 -6.26 16.77
N GLU A 112 2.77 -5.37 16.22
CA GLU A 112 3.72 -4.61 17.01
C GLU A 112 3.01 -3.41 17.62
N GLY A 113 2.11 -2.81 16.85
CA GLY A 113 1.41 -1.63 17.29
C GLY A 113 2.00 -0.37 16.70
N ARG A 114 2.33 -0.43 15.42
CA ARG A 114 2.93 0.68 14.72
C ARG A 114 2.16 0.98 13.44
N ARG A 115 1.77 2.24 13.25
CA ARG A 115 1.00 2.62 12.07
C ARG A 115 1.84 2.53 10.82
N VAL A 116 1.67 1.44 10.11
CA VAL A 116 2.35 1.23 8.85
C VAL A 116 1.43 1.56 7.68
N ALA A 117 1.91 2.37 6.77
CA ALA A 117 1.19 2.69 5.56
C ALA A 117 1.59 1.74 4.46
N LEU A 118 0.75 0.75 4.20
CA LEU A 118 1.04 -0.24 3.17
C LEU A 118 0.54 0.25 1.83
N ALA A 119 1.43 0.87 1.07
CA ALA A 119 1.09 1.39 -0.24
C ALA A 119 1.39 0.36 -1.32
N MET A 120 0.34 -0.30 -1.80
CA MET A 120 0.50 -1.34 -2.79
C MET A 120 0.22 -0.81 -4.18
N ILE A 121 1.21 -0.94 -5.04
CA ILE A 121 1.06 -0.60 -6.45
C ILE A 121 1.16 -1.88 -7.26
N VAL A 122 0.05 -2.29 -7.86
CA VAL A 122 0.02 -3.52 -8.63
C VAL A 122 -0.59 -3.26 -10.00
N GLY A 123 -0.01 -3.89 -11.02
CA GLY A 123 -0.48 -3.67 -12.37
C GLY A 123 -1.46 -4.74 -12.81
N GLY A 124 -2.73 -4.55 -12.47
CA GLY A 124 -3.76 -5.46 -12.90
C GLY A 124 -3.84 -5.54 -14.42
N LEU A 125 -4.00 -4.38 -15.05
CA LEU A 125 -3.99 -4.29 -16.49
C LEU A 125 -3.05 -3.16 -16.90
N GLU A 126 -2.31 -3.35 -17.98
CA GLU A 126 -1.38 -2.34 -18.43
C GLU A 126 -2.05 -1.38 -19.42
N HIS A 127 -2.09 -1.79 -20.69
CA HIS A 127 -2.64 -0.95 -21.76
C HIS A 127 -2.01 0.43 -21.71
N HIS A 128 -0.68 0.47 -21.78
CA HIS A 128 0.07 1.70 -21.57
C HIS A 128 -0.22 2.72 -22.68
N HIS A 129 -1.13 3.64 -22.39
CA HIS A 129 -1.57 4.63 -23.36
C HIS A 129 -1.50 6.03 -22.76
N HIS A 130 -1.40 7.04 -23.59
CA HIS A 130 -1.34 8.40 -23.09
C HIS A 130 -2.68 9.11 -23.33
N HIS A 131 -3.38 9.36 -22.24
CA HIS A 131 -4.58 10.19 -22.30
C HIS A 131 -4.17 11.65 -22.14
N HIS A 132 -2.91 11.83 -21.76
CA HIS A 132 -2.30 13.13 -21.63
C HIS A 132 -1.73 13.57 -22.97
N MET A 1 -32.78 -6.25 15.04
CA MET A 1 -31.47 -5.93 15.64
C MET A 1 -30.63 -7.19 15.79
N PRO A 2 -29.43 -7.20 15.20
CA PRO A 2 -28.47 -8.29 15.39
C PRO A 2 -27.79 -8.20 16.76
N LEU A 3 -27.30 -9.33 17.26
CA LEU A 3 -26.64 -9.36 18.55
C LEU A 3 -25.21 -8.88 18.45
N ASN A 4 -24.64 -9.00 17.24
CA ASN A 4 -23.27 -8.55 16.93
C ASN A 4 -22.21 -9.45 17.57
N GLN A 5 -22.50 -9.93 18.78
CA GLN A 5 -21.58 -10.77 19.53
C GLN A 5 -21.43 -12.16 18.91
N GLU A 6 -22.11 -12.39 17.79
CA GLU A 6 -22.02 -13.66 17.09
C GLU A 6 -20.62 -13.86 16.53
N HIS A 7 -20.15 -12.90 15.75
CA HIS A 7 -18.83 -13.00 15.15
C HIS A 7 -18.01 -11.73 15.41
N PRO A 8 -17.34 -11.69 16.58
CA PRO A 8 -16.43 -10.59 16.92
C PRO A 8 -15.10 -10.71 16.20
N ASP A 9 -14.30 -9.65 16.28
CA ASP A 9 -12.99 -9.59 15.60
C ASP A 9 -13.16 -9.62 14.09
N TYR A 10 -13.28 -8.44 13.50
CA TYR A 10 -13.43 -8.33 12.06
C TYR A 10 -12.06 -8.37 11.40
N THR A 11 -11.97 -9.07 10.28
CA THR A 11 -10.70 -9.30 9.64
C THR A 11 -10.76 -8.96 8.15
N TYR A 12 -9.66 -8.43 7.64
CA TYR A 12 -9.49 -8.20 6.22
C TYR A 12 -8.18 -8.84 5.76
N ALA A 13 -8.27 -10.10 5.38
CA ALA A 13 -7.08 -10.88 5.06
C ALA A 13 -6.77 -10.86 3.57
N LEU A 14 -5.51 -10.66 3.25
CA LEU A 14 -5.04 -10.74 1.88
C LEU A 14 -4.92 -12.19 1.47
N ARG A 15 -5.95 -12.70 0.79
CA ARG A 15 -5.97 -14.11 0.40
C ARG A 15 -5.10 -14.33 -0.83
N ALA A 16 -4.72 -13.24 -1.47
CA ALA A 16 -3.84 -13.28 -2.62
C ALA A 16 -3.00 -12.02 -2.69
N ALA A 17 -1.70 -12.19 -2.54
CA ALA A 17 -0.76 -11.07 -2.63
C ALA A 17 0.17 -11.28 -3.81
N ASP A 18 -0.02 -10.50 -4.85
CA ASP A 18 0.76 -10.64 -6.08
C ASP A 18 1.04 -9.27 -6.68
N GLY A 19 1.89 -9.23 -7.70
CA GLY A 19 2.23 -7.99 -8.34
C GLY A 19 1.11 -7.45 -9.23
N ARG A 20 0.33 -8.35 -9.82
CA ARG A 20 -0.75 -7.93 -10.71
C ARG A 20 -2.09 -8.42 -10.19
N HIS A 21 -2.09 -8.98 -9.00
CA HIS A 21 -3.31 -9.53 -8.42
C HIS A 21 -3.34 -9.37 -6.92
N ALA A 22 -4.50 -9.05 -6.39
CA ALA A 22 -4.70 -8.88 -4.97
C ALA A 22 -6.10 -9.32 -4.59
N LYS A 23 -6.30 -9.69 -3.34
CA LYS A 23 -7.61 -10.11 -2.88
C LYS A 23 -7.78 -9.82 -1.40
N VAL A 24 -8.52 -8.76 -1.10
CA VAL A 24 -8.83 -8.42 0.28
C VAL A 24 -10.13 -9.09 0.69
N ASN A 25 -10.01 -10.32 1.18
CA ASN A 25 -11.17 -11.17 1.48
C ASN A 25 -11.93 -11.54 0.21
N GLU A 26 -12.55 -10.55 -0.40
CA GLU A 26 -13.37 -10.75 -1.59
C GLU A 26 -12.90 -9.87 -2.74
N GLN A 27 -12.81 -8.57 -2.47
CA GLN A 27 -12.64 -7.58 -3.53
C GLN A 27 -11.20 -7.49 -4.00
N ILE A 28 -11.02 -7.54 -5.31
CA ILE A 28 -9.72 -7.40 -5.94
C ILE A 28 -9.41 -5.94 -6.21
N LEU A 29 -8.54 -5.37 -5.40
CA LEU A 29 -8.16 -3.98 -5.57
C LEU A 29 -6.99 -3.87 -6.56
N GLN A 30 -7.33 -3.62 -7.82
CA GLN A 30 -6.35 -3.56 -8.89
C GLN A 30 -5.73 -2.18 -9.01
N GLN A 31 -5.35 -1.60 -7.88
CA GLN A 31 -4.72 -0.28 -7.87
C GLN A 31 -3.75 -0.20 -6.69
N SER A 32 -3.07 0.92 -6.56
CA SER A 32 -2.26 1.17 -5.39
C SER A 32 -3.13 1.78 -4.30
N PHE A 33 -3.47 0.98 -3.30
CA PHE A 33 -4.30 1.45 -2.21
C PHE A 33 -3.48 1.53 -0.93
N ILE A 34 -3.95 2.36 -0.01
CA ILE A 34 -3.26 2.55 1.25
C ILE A 34 -3.91 1.70 2.33
N LEU A 35 -3.17 0.72 2.83
CA LEU A 35 -3.70 -0.17 3.85
C LEU A 35 -3.08 0.17 5.20
N MET A 36 -3.93 0.61 6.11
CA MET A 36 -3.50 0.96 7.45
C MET A 36 -4.07 -0.05 8.44
N PRO A 37 -3.35 -0.36 9.52
CA PRO A 37 -3.81 -1.31 10.53
C PRO A 37 -4.92 -0.74 11.41
N ASP A 38 -5.95 -0.18 10.76
CA ASP A 38 -7.05 0.48 11.45
C ASP A 38 -8.14 0.86 10.46
N GLU A 39 -7.72 1.39 9.31
CA GLU A 39 -8.67 1.80 8.26
C GLU A 39 -8.13 1.42 6.88
N LEU A 40 -9.05 1.12 5.97
CA LEU A 40 -8.68 0.82 4.59
C LEU A 40 -8.91 2.05 3.71
N VAL A 41 -7.83 2.65 3.25
CA VAL A 41 -7.92 3.86 2.45
C VAL A 41 -7.78 3.55 0.96
N GLU A 42 -8.92 3.50 0.28
CA GLU A 42 -8.95 3.25 -1.15
C GLU A 42 -8.91 4.55 -1.93
N HIS A 43 -9.10 4.44 -3.25
CA HIS A 43 -9.26 5.60 -4.13
C HIS A 43 -7.98 6.41 -4.24
N TRP A 44 -6.87 5.73 -4.47
CA TRP A 44 -5.60 6.39 -4.67
C TRP A 44 -5.17 6.19 -6.13
N PRO A 45 -5.11 7.30 -6.90
CA PRO A 45 -4.85 7.24 -8.34
C PRO A 45 -3.38 6.98 -8.68
N VAL A 46 -2.86 5.85 -8.23
CA VAL A 46 -1.50 5.44 -8.56
C VAL A 46 -1.49 4.06 -9.22
N PRO A 47 -1.29 4.02 -10.54
CA PRO A 47 -1.16 2.78 -11.29
C PRO A 47 0.27 2.21 -11.23
N SER A 48 1.23 3.06 -11.56
CA SER A 48 2.63 2.68 -11.52
C SER A 48 3.38 3.57 -10.55
N LEU A 49 4.60 3.17 -10.19
CA LEU A 49 5.39 3.92 -9.22
C LEU A 49 5.84 5.26 -9.80
N GLY A 50 5.83 5.36 -11.12
CA GLY A 50 6.17 6.60 -11.78
C GLY A 50 5.11 7.67 -11.57
N GLN A 51 4.03 7.31 -10.92
CA GLN A 51 2.97 8.25 -10.59
C GLN A 51 3.21 8.85 -9.20
N LEU A 52 4.18 8.30 -8.49
CA LEU A 52 4.51 8.75 -7.14
C LEU A 52 5.11 10.14 -7.17
N GLN A 53 4.32 11.11 -6.72
CA GLN A 53 4.71 12.50 -6.71
C GLN A 53 4.11 13.16 -5.47
N PRO A 54 4.82 14.12 -4.84
CA PRO A 54 4.36 14.80 -3.62
C PRO A 54 2.88 15.21 -3.66
N ALA A 55 2.44 15.73 -4.80
CA ALA A 55 1.04 16.17 -4.96
C ALA A 55 0.06 15.02 -4.72
N HIS A 56 0.47 13.81 -5.02
CA HIS A 56 -0.39 12.64 -4.82
C HIS A 56 -0.04 11.89 -3.54
N MET A 57 1.07 12.28 -2.93
CA MET A 57 1.47 11.70 -1.65
C MET A 57 0.93 12.55 -0.51
N ASP A 58 0.33 13.68 -0.88
CA ASP A 58 -0.30 14.59 0.07
C ASP A 58 -1.31 13.86 0.96
N ALA A 59 -2.09 12.99 0.34
CA ALA A 59 -3.07 12.19 1.07
C ALA A 59 -2.39 11.31 2.11
N VAL A 60 -1.24 10.76 1.77
CA VAL A 60 -0.49 9.90 2.66
C VAL A 60 0.06 10.71 3.83
N LEU A 61 0.56 11.90 3.51
CA LEU A 61 1.12 12.80 4.52
C LEU A 61 0.02 13.29 5.46
N ALA A 62 -1.18 13.46 4.92
CA ALA A 62 -2.33 13.87 5.72
C ALA A 62 -2.71 12.79 6.73
N LEU A 63 -2.54 11.54 6.33
CA LEU A 63 -2.81 10.40 7.22
C LEU A 63 -1.78 10.37 8.34
N ASN A 64 -0.58 10.84 8.04
CA ASN A 64 0.54 10.90 8.99
C ASN A 64 0.95 9.50 9.45
N PRO A 65 1.78 8.82 8.66
CA PRO A 65 2.35 7.55 9.01
C PRO A 65 3.76 7.67 9.59
N ALA A 66 4.18 6.68 10.36
CA ALA A 66 5.53 6.64 10.89
C ALA A 66 6.45 5.96 9.89
N VAL A 67 5.93 4.93 9.24
CA VAL A 67 6.67 4.21 8.22
C VAL A 67 5.75 3.79 7.08
N ILE A 68 6.23 3.93 5.85
CA ILE A 68 5.47 3.52 4.68
C ILE A 68 6.11 2.31 4.04
N LEU A 69 5.33 1.25 3.87
CA LEU A 69 5.78 0.07 3.17
C LEU A 69 5.30 0.15 1.72
N LEU A 70 6.23 0.37 0.82
CA LEU A 70 5.90 0.54 -0.58
C LEU A 70 6.00 -0.79 -1.33
N GLY A 71 4.85 -1.39 -1.60
CA GLY A 71 4.84 -2.63 -2.34
C GLY A 71 4.69 -2.38 -3.82
N THR A 72 5.79 -2.45 -4.55
CA THR A 72 5.80 -2.15 -5.97
C THR A 72 5.42 -3.38 -6.80
N GLY A 73 4.18 -3.87 -6.62
CA GLY A 73 3.74 -5.07 -7.28
C GLY A 73 4.75 -6.19 -7.15
N GLU A 74 5.19 -6.70 -8.27
CA GLU A 74 6.27 -7.66 -8.31
C GLU A 74 7.29 -7.20 -9.34
N ARG A 75 7.97 -6.14 -8.99
CA ARG A 75 9.01 -5.56 -9.84
C ARG A 75 9.74 -4.49 -9.04
N GLN A 76 10.93 -4.83 -8.58
CA GLN A 76 11.69 -3.96 -7.69
C GLN A 76 12.05 -2.65 -8.38
N GLN A 77 11.26 -1.63 -8.13
CA GLN A 77 11.48 -0.31 -8.68
C GLN A 77 11.73 0.68 -7.55
N PHE A 78 12.67 1.59 -7.75
CA PHE A 78 13.00 2.57 -6.76
C PHE A 78 12.14 3.81 -6.94
N PRO A 79 11.69 4.43 -5.82
CA PRO A 79 10.78 5.58 -5.86
C PRO A 79 11.45 6.84 -6.40
N SER A 80 10.62 7.82 -6.73
CA SER A 80 11.11 9.10 -7.24
C SER A 80 12.04 9.77 -6.23
N THR A 81 13.18 10.25 -6.70
CA THR A 81 14.20 10.82 -5.85
C THR A 81 13.68 12.03 -5.08
N ASP A 82 12.86 12.84 -5.75
CA ASP A 82 12.25 14.01 -5.12
C ASP A 82 11.36 13.59 -3.95
N VAL A 83 10.65 12.48 -4.12
CA VAL A 83 9.76 11.96 -3.09
C VAL A 83 10.56 11.42 -1.91
N LEU A 84 11.73 10.87 -2.20
CA LEU A 84 12.62 10.36 -1.17
C LEU A 84 13.05 11.50 -0.24
N ALA A 85 13.31 12.66 -0.82
CA ALA A 85 13.70 13.85 -0.06
C ALA A 85 12.57 14.31 0.85
N ALA A 86 11.32 14.12 0.39
CA ALA A 86 10.16 14.50 1.17
C ALA A 86 10.04 13.66 2.43
N CYS A 87 10.44 12.40 2.34
CA CYS A 87 10.43 11.52 3.49
C CYS A 87 11.65 11.76 4.36
N LEU A 88 12.77 12.05 3.70
CA LEU A 88 14.05 12.28 4.38
C LEU A 88 13.97 13.50 5.31
N THR A 89 13.24 14.53 4.89
CA THR A 89 13.19 15.79 5.62
C THR A 89 12.58 15.62 7.01
N ARG A 90 11.90 14.50 7.25
CA ARG A 90 11.31 14.25 8.57
C ARG A 90 11.79 12.90 9.12
N GLY A 91 12.62 12.21 8.33
CA GLY A 91 13.12 10.92 8.75
C GLY A 91 12.03 9.86 8.75
N ILE A 92 11.20 9.90 7.72
CA ILE A 92 10.11 8.95 7.59
C ILE A 92 10.58 7.70 6.85
N GLY A 93 10.20 6.54 7.37
CA GLY A 93 10.60 5.29 6.75
C GLY A 93 9.86 5.03 5.46
N LEU A 94 10.61 4.66 4.43
CA LEU A 94 10.03 4.35 3.13
C LEU A 94 10.76 3.18 2.50
N GLU A 95 10.18 2.00 2.63
CA GLU A 95 10.81 0.78 2.13
C GLU A 95 10.19 0.36 0.80
N ALA A 96 11.00 0.36 -0.26
CA ALA A 96 10.52 -0.07 -1.56
C ALA A 96 10.72 -1.58 -1.72
N MET A 97 9.63 -2.32 -1.61
CA MET A 97 9.67 -3.76 -1.63
C MET A 97 8.61 -4.31 -2.60
N THR A 98 8.44 -5.62 -2.62
CA THR A 98 7.40 -6.24 -3.42
C THR A 98 6.17 -6.51 -2.55
N ASN A 99 5.02 -6.72 -3.18
CA ASN A 99 3.76 -6.90 -2.45
C ASN A 99 3.83 -8.09 -1.50
N ALA A 100 4.40 -9.19 -1.97
CA ALA A 100 4.49 -10.41 -1.16
C ALA A 100 5.44 -10.22 0.02
N ALA A 101 6.39 -9.32 -0.13
CA ALA A 101 7.39 -9.08 0.90
C ALA A 101 6.91 -8.03 1.90
N ALA A 102 6.26 -6.98 1.40
CA ALA A 102 5.79 -5.90 2.24
C ALA A 102 4.69 -6.37 3.19
N ALA A 103 3.83 -7.26 2.71
CA ALA A 103 2.75 -7.80 3.51
C ALA A 103 3.26 -8.53 4.75
N ARG A 104 4.46 -9.09 4.64
CA ARG A 104 5.07 -9.84 5.73
C ARG A 104 5.46 -8.89 6.86
N THR A 105 6.06 -7.76 6.50
CA THR A 105 6.46 -6.77 7.49
C THR A 105 5.23 -6.06 8.06
N TYR A 106 4.20 -5.93 7.24
CA TYR A 106 2.96 -5.30 7.65
C TYR A 106 2.35 -6.02 8.86
N ASN A 107 2.31 -7.36 8.80
CA ASN A 107 1.74 -8.15 9.88
C ASN A 107 2.48 -7.89 11.20
N VAL A 108 3.79 -7.73 11.12
CA VAL A 108 4.60 -7.45 12.30
C VAL A 108 4.28 -6.07 12.85
N LEU A 109 4.30 -5.07 11.97
CA LEU A 109 4.08 -3.68 12.38
C LEU A 109 2.66 -3.47 12.88
N ALA A 110 1.70 -4.17 12.27
CA ALA A 110 0.30 -4.10 12.69
C ALA A 110 0.13 -4.65 14.09
N SER A 111 0.86 -5.73 14.40
CA SER A 111 0.81 -6.34 15.71
C SER A 111 1.54 -5.46 16.73
N GLU A 112 2.55 -4.75 16.27
CA GLU A 112 3.29 -3.82 17.12
C GLU A 112 2.44 -2.61 17.48
N GLY A 113 1.49 -2.28 16.60
CA GLY A 113 0.65 -1.13 16.83
C GLY A 113 1.35 0.16 16.45
N ARG A 114 2.23 0.07 15.47
CA ARG A 114 2.96 1.22 14.99
C ARG A 114 2.31 1.72 13.71
N ARG A 115 2.24 3.04 13.55
CA ARG A 115 1.51 3.63 12.44
C ARG A 115 2.24 3.41 11.12
N VAL A 116 1.88 2.33 10.44
CA VAL A 116 2.45 1.98 9.16
C VAL A 116 1.43 2.19 8.05
N ALA A 117 1.88 2.75 6.93
CA ALA A 117 1.04 2.90 5.77
C ALA A 117 1.51 1.95 4.67
N LEU A 118 0.72 0.94 4.38
CA LEU A 118 1.06 -0.01 3.35
C LEU A 118 0.58 0.47 2.01
N ALA A 119 1.51 0.93 1.18
CA ALA A 119 1.19 1.36 -0.17
C ALA A 119 1.25 0.16 -1.09
N MET A 120 0.11 -0.51 -1.22
CA MET A 120 0.04 -1.75 -1.98
C MET A 120 -0.21 -1.45 -3.45
N ILE A 121 0.86 -1.42 -4.24
CA ILE A 121 0.74 -1.14 -5.67
C ILE A 121 0.43 -2.42 -6.42
N VAL A 122 -0.84 -2.57 -6.81
CA VAL A 122 -1.27 -3.72 -7.58
C VAL A 122 -1.63 -3.28 -9.00
N GLY A 123 -1.07 -3.98 -9.98
CA GLY A 123 -1.36 -3.65 -11.37
C GLY A 123 -0.18 -2.97 -12.03
N GLY A 124 -0.43 -1.85 -12.69
CA GLY A 124 0.64 -1.13 -13.36
C GLY A 124 0.14 -0.20 -14.45
N LEU A 125 -0.39 -0.79 -15.51
CA LEU A 125 -0.83 -0.03 -16.67
C LEU A 125 -2.25 0.48 -16.44
N GLU A 126 -2.64 1.49 -17.23
CA GLU A 126 -3.99 2.04 -17.18
C GLU A 126 -5.02 0.94 -17.41
N HIS A 127 -6.17 1.07 -16.78
CA HIS A 127 -7.23 0.08 -16.92
C HIS A 127 -8.16 0.49 -18.06
N HIS A 128 -8.78 -0.49 -18.69
CA HIS A 128 -9.72 -0.20 -19.77
C HIS A 128 -11.05 0.23 -19.16
N HIS A 129 -11.10 1.49 -18.74
CA HIS A 129 -12.23 2.06 -18.00
C HIS A 129 -12.34 1.41 -16.62
N HIS A 130 -12.73 0.15 -16.57
CA HIS A 130 -12.79 -0.60 -15.32
C HIS A 130 -12.22 -2.00 -15.53
N HIS A 131 -13.08 -2.93 -15.96
CA HIS A 131 -12.63 -4.28 -16.26
C HIS A 131 -13.75 -5.06 -16.97
N HIS A 132 -14.75 -4.34 -17.47
CA HIS A 132 -15.84 -4.96 -18.22
C HIS A 132 -15.54 -4.87 -19.70
N MET A 1 -29.32 -25.14 8.12
CA MET A 1 -29.36 -24.04 7.14
C MET A 1 -29.19 -24.60 5.74
N PRO A 2 -29.95 -24.07 4.75
CA PRO A 2 -29.86 -24.51 3.35
C PRO A 2 -28.54 -24.08 2.71
N LEU A 3 -27.93 -23.06 3.29
CA LEU A 3 -26.64 -22.59 2.86
C LEU A 3 -25.69 -22.54 4.05
N ASN A 4 -24.49 -22.07 3.84
CA ASN A 4 -23.54 -21.90 4.93
C ASN A 4 -23.77 -20.56 5.61
N GLN A 5 -22.94 -20.23 6.58
CA GLN A 5 -23.08 -18.97 7.30
C GLN A 5 -22.78 -17.81 6.37
N GLU A 6 -23.80 -16.98 6.17
CA GLU A 6 -23.72 -15.86 5.25
C GLU A 6 -23.11 -14.64 5.93
N HIS A 7 -22.81 -13.62 5.12
CA HIS A 7 -22.32 -12.32 5.60
C HIS A 7 -20.82 -12.35 5.85
N PRO A 8 -20.03 -12.06 4.80
CA PRO A 8 -18.60 -11.82 4.97
C PRO A 8 -18.36 -10.50 5.69
N ASP A 9 -17.78 -10.59 6.89
CA ASP A 9 -17.54 -9.41 7.71
C ASP A 9 -16.67 -8.39 7.01
N TYR A 10 -16.95 -7.12 7.29
CA TYR A 10 -16.33 -6.01 6.57
C TYR A 10 -14.99 -5.62 7.18
N THR A 11 -14.54 -6.41 8.15
CA THR A 11 -13.23 -6.20 8.73
C THR A 11 -12.15 -6.55 7.72
N TYR A 12 -11.26 -5.61 7.47
CA TYR A 12 -10.23 -5.77 6.44
C TYR A 12 -9.30 -6.94 6.76
N ALA A 13 -9.40 -7.97 5.95
CA ALA A 13 -8.57 -9.16 6.10
C ALA A 13 -7.80 -9.43 4.81
N LEU A 14 -6.51 -9.15 4.84
CA LEU A 14 -5.65 -9.39 3.70
C LEU A 14 -5.01 -10.77 3.82
N ARG A 15 -5.41 -11.69 2.95
CA ARG A 15 -4.87 -13.04 2.97
C ARG A 15 -4.11 -13.33 1.68
N ALA A 16 -4.78 -13.14 0.55
CA ALA A 16 -4.17 -13.43 -0.74
C ALA A 16 -3.31 -12.27 -1.23
N ALA A 17 -2.01 -12.46 -1.20
CA ALA A 17 -1.06 -11.43 -1.61
C ALA A 17 -0.23 -11.92 -2.79
N ASP A 18 -0.51 -11.37 -3.96
CA ASP A 18 0.22 -11.70 -5.17
C ASP A 18 0.82 -10.43 -5.76
N GLY A 19 1.86 -10.57 -6.57
CA GLY A 19 2.46 -9.41 -7.20
C GLY A 19 1.52 -8.74 -8.18
N ARG A 20 0.55 -9.49 -8.68
CA ARG A 20 -0.38 -8.99 -9.68
C ARG A 20 -1.79 -8.85 -9.10
N HIS A 21 -2.01 -9.40 -7.91
CA HIS A 21 -3.35 -9.38 -7.32
C HIS A 21 -3.28 -9.12 -5.82
N ALA A 22 -4.12 -8.21 -5.33
CA ALA A 22 -4.27 -8.00 -3.90
C ALA A 22 -5.74 -8.17 -3.52
N LYS A 23 -6.03 -9.18 -2.71
CA LYS A 23 -7.40 -9.49 -2.36
C LYS A 23 -7.72 -9.06 -0.94
N VAL A 24 -8.50 -7.99 -0.81
CA VAL A 24 -8.96 -7.53 0.49
C VAL A 24 -10.37 -8.03 0.73
N ASN A 25 -10.48 -9.08 1.56
CA ASN A 25 -11.76 -9.75 1.85
C ASN A 25 -12.29 -10.44 0.60
N GLU A 26 -12.83 -9.66 -0.32
CA GLU A 26 -13.39 -10.18 -1.55
C GLU A 26 -12.82 -9.44 -2.75
N GLN A 27 -12.75 -8.12 -2.64
CA GLN A 27 -12.34 -7.28 -3.74
C GLN A 27 -10.85 -7.45 -4.05
N ILE A 28 -10.55 -7.74 -5.31
CA ILE A 28 -9.17 -7.88 -5.75
C ILE A 28 -8.72 -6.60 -6.44
N LEU A 29 -7.89 -5.83 -5.75
CA LEU A 29 -7.38 -4.58 -6.27
C LEU A 29 -6.07 -4.82 -7.00
N GLN A 30 -5.96 -4.28 -8.20
CA GLN A 30 -4.78 -4.50 -9.03
C GLN A 30 -4.18 -3.16 -9.47
N GLN A 31 -4.32 -2.16 -8.60
CA GLN A 31 -3.76 -0.84 -8.85
C GLN A 31 -3.08 -0.33 -7.57
N SER A 32 -2.87 0.97 -7.48
CA SER A 32 -2.19 1.54 -6.32
C SER A 32 -3.22 2.05 -5.31
N PHE A 33 -3.16 1.50 -4.09
CA PHE A 33 -4.08 1.92 -3.03
C PHE A 33 -3.35 1.93 -1.69
N ILE A 34 -3.99 2.47 -0.65
CA ILE A 34 -3.38 2.55 0.66
C ILE A 34 -4.22 1.82 1.69
N LEU A 35 -3.63 0.85 2.36
CA LEU A 35 -4.35 0.08 3.37
C LEU A 35 -3.81 0.39 4.76
N MET A 36 -4.72 0.67 5.68
CA MET A 36 -4.37 0.87 7.07
C MET A 36 -5.37 0.12 7.95
N PRO A 37 -4.97 -0.22 9.19
CA PRO A 37 -5.87 -0.89 10.15
C PRO A 37 -6.96 0.05 10.67
N ASP A 38 -6.97 1.28 10.16
CA ASP A 38 -7.96 2.27 10.55
C ASP A 38 -8.99 2.46 9.45
N GLU A 39 -8.50 2.70 8.23
CA GLU A 39 -9.38 2.87 7.07
C GLU A 39 -8.67 2.38 5.82
N LEU A 40 -9.43 2.25 4.74
CA LEU A 40 -8.87 1.87 3.45
C LEU A 40 -8.96 3.03 2.49
N VAL A 41 -7.82 3.43 1.94
CA VAL A 41 -7.78 4.48 0.93
C VAL A 41 -8.05 3.87 -0.43
N GLU A 42 -9.33 3.90 -0.81
CA GLU A 42 -9.79 3.36 -2.07
C GLU A 42 -9.60 4.39 -3.18
N HIS A 43 -9.67 5.65 -2.81
CA HIS A 43 -9.52 6.74 -3.76
C HIS A 43 -8.13 7.34 -3.67
N TRP A 44 -7.22 6.78 -4.45
CA TRP A 44 -5.88 7.33 -4.54
C TRP A 44 -5.59 7.67 -6.00
N PRO A 45 -5.23 8.94 -6.27
CA PRO A 45 -5.00 9.44 -7.64
C PRO A 45 -3.72 8.90 -8.29
N VAL A 46 -3.39 7.65 -8.00
CA VAL A 46 -2.20 7.02 -8.56
C VAL A 46 -2.57 5.68 -9.20
N PRO A 47 -2.66 5.63 -10.54
CA PRO A 47 -2.93 4.39 -11.26
C PRO A 47 -1.76 3.42 -11.16
N SER A 48 -0.55 3.94 -11.38
CA SER A 48 0.65 3.13 -11.32
C SER A 48 1.81 3.95 -10.75
N LEU A 49 2.87 3.26 -10.36
CA LEU A 49 4.05 3.89 -9.78
C LEU A 49 4.75 4.83 -10.77
N GLY A 50 4.37 4.72 -12.04
CA GLY A 50 5.02 5.48 -13.09
C GLY A 50 4.85 6.99 -12.94
N GLN A 51 3.83 7.42 -12.22
CA GLN A 51 3.58 8.86 -12.07
C GLN A 51 3.51 9.25 -10.59
N LEU A 52 4.25 8.54 -9.74
CA LEU A 52 4.26 8.87 -8.32
C LEU A 52 5.07 10.14 -8.07
N GLN A 53 4.37 11.17 -7.61
CA GLN A 53 4.98 12.46 -7.34
C GLN A 53 4.38 13.05 -6.06
N PRO A 54 5.05 14.05 -5.45
CA PRO A 54 4.57 14.68 -4.21
C PRO A 54 3.10 15.08 -4.25
N ALA A 55 2.64 15.53 -5.42
CA ALA A 55 1.24 15.95 -5.60
C ALA A 55 0.27 14.80 -5.34
N HIS A 56 0.77 13.57 -5.32
CA HIS A 56 -0.07 12.40 -5.07
C HIS A 56 0.36 11.67 -3.80
N MET A 57 1.57 11.93 -3.34
CA MET A 57 2.12 11.24 -2.18
C MET A 57 1.85 12.04 -0.90
N ASP A 58 1.50 13.31 -1.07
CA ASP A 58 1.28 14.22 0.05
C ASP A 58 0.25 13.66 1.02
N ALA A 59 -0.84 13.12 0.47
CA ALA A 59 -1.91 12.56 1.29
C ALA A 59 -1.39 11.43 2.17
N VAL A 60 -0.51 10.60 1.62
CA VAL A 60 0.03 9.45 2.34
C VAL A 60 0.83 9.92 3.56
N LEU A 61 1.59 10.99 3.37
CA LEU A 61 2.43 11.53 4.42
C LEU A 61 1.59 12.34 5.41
N ALA A 62 0.55 12.99 4.89
CA ALA A 62 -0.34 13.79 5.72
C ALA A 62 -1.12 12.93 6.71
N LEU A 63 -1.30 11.66 6.38
CA LEU A 63 -2.00 10.72 7.25
C LEU A 63 -1.16 10.39 8.50
N ASN A 64 0.08 10.86 8.51
CA ASN A 64 0.99 10.72 9.65
C ASN A 64 1.29 9.26 9.97
N PRO A 65 2.17 8.62 9.18
CA PRO A 65 2.68 7.29 9.44
C PRO A 65 4.07 7.32 10.09
N ALA A 66 4.46 6.21 10.70
CA ALA A 66 5.80 6.08 11.27
C ALA A 66 6.67 5.28 10.32
N VAL A 67 6.06 4.28 9.70
CA VAL A 67 6.75 3.44 8.73
C VAL A 67 5.80 3.14 7.56
N ILE A 68 6.30 3.28 6.35
CA ILE A 68 5.51 3.04 5.16
C ILE A 68 6.04 1.85 4.39
N LEU A 69 5.18 0.87 4.17
CA LEU A 69 5.53 -0.30 3.39
C LEU A 69 5.08 -0.09 1.96
N LEU A 70 6.03 0.15 1.08
CA LEU A 70 5.73 0.41 -0.31
C LEU A 70 5.88 -0.86 -1.13
N GLY A 71 4.75 -1.43 -1.53
CA GLY A 71 4.77 -2.58 -2.38
C GLY A 71 4.75 -2.18 -3.83
N THR A 72 5.72 -2.65 -4.60
CA THR A 72 5.82 -2.30 -6.00
C THR A 72 5.41 -3.47 -6.89
N GLY A 73 4.49 -4.28 -6.39
CA GLY A 73 4.08 -5.47 -7.12
C GLY A 73 5.19 -6.47 -7.27
N GLU A 74 5.80 -6.48 -8.45
CA GLU A 74 6.91 -7.39 -8.76
C GLU A 74 8.10 -6.60 -9.31
N ARG A 75 7.85 -5.35 -9.66
CA ARG A 75 8.85 -4.54 -10.33
C ARG A 75 9.58 -3.68 -9.31
N GLN A 76 10.89 -3.87 -9.18
CA GLN A 76 11.65 -3.04 -8.27
C GLN A 76 11.95 -1.70 -8.92
N GLN A 77 11.12 -0.72 -8.64
CA GLN A 77 11.28 0.62 -9.17
C GLN A 77 11.28 1.62 -8.04
N PHE A 78 11.97 2.74 -8.23
CA PHE A 78 12.05 3.76 -7.20
C PHE A 78 11.36 5.03 -7.68
N PRO A 79 10.60 5.68 -6.78
CA PRO A 79 9.90 6.93 -7.10
C PRO A 79 10.87 8.09 -7.28
N SER A 80 10.34 9.24 -7.70
CA SER A 80 11.15 10.42 -7.91
C SER A 80 11.79 10.87 -6.61
N THR A 81 12.96 11.50 -6.71
CA THR A 81 13.69 11.99 -5.55
C THR A 81 12.85 12.97 -4.74
N ASP A 82 11.93 13.65 -5.41
CA ASP A 82 11.02 14.58 -4.77
C ASP A 82 10.15 13.86 -3.74
N VAL A 83 9.68 12.67 -4.10
CA VAL A 83 8.87 11.85 -3.22
C VAL A 83 9.70 11.36 -2.04
N LEU A 84 10.92 10.95 -2.33
CA LEU A 84 11.84 10.44 -1.31
C LEU A 84 12.12 11.51 -0.26
N ALA A 85 12.45 12.71 -0.73
CA ALA A 85 12.78 13.83 0.16
C ALA A 85 11.59 14.16 1.06
N ALA A 86 10.38 14.09 0.51
CA ALA A 86 9.18 14.40 1.26
C ALA A 86 8.96 13.42 2.41
N CYS A 87 9.45 12.20 2.23
CA CYS A 87 9.31 11.17 3.26
C CYS A 87 10.47 11.25 4.25
N LEU A 88 11.67 11.49 3.73
CA LEU A 88 12.87 11.54 4.55
C LEU A 88 12.85 12.72 5.52
N THR A 89 12.33 13.85 5.06
CA THR A 89 12.25 15.04 5.90
C THR A 89 11.36 14.80 7.12
N ARG A 90 10.36 13.94 6.95
CA ARG A 90 9.44 13.61 8.02
C ARG A 90 9.98 12.48 8.88
N GLY A 91 11.14 11.95 8.51
CA GLY A 91 11.76 10.87 9.26
C GLY A 91 10.94 9.59 9.22
N ILE A 92 10.23 9.38 8.12
CA ILE A 92 9.40 8.21 7.98
C ILE A 92 10.16 7.10 7.26
N GLY A 93 10.12 5.90 7.82
CA GLY A 93 10.80 4.76 7.23
C GLY A 93 10.06 4.24 6.01
N LEU A 94 10.65 4.43 4.84
CA LEU A 94 10.02 4.00 3.60
C LEU A 94 10.66 2.70 3.11
N GLU A 95 9.94 1.60 3.25
CA GLU A 95 10.44 0.30 2.83
C GLU A 95 9.85 -0.07 1.47
N ALA A 96 10.68 -0.04 0.44
CA ALA A 96 10.24 -0.37 -0.91
C ALA A 96 10.53 -1.84 -1.21
N MET A 97 9.46 -2.62 -1.32
CA MET A 97 9.58 -4.06 -1.52
C MET A 97 8.49 -4.56 -2.46
N THR A 98 8.51 -5.84 -2.77
CA THR A 98 7.48 -6.45 -3.59
C THR A 98 6.28 -6.81 -2.71
N ASN A 99 5.14 -7.10 -3.33
CA ASN A 99 3.93 -7.40 -2.58
C ASN A 99 4.10 -8.62 -1.68
N ALA A 100 4.97 -9.54 -2.11
CA ALA A 100 5.24 -10.74 -1.34
C ALA A 100 5.84 -10.41 0.03
N ALA A 101 6.80 -9.50 0.03
CA ALA A 101 7.49 -9.12 1.25
C ALA A 101 6.67 -8.12 2.05
N ALA A 102 6.02 -7.20 1.35
CA ALA A 102 5.24 -6.15 1.99
C ALA A 102 4.14 -6.71 2.90
N ALA A 103 3.42 -7.70 2.39
CA ALA A 103 2.33 -8.32 3.15
C ALA A 103 2.86 -8.98 4.42
N ARG A 104 4.01 -9.63 4.30
CA ARG A 104 4.63 -10.31 5.43
C ARG A 104 5.05 -9.31 6.50
N THR A 105 5.71 -8.24 6.07
CA THR A 105 6.18 -7.22 7.00
C THR A 105 5.03 -6.47 7.64
N TYR A 106 3.91 -6.36 6.92
CA TYR A 106 2.74 -5.65 7.42
C TYR A 106 2.19 -6.31 8.68
N ASN A 107 2.05 -7.62 8.63
CA ASN A 107 1.51 -8.37 9.76
C ASN A 107 2.40 -8.19 10.99
N VAL A 108 3.71 -8.28 10.78
CA VAL A 108 4.67 -8.15 11.87
C VAL A 108 4.62 -6.75 12.49
N LEU A 109 4.64 -5.73 11.64
CA LEU A 109 4.65 -4.34 12.12
C LEU A 109 3.33 -3.97 12.77
N ALA A 110 2.24 -4.59 12.31
CA ALA A 110 0.92 -4.36 12.88
C ALA A 110 0.88 -4.85 14.33
N SER A 111 1.43 -6.03 14.57
CA SER A 111 1.47 -6.61 15.91
C SER A 111 2.55 -5.95 16.77
N GLU A 112 3.51 -5.30 16.12
CA GLU A 112 4.57 -4.61 16.83
C GLU A 112 4.00 -3.37 17.53
N GLY A 113 2.92 -2.84 16.97
CA GLY A 113 2.29 -1.67 17.56
C GLY A 113 2.90 -0.38 17.05
N ARG A 114 2.96 -0.23 15.74
CA ARG A 114 3.54 0.95 15.14
C ARG A 114 2.60 1.51 14.07
N ARG A 115 2.71 2.81 13.80
CA ARG A 115 1.92 3.44 12.76
C ARG A 115 2.43 3.03 11.38
N VAL A 116 1.97 1.88 10.91
CA VAL A 116 2.39 1.37 9.62
C VAL A 116 1.39 1.78 8.53
N ALA A 117 1.92 2.28 7.42
CA ALA A 117 1.12 2.63 6.28
C ALA A 117 1.44 1.71 5.12
N LEU A 118 0.46 0.90 4.72
CA LEU A 118 0.68 -0.04 3.64
C LEU A 118 0.33 0.60 2.31
N ALA A 119 1.35 1.07 1.60
CA ALA A 119 1.17 1.60 0.26
C ALA A 119 1.27 0.47 -0.73
N MET A 120 0.14 -0.12 -1.05
CA MET A 120 0.11 -1.35 -1.84
C MET A 120 -0.07 -1.02 -3.31
N ILE A 121 1.03 -1.03 -4.05
CA ILE A 121 0.98 -0.83 -5.49
C ILE A 121 1.12 -2.18 -6.18
N VAL A 122 0.13 -2.52 -6.97
CA VAL A 122 0.12 -3.80 -7.67
C VAL A 122 0.83 -3.67 -9.02
N GLY A 123 1.42 -4.76 -9.49
CA GLY A 123 2.14 -4.76 -10.74
C GLY A 123 1.25 -4.38 -11.91
N GLY A 124 1.73 -3.44 -12.72
CA GLY A 124 0.95 -2.97 -13.85
C GLY A 124 0.68 -4.04 -14.88
N LEU A 125 -0.55 -4.05 -15.39
CA LEU A 125 -0.96 -5.01 -16.41
C LEU A 125 -0.09 -4.88 -17.66
N GLU A 126 0.30 -3.65 -17.97
CA GLU A 126 1.14 -3.40 -19.13
C GLU A 126 2.55 -3.91 -18.92
N HIS A 127 3.12 -4.42 -20.00
CA HIS A 127 4.46 -4.98 -19.98
C HIS A 127 5.11 -4.79 -21.35
N HIS A 128 4.29 -4.92 -22.40
CA HIS A 128 4.78 -4.83 -23.78
C HIS A 128 5.85 -5.87 -24.03
N HIS A 129 6.62 -5.71 -25.09
CA HIS A 129 7.69 -6.65 -25.39
C HIS A 129 9.06 -5.98 -25.24
N HIS A 130 9.33 -5.00 -26.09
CA HIS A 130 10.59 -4.28 -26.02
C HIS A 130 10.35 -2.78 -25.87
N HIS A 131 10.26 -2.32 -24.62
CA HIS A 131 10.15 -0.89 -24.35
C HIS A 131 11.51 -0.24 -24.57
N HIS A 132 12.55 -1.07 -24.47
CA HIS A 132 13.90 -0.68 -24.80
C HIS A 132 14.59 -1.84 -25.50
N MET A 1 -28.82 5.46 10.59
CA MET A 1 -28.79 4.60 9.38
C MET A 1 -29.17 3.17 9.75
N PRO A 2 -29.80 2.43 8.82
CA PRO A 2 -30.21 1.04 9.03
C PRO A 2 -29.03 0.06 8.99
N LEU A 3 -27.94 0.42 9.65
CA LEU A 3 -26.77 -0.45 9.72
C LEU A 3 -26.98 -1.49 10.82
N ASN A 4 -27.38 -2.68 10.43
CA ASN A 4 -27.70 -3.72 11.38
C ASN A 4 -26.55 -4.70 11.53
N GLN A 5 -25.96 -5.09 10.41
CA GLN A 5 -24.87 -6.06 10.43
C GLN A 5 -23.53 -5.36 10.66
N GLU A 6 -22.81 -5.80 11.68
CA GLU A 6 -21.46 -5.33 11.94
C GLU A 6 -20.56 -5.77 10.79
N HIS A 7 -19.60 -4.92 10.42
CA HIS A 7 -18.64 -5.30 9.40
C HIS A 7 -17.81 -6.48 9.88
N PRO A 8 -17.82 -7.58 9.09
CA PRO A 8 -17.17 -8.84 9.46
C PRO A 8 -15.80 -8.67 10.09
N ASP A 9 -15.68 -9.14 11.32
CA ASP A 9 -14.42 -9.04 12.06
C ASP A 9 -13.46 -10.12 11.60
N TYR A 10 -12.48 -9.71 10.81
CA TYR A 10 -11.43 -10.60 10.36
C TYR A 10 -10.19 -9.77 10.08
N THR A 11 -9.12 -10.05 10.82
CA THR A 11 -7.89 -9.30 10.70
C THR A 11 -7.33 -9.37 9.27
N TYR A 12 -7.41 -8.26 8.56
CA TYR A 12 -6.94 -8.19 7.19
C TYR A 12 -5.41 -8.15 7.14
N ALA A 13 -4.82 -9.24 6.70
CA ALA A 13 -3.38 -9.34 6.56
C ALA A 13 -3.03 -9.82 5.14
N LEU A 14 -3.97 -9.60 4.22
CA LEU A 14 -3.84 -10.05 2.83
C LEU A 14 -3.90 -11.57 2.74
N ARG A 15 -3.88 -12.10 1.53
CA ARG A 15 -3.92 -13.54 1.30
C ARG A 15 -3.51 -13.86 -0.12
N ALA A 16 -4.36 -13.50 -1.08
CA ALA A 16 -4.11 -13.81 -2.47
C ALA A 16 -3.52 -12.59 -3.19
N ALA A 17 -2.20 -12.51 -3.21
CA ALA A 17 -1.51 -11.42 -3.87
C ALA A 17 -0.25 -11.94 -4.55
N ASP A 18 0.00 -11.46 -5.75
CA ASP A 18 1.20 -11.84 -6.49
C ASP A 18 1.95 -10.60 -6.95
N GLY A 19 1.19 -9.62 -7.41
CA GLY A 19 1.77 -8.44 -8.00
C GLY A 19 0.91 -7.90 -9.10
N ARG A 20 0.28 -8.80 -9.85
CA ARG A 20 -0.64 -8.41 -10.90
C ARG A 20 -2.08 -8.40 -10.39
N HIS A 21 -2.30 -9.02 -9.22
CA HIS A 21 -3.58 -8.93 -8.55
C HIS A 21 -3.37 -8.94 -7.04
N ALA A 22 -4.39 -8.47 -6.32
CA ALA A 22 -4.35 -8.46 -4.86
C ALA A 22 -5.76 -8.57 -4.30
N LYS A 23 -6.03 -9.67 -3.60
CA LYS A 23 -7.34 -9.87 -3.00
C LYS A 23 -7.29 -9.54 -1.51
N VAL A 24 -7.84 -8.40 -1.15
CA VAL A 24 -7.86 -7.96 0.23
C VAL A 24 -9.10 -8.48 0.92
N ASN A 25 -8.99 -9.68 1.50
CA ASN A 25 -10.09 -10.34 2.19
C ASN A 25 -11.27 -10.60 1.24
N GLU A 26 -12.19 -9.63 1.17
CA GLU A 26 -13.40 -9.79 0.37
C GLU A 26 -13.33 -9.02 -0.94
N GLN A 27 -12.43 -8.05 -1.03
CA GLN A 27 -12.35 -7.21 -2.23
C GLN A 27 -11.08 -7.47 -3.01
N ILE A 28 -11.23 -7.80 -4.28
CA ILE A 28 -10.10 -7.96 -5.17
C ILE A 28 -9.73 -6.62 -5.77
N LEU A 29 -8.66 -6.03 -5.27
CA LEU A 29 -8.27 -4.69 -5.69
C LEU A 29 -7.09 -4.76 -6.64
N GLN A 30 -7.38 -4.65 -7.92
CA GLN A 30 -6.33 -4.62 -8.94
C GLN A 30 -6.06 -3.17 -9.31
N GLN A 31 -5.53 -2.44 -8.35
CA GLN A 31 -5.29 -1.01 -8.48
C GLN A 31 -4.24 -0.57 -7.47
N SER A 32 -4.14 0.73 -7.26
CA SER A 32 -3.26 1.27 -6.24
C SER A 32 -4.10 1.80 -5.08
N PHE A 33 -3.80 1.34 -3.87
CA PHE A 33 -4.59 1.71 -2.71
C PHE A 33 -3.73 1.83 -1.47
N ILE A 34 -4.24 2.51 -0.46
CA ILE A 34 -3.54 2.70 0.80
C ILE A 34 -4.24 1.96 1.91
N LEU A 35 -3.57 0.99 2.52
CA LEU A 35 -4.14 0.20 3.58
C LEU A 35 -3.58 0.62 4.93
N MET A 36 -4.46 1.09 5.81
CA MET A 36 -4.11 1.42 7.17
C MET A 36 -4.86 0.50 8.11
N PRO A 37 -4.30 0.21 9.30
CA PRO A 37 -4.90 -0.73 10.27
C PRO A 37 -6.15 -0.15 10.97
N ASP A 38 -6.97 0.57 10.21
CA ASP A 38 -8.21 1.14 10.73
C ASP A 38 -9.02 1.75 9.59
N GLU A 39 -8.33 2.29 8.59
CA GLU A 39 -8.99 2.93 7.46
C GLU A 39 -8.39 2.45 6.15
N LEU A 40 -9.23 2.27 5.15
CA LEU A 40 -8.78 1.84 3.84
C LEU A 40 -9.07 2.92 2.79
N VAL A 41 -8.02 3.35 2.11
CA VAL A 41 -8.16 4.26 0.99
C VAL A 41 -8.10 3.47 -0.30
N GLU A 42 -9.27 3.23 -0.88
CA GLU A 42 -9.38 2.35 -2.03
C GLU A 42 -8.94 3.02 -3.32
N HIS A 43 -9.18 4.32 -3.42
CA HIS A 43 -8.92 5.03 -4.66
C HIS A 43 -7.71 5.95 -4.55
N TRP A 44 -6.55 5.42 -4.92
CA TRP A 44 -5.33 6.22 -4.98
C TRP A 44 -4.62 5.93 -6.31
N PRO A 45 -5.06 6.60 -7.39
CA PRO A 45 -4.54 6.35 -8.74
C PRO A 45 -3.08 6.76 -8.91
N VAL A 46 -2.17 5.82 -8.65
CA VAL A 46 -0.75 6.02 -8.86
C VAL A 46 -0.14 4.79 -9.52
N PRO A 47 0.09 4.86 -10.84
CA PRO A 47 0.66 3.76 -11.61
C PRO A 47 2.17 3.64 -11.43
N SER A 48 2.59 2.70 -10.59
CA SER A 48 4.01 2.42 -10.35
C SER A 48 4.71 3.63 -9.73
N LEU A 49 6.03 3.56 -9.64
CA LEU A 49 6.81 4.69 -9.18
C LEU A 49 7.22 5.54 -10.38
N GLY A 50 7.63 6.77 -10.11
CA GLY A 50 7.96 7.68 -11.20
C GLY A 50 7.33 9.04 -10.99
N GLN A 51 6.02 9.13 -11.22
CA GLN A 51 5.32 10.39 -11.01
C GLN A 51 4.86 10.53 -9.56
N LEU A 52 5.39 9.66 -8.71
CA LEU A 52 5.11 9.73 -7.29
C LEU A 52 5.88 10.88 -6.67
N GLN A 53 5.15 11.87 -6.20
CA GLN A 53 5.73 13.06 -5.60
C GLN A 53 4.87 13.51 -4.44
N PRO A 54 5.36 14.43 -3.58
CA PRO A 54 4.60 14.95 -2.44
C PRO A 54 3.23 15.50 -2.83
N ALA A 55 3.09 15.89 -4.10
CA ALA A 55 1.83 16.40 -4.62
C ALA A 55 0.79 15.29 -4.75
N HIS A 56 1.26 14.08 -5.03
CA HIS A 56 0.36 12.94 -5.23
C HIS A 56 0.34 12.07 -3.97
N MET A 57 1.41 12.18 -3.18
CA MET A 57 1.54 11.40 -1.95
C MET A 57 1.07 12.24 -0.76
N ASP A 58 0.54 13.42 -1.06
CA ASP A 58 0.10 14.39 -0.04
C ASP A 58 -0.80 13.74 1.01
N ALA A 59 -1.80 13.00 0.54
CA ALA A 59 -2.75 12.33 1.43
C ALA A 59 -2.01 11.42 2.41
N VAL A 60 -1.03 10.69 1.91
CA VAL A 60 -0.26 9.75 2.74
C VAL A 60 0.46 10.50 3.86
N LEU A 61 1.07 11.62 3.51
CA LEU A 61 1.82 12.43 4.47
C LEU A 61 0.88 13.06 5.49
N ALA A 62 -0.35 13.35 5.06
CA ALA A 62 -1.33 13.99 5.92
C ALA A 62 -1.95 13.01 6.90
N LEU A 63 -1.90 11.72 6.57
CA LEU A 63 -2.49 10.69 7.41
C LEU A 63 -1.62 10.38 8.62
N ASN A 64 -0.43 10.97 8.65
CA ASN A 64 0.53 10.77 9.75
C ASN A 64 1.06 9.33 9.76
N PRO A 65 2.06 9.06 8.92
CA PRO A 65 2.72 7.77 8.87
C PRO A 65 4.02 7.71 9.68
N ALA A 66 4.25 6.59 10.34
CA ALA A 66 5.51 6.37 11.03
C ALA A 66 6.43 5.52 10.16
N VAL A 67 5.82 4.60 9.42
CA VAL A 67 6.53 3.75 8.48
C VAL A 67 5.67 3.51 7.25
N ILE A 68 6.25 3.69 6.09
CA ILE A 68 5.52 3.55 4.84
C ILE A 68 6.08 2.38 4.04
N LEU A 69 5.22 1.47 3.64
CA LEU A 69 5.62 0.31 2.87
C LEU A 69 5.06 0.40 1.46
N LEU A 70 5.95 0.42 0.48
CA LEU A 70 5.55 0.46 -0.91
C LEU A 70 5.61 -0.94 -1.51
N GLY A 71 4.49 -1.38 -2.08
CA GLY A 71 4.48 -2.66 -2.76
C GLY A 71 4.24 -2.47 -4.24
N THR A 72 5.30 -2.59 -5.02
CA THR A 72 5.19 -2.39 -6.46
C THR A 72 5.09 -3.71 -7.21
N GLY A 73 3.98 -4.41 -7.01
CA GLY A 73 3.79 -5.69 -7.67
C GLY A 73 4.83 -6.72 -7.26
N GLU A 74 5.41 -7.39 -8.24
CA GLU A 74 6.45 -8.38 -8.00
C GLU A 74 7.76 -7.93 -8.65
N ARG A 75 7.97 -6.62 -8.69
CA ARG A 75 9.21 -6.06 -9.21
C ARG A 75 9.59 -4.83 -8.41
N GLN A 76 10.85 -4.75 -8.02
CA GLN A 76 11.32 -3.66 -7.20
C GLN A 76 11.61 -2.43 -8.07
N GLN A 77 11.13 -1.28 -7.62
CA GLN A 77 11.32 -0.03 -8.34
C GLN A 77 12.01 0.99 -7.45
N PHE A 78 12.58 2.03 -8.05
CA PHE A 78 13.25 3.07 -7.28
C PHE A 78 12.34 4.27 -7.10
N PRO A 79 12.10 4.68 -5.85
CA PRO A 79 11.26 5.83 -5.53
C PRO A 79 11.84 7.13 -6.09
N SER A 80 10.95 8.03 -6.48
CA SER A 80 11.36 9.33 -6.99
C SER A 80 12.12 10.13 -5.94
N THR A 81 13.10 10.90 -6.38
CA THR A 81 13.95 11.68 -5.49
C THR A 81 13.14 12.66 -4.65
N ASP A 82 12.03 13.13 -5.20
CA ASP A 82 11.13 14.04 -4.48
C ASP A 82 10.60 13.37 -3.21
N VAL A 83 10.20 12.11 -3.33
CA VAL A 83 9.69 11.35 -2.20
C VAL A 83 10.80 11.08 -1.19
N LEU A 84 11.99 10.76 -1.71
CA LEU A 84 13.15 10.48 -0.87
C LEU A 84 13.48 11.69 0.01
N ALA A 85 13.40 12.87 -0.59
CA ALA A 85 13.67 14.11 0.13
C ALA A 85 12.70 14.28 1.31
N ALA A 86 11.41 14.13 1.02
CA ALA A 86 10.39 14.26 2.06
C ALA A 86 10.56 13.20 3.13
N CYS A 87 10.86 11.97 2.70
CA CYS A 87 11.09 10.85 3.59
C CYS A 87 12.21 11.17 4.60
N LEU A 88 13.36 11.54 4.08
CA LEU A 88 14.55 11.77 4.91
C LEU A 88 14.39 13.00 5.79
N THR A 89 13.77 14.04 5.24
CA THR A 89 13.63 15.30 5.95
C THR A 89 12.69 15.16 7.16
N ARG A 90 11.62 14.40 7.01
CA ARG A 90 10.66 14.25 8.10
C ARG A 90 11.04 13.09 9.00
N GLY A 91 11.76 12.11 8.46
CA GLY A 91 12.17 10.98 9.26
C GLY A 91 11.12 9.90 9.30
N ILE A 92 10.64 9.51 8.13
CA ILE A 92 9.64 8.47 8.02
C ILE A 92 10.19 7.31 7.22
N GLY A 93 10.18 6.12 7.81
CA GLY A 93 10.70 4.94 7.13
C GLY A 93 9.98 4.68 5.82
N LEU A 94 10.75 4.52 4.75
CA LEU A 94 10.17 4.31 3.43
C LEU A 94 10.78 3.07 2.79
N GLU A 95 10.04 1.96 2.86
CA GLU A 95 10.54 0.70 2.32
C GLU A 95 9.81 0.34 1.04
N ALA A 96 10.53 0.37 -0.06
CA ALA A 96 9.98 -0.05 -1.35
C ALA A 96 10.30 -1.52 -1.59
N MET A 97 9.25 -2.32 -1.67
CA MET A 97 9.39 -3.76 -1.86
C MET A 97 8.29 -4.28 -2.77
N THR A 98 8.15 -5.59 -2.80
CA THR A 98 7.08 -6.23 -3.55
C THR A 98 5.87 -6.44 -2.65
N ASN A 99 4.74 -6.81 -3.25
CA ASN A 99 3.52 -7.04 -2.48
C ASN A 99 3.70 -8.18 -1.50
N ALA A 100 4.39 -9.23 -1.96
CA ALA A 100 4.65 -10.39 -1.12
C ALA A 100 5.57 -10.04 0.05
N ALA A 101 6.61 -9.26 -0.23
CA ALA A 101 7.57 -8.88 0.79
C ALA A 101 6.94 -7.93 1.80
N ALA A 102 6.11 -7.01 1.31
CA ALA A 102 5.44 -6.05 2.17
C ALA A 102 4.45 -6.74 3.10
N ALA A 103 3.83 -7.81 2.61
CA ALA A 103 2.88 -8.58 3.40
C ALA A 103 3.52 -9.18 4.64
N ARG A 104 4.77 -9.64 4.51
CA ARG A 104 5.48 -10.24 5.62
C ARG A 104 5.73 -9.20 6.72
N THR A 105 6.18 -8.03 6.31
CA THR A 105 6.45 -6.95 7.25
C THR A 105 5.16 -6.42 7.86
N TYR A 106 4.09 -6.47 7.06
CA TYR A 106 2.78 -5.97 7.47
C TYR A 106 2.23 -6.75 8.65
N ASN A 107 2.31 -8.08 8.62
CA ASN A 107 1.77 -8.90 9.70
C ASN A 107 2.51 -8.64 11.01
N VAL A 108 3.78 -8.22 10.90
CA VAL A 108 4.57 -7.89 12.06
C VAL A 108 4.17 -6.52 12.61
N LEU A 109 4.07 -5.55 11.72
CA LEU A 109 3.71 -4.18 12.10
C LEU A 109 2.30 -4.11 12.65
N ALA A 110 1.48 -5.11 12.33
CA ALA A 110 0.15 -5.22 12.89
C ALA A 110 0.23 -5.37 14.40
N SER A 111 1.13 -6.22 14.87
CA SER A 111 1.33 -6.43 16.30
C SER A 111 1.97 -5.21 16.93
N GLU A 112 2.80 -4.51 16.17
CA GLU A 112 3.41 -3.29 16.61
C GLU A 112 2.35 -2.22 16.88
N GLY A 113 1.32 -2.22 16.03
CA GLY A 113 0.23 -1.26 16.20
C GLY A 113 0.65 0.15 15.84
N ARG A 114 1.69 0.27 15.04
CA ARG A 114 2.24 1.57 14.68
C ARG A 114 1.53 2.11 13.45
N ARG A 115 1.69 3.39 13.18
CA ARG A 115 1.12 4.01 12.00
C ARG A 115 1.86 3.57 10.75
N VAL A 116 1.44 2.45 10.20
CA VAL A 116 2.01 1.93 8.97
C VAL A 116 1.15 2.31 7.78
N ALA A 117 1.78 2.85 6.75
CA ALA A 117 1.09 3.19 5.52
C ALA A 117 1.44 2.18 4.45
N LEU A 118 0.58 1.19 4.26
CA LEU A 118 0.82 0.16 3.28
C LEU A 118 0.24 0.58 1.93
N ALA A 119 1.11 1.03 1.04
CA ALA A 119 0.69 1.47 -0.27
C ALA A 119 0.92 0.36 -1.28
N MET A 120 -0.14 -0.37 -1.59
CA MET A 120 -0.06 -1.48 -2.53
C MET A 120 -0.35 -1.00 -3.94
N ILE A 121 0.61 -1.17 -4.81
CA ILE A 121 0.45 -0.83 -6.22
C ILE A 121 0.46 -2.10 -7.05
N VAL A 122 -0.64 -2.34 -7.75
CA VAL A 122 -0.76 -3.54 -8.56
C VAL A 122 -0.19 -3.31 -9.95
N GLY A 123 0.87 -4.05 -10.27
CA GLY A 123 1.52 -3.91 -11.55
C GLY A 123 1.01 -4.92 -12.55
N GLY A 124 -0.18 -4.68 -13.04
CA GLY A 124 -0.80 -5.55 -14.02
C GLY A 124 -2.09 -4.96 -14.52
N LEU A 125 -2.03 -3.70 -14.90
CA LEU A 125 -3.22 -2.96 -15.28
C LEU A 125 -3.45 -2.99 -16.78
N GLU A 126 -4.31 -3.90 -17.22
CA GLU A 126 -4.74 -3.93 -18.62
C GLU A 126 -5.71 -2.77 -18.84
N HIS A 127 -5.26 -1.74 -19.54
CA HIS A 127 -6.04 -0.51 -19.65
C HIS A 127 -6.07 0.02 -21.09
N HIS A 128 -7.29 0.22 -21.58
CA HIS A 128 -7.52 0.86 -22.87
C HIS A 128 -6.79 0.14 -24.00
N HIS A 129 -6.90 -1.18 -24.02
CA HIS A 129 -6.26 -1.97 -25.06
C HIS A 129 -7.17 -2.02 -26.28
N HIS A 130 -6.88 -1.17 -27.25
CA HIS A 130 -7.76 -1.01 -28.41
C HIS A 130 -7.17 -1.65 -29.66
N HIS A 131 -5.86 -1.76 -29.70
CA HIS A 131 -5.20 -2.37 -30.85
C HIS A 131 -4.85 -3.82 -30.55
N HIS A 132 -5.29 -4.71 -31.41
CA HIS A 132 -5.02 -6.13 -31.25
C HIS A 132 -4.59 -6.73 -32.59
N MET A 1 -28.60 -5.64 1.11
CA MET A 1 -27.51 -6.42 1.72
C MET A 1 -28.05 -7.75 2.26
N PRO A 2 -27.28 -8.84 2.10
CA PRO A 2 -27.67 -10.14 2.62
C PRO A 2 -27.26 -10.31 4.08
N LEU A 3 -28.22 -10.16 4.98
CA LEU A 3 -27.98 -10.37 6.39
C LEU A 3 -28.08 -11.85 6.71
N ASN A 4 -27.09 -12.60 6.25
CA ASN A 4 -27.09 -14.04 6.36
C ASN A 4 -26.30 -14.49 7.59
N GLN A 5 -25.03 -14.09 7.65
CA GLN A 5 -24.15 -14.49 8.73
C GLN A 5 -24.09 -13.43 9.81
N GLU A 6 -24.59 -13.75 11.00
CA GLU A 6 -24.47 -12.85 12.13
C GLU A 6 -23.06 -12.98 12.70
N HIS A 7 -22.54 -11.87 13.24
CA HIS A 7 -21.14 -11.79 13.65
C HIS A 7 -20.24 -11.95 12.42
N PRO A 8 -19.94 -10.85 11.73
CA PRO A 8 -19.19 -10.87 10.47
C PRO A 8 -17.70 -11.09 10.67
N ASP A 9 -16.95 -10.87 9.61
CA ASP A 9 -15.50 -11.03 9.64
C ASP A 9 -14.83 -9.70 9.98
N TYR A 10 -13.55 -9.74 10.30
CA TYR A 10 -12.79 -8.53 10.62
C TYR A 10 -12.71 -7.61 9.40
N THR A 11 -12.88 -8.20 8.21
CA THR A 11 -12.91 -7.50 6.92
C THR A 11 -11.57 -6.89 6.51
N TYR A 12 -10.85 -6.29 7.45
CA TYR A 12 -9.52 -5.76 7.18
C TYR A 12 -8.49 -6.88 7.19
N ALA A 13 -8.41 -7.61 6.08
CA ALA A 13 -7.47 -8.71 5.95
C ALA A 13 -7.08 -8.92 4.49
N LEU A 14 -5.78 -8.90 4.23
CA LEU A 14 -5.28 -9.15 2.89
C LEU A 14 -5.10 -10.66 2.71
N ARG A 15 -6.05 -11.27 2.01
CA ARG A 15 -6.15 -12.72 1.96
C ARG A 15 -5.13 -13.32 0.98
N ALA A 16 -4.84 -12.59 -0.09
CA ALA A 16 -3.89 -13.06 -1.09
C ALA A 16 -3.34 -11.90 -1.91
N ALA A 17 -2.19 -12.11 -2.52
CA ALA A 17 -1.57 -11.12 -3.37
C ALA A 17 -0.56 -11.79 -4.31
N ASP A 18 -0.92 -11.84 -5.59
CA ASP A 18 -0.08 -12.54 -6.58
C ASP A 18 0.89 -11.59 -7.26
N GLY A 19 0.83 -10.32 -6.89
CA GLY A 19 1.72 -9.33 -7.48
C GLY A 19 1.00 -8.44 -8.46
N ARG A 20 0.11 -9.02 -9.25
CA ARG A 20 -0.65 -8.27 -10.24
C ARG A 20 -2.10 -8.09 -9.79
N HIS A 21 -2.53 -8.95 -8.90
CA HIS A 21 -3.84 -8.82 -8.28
C HIS A 21 -3.71 -8.90 -6.77
N ALA A 22 -4.50 -8.12 -6.05
CA ALA A 22 -4.52 -8.18 -4.61
C ALA A 22 -5.91 -8.59 -4.13
N LYS A 23 -5.97 -9.68 -3.39
CA LYS A 23 -7.25 -10.23 -2.98
C LYS A 23 -7.60 -9.80 -1.56
N VAL A 24 -8.42 -8.79 -1.44
CA VAL A 24 -8.98 -8.39 -0.17
C VAL A 24 -10.36 -8.99 -0.05
N ASN A 25 -10.45 -10.09 0.71
CA ASN A 25 -11.68 -10.87 0.81
C ASN A 25 -12.04 -11.45 -0.55
N GLU A 26 -13.03 -10.86 -1.22
CA GLU A 26 -13.39 -11.28 -2.56
C GLU A 26 -13.17 -10.14 -3.56
N GLN A 27 -12.66 -9.03 -3.05
CA GLN A 27 -12.44 -7.86 -3.87
C GLN A 27 -11.01 -7.84 -4.40
N ILE A 28 -10.87 -7.92 -5.71
CA ILE A 28 -9.54 -7.89 -6.32
C ILE A 28 -9.15 -6.46 -6.64
N LEU A 29 -8.28 -5.91 -5.82
CA LEU A 29 -7.75 -4.58 -6.05
C LEU A 29 -6.54 -4.68 -6.97
N GLN A 30 -6.71 -4.21 -8.19
CA GLN A 30 -5.73 -4.46 -9.24
C GLN A 30 -4.80 -3.29 -9.48
N GLN A 31 -4.91 -2.23 -8.70
CA GLN A 31 -4.05 -1.06 -8.90
C GLN A 31 -3.63 -0.42 -7.59
N SER A 32 -4.36 0.58 -7.13
CA SER A 32 -3.91 1.41 -6.02
C SER A 32 -4.80 1.27 -4.79
N PHE A 33 -4.16 1.12 -3.63
CA PHE A 33 -4.86 1.21 -2.35
C PHE A 33 -3.83 1.25 -1.21
N ILE A 34 -4.20 1.87 -0.10
CA ILE A 34 -3.31 1.94 1.06
C ILE A 34 -4.01 1.34 2.28
N LEU A 35 -3.34 0.43 2.95
CA LEU A 35 -3.89 -0.22 4.13
C LEU A 35 -3.15 0.23 5.38
N MET A 36 -3.90 0.76 6.34
CA MET A 36 -3.33 1.17 7.62
C MET A 36 -4.10 0.49 8.74
N PRO A 37 -3.56 0.47 9.98
CA PRO A 37 -4.21 -0.16 11.13
C PRO A 37 -5.63 0.34 11.33
N ASP A 38 -6.60 -0.49 10.92
CA ASP A 38 -8.03 -0.16 11.01
C ASP A 38 -8.38 1.05 10.14
N GLU A 39 -7.52 1.33 9.18
CA GLU A 39 -7.71 2.48 8.29
C GLU A 39 -7.53 2.05 6.84
N LEU A 40 -8.63 1.95 6.11
CA LEU A 40 -8.57 1.60 4.71
C LEU A 40 -8.64 2.85 3.85
N VAL A 41 -7.58 3.12 3.11
CA VAL A 41 -7.53 4.30 2.27
C VAL A 41 -7.92 3.96 0.84
N GLU A 42 -9.14 4.33 0.48
CA GLU A 42 -9.65 4.11 -0.86
C GLU A 42 -9.62 5.43 -1.62
N HIS A 43 -9.44 5.36 -2.94
CA HIS A 43 -9.35 6.53 -3.81
C HIS A 43 -8.01 7.23 -3.66
N TRP A 44 -7.03 6.75 -4.44
CA TRP A 44 -5.70 7.33 -4.48
C TRP A 44 -5.00 6.83 -5.74
N PRO A 45 -5.28 7.48 -6.88
CA PRO A 45 -4.81 7.00 -8.19
C PRO A 45 -3.29 7.01 -8.35
N VAL A 46 -2.69 5.83 -8.25
CA VAL A 46 -1.28 5.63 -8.58
C VAL A 46 -1.13 4.25 -9.22
N PRO A 47 -1.39 4.16 -10.54
CA PRO A 47 -1.36 2.87 -11.26
C PRO A 47 0.03 2.25 -11.30
N SER A 48 1.04 3.10 -11.37
CA SER A 48 2.41 2.64 -11.42
C SER A 48 3.32 3.69 -10.79
N LEU A 49 4.49 3.26 -10.34
CA LEU A 49 5.44 4.18 -9.74
C LEU A 49 6.04 5.08 -10.81
N GLY A 50 5.49 6.27 -10.95
CA GLY A 50 5.94 7.21 -11.94
C GLY A 50 5.11 8.46 -11.92
N GLN A 51 3.80 8.29 -11.72
CA GLN A 51 2.88 9.41 -11.60
C GLN A 51 2.75 9.81 -10.13
N LEU A 52 3.62 9.26 -9.30
CA LEU A 52 3.59 9.53 -7.87
C LEU A 52 4.45 10.74 -7.53
N GLN A 53 3.80 11.90 -7.45
CA GLN A 53 4.48 13.14 -7.10
C GLN A 53 4.29 13.43 -5.63
N PRO A 54 5.19 14.22 -5.01
CA PRO A 54 5.09 14.59 -3.59
C PRO A 54 3.75 15.26 -3.26
N ALA A 55 3.18 15.95 -4.25
CA ALA A 55 1.90 16.62 -4.08
C ALA A 55 0.77 15.60 -3.99
N HIS A 56 1.01 14.41 -4.52
CA HIS A 56 0.00 13.35 -4.53
C HIS A 56 0.26 12.38 -3.38
N MET A 57 1.53 12.24 -3.01
CA MET A 57 1.91 11.44 -1.85
C MET A 57 1.61 12.21 -0.57
N ASP A 58 1.31 13.48 -0.76
CA ASP A 58 0.94 14.41 0.32
C ASP A 58 -0.22 13.86 1.15
N ALA A 59 -1.12 13.15 0.51
CA ALA A 59 -2.27 12.55 1.20
C ALA A 59 -1.80 11.60 2.30
N VAL A 60 -0.79 10.78 1.98
CA VAL A 60 -0.24 9.84 2.93
C VAL A 60 0.45 10.59 4.07
N LEU A 61 1.10 11.69 3.72
CA LEU A 61 1.77 12.54 4.70
C LEU A 61 0.75 13.20 5.63
N ALA A 62 -0.42 13.52 5.09
CA ALA A 62 -1.50 14.13 5.87
C ALA A 62 -2.06 13.15 6.89
N LEU A 63 -2.03 11.86 6.56
CA LEU A 63 -2.46 10.82 7.48
C LEU A 63 -1.44 10.63 8.60
N ASN A 64 -0.23 11.13 8.35
CA ASN A 64 0.88 11.07 9.31
C ASN A 64 1.27 9.63 9.64
N PRO A 65 2.08 9.00 8.77
CA PRO A 65 2.61 7.68 9.02
C PRO A 65 3.99 7.73 9.67
N ALA A 66 4.55 6.57 9.97
CA ALA A 66 5.90 6.48 10.49
C ALA A 66 6.73 5.59 9.59
N VAL A 67 6.16 4.45 9.24
CA VAL A 67 6.81 3.52 8.32
C VAL A 67 5.86 3.19 7.18
N ILE A 68 6.36 3.22 5.95
CA ILE A 68 5.55 2.99 4.77
C ILE A 68 6.13 1.87 3.94
N LEU A 69 5.38 0.80 3.80
CA LEU A 69 5.79 -0.32 2.97
C LEU A 69 5.25 -0.14 1.56
N LEU A 70 6.15 0.15 0.64
CA LEU A 70 5.77 0.39 -0.74
C LEU A 70 5.92 -0.90 -1.54
N GLY A 71 4.80 -1.50 -1.89
CA GLY A 71 4.82 -2.71 -2.69
C GLY A 71 4.70 -2.40 -4.17
N THR A 72 5.83 -2.33 -4.85
CA THR A 72 5.84 -2.01 -6.27
C THR A 72 5.61 -3.26 -7.13
N GLY A 73 4.43 -3.84 -6.97
CA GLY A 73 4.08 -5.04 -7.72
C GLY A 73 5.03 -6.19 -7.46
N GLU A 74 5.49 -6.81 -8.54
CA GLU A 74 6.41 -7.94 -8.47
C GLU A 74 7.85 -7.48 -8.64
N ARG A 75 8.06 -6.17 -8.62
CA ARG A 75 9.38 -5.61 -8.80
C ARG A 75 9.78 -4.77 -7.59
N GLN A 76 11.05 -4.48 -7.48
CA GLN A 76 11.53 -3.51 -6.51
C GLN A 76 12.00 -2.27 -7.23
N GLN A 77 11.22 -1.22 -7.11
CA GLN A 77 11.49 0.00 -7.85
C GLN A 77 11.70 1.17 -6.88
N PHE A 78 12.67 2.01 -7.22
CA PHE A 78 12.96 3.19 -6.41
C PHE A 78 12.07 4.35 -6.84
N PRO A 79 11.48 5.05 -5.87
CA PRO A 79 10.62 6.20 -6.16
C PRO A 79 11.41 7.45 -6.57
N SER A 80 10.70 8.52 -6.84
CA SER A 80 11.32 9.76 -7.27
C SER A 80 12.13 10.37 -6.13
N THR A 81 13.17 11.12 -6.48
CA THR A 81 14.06 11.71 -5.49
C THR A 81 13.30 12.71 -4.60
N ASP A 82 12.33 13.38 -5.18
CA ASP A 82 11.48 14.32 -4.44
C ASP A 82 10.63 13.58 -3.41
N VAL A 83 10.22 12.36 -3.74
CA VAL A 83 9.50 11.51 -2.80
C VAL A 83 10.45 11.05 -1.70
N LEU A 84 11.68 10.74 -2.08
CA LEU A 84 12.73 10.35 -1.13
C LEU A 84 13.04 11.51 -0.19
N ALA A 85 12.92 12.73 -0.69
CA ALA A 85 13.11 13.92 0.13
C ALA A 85 12.11 13.95 1.27
N ALA A 86 10.83 13.77 0.94
CA ALA A 86 9.77 13.74 1.95
C ALA A 86 10.03 12.65 2.98
N CYS A 87 10.55 11.52 2.50
CA CYS A 87 10.93 10.40 3.35
C CYS A 87 12.01 10.82 4.34
N LEU A 88 12.96 11.62 3.86
CA LEU A 88 14.07 12.08 4.69
C LEU A 88 13.59 13.16 5.66
N THR A 89 12.87 14.15 5.14
CA THR A 89 12.44 15.31 5.91
C THR A 89 11.68 14.91 7.19
N ARG A 90 10.79 13.94 7.08
CA ARG A 90 9.99 13.53 8.23
C ARG A 90 10.57 12.30 8.92
N GLY A 91 11.66 11.76 8.37
CA GLY A 91 12.26 10.57 8.93
C GLY A 91 11.37 9.36 8.79
N ILE A 92 10.76 9.23 7.62
CA ILE A 92 9.81 8.16 7.36
C ILE A 92 10.54 6.90 6.93
N GLY A 93 10.08 5.75 7.41
CA GLY A 93 10.64 4.49 6.98
C GLY A 93 10.00 4.00 5.70
N LEU A 94 10.50 4.47 4.56
CA LEU A 94 9.96 4.07 3.28
C LEU A 94 10.67 2.83 2.77
N GLU A 95 9.97 1.70 2.84
CA GLU A 95 10.53 0.42 2.45
C GLU A 95 9.91 -0.06 1.15
N ALA A 96 10.68 0.02 0.07
CA ALA A 96 10.19 -0.40 -1.25
C ALA A 96 10.55 -1.85 -1.52
N MET A 97 9.53 -2.69 -1.63
CA MET A 97 9.71 -4.12 -1.90
C MET A 97 8.57 -4.63 -2.76
N THR A 98 8.49 -5.95 -2.91
CA THR A 98 7.37 -6.57 -3.60
C THR A 98 6.14 -6.55 -2.72
N ASN A 99 4.97 -6.43 -3.33
CA ASN A 99 3.73 -6.30 -2.57
C ASN A 99 3.44 -7.55 -1.74
N ALA A 100 3.89 -8.70 -2.21
CA ALA A 100 3.71 -9.96 -1.49
C ALA A 100 4.51 -9.94 -0.19
N ALA A 101 5.73 -9.43 -0.24
CA ALA A 101 6.58 -9.35 0.94
C ALA A 101 6.16 -8.21 1.85
N ALA A 102 5.66 -7.14 1.25
CA ALA A 102 5.18 -5.99 1.99
C ALA A 102 3.97 -6.38 2.86
N ALA A 103 3.10 -7.21 2.30
CA ALA A 103 1.91 -7.68 3.02
C ALA A 103 2.29 -8.41 4.31
N ARG A 104 3.31 -9.26 4.22
CA ARG A 104 3.76 -10.02 5.36
C ARG A 104 4.40 -9.12 6.41
N THR A 105 5.29 -8.25 5.95
CA THR A 105 6.00 -7.34 6.84
C THR A 105 5.02 -6.37 7.53
N TYR A 106 3.93 -6.07 6.83
CA TYR A 106 2.90 -5.20 7.38
C TYR A 106 2.33 -5.76 8.68
N ASN A 107 2.09 -7.06 8.70
CA ASN A 107 1.52 -7.71 9.88
C ASN A 107 2.47 -7.59 11.07
N VAL A 108 3.76 -7.72 10.79
CA VAL A 108 4.78 -7.61 11.82
C VAL A 108 4.78 -6.21 12.45
N LEU A 109 4.71 -5.20 11.60
CA LEU A 109 4.73 -3.82 12.07
C LEU A 109 3.42 -3.48 12.77
N ALA A 110 2.34 -4.12 12.34
CA ALA A 110 1.03 -3.90 12.94
C ALA A 110 0.91 -4.58 14.30
N SER A 111 1.81 -5.53 14.56
CA SER A 111 1.81 -6.26 15.83
C SER A 111 2.11 -5.31 16.99
N GLU A 112 3.16 -4.51 16.84
CA GLU A 112 3.52 -3.54 17.87
C GLU A 112 2.53 -2.37 17.85
N GLY A 113 1.92 -2.15 16.69
CA GLY A 113 0.88 -1.14 16.59
C GLY A 113 1.44 0.24 16.30
N ARG A 114 2.41 0.31 15.41
CA ARG A 114 2.96 1.59 15.00
C ARG A 114 2.21 2.12 13.79
N ARG A 115 2.42 3.39 13.47
CA ARG A 115 1.77 3.99 12.30
C ARG A 115 2.40 3.50 11.02
N VAL A 116 1.94 2.35 10.54
CA VAL A 116 2.44 1.77 9.32
C VAL A 116 1.44 1.96 8.18
N ALA A 117 1.94 2.38 7.04
CA ALA A 117 1.11 2.56 5.87
C ALA A 117 1.50 1.55 4.79
N LEU A 118 0.58 0.66 4.48
CA LEU A 118 0.81 -0.34 3.44
C LEU A 118 0.42 0.24 2.08
N ALA A 119 1.38 0.84 1.41
CA ALA A 119 1.14 1.46 0.11
C ALA A 119 1.27 0.43 -0.98
N MET A 120 0.13 0.00 -1.51
CA MET A 120 0.12 -1.06 -2.50
C MET A 120 -0.09 -0.52 -3.90
N ILE A 121 0.95 -0.66 -4.72
CA ILE A 121 0.85 -0.42 -6.14
C ILE A 121 0.85 -1.78 -6.85
N VAL A 122 -0.33 -2.29 -7.11
CA VAL A 122 -0.49 -3.64 -7.60
C VAL A 122 -0.77 -3.63 -9.11
N GLY A 123 -0.24 -4.62 -9.81
CA GLY A 123 -0.52 -4.76 -11.23
C GLY A 123 0.19 -3.73 -12.07
N GLY A 124 -0.42 -2.56 -12.21
CA GLY A 124 0.13 -1.53 -13.04
C GLY A 124 -0.95 -0.80 -13.82
N LEU A 125 -0.95 -0.99 -15.13
CA LEU A 125 -1.92 -0.34 -15.99
C LEU A 125 -2.50 -1.33 -16.99
N GLU A 126 -3.74 -1.12 -17.38
CA GLU A 126 -4.43 -1.98 -18.32
C GLU A 126 -5.15 -1.10 -19.34
N HIS A 127 -5.25 -1.59 -20.59
CA HIS A 127 -5.84 -0.83 -21.68
C HIS A 127 -4.93 0.31 -22.15
N HIS A 128 -4.40 0.16 -23.35
CA HIS A 128 -3.65 1.26 -23.96
C HIS A 128 -4.61 2.38 -24.34
N HIS A 129 -4.73 3.36 -23.44
CA HIS A 129 -5.73 4.40 -23.58
C HIS A 129 -5.22 5.68 -22.93
N HIS A 130 -5.55 6.82 -23.54
CA HIS A 130 -5.25 8.16 -23.01
C HIS A 130 -3.76 8.52 -23.15
N HIS A 131 -2.89 7.53 -22.95
CA HIS A 131 -1.43 7.74 -22.95
C HIS A 131 -1.05 8.57 -21.73
N HIS A 132 0.22 8.98 -21.65
CA HIS A 132 0.65 9.89 -20.59
C HIS A 132 2.02 10.46 -20.95
N MET A 1 -9.94 -6.22 27.07
CA MET A 1 -9.93 -4.98 26.26
C MET A 1 -11.29 -4.30 26.35
N PRO A 2 -11.30 -2.96 26.53
CA PRO A 2 -12.55 -2.21 26.68
C PRO A 2 -13.36 -2.14 25.39
N LEU A 3 -14.42 -2.93 25.32
CA LEU A 3 -15.33 -2.89 24.18
C LEU A 3 -16.49 -1.94 24.46
N ASN A 4 -16.51 -0.81 23.77
CA ASN A 4 -17.52 0.21 24.02
C ASN A 4 -18.44 0.36 22.82
N GLN A 5 -17.99 1.10 21.82
CA GLN A 5 -18.80 1.38 20.64
C GLN A 5 -18.54 0.33 19.57
N GLU A 6 -17.47 0.54 18.80
CA GLU A 6 -17.11 -0.37 17.70
C GLU A 6 -18.31 -0.56 16.76
N HIS A 7 -18.77 0.55 16.20
CA HIS A 7 -19.95 0.55 15.35
C HIS A 7 -19.70 -0.10 13.98
N PRO A 8 -18.64 0.30 13.25
CA PRO A 8 -18.30 -0.31 11.96
C PRO A 8 -17.88 -1.77 12.12
N ASP A 9 -18.72 -2.68 11.64
CA ASP A 9 -18.46 -4.11 11.79
C ASP A 9 -17.76 -4.67 10.56
N TYR A 10 -17.85 -3.96 9.45
CA TYR A 10 -17.22 -4.39 8.22
C TYR A 10 -15.76 -3.99 8.19
N THR A 11 -14.89 -4.91 8.56
CA THR A 11 -13.47 -4.64 8.64
C THR A 11 -12.73 -5.18 7.41
N TYR A 12 -11.90 -4.32 6.81
CA TYR A 12 -11.04 -4.73 5.71
C TYR A 12 -9.84 -5.49 6.28
N ALA A 13 -9.48 -6.60 5.66
CA ALA A 13 -8.36 -7.40 6.14
C ALA A 13 -7.57 -8.00 4.99
N LEU A 14 -6.26 -7.86 5.04
CA LEU A 14 -5.39 -8.47 4.04
C LEU A 14 -5.28 -9.96 4.30
N ARG A 15 -6.07 -10.73 3.56
CA ARG A 15 -6.14 -12.16 3.76
C ARG A 15 -5.07 -12.89 2.94
N ALA A 16 -4.75 -12.33 1.78
CA ALA A 16 -3.76 -12.90 0.90
C ALA A 16 -3.34 -11.90 -0.18
N ALA A 17 -2.05 -11.64 -0.28
CA ALA A 17 -1.53 -10.75 -1.28
C ALA A 17 -0.71 -11.54 -2.30
N ASP A 18 -1.04 -11.39 -3.57
CA ASP A 18 -0.35 -12.12 -4.63
C ASP A 18 0.43 -11.12 -5.49
N GLY A 19 1.31 -11.64 -6.32
CA GLY A 19 2.23 -10.78 -7.05
C GLY A 19 1.56 -9.78 -7.97
N ARG A 20 0.45 -10.18 -8.59
CA ARG A 20 -0.19 -9.32 -9.59
C ARG A 20 -1.58 -8.87 -9.14
N HIS A 21 -2.02 -9.31 -7.96
CA HIS A 21 -3.30 -8.87 -7.41
C HIS A 21 -3.40 -9.20 -5.93
N ALA A 22 -4.02 -8.31 -5.16
CA ALA A 22 -4.14 -8.49 -3.73
C ALA A 22 -5.60 -8.60 -3.32
N LYS A 23 -5.86 -9.40 -2.30
CA LYS A 23 -7.22 -9.68 -1.86
C LYS A 23 -7.46 -9.16 -0.45
N VAL A 24 -8.24 -8.09 -0.36
CA VAL A 24 -8.58 -7.47 0.91
C VAL A 24 -10.02 -7.75 1.25
N ASN A 25 -10.24 -8.42 2.39
CA ASN A 25 -11.58 -8.85 2.83
C ASN A 25 -12.15 -9.88 1.84
N GLU A 26 -12.71 -9.39 0.75
CA GLU A 26 -13.25 -10.26 -0.28
C GLU A 26 -13.16 -9.54 -1.63
N GLN A 27 -12.33 -8.51 -1.67
CA GLN A 27 -12.17 -7.67 -2.85
C GLN A 27 -10.78 -7.87 -3.45
N ILE A 28 -10.73 -8.20 -4.72
CA ILE A 28 -9.46 -8.28 -5.44
C ILE A 28 -9.14 -6.91 -6.01
N LEU A 29 -8.11 -6.28 -5.46
CA LEU A 29 -7.78 -4.92 -5.84
C LEU A 29 -6.52 -4.86 -6.70
N GLN A 30 -6.69 -4.35 -7.92
CA GLN A 30 -5.57 -4.10 -8.82
C GLN A 30 -5.48 -2.61 -9.11
N GLN A 31 -5.03 -1.87 -8.12
CA GLN A 31 -4.88 -0.43 -8.21
C GLN A 31 -3.87 0.03 -7.17
N SER A 32 -3.68 1.32 -7.04
CA SER A 32 -2.81 1.85 -6.00
C SER A 32 -3.64 2.32 -4.82
N PHE A 33 -3.64 1.52 -3.76
CA PHE A 33 -4.45 1.81 -2.58
C PHE A 33 -3.60 1.73 -1.33
N ILE A 34 -3.99 2.44 -0.28
CA ILE A 34 -3.24 2.45 0.96
C ILE A 34 -3.95 1.63 2.02
N LEU A 35 -3.30 0.56 2.45
CA LEU A 35 -3.88 -0.31 3.47
C LEU A 35 -3.17 -0.09 4.80
N MET A 36 -3.86 0.56 5.73
CA MET A 36 -3.30 0.83 7.04
C MET A 36 -4.14 0.17 8.12
N PRO A 37 -3.55 -0.05 9.31
CA PRO A 37 -4.29 -0.59 10.46
C PRO A 37 -5.33 0.40 11.00
N ASP A 38 -5.45 1.53 10.32
CA ASP A 38 -6.47 2.53 10.65
C ASP A 38 -7.68 2.33 9.74
N GLU A 39 -7.47 2.48 8.44
CA GLU A 39 -8.52 2.30 7.46
C GLU A 39 -7.94 1.96 6.10
N LEU A 40 -8.80 1.78 5.11
CA LEU A 40 -8.37 1.51 3.75
C LEU A 40 -8.61 2.74 2.87
N VAL A 41 -7.53 3.28 2.33
CA VAL A 41 -7.62 4.44 1.45
C VAL A 41 -7.73 3.96 0.00
N GLU A 42 -8.96 4.03 -0.52
CA GLU A 42 -9.23 3.57 -1.88
C GLU A 42 -9.00 4.70 -2.87
N HIS A 43 -9.31 5.91 -2.44
CA HIS A 43 -9.17 7.09 -3.28
C HIS A 43 -7.73 7.60 -3.24
N TRP A 44 -6.89 7.03 -4.09
CA TRP A 44 -5.52 7.46 -4.23
C TRP A 44 -5.10 7.29 -5.69
N PRO A 45 -5.36 8.32 -6.51
CA PRO A 45 -5.21 8.23 -7.98
C PRO A 45 -3.77 8.03 -8.44
N VAL A 46 -3.38 6.77 -8.58
CA VAL A 46 -2.10 6.41 -9.17
C VAL A 46 -2.29 5.21 -10.10
N PRO A 47 -2.73 5.47 -11.35
CA PRO A 47 -2.98 4.40 -12.32
C PRO A 47 -1.73 3.58 -12.66
N SER A 48 -0.60 4.27 -12.75
CA SER A 48 0.67 3.61 -13.06
C SER A 48 1.83 4.41 -12.49
N LEU A 49 3.03 3.83 -12.56
CA LEU A 49 4.24 4.48 -12.06
C LEU A 49 4.51 5.74 -12.87
N GLY A 50 4.50 6.87 -12.19
CA GLY A 50 4.65 8.15 -12.84
C GLY A 50 3.70 9.18 -12.27
N GLN A 51 2.58 8.69 -11.75
CA GLN A 51 1.62 9.53 -11.07
C GLN A 51 2.02 9.73 -9.62
N LEU A 52 3.07 9.05 -9.21
CA LEU A 52 3.55 9.11 -7.85
C LEU A 52 4.51 10.27 -7.66
N GLN A 53 3.98 11.39 -7.23
CA GLN A 53 4.77 12.56 -6.87
C GLN A 53 4.29 13.09 -5.52
N PRO A 54 5.04 14.02 -4.90
CA PRO A 54 4.65 14.64 -3.62
C PRO A 54 3.19 15.08 -3.58
N ALA A 55 2.67 15.49 -4.74
CA ALA A 55 1.27 15.92 -4.85
C ALA A 55 0.29 14.82 -4.42
N HIS A 56 0.74 13.57 -4.48
CA HIS A 56 -0.07 12.44 -4.03
C HIS A 56 0.54 11.77 -2.81
N MET A 57 1.84 11.94 -2.64
CA MET A 57 2.58 11.27 -1.56
C MET A 57 2.41 12.02 -0.24
N ASP A 58 2.32 13.35 -0.32
CA ASP A 58 2.23 14.19 0.88
C ASP A 58 0.92 13.96 1.61
N ALA A 59 -0.06 13.40 0.92
CA ALA A 59 -1.32 13.02 1.55
C ALA A 59 -1.09 11.94 2.60
N VAL A 60 -0.24 10.97 2.24
CA VAL A 60 0.15 9.90 3.16
C VAL A 60 0.98 10.48 4.29
N LEU A 61 1.81 11.45 3.94
CA LEU A 61 2.68 12.10 4.91
C LEU A 61 1.87 12.93 5.90
N ALA A 62 0.75 13.49 5.42
CA ALA A 62 -0.16 14.25 6.27
C ALA A 62 -0.81 13.34 7.30
N LEU A 63 -1.13 12.12 6.88
CA LEU A 63 -1.66 11.10 7.80
C LEU A 63 -0.62 10.77 8.86
N ASN A 64 0.65 10.89 8.45
CA ASN A 64 1.80 10.70 9.33
C ASN A 64 1.77 9.32 10.00
N PRO A 65 2.10 8.27 9.25
CA PRO A 65 2.26 6.93 9.81
C PRO A 65 3.62 6.74 10.48
N ALA A 66 3.82 5.60 11.10
CA ALA A 66 5.07 5.30 11.78
C ALA A 66 6.08 4.74 10.78
N VAL A 67 5.57 4.06 9.77
CA VAL A 67 6.41 3.51 8.72
C VAL A 67 5.60 3.30 7.45
N ILE A 68 6.22 3.49 6.29
CA ILE A 68 5.54 3.31 5.02
C ILE A 68 6.18 2.18 4.22
N LEU A 69 5.34 1.23 3.79
CA LEU A 69 5.81 0.13 2.96
C LEU A 69 5.29 0.30 1.54
N LEU A 70 6.20 0.54 0.61
CA LEU A 70 5.83 0.72 -0.78
C LEU A 70 5.96 -0.60 -1.52
N GLY A 71 4.83 -1.18 -1.88
CA GLY A 71 4.84 -2.43 -2.62
C GLY A 71 4.38 -2.24 -4.05
N THR A 72 5.34 -2.11 -4.96
CA THR A 72 5.03 -1.85 -6.36
C THR A 72 4.74 -3.15 -7.12
N GLY A 73 3.75 -3.89 -6.62
CA GLY A 73 3.35 -5.16 -7.22
C GLY A 73 4.50 -6.08 -7.57
N GLU A 74 4.71 -6.23 -8.87
CA GLU A 74 5.68 -7.18 -9.41
C GLU A 74 7.09 -6.58 -9.43
N ARG A 75 7.21 -5.43 -10.07
CA ARG A 75 8.51 -4.79 -10.25
C ARG A 75 8.78 -3.80 -9.13
N GLN A 76 9.67 -4.16 -8.22
CA GLN A 76 10.03 -3.26 -7.13
C GLN A 76 10.91 -2.14 -7.66
N GLN A 77 10.57 -0.92 -7.27
CA GLN A 77 11.28 0.25 -7.73
C GLN A 77 11.24 1.34 -6.67
N PHE A 78 12.39 1.96 -6.43
CA PHE A 78 12.46 3.09 -5.51
C PHE A 78 11.98 4.35 -6.22
N PRO A 79 11.14 5.15 -5.56
CA PRO A 79 10.63 6.40 -6.14
C PRO A 79 11.75 7.41 -6.39
N SER A 80 11.46 8.38 -7.24
CA SER A 80 12.42 9.42 -7.56
C SER A 80 12.78 10.21 -6.31
N THR A 81 13.93 10.89 -6.34
CA THR A 81 14.42 11.63 -5.19
C THR A 81 13.41 12.69 -4.74
N ASP A 82 12.61 13.17 -5.69
CA ASP A 82 11.57 14.15 -5.38
C ASP A 82 10.51 13.57 -4.44
N VAL A 83 10.21 12.29 -4.63
CA VAL A 83 9.20 11.62 -3.82
C VAL A 83 9.83 11.00 -2.57
N LEU A 84 10.99 10.38 -2.76
CA LEU A 84 11.68 9.70 -1.69
C LEU A 84 12.09 10.70 -0.60
N ALA A 85 12.70 11.80 -1.00
CA ALA A 85 13.15 12.81 -0.06
C ALA A 85 11.97 13.48 0.65
N ALA A 86 10.84 13.54 -0.04
CA ALA A 86 9.63 14.13 0.52
C ALA A 86 9.18 13.34 1.76
N CYS A 87 9.23 12.02 1.64
CA CYS A 87 8.86 11.15 2.76
C CYS A 87 9.96 11.15 3.82
N LEU A 88 11.21 11.19 3.35
CA LEU A 88 12.36 11.15 4.25
C LEU A 88 12.39 12.38 5.15
N THR A 89 12.10 13.55 4.58
CA THR A 89 12.12 14.80 5.32
C THR A 89 10.93 14.91 6.28
N ARG A 90 10.02 13.95 6.21
CA ARG A 90 8.91 13.88 7.14
C ARG A 90 9.29 13.05 8.36
N GLY A 91 10.47 12.44 8.29
CA GLY A 91 10.96 11.63 9.38
C GLY A 91 10.40 10.22 9.36
N ILE A 92 9.80 9.86 8.23
CA ILE A 92 9.17 8.56 8.09
C ILE A 92 10.02 7.62 7.25
N GLY A 93 10.14 6.38 7.67
CA GLY A 93 10.91 5.40 6.91
C GLY A 93 10.13 4.88 5.71
N LEU A 94 10.72 5.03 4.53
CA LEU A 94 10.09 4.56 3.31
C LEU A 94 10.77 3.29 2.81
N GLU A 95 10.13 2.16 3.05
CA GLU A 95 10.65 0.87 2.64
C GLU A 95 10.02 0.45 1.31
N ALA A 96 10.85 0.27 0.29
CA ALA A 96 10.35 -0.09 -1.04
C ALA A 96 10.60 -1.56 -1.33
N MET A 97 9.52 -2.30 -1.58
CA MET A 97 9.60 -3.74 -1.83
C MET A 97 8.58 -4.15 -2.89
N THR A 98 8.49 -5.44 -3.15
CA THR A 98 7.46 -5.98 -4.01
C THR A 98 6.19 -6.20 -3.19
N ASN A 99 5.09 -6.54 -3.85
CA ASN A 99 3.83 -6.80 -3.16
C ASN A 99 4.01 -7.91 -2.13
N ALA A 100 4.64 -9.00 -2.56
CA ALA A 100 4.84 -10.17 -1.71
C ALA A 100 5.74 -9.86 -0.52
N ALA A 101 6.83 -9.14 -0.77
CA ALA A 101 7.78 -8.81 0.28
C ALA A 101 7.19 -7.79 1.26
N ALA A 102 6.43 -6.84 0.73
CA ALA A 102 5.79 -5.82 1.55
C ALA A 102 4.78 -6.46 2.51
N ALA A 103 3.97 -7.38 1.98
CA ALA A 103 2.97 -8.06 2.79
C ALA A 103 3.64 -8.87 3.92
N ARG A 104 4.75 -9.50 3.61
CA ARG A 104 5.49 -10.31 4.57
C ARG A 104 5.97 -9.45 5.74
N THR A 105 6.44 -8.24 5.43
CA THR A 105 6.92 -7.32 6.44
C THR A 105 5.74 -6.63 7.14
N TYR A 106 4.68 -6.38 6.37
CA TYR A 106 3.50 -5.67 6.87
C TYR A 106 2.86 -6.40 8.04
N ASN A 107 2.69 -7.71 7.92
CA ASN A 107 2.04 -8.50 8.95
C ASN A 107 2.73 -8.33 10.31
N VAL A 108 4.05 -8.25 10.28
CA VAL A 108 4.83 -8.09 11.50
C VAL A 108 4.61 -6.69 12.11
N LEU A 109 4.74 -5.67 11.27
CA LEU A 109 4.62 -4.30 11.72
C LEU A 109 3.21 -4.00 12.24
N ALA A 110 2.21 -4.56 11.57
CA ALA A 110 0.82 -4.39 11.98
C ALA A 110 0.58 -5.04 13.34
N SER A 111 1.26 -6.14 13.59
CA SER A 111 1.11 -6.88 14.85
C SER A 111 1.85 -6.17 15.98
N GLU A 112 2.61 -5.13 15.64
CA GLU A 112 3.31 -4.32 16.63
C GLU A 112 2.47 -3.13 17.07
N GLY A 113 1.31 -2.97 16.44
CA GLY A 113 0.43 -1.86 16.77
C GLY A 113 0.95 -0.54 16.23
N ARG A 114 1.80 -0.61 15.22
CA ARG A 114 2.37 0.58 14.61
C ARG A 114 1.58 0.95 13.37
N ARG A 115 1.42 2.25 13.14
CA ARG A 115 0.74 2.72 11.95
C ARG A 115 1.63 2.54 10.74
N VAL A 116 1.53 1.37 10.14
CA VAL A 116 2.27 1.05 8.93
C VAL A 116 1.41 1.32 7.70
N ALA A 117 1.86 2.24 6.86
CA ALA A 117 1.15 2.58 5.66
C ALA A 117 1.58 1.68 4.51
N LEU A 118 0.73 0.72 4.19
CA LEU A 118 1.03 -0.21 3.12
C LEU A 118 0.54 0.37 1.80
N ALA A 119 1.47 0.97 1.05
CA ALA A 119 1.16 1.53 -0.25
C ALA A 119 1.13 0.40 -1.27
N MET A 120 -0.05 -0.09 -1.55
CA MET A 120 -0.23 -1.22 -2.44
C MET A 120 -0.45 -0.76 -3.87
N ILE A 121 0.62 -0.74 -4.64
CA ILE A 121 0.51 -0.51 -6.07
C ILE A 121 0.42 -1.86 -6.76
N VAL A 122 -0.79 -2.25 -7.11
CA VAL A 122 -1.03 -3.59 -7.63
C VAL A 122 -1.67 -3.54 -9.02
N GLY A 123 -1.40 -4.57 -9.81
CA GLY A 123 -2.03 -4.67 -11.12
C GLY A 123 -1.03 -4.64 -12.24
N GLY A 124 -1.25 -3.74 -13.19
CA GLY A 124 -0.38 -3.63 -14.34
C GLY A 124 -1.14 -3.77 -15.64
N LEU A 125 -1.26 -2.67 -16.37
CA LEU A 125 -1.98 -2.66 -17.62
C LEU A 125 -1.03 -2.93 -18.78
N GLU A 126 -1.32 -4.02 -19.51
CA GLU A 126 -0.49 -4.46 -20.64
C GLU A 126 0.85 -5.01 -20.15
N HIS A 127 1.27 -6.13 -20.73
CA HIS A 127 2.52 -6.76 -20.32
C HIS A 127 3.29 -7.33 -21.50
N HIS A 128 2.62 -7.57 -22.62
CA HIS A 128 3.30 -8.19 -23.76
C HIS A 128 3.18 -7.34 -25.02
N HIS A 129 2.00 -6.82 -25.32
CA HIS A 129 1.80 -6.12 -26.60
C HIS A 129 2.18 -4.64 -26.50
N HIS A 130 3.15 -4.33 -25.66
CA HIS A 130 3.58 -2.95 -25.50
C HIS A 130 5.10 -2.88 -25.43
N HIS A 131 5.76 -3.77 -26.16
CA HIS A 131 7.21 -3.82 -26.20
C HIS A 131 7.72 -3.34 -27.56
N HIS A 132 8.14 -2.09 -27.61
CA HIS A 132 8.74 -1.55 -28.83
C HIS A 132 10.12 -2.15 -29.05
N MET A 1 -32.50 -1.93 21.81
CA MET A 1 -31.09 -2.40 21.76
C MET A 1 -31.02 -3.81 21.18
N PRO A 2 -29.99 -4.08 20.37
CA PRO A 2 -29.76 -5.42 19.82
C PRO A 2 -29.03 -6.33 20.79
N LEU A 3 -28.70 -7.53 20.36
CA LEU A 3 -27.96 -8.47 21.20
C LEU A 3 -26.46 -8.19 21.12
N ASN A 4 -26.09 -6.96 21.47
CA ASN A 4 -24.70 -6.50 21.47
C ASN A 4 -24.08 -6.54 20.08
N GLN A 5 -23.58 -7.72 19.67
CA GLN A 5 -22.85 -7.88 18.43
C GLN A 5 -21.62 -6.99 18.44
N GLU A 6 -20.67 -7.33 19.30
CA GLU A 6 -19.48 -6.52 19.50
C GLU A 6 -18.23 -7.38 19.37
N HIS A 7 -17.09 -6.86 19.83
CA HIS A 7 -15.80 -7.54 19.75
C HIS A 7 -15.27 -7.51 18.32
N PRO A 8 -14.00 -7.08 18.15
CA PRO A 8 -13.40 -6.90 16.83
C PRO A 8 -13.18 -8.22 16.09
N ASP A 9 -13.74 -8.32 14.89
CA ASP A 9 -13.51 -9.47 14.03
C ASP A 9 -12.62 -9.06 12.86
N TYR A 10 -11.46 -9.69 12.76
CA TYR A 10 -10.49 -9.31 11.75
C TYR A 10 -10.71 -10.11 10.47
N THR A 11 -11.64 -9.63 9.65
CA THR A 11 -11.93 -10.27 8.39
C THR A 11 -11.09 -9.66 7.27
N TYR A 12 -10.20 -8.76 7.65
CA TYR A 12 -9.33 -8.09 6.69
C TYR A 12 -7.97 -8.75 6.65
N ALA A 13 -7.70 -9.49 5.58
CA ALA A 13 -6.43 -10.17 5.41
C ALA A 13 -6.01 -10.12 3.95
N LEU A 14 -4.70 -10.16 3.71
CA LEU A 14 -4.17 -10.13 2.35
C LEU A 14 -4.57 -11.38 1.58
N ARG A 15 -4.46 -12.53 2.25
CA ARG A 15 -4.96 -13.82 1.75
C ARG A 15 -4.18 -14.30 0.52
N ALA A 16 -4.32 -13.58 -0.58
CA ALA A 16 -3.64 -13.93 -1.82
C ALA A 16 -2.98 -12.69 -2.42
N ALA A 17 -1.66 -12.61 -2.26
CA ALA A 17 -0.90 -11.47 -2.76
C ALA A 17 0.24 -11.94 -3.65
N ASP A 18 0.12 -11.66 -4.94
CA ASP A 18 1.15 -12.05 -5.89
C ASP A 18 2.03 -10.86 -6.28
N GLY A 19 1.44 -9.88 -6.94
CA GLY A 19 2.18 -8.72 -7.37
C GLY A 19 1.40 -7.90 -8.37
N ARG A 20 0.44 -8.52 -9.04
CA ARG A 20 -0.40 -7.82 -10.00
C ARG A 20 -1.72 -7.43 -9.34
N HIS A 21 -2.06 -8.12 -8.26
CA HIS A 21 -3.26 -7.82 -7.50
C HIS A 21 -3.17 -8.42 -6.11
N ALA A 22 -3.96 -7.88 -5.18
CA ALA A 22 -4.07 -8.43 -3.84
C ALA A 22 -5.53 -8.55 -3.45
N LYS A 23 -5.94 -9.73 -3.01
CA LYS A 23 -7.34 -9.95 -2.70
C LYS A 23 -7.60 -9.86 -1.20
N VAL A 24 -8.13 -8.73 -0.76
CA VAL A 24 -8.37 -8.50 0.65
C VAL A 24 -9.75 -9.02 1.03
N ASN A 25 -9.76 -10.07 1.85
CA ASN A 25 -10.99 -10.75 2.26
C ASN A 25 -11.63 -11.45 1.06
N GLU A 26 -12.37 -10.71 0.26
CA GLU A 26 -13.06 -11.25 -0.90
C GLU A 26 -13.00 -10.26 -2.06
N GLN A 27 -12.26 -9.17 -1.87
CA GLN A 27 -12.17 -8.13 -2.88
C GLN A 27 -10.80 -8.13 -3.54
N ILE A 28 -10.77 -8.33 -4.85
CA ILE A 28 -9.51 -8.37 -5.58
C ILE A 28 -9.08 -6.96 -5.98
N LEU A 29 -8.16 -6.39 -5.23
CA LEU A 29 -7.70 -5.04 -5.48
C LEU A 29 -6.48 -5.06 -6.39
N GLN A 30 -6.69 -4.69 -7.63
CA GLN A 30 -5.62 -4.57 -8.60
C GLN A 30 -5.35 -3.11 -8.92
N GLN A 31 -5.23 -2.32 -7.86
CA GLN A 31 -5.04 -0.88 -7.97
C GLN A 31 -4.00 -0.40 -6.96
N SER A 32 -3.85 0.91 -6.88
CA SER A 32 -3.02 1.51 -5.85
C SER A 32 -3.88 1.89 -4.66
N PHE A 33 -3.71 1.19 -3.54
CA PHE A 33 -4.55 1.40 -2.38
C PHE A 33 -3.73 1.49 -1.09
N ILE A 34 -4.24 2.25 -0.14
CA ILE A 34 -3.59 2.43 1.15
C ILE A 34 -4.34 1.63 2.22
N LEU A 35 -3.68 0.63 2.76
CA LEU A 35 -4.29 -0.22 3.78
C LEU A 35 -3.74 0.09 5.16
N MET A 36 -4.61 0.55 6.04
CA MET A 36 -4.25 0.80 7.43
C MET A 36 -5.18 0.03 8.35
N PRO A 37 -4.81 -0.14 9.64
CA PRO A 37 -5.58 -0.94 10.60
C PRO A 37 -7.07 -0.56 10.69
N ASP A 38 -7.39 0.71 10.46
CA ASP A 38 -8.78 1.16 10.57
C ASP A 38 -9.28 1.76 9.25
N GLU A 39 -8.38 2.39 8.51
CA GLU A 39 -8.78 3.11 7.31
C GLU A 39 -8.23 2.43 6.05
N LEU A 40 -9.10 2.28 5.06
CA LEU A 40 -8.70 1.70 3.79
C LEU A 40 -9.09 2.62 2.64
N VAL A 41 -8.09 3.11 1.93
CA VAL A 41 -8.33 3.97 0.79
C VAL A 41 -7.87 3.29 -0.50
N GLU A 42 -8.81 2.64 -1.18
CA GLU A 42 -8.49 1.90 -2.40
C GLU A 42 -8.54 2.80 -3.62
N HIS A 43 -8.96 4.05 -3.40
CA HIS A 43 -9.02 5.02 -4.48
C HIS A 43 -7.90 6.05 -4.32
N TRP A 44 -6.69 5.65 -4.69
CA TRP A 44 -5.54 6.53 -4.68
C TRP A 44 -5.12 6.81 -6.12
N PRO A 45 -5.19 8.08 -6.55
CA PRO A 45 -4.90 8.49 -7.93
C PRO A 45 -3.43 8.34 -8.32
N VAL A 46 -2.96 7.10 -8.38
CA VAL A 46 -1.63 6.80 -8.87
C VAL A 46 -1.70 5.62 -9.84
N PRO A 47 -1.75 5.89 -11.15
CA PRO A 47 -1.84 4.85 -12.19
C PRO A 47 -0.59 3.98 -12.25
N SER A 48 0.57 4.60 -12.04
CA SER A 48 1.84 3.88 -12.04
C SER A 48 2.88 4.66 -11.24
N LEU A 49 4.01 4.01 -10.97
CA LEU A 49 5.08 4.58 -10.17
C LEU A 49 5.71 5.80 -10.85
N GLY A 50 5.46 5.95 -12.14
CA GLY A 50 5.97 7.09 -12.88
C GLY A 50 5.27 8.38 -12.48
N GLN A 51 4.17 8.25 -11.75
CA GLN A 51 3.43 9.40 -11.25
C GLN A 51 3.43 9.40 -9.72
N LEU A 52 4.38 8.67 -9.14
CA LEU A 52 4.51 8.63 -7.68
C LEU A 52 5.27 9.86 -7.20
N GLN A 53 4.62 11.00 -7.35
CA GLN A 53 5.17 12.28 -6.94
C GLN A 53 4.46 12.77 -5.69
N PRO A 54 5.01 13.76 -4.97
CA PRO A 54 4.39 14.31 -3.77
C PRO A 54 3.11 15.07 -4.11
N ALA A 55 2.85 15.22 -5.41
CA ALA A 55 1.61 15.81 -5.89
C ALA A 55 0.49 14.77 -5.93
N HIS A 56 0.86 13.52 -5.66
CA HIS A 56 -0.11 12.43 -5.60
C HIS A 56 -0.01 11.72 -4.25
N MET A 57 1.20 11.63 -3.73
CA MET A 57 1.47 10.96 -2.46
C MET A 57 1.29 11.95 -1.30
N ASP A 58 0.85 13.16 -1.62
CA ASP A 58 0.68 14.23 -0.63
C ASP A 58 -0.23 13.79 0.51
N ALA A 59 -1.30 13.08 0.15
CA ALA A 59 -2.26 12.57 1.13
C ALA A 59 -1.58 11.68 2.14
N VAL A 60 -0.64 10.86 1.68
CA VAL A 60 0.09 9.94 2.54
C VAL A 60 1.05 10.71 3.45
N LEU A 61 1.69 11.72 2.88
CA LEU A 61 2.64 12.54 3.63
C LEU A 61 1.93 13.33 4.74
N ALA A 62 0.73 13.79 4.44
CA ALA A 62 -0.06 14.56 5.40
C ALA A 62 -0.78 13.65 6.38
N LEU A 63 -0.97 12.39 5.98
CA LEU A 63 -1.65 11.41 6.83
C LEU A 63 -0.83 11.15 8.09
N ASN A 64 0.48 11.31 7.96
CA ASN A 64 1.42 11.13 9.08
C ASN A 64 1.57 9.67 9.48
N PRO A 65 2.29 8.89 8.68
CA PRO A 65 2.66 7.53 9.02
C PRO A 65 4.07 7.44 9.59
N ALA A 66 4.32 6.46 10.44
CA ALA A 66 5.65 6.27 11.01
C ALA A 66 6.48 5.39 10.08
N VAL A 67 5.87 4.31 9.62
CA VAL A 67 6.51 3.41 8.67
C VAL A 67 5.56 3.09 7.53
N ILE A 68 6.07 3.14 6.31
CA ILE A 68 5.28 2.88 5.13
C ILE A 68 5.83 1.69 4.37
N LEU A 69 5.01 0.68 4.17
CA LEU A 69 5.41 -0.46 3.37
C LEU A 69 4.90 -0.28 1.96
N LEU A 70 5.81 0.02 1.05
CA LEU A 70 5.46 0.29 -0.33
C LEU A 70 5.62 -0.97 -1.17
N GLY A 71 4.50 -1.55 -1.56
CA GLY A 71 4.52 -2.73 -2.38
C GLY A 71 4.39 -2.39 -3.85
N THR A 72 5.52 -2.25 -4.53
CA THR A 72 5.53 -1.85 -5.92
C THR A 72 5.36 -3.05 -6.85
N GLY A 73 4.13 -3.50 -6.99
CA GLY A 73 3.83 -4.63 -7.86
C GLY A 73 4.71 -5.84 -7.58
N GLU A 74 5.40 -6.29 -8.61
CA GLU A 74 6.31 -7.41 -8.49
C GLU A 74 7.74 -6.99 -8.81
N ARG A 75 7.94 -5.67 -8.92
CA ARG A 75 9.24 -5.12 -9.26
C ARG A 75 9.64 -4.06 -8.23
N GLN A 76 10.74 -4.28 -7.54
CA GLN A 76 11.21 -3.33 -6.54
C GLN A 76 11.71 -2.07 -7.23
N GLN A 77 10.85 -1.06 -7.28
CA GLN A 77 11.13 0.15 -8.04
C GLN A 77 11.22 1.35 -7.11
N PHE A 78 12.34 2.05 -7.17
CA PHE A 78 12.55 3.25 -6.37
C PHE A 78 11.58 4.35 -6.79
N PRO A 79 11.00 5.07 -5.82
CA PRO A 79 10.09 6.17 -6.08
C PRO A 79 10.81 7.41 -6.61
N SER A 80 10.11 8.53 -6.65
CA SER A 80 10.68 9.77 -7.15
C SER A 80 11.68 10.34 -6.13
N THR A 81 12.75 10.91 -6.64
CA THR A 81 13.79 11.49 -5.80
C THR A 81 13.29 12.74 -5.08
N ASP A 82 12.26 13.37 -5.64
CA ASP A 82 11.67 14.57 -5.04
C ASP A 82 10.88 14.20 -3.79
N VAL A 83 10.35 12.97 -3.78
CA VAL A 83 9.59 12.47 -2.64
C VAL A 83 10.54 12.13 -1.48
N LEU A 84 11.71 11.62 -1.84
CA LEU A 84 12.70 11.18 -0.86
C LEU A 84 13.07 12.31 0.10
N ALA A 85 13.05 13.53 -0.40
CA ALA A 85 13.38 14.70 0.41
C ALA A 85 12.45 14.81 1.62
N ALA A 86 11.14 14.73 1.36
CA ALA A 86 10.15 14.83 2.41
C ALA A 86 10.25 13.64 3.37
N CYS A 87 10.50 12.47 2.79
CA CYS A 87 10.63 11.25 3.57
C CYS A 87 11.78 11.35 4.57
N LEU A 88 12.92 11.85 4.10
CA LEU A 88 14.11 11.99 4.94
C LEU A 88 13.95 13.13 5.94
N THR A 89 13.40 14.25 5.49
CA THR A 89 13.25 15.43 6.33
C THR A 89 12.34 15.15 7.53
N ARG A 90 11.29 14.37 7.31
CA ARG A 90 10.37 14.05 8.38
C ARG A 90 10.87 12.86 9.20
N GLY A 91 11.50 11.91 8.52
CA GLY A 91 11.99 10.73 9.22
C GLY A 91 11.02 9.57 9.14
N ILE A 92 10.45 9.37 7.95
CA ILE A 92 9.49 8.31 7.73
C ILE A 92 10.20 7.08 7.16
N GLY A 93 9.81 5.90 7.62
CA GLY A 93 10.42 4.68 7.15
C GLY A 93 9.71 4.13 5.93
N LEU A 94 10.18 4.51 4.76
CA LEU A 94 9.59 4.04 3.50
C LEU A 94 10.32 2.79 3.02
N GLU A 95 9.68 1.64 3.24
CA GLU A 95 10.26 0.37 2.83
C GLU A 95 9.72 -0.05 1.47
N ALA A 96 10.57 0.04 0.46
CA ALA A 96 10.17 -0.34 -0.90
C ALA A 96 10.35 -1.83 -1.09
N MET A 97 9.24 -2.53 -1.23
CA MET A 97 9.24 -3.97 -1.42
C MET A 97 8.28 -4.36 -2.53
N THR A 98 8.12 -5.66 -2.74
CA THR A 98 7.12 -6.15 -3.68
C THR A 98 5.80 -6.37 -2.94
N ASN A 99 4.72 -6.53 -3.69
CA ASN A 99 3.39 -6.71 -3.10
C ASN A 99 3.39 -7.87 -2.11
N ALA A 100 3.99 -8.99 -2.49
CA ALA A 100 4.05 -10.16 -1.63
C ALA A 100 4.93 -9.91 -0.40
N ALA A 101 6.06 -9.25 -0.61
CA ALA A 101 7.02 -9.01 0.47
C ALA A 101 6.48 -8.02 1.49
N ALA A 102 5.84 -6.96 1.00
CA ALA A 102 5.29 -5.92 1.87
C ALA A 102 4.18 -6.50 2.75
N ALA A 103 3.37 -7.38 2.16
CA ALA A 103 2.29 -8.01 2.90
C ALA A 103 2.82 -8.87 4.04
N ARG A 104 3.91 -9.58 3.78
CA ARG A 104 4.54 -10.43 4.79
C ARG A 104 5.12 -9.61 5.93
N THR A 105 5.73 -8.48 5.60
CA THR A 105 6.32 -7.61 6.60
C THR A 105 5.23 -6.85 7.37
N TYR A 106 4.10 -6.63 6.71
CA TYR A 106 2.98 -5.90 7.32
C TYR A 106 2.45 -6.64 8.53
N ASN A 107 2.49 -7.97 8.47
CA ASN A 107 2.08 -8.82 9.58
C ASN A 107 2.80 -8.42 10.87
N VAL A 108 4.09 -8.19 10.77
CA VAL A 108 4.90 -7.83 11.93
C VAL A 108 4.54 -6.45 12.43
N LEU A 109 4.51 -5.48 11.52
CA LEU A 109 4.27 -4.09 11.89
C LEU A 109 2.84 -3.86 12.38
N ALA A 110 1.92 -4.71 11.94
CA ALA A 110 0.54 -4.65 12.40
C ALA A 110 0.46 -5.00 13.89
N SER A 111 1.20 -6.02 14.28
CA SER A 111 1.26 -6.41 15.69
C SER A 111 2.06 -5.39 16.48
N GLU A 112 3.04 -4.77 15.84
CA GLU A 112 3.81 -3.69 16.45
C GLU A 112 2.92 -2.49 16.74
N GLY A 113 1.98 -2.22 15.84
CA GLY A 113 1.08 -1.10 16.00
C GLY A 113 1.80 0.23 15.91
N ARG A 114 2.96 0.23 15.25
CA ARG A 114 3.83 1.40 15.21
C ARG A 114 3.44 2.32 14.06
N ARG A 115 2.14 2.59 13.94
CA ARG A 115 1.59 3.49 12.93
C ARG A 115 2.12 3.14 11.53
N VAL A 116 1.72 1.99 11.03
CA VAL A 116 2.16 1.51 9.74
C VAL A 116 1.12 1.74 8.67
N ALA A 117 1.56 2.16 7.49
CA ALA A 117 0.68 2.35 6.36
C ALA A 117 1.13 1.44 5.22
N LEU A 118 0.23 0.58 4.77
CA LEU A 118 0.54 -0.33 3.67
C LEU A 118 0.13 0.29 2.35
N ALA A 119 1.12 0.72 1.58
CA ALA A 119 0.87 1.33 0.29
C ALA A 119 1.10 0.31 -0.81
N MET A 120 0.02 -0.28 -1.28
CA MET A 120 0.10 -1.30 -2.31
C MET A 120 -0.22 -0.71 -3.67
N ILE A 121 0.78 -0.64 -4.52
CA ILE A 121 0.60 -0.15 -5.88
C ILE A 121 0.79 -1.31 -6.85
N VAL A 122 -0.32 -1.92 -7.25
CA VAL A 122 -0.26 -3.06 -8.15
C VAL A 122 -0.97 -2.74 -9.46
N GLY A 123 -0.44 -3.26 -10.55
CA GLY A 123 -0.99 -2.97 -11.85
C GLY A 123 0.06 -2.40 -12.78
N GLY A 124 -0.33 -1.41 -13.57
CA GLY A 124 0.61 -0.78 -14.49
C GLY A 124 1.07 -1.71 -15.60
N LEU A 125 0.36 -2.83 -15.76
CA LEU A 125 0.71 -3.84 -16.77
C LEU A 125 0.56 -3.25 -18.17
N GLU A 126 -0.28 -2.24 -18.29
CA GLU A 126 -0.51 -1.59 -19.57
C GLU A 126 0.27 -0.28 -19.68
N HIS A 127 1.04 0.05 -18.64
CA HIS A 127 1.88 1.24 -18.69
C HIS A 127 3.07 0.94 -19.59
N HIS A 128 3.59 -0.27 -19.47
CA HIS A 128 4.56 -0.78 -20.41
C HIS A 128 3.79 -1.43 -21.56
N HIS A 129 3.64 -0.70 -22.65
CA HIS A 129 2.90 -1.19 -23.80
C HIS A 129 3.59 -2.41 -24.37
N HIS A 130 2.90 -3.54 -24.36
CA HIS A 130 3.50 -4.82 -24.73
C HIS A 130 3.96 -4.78 -26.18
N HIS A 131 3.07 -4.40 -27.07
CA HIS A 131 3.46 -4.11 -28.45
C HIS A 131 2.64 -2.93 -28.96
N HIS A 132 1.38 -2.88 -28.55
CA HIS A 132 0.48 -1.79 -28.93
C HIS A 132 -0.64 -1.67 -27.91
N MET A 1 -21.48 5.49 -8.12
CA MET A 1 -20.95 4.67 -7.00
C MET A 1 -22.06 3.78 -6.47
N PRO A 2 -21.76 2.48 -6.26
CA PRO A 2 -22.73 1.51 -5.75
C PRO A 2 -23.12 1.77 -4.30
N LEU A 3 -23.91 2.82 -4.10
CA LEU A 3 -24.42 3.20 -2.78
C LEU A 3 -23.30 3.60 -1.83
N ASN A 4 -23.68 3.93 -0.61
CA ASN A 4 -22.74 4.20 0.46
C ASN A 4 -23.43 4.00 1.79
N GLN A 5 -22.68 3.69 2.83
CA GLN A 5 -23.27 3.35 4.12
C GLN A 5 -22.35 3.75 5.25
N GLU A 6 -22.89 4.38 6.27
CA GLU A 6 -22.14 4.71 7.46
C GLU A 6 -21.85 3.44 8.25
N HIS A 7 -20.61 3.31 8.71
CA HIS A 7 -20.14 2.15 9.46
C HIS A 7 -20.10 0.89 8.59
N PRO A 8 -19.25 0.87 7.55
CA PRO A 8 -19.04 -0.29 6.70
C PRO A 8 -17.79 -1.06 7.11
N ASP A 9 -17.48 -0.99 8.41
CA ASP A 9 -16.27 -1.60 8.96
C ASP A 9 -16.26 -3.11 8.76
N TYR A 10 -15.45 -3.57 7.81
CA TYR A 10 -15.25 -4.99 7.59
C TYR A 10 -13.84 -5.38 8.01
N THR A 11 -13.67 -6.59 8.49
CA THR A 11 -12.36 -7.08 8.89
C THR A 11 -11.51 -7.42 7.67
N TYR A 12 -10.55 -6.56 7.36
CA TYR A 12 -9.67 -6.81 6.23
C TYR A 12 -8.75 -7.99 6.55
N ALA A 13 -8.71 -8.96 5.66
CA ALA A 13 -7.91 -10.15 5.88
C ALA A 13 -6.54 -10.03 5.21
N LEU A 14 -6.56 -9.88 3.88
CA LEU A 14 -5.34 -9.86 3.08
C LEU A 14 -4.53 -11.13 3.31
N ARG A 15 -5.00 -12.24 2.74
CA ARG A 15 -4.40 -13.54 2.99
C ARG A 15 -3.72 -14.08 1.74
N ALA A 16 -3.68 -13.29 0.68
CA ALA A 16 -3.14 -13.76 -0.58
C ALA A 16 -2.44 -12.63 -1.33
N ALA A 17 -1.21 -12.90 -1.75
CA ALA A 17 -0.42 -11.95 -2.51
C ALA A 17 0.10 -12.60 -3.78
N ASP A 18 -0.27 -12.04 -4.93
CA ASP A 18 0.12 -12.61 -6.22
C ASP A 18 0.99 -11.65 -7.01
N GLY A 19 1.35 -10.53 -6.40
CA GLY A 19 2.18 -9.56 -7.07
C GLY A 19 1.37 -8.64 -7.96
N ARG A 20 0.63 -9.21 -8.90
CA ARG A 20 -0.18 -8.42 -9.81
C ARG A 20 -1.54 -8.10 -9.21
N HIS A 21 -1.87 -8.75 -8.10
CA HIS A 21 -3.13 -8.50 -7.41
C HIS A 21 -3.09 -9.09 -6.01
N ALA A 22 -3.97 -8.60 -5.15
CA ALA A 22 -4.06 -9.07 -3.78
C ALA A 22 -5.51 -9.35 -3.41
N LYS A 23 -5.73 -10.33 -2.56
CA LYS A 23 -7.09 -10.68 -2.15
C LYS A 23 -7.48 -10.00 -0.86
N VAL A 24 -8.41 -9.06 -0.95
CA VAL A 24 -8.97 -8.42 0.22
C VAL A 24 -10.27 -9.13 0.59
N ASN A 25 -10.15 -10.10 1.48
CA ASN A 25 -11.28 -10.90 1.95
C ASN A 25 -11.83 -11.78 0.84
N GLU A 26 -12.76 -11.24 0.08
CA GLU A 26 -13.44 -11.97 -0.97
C GLU A 26 -13.37 -11.19 -2.28
N GLN A 27 -12.63 -10.09 -2.27
CA GLN A 27 -12.51 -9.24 -3.43
C GLN A 27 -11.04 -9.15 -3.86
N ILE A 28 -10.80 -9.39 -5.14
CA ILE A 28 -9.45 -9.33 -5.68
C ILE A 28 -9.16 -7.93 -6.20
N LEU A 29 -8.25 -7.23 -5.56
CA LEU A 29 -7.90 -5.87 -5.95
C LEU A 29 -6.56 -5.85 -6.65
N GLN A 30 -6.50 -5.10 -7.74
CA GLN A 30 -5.26 -4.93 -8.49
C GLN A 30 -5.10 -3.47 -8.90
N GLN A 31 -5.20 -2.59 -7.91
CA GLN A 31 -5.08 -1.16 -8.12
C GLN A 31 -4.14 -0.56 -7.09
N SER A 32 -4.08 0.77 -7.05
CA SER A 32 -3.28 1.46 -6.05
C SER A 32 -4.15 1.88 -4.88
N PHE A 33 -3.82 1.42 -3.69
CA PHE A 33 -4.59 1.75 -2.50
C PHE A 33 -3.70 1.74 -1.26
N ILE A 34 -4.06 2.59 -0.29
CA ILE A 34 -3.36 2.65 0.97
C ILE A 34 -4.14 1.87 2.03
N LEU A 35 -3.52 0.83 2.56
CA LEU A 35 -4.17 -0.01 3.54
C LEU A 35 -3.62 0.26 4.93
N MET A 36 -4.53 0.55 5.86
CA MET A 36 -4.18 0.77 7.25
C MET A 36 -5.18 0.05 8.13
N PRO A 37 -4.79 -0.31 9.37
CA PRO A 37 -5.73 -0.85 10.35
C PRO A 37 -6.74 0.20 10.79
N ASP A 38 -6.42 1.45 10.50
CA ASP A 38 -7.27 2.59 10.82
C ASP A 38 -8.39 2.73 9.80
N GLU A 39 -8.03 2.62 8.52
CA GLU A 39 -8.99 2.77 7.42
C GLU A 39 -8.37 2.31 6.10
N LEU A 40 -9.19 2.30 5.06
CA LEU A 40 -8.73 1.95 3.72
C LEU A 40 -8.87 3.15 2.79
N VAL A 41 -7.80 3.50 2.11
CA VAL A 41 -7.82 4.57 1.13
C VAL A 41 -7.59 4.00 -0.26
N GLU A 42 -8.69 3.66 -0.94
CA GLU A 42 -8.61 3.09 -2.27
C GLU A 42 -8.62 4.18 -3.32
N HIS A 43 -9.11 5.35 -2.94
CA HIS A 43 -9.15 6.50 -3.83
C HIS A 43 -7.79 7.20 -3.84
N TRP A 44 -6.76 6.48 -4.24
CA TRP A 44 -5.42 7.02 -4.31
C TRP A 44 -4.90 6.92 -5.74
N PRO A 45 -5.03 8.01 -6.52
CA PRO A 45 -4.68 8.02 -7.93
C PRO A 45 -3.18 8.09 -8.18
N VAL A 46 -2.50 6.97 -7.97
CA VAL A 46 -1.08 6.87 -8.27
C VAL A 46 -0.80 5.60 -9.08
N PRO A 47 -0.93 5.67 -10.41
CA PRO A 47 -0.63 4.55 -11.29
C PRO A 47 0.87 4.39 -11.53
N SER A 48 1.51 3.65 -10.64
CA SER A 48 2.95 3.40 -10.73
C SER A 48 3.74 4.69 -10.51
N LEU A 49 5.02 4.67 -10.86
CA LEU A 49 5.88 5.82 -10.68
C LEU A 49 5.70 6.82 -11.83
N GLY A 50 6.00 8.08 -11.58
CA GLY A 50 5.76 9.12 -12.57
C GLY A 50 4.56 9.95 -12.17
N GLN A 51 3.44 9.28 -11.93
CA GLN A 51 2.24 9.94 -11.44
C GLN A 51 2.27 10.05 -9.92
N LEU A 52 3.27 9.42 -9.33
CA LEU A 52 3.51 9.56 -7.89
C LEU A 52 4.12 10.91 -7.61
N GLN A 53 3.27 11.92 -7.52
CA GLN A 53 3.70 13.28 -7.29
C GLN A 53 3.88 13.52 -5.80
N PRO A 54 4.72 14.49 -5.42
CA PRO A 54 4.87 14.91 -4.03
C PRO A 54 3.51 15.30 -3.42
N ALA A 55 2.65 15.86 -4.26
CA ALA A 55 1.32 16.27 -3.83
C ALA A 55 0.36 15.07 -3.78
N HIS A 56 0.80 13.93 -4.32
CA HIS A 56 0.00 12.71 -4.27
C HIS A 56 0.42 11.84 -3.09
N MET A 57 1.64 12.08 -2.60
CA MET A 57 2.12 11.43 -1.39
C MET A 57 1.87 12.34 -0.19
N ASP A 58 1.37 13.53 -0.52
CA ASP A 58 1.13 14.60 0.46
C ASP A 58 0.22 14.14 1.59
N ALA A 59 -0.81 13.37 1.24
CA ALA A 59 -1.73 12.82 2.23
C ALA A 59 -0.99 12.00 3.27
N VAL A 60 -0.07 11.15 2.82
CA VAL A 60 0.67 10.27 3.70
C VAL A 60 1.68 11.06 4.52
N LEU A 61 2.27 12.08 3.89
CA LEU A 61 3.26 12.93 4.55
C LEU A 61 2.60 13.80 5.62
N ALA A 62 1.29 13.92 5.55
CA ALA A 62 0.54 14.71 6.53
C ALA A 62 0.11 13.84 7.71
N LEU A 63 -0.29 12.60 7.41
CA LEU A 63 -0.74 11.67 8.45
C LEU A 63 0.40 11.28 9.38
N ASN A 64 1.59 11.15 8.81
CA ASN A 64 2.81 10.84 9.57
C ASN A 64 2.75 9.46 10.21
N PRO A 65 3.09 8.41 9.45
CA PRO A 65 3.20 7.06 9.96
C PRO A 65 4.59 6.81 10.55
N ALA A 66 4.73 5.76 11.35
CA ALA A 66 6.01 5.38 11.91
C ALA A 66 6.86 4.73 10.83
N VAL A 67 6.18 3.94 9.99
CA VAL A 67 6.85 3.29 8.88
C VAL A 67 5.91 3.19 7.68
N ILE A 68 6.43 3.52 6.50
CA ILE A 68 5.68 3.39 5.27
C ILE A 68 6.16 2.18 4.50
N LEU A 69 5.25 1.32 4.12
CA LEU A 69 5.59 0.11 3.38
C LEU A 69 5.09 0.25 1.95
N LEU A 70 6.01 0.34 1.01
CA LEU A 70 5.67 0.51 -0.38
C LEU A 70 5.75 -0.82 -1.12
N GLY A 71 4.64 -1.22 -1.73
CA GLY A 71 4.62 -2.44 -2.52
C GLY A 71 4.37 -2.13 -3.98
N THR A 72 5.43 -2.12 -4.77
CA THR A 72 5.34 -1.75 -6.18
C THR A 72 4.98 -2.95 -7.06
N GLY A 73 3.92 -3.67 -6.67
CA GLY A 73 3.55 -4.90 -7.36
C GLY A 73 4.70 -5.89 -7.45
N GLU A 74 5.40 -5.84 -8.56
CA GLU A 74 6.59 -6.65 -8.76
C GLU A 74 7.67 -5.77 -9.35
N ARG A 75 8.94 -6.14 -9.09
CA ARG A 75 10.10 -5.30 -9.43
C ARG A 75 10.24 -4.19 -8.39
N GLN A 76 11.34 -4.23 -7.66
CA GLN A 76 11.61 -3.26 -6.62
C GLN A 76 11.83 -1.88 -7.24
N GLN A 77 10.96 -0.94 -6.91
CA GLN A 77 11.04 0.41 -7.44
C GLN A 77 11.02 1.45 -6.34
N PHE A 78 11.92 2.40 -6.42
CA PHE A 78 11.97 3.50 -5.46
C PHE A 78 11.42 4.76 -6.10
N PRO A 79 10.75 5.62 -5.32
CA PRO A 79 10.25 6.90 -5.81
C PRO A 79 11.38 7.81 -6.29
N SER A 80 11.03 8.79 -7.11
CA SER A 80 12.01 9.71 -7.66
C SER A 80 12.53 10.65 -6.57
N THR A 81 13.63 11.35 -6.88
CA THR A 81 14.24 12.28 -5.92
C THR A 81 13.25 13.36 -5.53
N ASP A 82 12.30 13.65 -6.43
CA ASP A 82 11.26 14.62 -6.18
C ASP A 82 10.45 14.25 -4.94
N VAL A 83 10.13 12.97 -4.83
CA VAL A 83 9.35 12.46 -3.72
C VAL A 83 10.24 12.15 -2.52
N LEU A 84 11.43 11.61 -2.80
CA LEU A 84 12.38 11.23 -1.75
C LEU A 84 12.72 12.41 -0.86
N ALA A 85 12.83 13.59 -1.46
CA ALA A 85 13.16 14.81 -0.72
C ALA A 85 12.14 15.08 0.39
N ALA A 86 10.88 14.80 0.11
CA ALA A 86 9.80 15.07 1.05
C ALA A 86 9.72 14.01 2.14
N CYS A 87 10.34 12.86 1.88
CA CYS A 87 10.33 11.77 2.83
C CYS A 87 11.55 11.88 3.77
N LEU A 88 12.68 12.28 3.20
CA LEU A 88 13.92 12.37 3.95
C LEU A 88 13.96 13.60 4.84
N THR A 89 13.25 14.66 4.44
CA THR A 89 13.20 15.89 5.21
C THR A 89 12.60 15.66 6.60
N ARG A 90 11.52 14.90 6.66
CA ARG A 90 10.88 14.61 7.94
C ARG A 90 11.45 13.34 8.55
N GLY A 91 12.17 12.58 7.74
CA GLY A 91 12.81 11.37 8.20
C GLY A 91 11.85 10.23 8.39
N ILE A 92 11.04 9.97 7.36
CA ILE A 92 10.06 8.91 7.42
C ILE A 92 10.66 7.62 6.87
N GLY A 93 10.45 6.53 7.60
CA GLY A 93 10.97 5.24 7.18
C GLY A 93 10.19 4.66 6.01
N LEU A 94 10.84 4.49 4.88
CA LEU A 94 10.20 3.97 3.68
C LEU A 94 10.76 2.59 3.32
N GLU A 95 9.96 1.56 3.54
CA GLU A 95 10.33 0.21 3.17
C GLU A 95 9.77 -0.12 1.79
N ALA A 96 10.63 -0.11 0.79
CA ALA A 96 10.20 -0.38 -0.58
C ALA A 96 10.43 -1.83 -0.96
N MET A 97 9.34 -2.56 -1.17
CA MET A 97 9.41 -3.97 -1.54
C MET A 97 8.32 -4.30 -2.56
N THR A 98 8.15 -5.57 -2.84
CA THR A 98 7.13 -6.01 -3.78
C THR A 98 5.87 -6.43 -3.03
N ASN A 99 4.78 -6.65 -3.78
CA ASN A 99 3.50 -7.03 -3.20
C ASN A 99 3.61 -8.29 -2.35
N ALA A 100 4.36 -9.27 -2.86
CA ALA A 100 4.54 -10.53 -2.15
C ALA A 100 5.20 -10.34 -0.79
N ALA A 101 6.17 -9.45 -0.73
CA ALA A 101 6.90 -9.20 0.51
C ALA A 101 6.14 -8.22 1.41
N ALA A 102 5.51 -7.23 0.79
CA ALA A 102 4.79 -6.19 1.53
C ALA A 102 3.70 -6.79 2.40
N ALA A 103 2.95 -7.74 1.85
CA ALA A 103 1.85 -8.37 2.58
C ALA A 103 2.37 -9.13 3.81
N ARG A 104 3.55 -9.71 3.68
CA ARG A 104 4.14 -10.50 4.75
C ARG A 104 4.60 -9.59 5.88
N THR A 105 5.32 -8.54 5.53
CA THR A 105 5.85 -7.61 6.52
C THR A 105 4.73 -6.80 7.17
N TYR A 106 3.73 -6.43 6.37
CA TYR A 106 2.59 -5.66 6.88
C TYR A 106 1.87 -6.41 7.99
N ASN A 107 1.68 -7.71 7.80
CA ASN A 107 1.00 -8.54 8.79
C ASN A 107 1.70 -8.45 10.13
N VAL A 108 3.03 -8.44 10.11
CA VAL A 108 3.83 -8.33 11.32
C VAL A 108 3.66 -6.96 11.96
N LEU A 109 3.87 -5.92 11.16
CA LEU A 109 3.78 -4.54 11.65
C LEU A 109 2.38 -4.23 12.16
N ALA A 110 1.37 -4.79 11.51
CA ALA A 110 -0.02 -4.59 11.91
C ALA A 110 -0.30 -5.22 13.26
N SER A 111 0.26 -6.42 13.49
CA SER A 111 0.04 -7.13 14.74
C SER A 111 0.79 -6.47 15.90
N GLU A 112 1.70 -5.56 15.57
CA GLU A 112 2.40 -4.78 16.58
C GLU A 112 1.55 -3.60 17.04
N GLY A 113 0.44 -3.37 16.33
CA GLY A 113 -0.40 -2.22 16.62
C GLY A 113 0.36 -0.93 16.43
N ARG A 114 1.09 -0.86 15.34
CA ARG A 114 1.97 0.27 15.07
C ARG A 114 1.53 1.00 13.80
N ARG A 115 1.71 2.31 13.79
CA ARG A 115 1.30 3.11 12.64
C ARG A 115 2.15 2.80 11.41
N VAL A 116 1.61 1.95 10.55
CA VAL A 116 2.25 1.59 9.31
C VAL A 116 1.35 1.94 8.13
N ALA A 117 1.93 2.52 7.10
CA ALA A 117 1.19 2.88 5.91
C ALA A 117 1.52 1.92 4.78
N LEU A 118 0.59 1.02 4.48
CA LEU A 118 0.80 0.06 3.40
C LEU A 118 0.33 0.64 2.08
N ALA A 119 1.29 1.10 1.29
CA ALA A 119 1.00 1.65 -0.02
C ALA A 119 1.08 0.56 -1.07
N MET A 120 -0.05 -0.03 -1.40
CA MET A 120 -0.10 -1.11 -2.37
C MET A 120 -0.33 -0.57 -3.77
N ILE A 121 0.71 -0.62 -4.59
CA ILE A 121 0.61 -0.28 -5.99
C ILE A 121 0.70 -1.57 -6.79
N VAL A 122 -0.44 -2.16 -7.13
CA VAL A 122 -0.46 -3.41 -7.86
C VAL A 122 -1.31 -3.29 -9.12
N GLY A 123 -1.40 -4.38 -9.85
CA GLY A 123 -2.15 -4.40 -11.08
C GLY A 123 -1.26 -4.23 -12.30
N GLY A 124 -1.20 -3.00 -12.82
CA GLY A 124 -0.41 -2.73 -13.99
C GLY A 124 -1.12 -3.17 -15.27
N LEU A 125 -1.48 -4.45 -15.31
CA LEU A 125 -2.19 -5.05 -16.45
C LEU A 125 -1.29 -5.16 -17.69
N GLU A 126 -1.43 -6.26 -18.41
CA GLU A 126 -0.66 -6.49 -19.62
C GLU A 126 -1.05 -5.49 -20.72
N HIS A 127 -0.11 -5.16 -21.58
CA HIS A 127 -0.34 -4.15 -22.61
C HIS A 127 0.18 -4.61 -23.97
N HIS A 128 0.78 -5.80 -24.03
CA HIS A 128 1.29 -6.33 -25.28
C HIS A 128 0.14 -6.68 -26.21
N HIS A 129 0.37 -6.55 -27.51
CA HIS A 129 -0.70 -6.71 -28.49
C HIS A 129 -0.93 -8.17 -28.86
N HIS A 130 -1.79 -8.82 -28.09
CA HIS A 130 -2.29 -10.14 -28.43
C HIS A 130 -3.80 -10.07 -28.52
N HIS A 131 -4.37 -10.75 -29.51
CA HIS A 131 -5.81 -10.69 -29.73
C HIS A 131 -6.59 -11.19 -28.51
N HIS A 132 -7.31 -10.29 -27.87
CA HIS A 132 -8.16 -10.63 -26.74
C HIS A 132 -9.61 -10.59 -27.15
N MET A 1 -22.51 -20.88 25.55
CA MET A 1 -22.72 -20.57 24.12
C MET A 1 -21.40 -20.64 23.33
N PRO A 2 -20.41 -19.77 23.61
CA PRO A 2 -19.11 -19.82 22.94
C PRO A 2 -18.14 -20.77 23.63
N LEU A 3 -17.97 -21.95 23.05
CA LEU A 3 -17.09 -22.96 23.64
C LEU A 3 -15.71 -22.90 23.01
N ASN A 4 -15.50 -21.89 22.18
CA ASN A 4 -14.24 -21.74 21.47
C ASN A 4 -13.65 -20.36 21.72
N GLN A 5 -12.42 -20.15 21.27
CA GLN A 5 -11.77 -18.85 21.41
C GLN A 5 -12.30 -17.89 20.35
N GLU A 6 -13.51 -17.41 20.57
CA GLU A 6 -14.17 -16.54 19.62
C GLU A 6 -13.80 -15.07 19.87
N HIS A 7 -13.62 -14.34 18.79
CA HIS A 7 -13.24 -12.94 18.87
C HIS A 7 -14.46 -12.03 18.73
N PRO A 8 -14.76 -11.26 19.78
CA PRO A 8 -15.83 -10.26 19.73
C PRO A 8 -15.55 -9.24 18.63
N ASP A 9 -14.34 -8.71 18.62
CA ASP A 9 -13.90 -7.82 17.55
C ASP A 9 -13.13 -8.61 16.50
N TYR A 10 -13.63 -8.57 15.28
CA TYR A 10 -12.99 -9.27 14.18
C TYR A 10 -11.93 -8.37 13.56
N THR A 11 -10.67 -8.76 13.71
CA THR A 11 -9.58 -8.00 13.13
C THR A 11 -9.30 -8.47 11.71
N TYR A 12 -8.88 -7.54 10.86
CA TYR A 12 -8.63 -7.84 9.46
C TYR A 12 -7.41 -7.07 8.96
N ALA A 13 -6.54 -7.75 8.24
CA ALA A 13 -5.36 -7.13 7.67
C ALA A 13 -4.96 -7.82 6.38
N LEU A 14 -5.68 -7.50 5.30
CA LEU A 14 -5.42 -8.04 3.97
C LEU A 14 -5.77 -9.54 3.90
N ARG A 15 -6.14 -10.02 2.72
CA ARG A 15 -6.40 -11.45 2.53
C ARG A 15 -5.11 -12.14 2.13
N ALA A 16 -4.53 -11.67 1.04
CA ALA A 16 -3.29 -12.20 0.51
C ALA A 16 -2.69 -11.22 -0.48
N ALA A 17 -1.41 -11.40 -0.76
CA ALA A 17 -0.73 -10.57 -1.74
C ALA A 17 0.03 -11.45 -2.71
N ASP A 18 -0.46 -11.52 -3.94
CA ASP A 18 0.14 -12.37 -4.95
C ASP A 18 1.07 -11.55 -5.81
N GLY A 19 1.82 -12.23 -6.67
CA GLY A 19 2.62 -11.53 -7.65
C GLY A 19 1.73 -10.76 -8.60
N ARG A 20 1.83 -9.44 -8.54
CA ARG A 20 1.04 -8.55 -9.41
C ARG A 20 -0.44 -8.53 -8.99
N HIS A 21 -0.74 -8.96 -7.77
CA HIS A 21 -2.12 -8.99 -7.28
C HIS A 21 -2.19 -8.65 -5.80
N ALA A 22 -3.31 -8.07 -5.38
CA ALA A 22 -3.58 -7.81 -3.97
C ALA A 22 -5.06 -7.98 -3.68
N LYS A 23 -5.39 -8.65 -2.59
CA LYS A 23 -6.76 -8.98 -2.28
C LYS A 23 -7.18 -8.43 -0.91
N VAL A 24 -8.10 -7.49 -0.92
CA VAL A 24 -8.61 -6.90 0.32
C VAL A 24 -10.07 -7.29 0.51
N ASN A 25 -10.33 -8.10 1.54
CA ASN A 25 -11.66 -8.64 1.82
C ASN A 25 -12.10 -9.58 0.70
N GLU A 26 -12.67 -9.01 -0.35
CA GLU A 26 -13.03 -9.77 -1.53
C GLU A 26 -12.74 -8.97 -2.79
N GLN A 27 -12.11 -7.81 -2.61
CA GLN A 27 -11.82 -6.91 -3.70
C GLN A 27 -10.36 -7.04 -4.14
N ILE A 28 -10.16 -7.49 -5.37
CA ILE A 28 -8.82 -7.61 -5.92
C ILE A 28 -8.38 -6.28 -6.51
N LEU A 29 -7.60 -5.54 -5.74
CA LEU A 29 -7.15 -4.22 -6.14
C LEU A 29 -5.83 -4.33 -6.91
N GLN A 30 -5.89 -3.98 -8.19
CA GLN A 30 -4.71 -4.00 -9.04
C GLN A 30 -4.20 -2.58 -9.26
N GLN A 31 -4.31 -1.77 -8.23
CA GLN A 31 -3.82 -0.39 -8.25
C GLN A 31 -3.21 -0.07 -6.89
N SER A 32 -2.86 1.19 -6.69
CA SER A 32 -2.29 1.62 -5.42
C SER A 32 -3.40 1.95 -4.42
N PHE A 33 -3.29 1.37 -3.24
CA PHE A 33 -4.24 1.65 -2.17
C PHE A 33 -3.51 1.73 -0.83
N ILE A 34 -4.15 2.34 0.15
CA ILE A 34 -3.57 2.51 1.47
C ILE A 34 -4.29 1.65 2.50
N LEU A 35 -3.59 0.65 3.01
CA LEU A 35 -4.16 -0.21 4.04
C LEU A 35 -3.54 0.11 5.40
N MET A 36 -4.39 0.49 6.33
CA MET A 36 -3.95 0.80 7.69
C MET A 36 -4.67 -0.10 8.68
N PRO A 37 -4.08 -0.32 9.88
CA PRO A 37 -4.70 -1.09 10.96
C PRO A 37 -5.88 -0.33 11.57
N ASP A 38 -6.72 0.20 10.72
CA ASP A 38 -7.80 1.09 11.10
C ASP A 38 -8.90 1.07 10.05
N GLU A 39 -8.52 1.25 8.80
CA GLU A 39 -9.46 1.28 7.69
C GLU A 39 -8.73 1.18 6.36
N LEU A 40 -9.49 0.93 5.30
CA LEU A 40 -8.93 0.84 3.96
C LEU A 40 -9.20 2.13 3.18
N VAL A 41 -8.14 2.70 2.61
CA VAL A 41 -8.27 3.90 1.81
C VAL A 41 -7.82 3.62 0.37
N GLU A 42 -8.77 3.57 -0.55
CA GLU A 42 -8.44 3.34 -1.95
C GLU A 42 -8.96 4.49 -2.81
N HIS A 43 -9.07 4.24 -4.12
CA HIS A 43 -9.40 5.29 -5.10
C HIS A 43 -8.28 6.31 -5.16
N TRP A 44 -7.06 5.82 -5.10
CA TRP A 44 -5.88 6.65 -5.14
C TRP A 44 -5.35 6.70 -6.58
N PRO A 45 -5.25 7.90 -7.16
CA PRO A 45 -4.88 8.10 -8.57
C PRO A 45 -3.41 7.78 -8.86
N VAL A 46 -2.98 6.59 -8.50
CA VAL A 46 -1.63 6.12 -8.81
C VAL A 46 -1.68 4.70 -9.36
N PRO A 47 -1.78 4.54 -10.69
CA PRO A 47 -1.76 3.25 -11.34
C PRO A 47 -0.34 2.76 -11.61
N SER A 48 0.63 3.65 -11.48
CA SER A 48 2.03 3.33 -11.75
C SER A 48 2.93 4.29 -10.99
N LEU A 49 4.19 3.91 -10.81
CA LEU A 49 5.16 4.73 -10.07
C LEU A 49 5.41 6.06 -10.79
N GLY A 50 5.26 6.05 -12.11
CA GLY A 50 5.47 7.25 -12.90
C GLY A 50 4.45 8.35 -12.60
N GLN A 51 3.36 7.99 -11.95
CA GLN A 51 2.32 8.95 -11.61
C GLN A 51 2.34 9.25 -10.12
N LEU A 52 3.38 8.76 -9.45
CA LEU A 52 3.57 9.05 -8.04
C LEU A 52 4.22 10.41 -7.89
N GLN A 53 3.55 11.29 -7.17
CA GLN A 53 4.02 12.65 -6.97
C GLN A 53 3.80 13.06 -5.52
N PRO A 54 4.59 14.02 -5.03
CA PRO A 54 4.44 14.55 -3.67
C PRO A 54 3.03 15.06 -3.41
N ALA A 55 2.39 15.58 -4.45
CA ALA A 55 1.02 16.05 -4.35
C ALA A 55 0.07 14.88 -4.05
N HIS A 56 0.21 13.81 -4.82
CA HIS A 56 -0.62 12.62 -4.64
C HIS A 56 -0.35 11.93 -3.31
N MET A 57 0.92 11.94 -2.90
CA MET A 57 1.34 11.24 -1.69
C MET A 57 1.18 12.13 -0.45
N ASP A 58 0.88 13.40 -0.68
CA ASP A 58 0.71 14.37 0.42
C ASP A 58 -0.44 13.93 1.33
N ALA A 59 -1.48 13.35 0.73
CA ALA A 59 -2.62 12.86 1.49
C ALA A 59 -2.20 11.74 2.43
N VAL A 60 -1.25 10.92 1.99
CA VAL A 60 -0.74 9.83 2.80
C VAL A 60 -0.02 10.39 4.01
N LEU A 61 0.74 11.45 3.80
CA LEU A 61 1.47 12.11 4.87
C LEU A 61 0.52 12.80 5.83
N ALA A 62 -0.60 13.28 5.29
CA ALA A 62 -1.62 13.96 6.10
C ALA A 62 -2.31 12.97 7.04
N LEU A 63 -2.38 11.72 6.62
CA LEU A 63 -3.01 10.67 7.43
C LEU A 63 -2.08 10.20 8.55
N ASN A 64 -0.91 10.83 8.66
CA ASN A 64 0.07 10.55 9.70
C ASN A 64 0.63 9.12 9.57
N PRO A 65 1.68 8.96 8.75
CA PRO A 65 2.39 7.71 8.62
C PRO A 65 3.71 7.69 9.40
N ALA A 66 3.87 6.71 10.28
CA ALA A 66 5.12 6.55 11.00
C ALA A 66 6.08 5.68 10.19
N VAL A 67 5.51 4.76 9.44
CA VAL A 67 6.28 3.93 8.53
C VAL A 67 5.40 3.57 7.33
N ILE A 68 5.99 3.67 6.15
CA ILE A 68 5.27 3.40 4.91
C ILE A 68 5.87 2.21 4.19
N LEU A 69 5.07 1.17 4.01
CA LEU A 69 5.50 0.00 3.26
C LEU A 69 5.07 0.15 1.82
N LEU A 70 6.05 0.28 0.93
CA LEU A 70 5.77 0.52 -0.46
C LEU A 70 5.94 -0.75 -1.28
N GLY A 71 4.83 -1.43 -1.54
CA GLY A 71 4.87 -2.63 -2.34
C GLY A 71 4.69 -2.30 -3.81
N THR A 72 5.75 -2.46 -4.58
CA THR A 72 5.72 -2.08 -6.00
C THR A 72 5.29 -3.25 -6.89
N GLY A 73 4.17 -3.86 -6.53
CA GLY A 73 3.60 -4.94 -7.31
C GLY A 73 4.52 -6.13 -7.52
N GLU A 74 5.14 -6.16 -8.68
CA GLU A 74 5.89 -7.34 -9.13
C GLU A 74 7.33 -7.30 -8.64
N ARG A 75 8.06 -6.27 -9.04
CA ARG A 75 9.49 -6.18 -8.76
C ARG A 75 9.77 -4.90 -7.99
N GLN A 76 10.85 -4.89 -7.22
CA GLN A 76 11.22 -3.72 -6.44
C GLN A 76 11.62 -2.56 -7.35
N GLN A 77 10.66 -1.66 -7.60
CA GLN A 77 10.90 -0.53 -8.49
C GLN A 77 11.02 0.74 -7.68
N PHE A 78 12.13 1.45 -7.84
CA PHE A 78 12.36 2.67 -7.09
C PHE A 78 11.72 3.86 -7.79
N PRO A 79 10.87 4.61 -7.08
CA PRO A 79 10.20 5.78 -7.62
C PRO A 79 11.17 6.94 -7.86
N SER A 80 10.64 8.04 -8.37
CA SER A 80 11.43 9.21 -8.65
C SER A 80 12.04 9.80 -7.37
N THR A 81 13.28 10.27 -7.48
CA THR A 81 13.98 10.86 -6.36
C THR A 81 13.29 12.14 -5.89
N ASP A 82 12.47 12.71 -6.77
CA ASP A 82 11.65 13.87 -6.45
C ASP A 82 10.73 13.59 -5.27
N VAL A 83 10.13 12.40 -5.27
CA VAL A 83 9.18 12.02 -4.24
C VAL A 83 9.89 11.48 -3.00
N LEU A 84 10.96 10.72 -3.23
CA LEU A 84 11.69 10.05 -2.15
C LEU A 84 12.21 11.04 -1.11
N ALA A 85 12.49 12.26 -1.55
CA ALA A 85 13.05 13.28 -0.67
C ALA A 85 12.08 13.65 0.45
N ALA A 86 10.78 13.52 0.20
CA ALA A 86 9.77 13.92 1.17
C ALA A 86 9.82 13.04 2.43
N CYS A 87 9.90 11.73 2.22
CA CYS A 87 9.93 10.80 3.34
C CYS A 87 11.27 10.85 4.07
N LEU A 88 12.34 11.01 3.31
CA LEU A 88 13.69 10.99 3.87
C LEU A 88 13.92 12.21 4.76
N THR A 89 13.45 13.38 4.32
CA THR A 89 13.71 14.61 5.04
C THR A 89 13.06 14.62 6.43
N ARG A 90 11.80 14.20 6.51
CA ARG A 90 11.09 14.19 7.78
C ARG A 90 11.56 13.01 8.65
N GLY A 91 12.02 11.96 8.00
CA GLY A 91 12.50 10.80 8.73
C GLY A 91 11.42 9.73 8.85
N ILE A 92 10.74 9.45 7.75
CA ILE A 92 9.72 8.42 7.72
C ILE A 92 10.24 7.19 7.02
N GLY A 93 10.16 6.05 7.67
CA GLY A 93 10.62 4.81 7.09
C GLY A 93 9.84 4.44 5.85
N LEU A 94 10.52 4.34 4.73
CA LEU A 94 9.89 4.01 3.47
C LEU A 94 10.53 2.76 2.89
N GLU A 95 9.87 1.62 3.10
CA GLU A 95 10.43 0.36 2.65
C GLU A 95 9.79 -0.09 1.34
N ALA A 96 10.51 0.12 0.25
CA ALA A 96 10.03 -0.30 -1.06
C ALA A 96 10.34 -1.77 -1.29
N MET A 97 9.31 -2.58 -1.39
CA MET A 97 9.47 -4.03 -1.53
C MET A 97 8.42 -4.59 -2.48
N THR A 98 8.35 -5.90 -2.58
CA THR A 98 7.36 -6.55 -3.43
C THR A 98 6.05 -6.74 -2.68
N ASN A 99 4.97 -7.06 -3.40
CA ASN A 99 3.68 -7.33 -2.77
C ASN A 99 3.79 -8.38 -1.67
N ALA A 100 4.50 -9.46 -1.97
CA ALA A 100 4.67 -10.55 -1.02
C ALA A 100 5.43 -10.09 0.21
N ALA A 101 6.58 -9.47 0.01
CA ALA A 101 7.43 -9.03 1.10
C ALA A 101 6.73 -8.00 1.97
N ALA A 102 6.05 -7.04 1.32
CA ALA A 102 5.36 -5.98 2.04
C ALA A 102 4.28 -6.53 2.95
N ALA A 103 3.52 -7.50 2.44
CA ALA A 103 2.39 -8.07 3.18
C ALA A 103 2.85 -8.73 4.48
N ARG A 104 3.95 -9.48 4.43
CA ARG A 104 4.43 -10.19 5.60
C ARG A 104 5.13 -9.24 6.56
N THR A 105 5.79 -8.23 6.02
CA THR A 105 6.42 -7.20 6.85
C THR A 105 5.34 -6.38 7.55
N TYR A 106 4.24 -6.16 6.85
CA TYR A 106 3.09 -5.46 7.40
C TYR A 106 2.56 -6.20 8.63
N ASN A 107 2.47 -7.52 8.51
CA ASN A 107 2.04 -8.38 9.61
C ASN A 107 2.88 -8.13 10.86
N VAL A 108 4.20 -8.00 10.67
CA VAL A 108 5.11 -7.79 11.78
C VAL A 108 4.88 -6.43 12.43
N LEU A 109 4.85 -5.39 11.61
CA LEU A 109 4.70 -4.02 12.11
C LEU A 109 3.33 -3.82 12.75
N ALA A 110 2.30 -4.42 12.15
CA ALA A 110 0.94 -4.33 12.69
C ALA A 110 0.84 -5.05 14.04
N SER A 111 1.69 -6.04 14.25
CA SER A 111 1.73 -6.77 15.51
C SER A 111 2.39 -5.92 16.60
N GLU A 112 3.36 -5.09 16.20
CA GLU A 112 4.03 -4.19 17.14
C GLU A 112 3.06 -3.09 17.57
N GLY A 113 2.25 -2.62 16.62
CA GLY A 113 1.32 -1.54 16.91
C GLY A 113 1.80 -0.22 16.34
N ARG A 114 2.85 -0.29 15.52
CA ARG A 114 3.41 0.90 14.90
C ARG A 114 2.43 1.47 13.89
N ARG A 115 2.34 2.79 13.81
CA ARG A 115 1.49 3.47 12.84
C ARG A 115 2.02 3.23 11.43
N VAL A 116 1.61 2.12 10.83
CA VAL A 116 2.11 1.73 9.53
C VAL A 116 1.06 1.97 8.44
N ALA A 117 1.51 2.49 7.32
CA ALA A 117 0.66 2.69 6.18
C ALA A 117 1.12 1.79 5.04
N LEU A 118 0.25 0.89 4.62
CA LEU A 118 0.60 -0.02 3.53
C LEU A 118 0.24 0.63 2.21
N ALA A 119 1.22 1.27 1.59
CA ALA A 119 1.05 1.85 0.28
C ALA A 119 1.27 0.79 -0.78
N MET A 120 0.21 0.05 -1.05
CA MET A 120 0.30 -1.11 -1.92
C MET A 120 0.09 -0.71 -3.36
N ILE A 121 1.19 -0.53 -4.08
CA ILE A 121 1.12 -0.19 -5.49
C ILE A 121 1.11 -1.46 -6.32
N VAL A 122 -0.07 -1.91 -6.69
CA VAL A 122 -0.21 -3.14 -7.44
C VAL A 122 -0.19 -2.86 -8.93
N GLY A 123 0.59 -3.65 -9.67
CA GLY A 123 0.64 -3.51 -11.12
C GLY A 123 -0.17 -4.58 -11.81
N GLY A 124 0.28 -5.00 -12.98
CA GLY A 124 -0.45 -5.99 -13.73
C GLY A 124 -1.11 -5.39 -14.95
N LEU A 125 -0.58 -4.26 -15.39
CA LEU A 125 -1.17 -3.53 -16.50
C LEU A 125 -0.22 -3.47 -17.69
N GLU A 126 1.00 -3.95 -17.49
CA GLU A 126 2.01 -3.91 -18.55
C GLU A 126 1.78 -5.03 -19.56
N HIS A 127 0.75 -4.89 -20.37
CA HIS A 127 0.46 -5.87 -21.41
C HIS A 127 1.25 -5.53 -22.66
N HIS A 128 2.47 -6.03 -22.75
CA HIS A 128 3.32 -5.76 -23.90
C HIS A 128 3.37 -6.97 -24.81
N HIS A 129 2.43 -7.02 -25.75
CA HIS A 129 2.31 -8.12 -26.72
C HIS A 129 1.91 -9.43 -26.05
N HIS A 130 1.02 -10.16 -26.70
CA HIS A 130 0.71 -11.52 -26.27
C HIS A 130 1.70 -12.45 -26.95
N HIS A 131 2.98 -12.26 -26.65
CA HIS A 131 4.05 -13.02 -27.26
C HIS A 131 4.45 -14.18 -26.36
N HIS A 132 3.46 -14.74 -25.69
CA HIS A 132 3.67 -15.85 -24.78
C HIS A 132 2.34 -16.56 -24.56
N MET A 1 -24.08 0.37 24.86
CA MET A 1 -22.70 0.60 24.36
C MET A 1 -22.02 -0.73 24.11
N PRO A 2 -21.52 -0.95 22.89
CA PRO A 2 -20.81 -2.19 22.55
C PRO A 2 -19.52 -2.35 23.35
N LEU A 3 -18.55 -1.48 23.08
CA LEU A 3 -17.23 -1.56 23.70
C LEU A 3 -16.66 -2.96 23.48
N ASN A 4 -16.33 -3.26 22.22
CA ASN A 4 -15.89 -4.59 21.86
C ASN A 4 -14.40 -4.63 21.53
N GLN A 5 -13.60 -4.87 22.57
CA GLN A 5 -12.19 -5.17 22.39
C GLN A 5 -12.05 -6.68 22.35
N GLU A 6 -13.12 -7.34 22.77
CA GLU A 6 -13.27 -8.79 22.65
C GLU A 6 -12.99 -9.21 21.22
N HIS A 7 -12.34 -10.36 21.06
CA HIS A 7 -11.84 -10.78 19.76
C HIS A 7 -12.96 -11.15 18.80
N PRO A 8 -13.15 -10.36 17.74
CA PRO A 8 -14.17 -10.57 16.74
C PRO A 8 -13.63 -11.34 15.53
N ASP A 9 -14.20 -11.08 14.37
CA ASP A 9 -13.78 -11.72 13.13
C ASP A 9 -12.46 -11.15 12.64
N TYR A 10 -11.64 -11.99 12.05
CA TYR A 10 -10.38 -11.57 11.48
C TYR A 10 -10.57 -11.24 10.01
N THR A 11 -11.27 -10.14 9.77
CA THR A 11 -11.65 -9.74 8.42
C THR A 11 -10.46 -9.35 7.57
N TYR A 12 -9.60 -8.49 8.11
CA TYR A 12 -8.45 -7.99 7.36
C TYR A 12 -7.33 -9.02 7.32
N ALA A 13 -7.30 -9.81 6.25
CA ALA A 13 -6.28 -10.81 6.06
C ALA A 13 -5.89 -10.92 4.60
N LEU A 14 -4.64 -11.25 4.34
CA LEU A 14 -4.15 -11.43 2.99
C LEU A 14 -3.95 -12.91 2.69
N ARG A 15 -4.97 -13.53 2.10
CA ARG A 15 -4.88 -14.94 1.74
C ARG A 15 -4.47 -15.11 0.28
N ALA A 16 -4.09 -14.00 -0.34
CA ALA A 16 -3.55 -14.00 -1.69
C ALA A 16 -2.85 -12.68 -1.96
N ALA A 17 -1.52 -12.70 -1.92
CA ALA A 17 -0.74 -11.49 -2.11
C ALA A 17 0.31 -11.68 -3.20
N ASP A 18 0.08 -11.05 -4.34
CA ASP A 18 1.02 -11.06 -5.45
C ASP A 18 1.36 -9.64 -5.83
N GLY A 19 2.33 -9.48 -6.70
CA GLY A 19 2.60 -8.18 -7.26
C GLY A 19 1.60 -7.83 -8.35
N ARG A 20 0.83 -8.82 -8.76
CA ARG A 20 -0.15 -8.65 -9.83
C ARG A 20 -1.57 -8.84 -9.31
N HIS A 21 -1.71 -9.42 -8.12
CA HIS A 21 -3.01 -9.66 -7.52
C HIS A 21 -2.98 -9.39 -6.03
N ALA A 22 -4.02 -8.79 -5.50
CA ALA A 22 -4.09 -8.50 -4.08
C ALA A 22 -5.52 -8.69 -3.58
N LYS A 23 -5.71 -9.64 -2.69
CA LYS A 23 -7.04 -9.93 -2.17
C LYS A 23 -7.11 -9.59 -0.70
N VAL A 24 -7.57 -8.38 -0.42
CA VAL A 24 -7.76 -7.92 0.95
C VAL A 24 -9.16 -8.30 1.41
N ASN A 25 -9.24 -9.30 2.29
CA ASN A 25 -10.51 -9.86 2.74
C ASN A 25 -11.18 -10.64 1.62
N GLU A 26 -11.71 -9.92 0.64
CA GLU A 26 -12.39 -10.52 -0.48
C GLU A 26 -12.15 -9.73 -1.77
N GLN A 27 -12.16 -8.41 -1.65
CA GLN A 27 -12.07 -7.55 -2.83
C GLN A 27 -10.67 -7.63 -3.44
N ILE A 28 -10.60 -8.13 -4.67
CA ILE A 28 -9.34 -8.21 -5.40
C ILE A 28 -8.99 -6.82 -5.95
N LEU A 29 -8.08 -6.15 -5.27
CA LEU A 29 -7.73 -4.79 -5.65
C LEU A 29 -6.62 -4.77 -6.68
N GLN A 30 -7.00 -4.65 -7.94
CA GLN A 30 -6.06 -4.53 -9.05
C GLN A 30 -5.73 -3.05 -9.28
N GLN A 31 -5.63 -2.32 -8.18
CA GLN A 31 -5.39 -0.88 -8.22
C GLN A 31 -4.29 -0.53 -7.24
N SER A 32 -4.22 0.74 -6.85
CA SER A 32 -3.28 1.17 -5.83
C SER A 32 -4.06 1.66 -4.63
N PHE A 33 -3.66 1.23 -3.44
CA PHE A 33 -4.38 1.59 -2.23
C PHE A 33 -3.43 1.71 -1.04
N ILE A 34 -3.91 2.34 0.02
CA ILE A 34 -3.11 2.51 1.22
C ILE A 34 -3.72 1.72 2.37
N LEU A 35 -3.02 0.67 2.78
CA LEU A 35 -3.50 -0.20 3.85
C LEU A 35 -2.72 0.07 5.12
N MET A 36 -3.43 0.43 6.19
CA MET A 36 -2.79 0.69 7.47
C MET A 36 -3.45 -0.16 8.55
N PRO A 37 -2.74 -0.44 9.65
CA PRO A 37 -3.28 -1.19 10.80
C PRO A 37 -4.26 -0.35 11.61
N ASP A 38 -4.97 0.52 10.93
CA ASP A 38 -5.90 1.44 11.56
C ASP A 38 -7.14 1.59 10.67
N GLU A 39 -6.93 2.18 9.50
CA GLU A 39 -7.98 2.27 8.49
C GLU A 39 -7.43 1.92 7.12
N LEU A 40 -8.27 2.01 6.10
CA LEU A 40 -7.90 1.63 4.75
C LEU A 40 -8.32 2.72 3.75
N VAL A 41 -7.36 3.19 2.97
CA VAL A 41 -7.65 4.10 1.89
C VAL A 41 -7.79 3.30 0.60
N GLU A 42 -9.03 3.06 0.21
CA GLU A 42 -9.34 2.20 -0.92
C GLU A 42 -9.18 2.95 -2.24
N HIS A 43 -9.45 4.25 -2.20
CA HIS A 43 -9.38 5.07 -3.41
C HIS A 43 -8.19 6.02 -3.37
N TRP A 44 -7.16 5.68 -4.12
CA TRP A 44 -5.99 6.54 -4.26
C TRP A 44 -5.57 6.54 -5.73
N PRO A 45 -5.77 7.68 -6.42
CA PRO A 45 -5.58 7.78 -7.88
C PRO A 45 -4.11 7.80 -8.30
N VAL A 46 -3.41 6.69 -8.09
CA VAL A 46 -2.06 6.52 -8.61
C VAL A 46 -1.92 5.11 -9.18
N PRO A 47 -2.29 4.92 -10.45
CA PRO A 47 -2.30 3.59 -11.09
C PRO A 47 -0.91 3.00 -11.28
N SER A 48 0.05 3.87 -11.58
CA SER A 48 1.41 3.41 -11.85
C SER A 48 2.39 4.53 -11.54
N LEU A 49 3.67 4.30 -11.82
CA LEU A 49 4.70 5.29 -11.59
C LEU A 49 4.61 6.41 -12.61
N GLY A 50 5.33 7.48 -12.39
CA GLY A 50 5.28 8.63 -13.27
C GLY A 50 4.68 9.83 -12.59
N GLN A 51 3.45 9.69 -12.10
CA GLN A 51 2.79 10.77 -11.38
C GLN A 51 3.03 10.61 -9.87
N LEU A 52 3.84 9.62 -9.51
CA LEU A 52 4.17 9.39 -8.12
C LEU A 52 5.15 10.43 -7.62
N GLN A 53 4.61 11.55 -7.19
CA GLN A 53 5.37 12.63 -6.60
C GLN A 53 4.65 13.11 -5.35
N PRO A 54 5.32 13.91 -4.48
CA PRO A 54 4.70 14.48 -3.28
C PRO A 54 3.36 15.18 -3.57
N ALA A 55 3.14 15.53 -4.83
CA ALA A 55 1.89 16.14 -5.26
C ALA A 55 0.69 15.22 -5.00
N HIS A 56 0.88 13.92 -5.21
CA HIS A 56 -0.18 12.95 -4.98
C HIS A 56 0.14 12.06 -3.77
N MET A 57 1.40 12.11 -3.34
CA MET A 57 1.86 11.33 -2.18
C MET A 57 1.62 12.12 -0.90
N ASP A 58 1.20 13.37 -1.06
CA ASP A 58 0.97 14.29 0.06
C ASP A 58 0.00 13.69 1.07
N ALA A 59 -1.06 13.06 0.57
CA ALA A 59 -2.07 12.44 1.43
C ALA A 59 -1.44 11.43 2.37
N VAL A 60 -0.51 10.64 1.86
CA VAL A 60 0.14 9.60 2.64
C VAL A 60 0.99 10.22 3.75
N LEU A 61 1.70 11.28 3.40
CA LEU A 61 2.55 11.97 4.35
C LEU A 61 1.71 12.75 5.37
N ALA A 62 0.57 13.27 4.91
CA ALA A 62 -0.34 14.03 5.76
C ALA A 62 -1.00 13.13 6.80
N LEU A 63 -1.07 11.83 6.51
CA LEU A 63 -1.60 10.86 7.46
C LEU A 63 -0.64 10.69 8.63
N ASN A 64 0.62 11.08 8.40
CA ASN A 64 1.68 10.98 9.41
C ASN A 64 1.84 9.56 9.93
N PRO A 65 2.35 8.65 9.09
CA PRO A 65 2.68 7.29 9.49
C PRO A 65 4.05 7.22 10.15
N ALA A 66 4.33 6.10 10.80
CA ALA A 66 5.64 5.88 11.41
C ALA A 66 6.58 5.26 10.40
N VAL A 67 6.03 4.43 9.52
CA VAL A 67 6.79 3.79 8.47
C VAL A 67 5.92 3.57 7.24
N ILE A 68 6.51 3.65 6.06
CA ILE A 68 5.77 3.48 4.82
C ILE A 68 6.37 2.35 3.99
N LEU A 69 5.53 1.43 3.56
CA LEU A 69 5.95 0.33 2.71
C LEU A 69 5.41 0.55 1.31
N LEU A 70 6.31 0.65 0.34
CA LEU A 70 5.91 0.88 -1.03
C LEU A 70 6.04 -0.41 -1.85
N GLY A 71 4.92 -0.92 -2.33
CA GLY A 71 4.94 -2.12 -3.12
C GLY A 71 4.75 -1.82 -4.59
N THR A 72 5.83 -1.85 -5.34
CA THR A 72 5.77 -1.57 -6.77
C THR A 72 5.52 -2.86 -7.56
N GLY A 73 4.29 -3.36 -7.48
CA GLY A 73 3.94 -4.59 -8.15
C GLY A 73 4.73 -5.77 -7.65
N GLU A 74 5.25 -6.57 -8.58
CA GLU A 74 6.05 -7.74 -8.23
C GLU A 74 7.52 -7.42 -8.48
N ARG A 75 7.81 -6.14 -8.59
CA ARG A 75 9.16 -5.67 -8.88
C ARG A 75 9.60 -4.70 -7.81
N GLN A 76 10.89 -4.43 -7.77
CA GLN A 76 11.41 -3.38 -6.90
C GLN A 76 11.78 -2.18 -7.74
N GLN A 77 10.87 -1.23 -7.82
CA GLN A 77 11.08 -0.03 -8.61
C GLN A 77 11.55 1.11 -7.72
N PHE A 78 12.57 1.82 -8.18
CA PHE A 78 13.18 2.88 -7.39
C PHE A 78 12.34 4.14 -7.44
N PRO A 79 11.85 4.59 -6.28
CA PRO A 79 10.97 5.76 -6.19
C PRO A 79 11.67 7.05 -6.59
N SER A 80 10.89 8.03 -7.02
CA SER A 80 11.42 9.32 -7.41
C SER A 80 12.01 10.04 -6.20
N THR A 81 13.11 10.75 -6.43
CA THR A 81 13.83 11.44 -5.37
C THR A 81 12.94 12.46 -4.66
N ASP A 82 12.01 13.05 -5.41
CA ASP A 82 11.08 14.04 -4.86
C ASP A 82 10.31 13.45 -3.68
N VAL A 83 9.88 12.21 -3.83
CA VAL A 83 9.11 11.54 -2.79
C VAL A 83 10.02 11.14 -1.63
N LEU A 84 11.20 10.65 -1.97
CA LEU A 84 12.17 10.19 -0.98
C LEU A 84 12.58 11.32 -0.04
N ALA A 85 12.83 12.49 -0.61
CA ALA A 85 13.25 13.65 0.17
C ALA A 85 12.19 14.05 1.19
N ALA A 86 10.93 14.03 0.75
CA ALA A 86 9.81 14.43 1.60
C ALA A 86 9.62 13.46 2.76
N CYS A 87 10.00 12.19 2.54
CA CYS A 87 9.89 11.19 3.58
C CYS A 87 11.00 11.37 4.61
N LEU A 88 12.18 11.77 4.15
CA LEU A 88 13.33 11.96 5.01
C LEU A 88 13.15 13.20 5.88
N THR A 89 12.50 14.22 5.33
CA THR A 89 12.23 15.45 6.06
C THR A 89 11.11 15.26 7.08
N ARG A 90 10.16 14.41 6.75
CA ARG A 90 9.10 14.04 7.68
C ARG A 90 9.65 13.11 8.77
N GLY A 91 10.74 12.41 8.45
CA GLY A 91 11.34 11.50 9.39
C GLY A 91 10.71 10.12 9.34
N ILE A 92 10.17 9.78 8.18
CA ILE A 92 9.48 8.51 8.02
C ILE A 92 10.34 7.54 7.22
N GLY A 93 10.32 6.28 7.61
CA GLY A 93 11.05 5.26 6.90
C GLY A 93 10.27 4.73 5.72
N LEU A 94 10.80 4.92 4.53
CA LEU A 94 10.13 4.44 3.31
C LEU A 94 10.90 3.26 2.73
N GLU A 95 10.28 2.09 2.76
CA GLU A 95 10.91 0.89 2.24
C GLU A 95 10.22 0.44 0.96
N ALA A 96 10.97 0.42 -0.13
CA ALA A 96 10.45 -0.03 -1.41
C ALA A 96 10.64 -1.54 -1.57
N MET A 97 9.54 -2.25 -1.67
CA MET A 97 9.56 -3.70 -1.77
C MET A 97 8.55 -4.18 -2.80
N THR A 98 8.32 -5.48 -2.84
CA THR A 98 7.29 -6.05 -3.67
C THR A 98 6.02 -6.22 -2.84
N ASN A 99 4.86 -6.29 -3.50
CA ASN A 99 3.59 -6.41 -2.79
C ASN A 99 3.57 -7.62 -1.87
N ALA A 100 4.10 -8.73 -2.35
CA ALA A 100 4.13 -9.97 -1.57
C ALA A 100 4.96 -9.83 -0.32
N ALA A 101 6.11 -9.16 -0.43
CA ALA A 101 7.03 -9.01 0.69
C ALA A 101 6.51 -7.97 1.68
N ALA A 102 5.94 -6.89 1.16
CA ALA A 102 5.44 -5.81 1.99
C ALA A 102 4.25 -6.26 2.84
N ALA A 103 3.41 -7.12 2.27
CA ALA A 103 2.25 -7.66 2.99
C ALA A 103 2.69 -8.47 4.21
N ARG A 104 3.82 -9.15 4.07
CA ARG A 104 4.35 -9.99 5.13
C ARG A 104 4.84 -9.13 6.29
N THR A 105 5.42 -7.98 5.96
CA THR A 105 5.89 -7.05 6.98
C THR A 105 4.72 -6.35 7.65
N TYR A 106 3.67 -6.09 6.88
CA TYR A 106 2.48 -5.42 7.39
C TYR A 106 1.89 -6.16 8.59
N ASN A 107 1.81 -7.48 8.50
CA ASN A 107 1.23 -8.30 9.56
C ASN A 107 1.95 -8.10 10.89
N VAL A 108 3.27 -7.95 10.82
CA VAL A 108 4.08 -7.78 12.02
C VAL A 108 3.84 -6.41 12.66
N LEU A 109 3.74 -5.39 11.82
CA LEU A 109 3.54 -4.03 12.30
C LEU A 109 2.09 -3.81 12.72
N ALA A 110 1.18 -4.51 12.06
CA ALA A 110 -0.24 -4.43 12.38
C ALA A 110 -0.53 -5.00 13.76
N SER A 111 0.10 -6.12 14.08
CA SER A 111 -0.08 -6.76 15.37
C SER A 111 0.53 -5.90 16.48
N GLU A 112 1.63 -5.22 16.16
CA GLU A 112 2.26 -4.30 17.10
C GLU A 112 1.36 -3.08 17.32
N GLY A 113 0.72 -2.63 16.25
CA GLY A 113 -0.11 -1.45 16.32
C GLY A 113 0.61 -0.21 15.84
N ARG A 114 1.60 -0.43 14.97
CA ARG A 114 2.39 0.67 14.43
C ARG A 114 1.77 1.15 13.12
N ARG A 115 1.67 2.46 12.95
CA ARG A 115 1.10 3.02 11.74
C ARG A 115 2.06 2.89 10.56
N VAL A 116 1.90 1.79 9.83
CA VAL A 116 2.61 1.59 8.60
C VAL A 116 1.70 1.87 7.41
N ALA A 117 2.17 2.70 6.50
CA ALA A 117 1.41 3.00 5.31
C ALA A 117 1.79 2.04 4.20
N LEU A 118 0.98 1.00 4.02
CA LEU A 118 1.23 0.01 3.00
C LEU A 118 0.60 0.45 1.69
N ALA A 119 1.42 1.02 0.83
CA ALA A 119 0.96 1.47 -0.47
C ALA A 119 1.23 0.41 -1.53
N MET A 120 0.20 -0.32 -1.89
CA MET A 120 0.32 -1.40 -2.85
C MET A 120 -0.11 -0.96 -4.24
N ILE A 121 0.83 -0.97 -5.17
CA ILE A 121 0.53 -0.78 -6.57
C ILE A 121 0.38 -2.15 -7.21
N VAL A 122 -0.85 -2.59 -7.39
CA VAL A 122 -1.11 -3.95 -7.81
C VAL A 122 -1.50 -4.04 -9.28
N GLY A 123 -0.55 -4.43 -10.11
CA GLY A 123 -0.81 -4.71 -11.51
C GLY A 123 -1.39 -3.53 -12.28
N GLY A 124 -1.05 -2.32 -11.87
CA GLY A 124 -1.56 -1.13 -12.55
C GLY A 124 -0.78 -0.83 -13.81
N LEU A 125 -0.73 -1.80 -14.73
CA LEU A 125 0.02 -1.66 -15.95
C LEU A 125 -0.83 -2.02 -17.17
N GLU A 126 -1.41 -1.03 -17.80
CA GLU A 126 -2.17 -1.24 -19.03
C GLU A 126 -1.71 -0.28 -20.11
N HIS A 127 -1.36 -0.83 -21.27
CA HIS A 127 -0.87 -0.03 -22.39
C HIS A 127 -2.03 0.57 -23.17
N HIS A 128 -2.66 1.59 -22.58
CA HIS A 128 -3.81 2.28 -23.18
C HIS A 128 -4.91 1.29 -23.59
N HIS A 129 -5.02 0.99 -24.87
CA HIS A 129 -5.98 -0.01 -25.32
C HIS A 129 -5.28 -1.35 -25.50
N HIS A 130 -4.28 -1.39 -26.38
CA HIS A 130 -3.48 -2.58 -26.64
C HIS A 130 -2.21 -2.19 -27.36
N HIS A 131 -1.10 -2.81 -27.00
CA HIS A 131 0.17 -2.63 -27.69
C HIS A 131 1.02 -3.88 -27.55
N HIS A 132 1.14 -4.35 -26.32
CA HIS A 132 1.93 -5.54 -26.01
C HIS A 132 1.76 -5.88 -24.54
N MET A 1 -3.08 1.54 19.45
CA MET A 1 -4.49 1.67 18.97
C MET A 1 -5.24 2.67 19.84
N PRO A 2 -5.88 3.67 19.21
CA PRO A 2 -6.69 4.67 19.93
C PRO A 2 -7.94 4.03 20.52
N LEU A 3 -8.03 4.04 21.85
CA LEU A 3 -9.12 3.35 22.54
C LEU A 3 -10.35 4.23 22.66
N ASN A 4 -11.06 4.37 21.55
CA ASN A 4 -12.39 4.97 21.54
C ASN A 4 -13.24 4.19 20.56
N GLN A 5 -12.75 3.01 20.23
CA GLN A 5 -13.40 2.08 19.32
C GLN A 5 -12.84 0.69 19.59
N GLU A 6 -13.62 -0.12 20.30
CA GLU A 6 -13.17 -1.44 20.71
C GLU A 6 -13.06 -2.36 19.50
N HIS A 7 -14.19 -2.67 18.89
CA HIS A 7 -14.21 -3.51 17.70
C HIS A 7 -15.30 -3.04 16.74
N PRO A 8 -14.91 -2.45 15.62
CA PRO A 8 -15.83 -2.11 14.54
C PRO A 8 -16.31 -3.36 13.81
N ASP A 9 -17.31 -3.22 12.96
CA ASP A 9 -17.90 -4.35 12.27
C ASP A 9 -17.01 -4.84 11.13
N TYR A 10 -16.26 -5.90 11.40
CA TYR A 10 -15.32 -6.49 10.43
C TYR A 10 -14.20 -5.53 10.06
N THR A 11 -13.02 -5.81 10.58
CA THR A 11 -11.85 -4.99 10.32
C THR A 11 -11.38 -5.15 8.89
N TYR A 12 -11.12 -4.03 8.22
CA TYR A 12 -10.51 -4.05 6.89
C TYR A 12 -9.06 -4.45 7.01
N ALA A 13 -8.81 -5.76 7.04
CA ALA A 13 -7.47 -6.28 7.20
C ALA A 13 -7.01 -7.00 5.95
N LEU A 14 -5.70 -7.00 5.75
CA LEU A 14 -5.10 -7.69 4.62
C LEU A 14 -5.26 -9.20 4.80
N ARG A 15 -5.51 -9.90 3.72
CA ARG A 15 -5.70 -11.34 3.77
C ARG A 15 -4.42 -12.05 3.38
N ALA A 16 -3.94 -11.74 2.18
CA ALA A 16 -2.72 -12.33 1.65
C ALA A 16 -2.28 -11.58 0.41
N ALA A 17 -1.11 -11.92 -0.09
CA ALA A 17 -0.62 -11.36 -1.33
C ALA A 17 -0.55 -12.43 -2.39
N ASP A 18 -1.14 -12.16 -3.55
CA ASP A 18 -1.26 -13.18 -4.58
C ASP A 18 -0.15 -13.01 -5.62
N GLY A 19 0.52 -11.88 -5.58
CA GLY A 19 1.54 -11.59 -6.57
C GLY A 19 0.91 -11.06 -7.84
N ARG A 20 1.15 -9.79 -8.13
CA ARG A 20 0.48 -9.08 -9.22
C ARG A 20 -1.01 -8.93 -8.90
N HIS A 21 -1.37 -9.30 -7.67
CA HIS A 21 -2.72 -9.18 -7.17
C HIS A 21 -2.69 -9.03 -5.65
N ALA A 22 -3.63 -8.28 -5.12
CA ALA A 22 -3.70 -8.08 -3.67
C ALA A 22 -5.01 -8.63 -3.13
N LYS A 23 -4.93 -9.36 -2.03
CA LYS A 23 -6.09 -10.01 -1.46
C LYS A 23 -6.46 -9.34 -0.14
N VAL A 24 -7.44 -8.46 -0.18
CA VAL A 24 -7.87 -7.73 1.02
C VAL A 24 -9.26 -8.19 1.43
N ASN A 25 -9.35 -8.82 2.60
CA ASN A 25 -10.59 -9.40 3.12
C ASN A 25 -11.08 -10.51 2.17
N GLU A 26 -11.79 -10.14 1.13
CA GLU A 26 -12.27 -11.09 0.12
C GLU A 26 -12.06 -10.54 -1.28
N GLN A 27 -11.59 -9.32 -1.37
CA GLN A 27 -11.54 -8.61 -2.64
C GLN A 27 -10.14 -8.64 -3.23
N ILE A 28 -10.06 -9.05 -4.48
CA ILE A 28 -8.79 -9.02 -5.19
C ILE A 28 -8.60 -7.66 -5.85
N LEU A 29 -7.66 -6.90 -5.32
CA LEU A 29 -7.41 -5.55 -5.81
C LEU A 29 -6.29 -5.54 -6.84
N GLN A 30 -6.47 -4.73 -7.87
CA GLN A 30 -5.48 -4.54 -8.91
C GLN A 30 -5.24 -3.05 -9.10
N GLN A 31 -5.44 -2.32 -8.01
CA GLN A 31 -5.33 -0.88 -8.01
C GLN A 31 -4.25 -0.42 -7.03
N SER A 32 -3.93 0.86 -7.10
CA SER A 32 -3.06 1.48 -6.12
C SER A 32 -3.89 1.85 -4.90
N PHE A 33 -3.56 1.29 -3.74
CA PHE A 33 -4.33 1.54 -2.54
C PHE A 33 -3.42 1.72 -1.33
N ILE A 34 -3.95 2.40 -0.33
CA ILE A 34 -3.25 2.63 0.92
C ILE A 34 -4.00 1.95 2.06
N LEU A 35 -3.38 0.96 2.66
CA LEU A 35 -4.01 0.23 3.74
C LEU A 35 -3.41 0.61 5.10
N MET A 36 -4.28 1.06 5.98
CA MET A 36 -3.92 1.34 7.36
C MET A 36 -4.84 0.52 8.27
N PRO A 37 -4.49 0.35 9.55
CA PRO A 37 -5.30 -0.40 10.52
C PRO A 37 -6.81 -0.11 10.41
N ASP A 38 -7.52 -1.02 9.75
CA ASP A 38 -8.98 -0.97 9.60
C ASP A 38 -9.42 0.06 8.56
N GLU A 39 -8.58 1.06 8.30
CA GLU A 39 -8.89 2.07 7.30
C GLU A 39 -8.25 1.76 5.97
N LEU A 40 -9.05 1.34 5.01
CA LEU A 40 -8.57 1.01 3.68
C LEU A 40 -8.90 2.13 2.70
N VAL A 41 -7.88 2.72 2.12
CA VAL A 41 -8.06 3.71 1.07
C VAL A 41 -7.74 3.06 -0.28
N GLU A 42 -8.76 2.58 -0.95
CA GLU A 42 -8.60 1.84 -2.19
C GLU A 42 -8.64 2.75 -3.40
N HIS A 43 -8.85 4.03 -3.18
CA HIS A 43 -8.86 5.00 -4.25
C HIS A 43 -7.64 5.90 -4.19
N TRP A 44 -6.55 5.44 -4.80
CA TRP A 44 -5.34 6.22 -4.90
C TRP A 44 -4.95 6.37 -6.37
N PRO A 45 -5.21 7.55 -6.96
CA PRO A 45 -5.08 7.79 -8.40
C PRO A 45 -3.63 7.98 -8.87
N VAL A 46 -2.73 7.14 -8.39
CA VAL A 46 -1.34 7.19 -8.81
C VAL A 46 -0.98 5.95 -9.62
N PRO A 47 -0.71 6.13 -10.92
CA PRO A 47 -0.36 5.03 -11.83
C PRO A 47 1.13 4.70 -11.76
N SER A 48 1.46 3.66 -11.00
CA SER A 48 2.84 3.21 -10.84
C SER A 48 3.67 4.29 -10.15
N LEU A 49 4.99 4.22 -10.28
CA LEU A 49 5.87 5.17 -9.62
C LEU A 49 6.03 6.44 -10.46
N GLY A 50 5.33 6.49 -11.57
CA GLY A 50 5.37 7.66 -12.42
C GLY A 50 4.40 8.72 -11.94
N GLN A 51 4.90 9.95 -11.77
CA GLN A 51 4.12 11.06 -11.25
C GLN A 51 3.95 10.94 -9.73
N LEU A 52 4.53 9.89 -9.17
CA LEU A 52 4.50 9.69 -7.73
C LEU A 52 5.46 10.63 -7.04
N GLN A 53 4.92 11.73 -6.54
CA GLN A 53 5.68 12.72 -5.80
C GLN A 53 4.80 13.30 -4.70
N PRO A 54 5.37 14.07 -3.75
CA PRO A 54 4.61 14.69 -2.64
C PRO A 54 3.32 15.37 -3.08
N ALA A 55 3.23 15.74 -4.35
CA ALA A 55 2.03 16.34 -4.92
C ALA A 55 0.83 15.39 -4.78
N HIS A 56 0.96 14.19 -5.32
CA HIS A 56 -0.12 13.21 -5.25
C HIS A 56 0.10 12.21 -4.12
N MET A 57 1.20 12.42 -3.40
CA MET A 57 1.47 11.68 -2.18
C MET A 57 0.95 12.49 -0.99
N ASP A 58 0.31 13.61 -1.30
CA ASP A 58 -0.21 14.53 -0.30
C ASP A 58 -1.12 13.84 0.69
N ALA A 59 -1.98 12.96 0.19
CA ALA A 59 -2.91 12.22 1.03
C ALA A 59 -2.15 11.44 2.12
N VAL A 60 -1.03 10.84 1.72
CA VAL A 60 -0.21 10.07 2.64
C VAL A 60 0.45 11.01 3.65
N LEU A 61 0.96 12.13 3.16
CA LEU A 61 1.65 13.11 4.00
C LEU A 61 0.69 13.82 4.94
N ALA A 62 -0.57 13.92 4.52
CA ALA A 62 -1.60 14.55 5.32
C ALA A 62 -1.92 13.70 6.55
N LEU A 63 -2.03 12.39 6.33
CA LEU A 63 -2.25 11.46 7.42
C LEU A 63 -0.97 11.35 8.26
N ASN A 64 0.15 11.42 7.57
CA ASN A 64 1.48 11.44 8.18
C ASN A 64 1.69 10.24 9.09
N PRO A 65 2.05 9.08 8.51
CA PRO A 65 2.30 7.86 9.26
C PRO A 65 3.73 7.79 9.79
N ALA A 66 4.05 6.68 10.47
CA ALA A 66 5.38 6.49 11.01
C ALA A 66 6.24 5.67 10.05
N VAL A 67 5.65 4.64 9.46
CA VAL A 67 6.36 3.79 8.54
C VAL A 67 5.50 3.50 7.32
N ILE A 68 6.12 3.43 6.14
CA ILE A 68 5.38 3.22 4.91
C ILE A 68 5.96 2.03 4.14
N LEU A 69 5.11 1.05 3.87
CA LEU A 69 5.50 -0.08 3.06
C LEU A 69 5.02 0.13 1.64
N LEU A 70 5.96 0.45 0.76
CA LEU A 70 5.63 0.76 -0.63
C LEU A 70 5.70 -0.49 -1.48
N GLY A 71 4.56 -0.86 -2.04
CA GLY A 71 4.52 -2.01 -2.91
C GLY A 71 4.58 -1.61 -4.37
N THR A 72 5.75 -1.77 -4.97
CA THR A 72 5.96 -1.38 -6.35
C THR A 72 5.55 -2.49 -7.30
N GLY A 73 4.26 -2.81 -7.31
CA GLY A 73 3.74 -3.89 -8.14
C GLY A 73 4.48 -5.19 -7.89
N GLU A 74 4.96 -5.79 -8.96
CA GLU A 74 5.72 -7.02 -8.88
C GLU A 74 7.13 -6.78 -9.42
N ARG A 75 7.57 -5.53 -9.29
CA ARG A 75 8.87 -5.11 -9.80
C ARG A 75 9.46 -4.08 -8.86
N GLN A 76 10.48 -4.46 -8.10
CA GLN A 76 11.10 -3.56 -7.14
C GLN A 76 11.82 -2.43 -7.86
N GLN A 77 11.27 -1.23 -7.75
CA GLN A 77 11.81 -0.06 -8.43
C GLN A 77 11.87 1.12 -7.46
N PHE A 78 12.87 1.97 -7.63
CA PHE A 78 13.01 3.15 -6.78
C PHE A 78 12.01 4.22 -7.18
N PRO A 79 11.44 4.94 -6.21
CA PRO A 79 10.48 6.02 -6.46
C PRO A 79 11.17 7.31 -6.91
N SER A 80 10.42 8.39 -7.00
CA SER A 80 10.97 9.68 -7.36
C SER A 80 11.84 10.21 -6.22
N THR A 81 12.86 10.99 -6.58
CA THR A 81 13.80 11.54 -5.61
C THR A 81 13.07 12.36 -4.54
N ASP A 82 12.03 13.06 -4.96
CA ASP A 82 11.26 13.92 -4.07
C ASP A 82 10.50 13.10 -3.02
N VAL A 83 10.15 11.88 -3.37
CA VAL A 83 9.46 10.99 -2.45
C VAL A 83 10.39 10.57 -1.33
N LEU A 84 11.61 10.22 -1.72
CA LEU A 84 12.63 9.82 -0.75
C LEU A 84 12.93 10.98 0.20
N ALA A 85 13.07 12.17 -0.36
CA ALA A 85 13.34 13.37 0.42
C ALA A 85 12.21 13.64 1.41
N ALA A 86 10.97 13.49 0.94
CA ALA A 86 9.80 13.73 1.77
C ALA A 86 9.76 12.79 2.98
N CYS A 87 10.24 11.57 2.78
CA CYS A 87 10.25 10.59 3.85
C CYS A 87 11.45 10.80 4.78
N LEU A 88 12.63 11.02 4.19
CA LEU A 88 13.86 11.18 4.95
C LEU A 88 13.82 12.40 5.86
N THR A 89 13.18 13.47 5.40
CA THR A 89 13.11 14.72 6.15
C THR A 89 12.36 14.54 7.47
N ARG A 90 11.43 13.59 7.49
CA ARG A 90 10.68 13.29 8.71
C ARG A 90 11.20 12.05 9.41
N GLY A 91 12.02 11.28 8.71
CA GLY A 91 12.52 10.03 9.25
C GLY A 91 11.54 8.90 9.09
N ILE A 92 10.71 8.99 8.05
CA ILE A 92 9.72 7.97 7.76
C ILE A 92 10.36 6.79 7.05
N GLY A 93 10.14 5.59 7.60
CA GLY A 93 10.68 4.40 6.99
C GLY A 93 9.94 4.01 5.72
N LEU A 94 10.48 4.37 4.58
CA LEU A 94 9.88 4.04 3.30
C LEU A 94 10.57 2.80 2.71
N GLU A 95 9.94 1.65 2.88
CA GLU A 95 10.50 0.41 2.35
C GLU A 95 9.83 0.04 1.04
N ALA A 96 10.57 0.15 -0.05
CA ALA A 96 10.03 -0.17 -1.37
C ALA A 96 10.29 -1.63 -1.71
N MET A 97 9.21 -2.41 -1.76
CA MET A 97 9.30 -3.83 -2.07
C MET A 97 8.16 -4.21 -3.00
N THR A 98 8.06 -5.48 -3.35
CA THR A 98 6.95 -5.95 -4.15
C THR A 98 5.71 -6.08 -3.29
N ASN A 99 4.54 -6.15 -3.93
CA ASN A 99 3.26 -6.27 -3.23
C ASN A 99 3.26 -7.49 -2.29
N ALA A 100 3.89 -8.58 -2.73
CA ALA A 100 3.90 -9.80 -1.95
C ALA A 100 4.92 -9.73 -0.81
N ALA A 101 5.91 -8.86 -0.96
CA ALA A 101 6.89 -8.68 0.09
C ALA A 101 6.37 -7.74 1.16
N ALA A 102 5.77 -6.63 0.72
CA ALA A 102 5.21 -5.64 1.63
C ALA A 102 4.08 -6.24 2.46
N ALA A 103 3.25 -7.05 1.81
CA ALA A 103 2.15 -7.73 2.48
C ALA A 103 2.66 -8.66 3.57
N ARG A 104 3.80 -9.28 3.32
CA ARG A 104 4.41 -10.21 4.28
C ARG A 104 4.84 -9.46 5.52
N THR A 105 5.52 -8.34 5.31
CA THR A 105 6.02 -7.51 6.39
C THR A 105 4.88 -6.85 7.16
N TYR A 106 3.81 -6.49 6.45
CA TYR A 106 2.65 -5.83 7.06
C TYR A 106 2.03 -6.71 8.14
N ASN A 107 2.04 -8.02 7.92
CA ASN A 107 1.47 -8.95 8.88
C ASN A 107 2.28 -9.01 10.17
N VAL A 108 3.52 -8.54 10.09
CA VAL A 108 4.40 -8.51 11.26
C VAL A 108 4.28 -7.16 11.97
N LEU A 109 4.34 -6.08 11.20
CA LEU A 109 4.28 -4.74 11.77
C LEU A 109 2.92 -4.44 12.41
N ALA A 110 1.91 -5.19 12.00
CA ALA A 110 0.56 -5.02 12.54
C ALA A 110 0.53 -5.27 14.05
N SER A 111 1.43 -6.14 14.52
CA SER A 111 1.49 -6.49 15.93
C SER A 111 2.13 -5.38 16.76
N GLU A 112 2.75 -4.41 16.09
CA GLU A 112 3.35 -3.28 16.78
C GLU A 112 2.28 -2.25 17.11
N GLY A 113 1.29 -2.14 16.23
CA GLY A 113 0.19 -1.22 16.45
C GLY A 113 0.56 0.21 16.09
N ARG A 114 1.67 0.38 15.40
CA ARG A 114 2.09 1.68 14.93
C ARG A 114 1.42 2.00 13.60
N ARG A 115 1.38 3.27 13.25
CA ARG A 115 0.75 3.69 12.01
C ARG A 115 1.65 3.41 10.81
N VAL A 116 1.44 2.23 10.24
CA VAL A 116 2.11 1.83 9.03
C VAL A 116 1.20 2.04 7.83
N ALA A 117 1.71 2.71 6.83
CA ALA A 117 0.96 2.94 5.61
C ALA A 117 1.33 1.90 4.57
N LEU A 118 0.43 0.96 4.32
CA LEU A 118 0.67 -0.05 3.31
C LEU A 118 0.20 0.47 1.96
N ALA A 119 1.06 1.20 1.28
CA ALA A 119 0.72 1.78 -0.01
C ALA A 119 1.25 0.90 -1.13
N MET A 120 0.39 0.05 -1.64
CA MET A 120 0.80 -0.89 -2.66
C MET A 120 0.13 -0.57 -3.98
N ILE A 121 0.95 -0.34 -4.99
CA ILE A 121 0.47 -0.12 -6.34
C ILE A 121 0.44 -1.44 -7.07
N VAL A 122 -0.74 -2.01 -7.18
CA VAL A 122 -0.89 -3.33 -7.79
C VAL A 122 -1.07 -3.22 -9.29
N GLY A 123 -0.34 -4.04 -10.03
CA GLY A 123 -0.46 -4.05 -11.47
C GLY A 123 0.82 -4.47 -12.15
N GLY A 124 0.98 -4.05 -13.39
CA GLY A 124 2.15 -4.40 -14.17
C GLY A 124 1.91 -4.11 -15.64
N LEU A 125 0.93 -4.81 -16.20
CA LEU A 125 0.46 -4.57 -17.57
C LEU A 125 1.56 -4.80 -18.60
N GLU A 126 1.58 -6.02 -19.14
CA GLU A 126 2.55 -6.39 -20.16
C GLU A 126 1.83 -6.72 -21.45
N HIS A 127 0.59 -6.24 -21.57
CA HIS A 127 -0.27 -6.57 -22.71
C HIS A 127 0.23 -5.92 -23.99
N HIS A 128 1.28 -5.10 -23.88
CA HIS A 128 1.98 -4.59 -25.05
C HIS A 128 2.68 -5.75 -25.75
N HIS A 129 3.01 -6.76 -24.96
CA HIS A 129 3.60 -7.99 -25.46
C HIS A 129 2.89 -9.17 -24.82
N HIS A 130 1.73 -9.51 -25.36
CA HIS A 130 0.92 -10.58 -24.78
C HIS A 130 0.48 -11.55 -25.88
N HIS A 131 1.04 -12.74 -25.86
CA HIS A 131 0.65 -13.77 -26.81
C HIS A 131 -0.39 -14.69 -26.17
N HIS A 132 -1.15 -15.38 -27.00
CA HIS A 132 -2.17 -16.30 -26.52
C HIS A 132 -1.52 -17.65 -26.20
N MET A 1 -9.20 -30.43 18.02
CA MET A 1 -8.15 -30.20 17.01
C MET A 1 -7.09 -29.26 17.58
N PRO A 2 -5.85 -29.32 17.06
CA PRO A 2 -4.80 -28.38 17.46
C PRO A 2 -5.11 -26.96 17.02
N LEU A 3 -5.27 -26.08 18.00
CA LEU A 3 -5.62 -24.69 17.72
C LEU A 3 -4.43 -23.93 17.14
N ASN A 4 -4.37 -23.88 15.82
CA ASN A 4 -3.33 -23.13 15.13
C ASN A 4 -3.95 -22.24 14.07
N GLN A 5 -4.03 -20.96 14.38
CA GLN A 5 -4.65 -19.97 13.49
C GLN A 5 -4.41 -18.59 14.10
N GLU A 6 -5.01 -17.56 13.51
CA GLU A 6 -5.02 -16.23 14.12
C GLU A 6 -5.66 -16.30 15.51
N HIS A 7 -4.83 -16.36 16.53
CA HIS A 7 -5.29 -16.55 17.89
C HIS A 7 -6.11 -15.35 18.40
N PRO A 8 -5.57 -14.11 18.32
CA PRO A 8 -6.31 -12.92 18.78
C PRO A 8 -7.59 -12.70 17.99
N ASP A 9 -7.45 -12.50 16.68
CA ASP A 9 -8.60 -12.25 15.82
C ASP A 9 -8.18 -12.35 14.35
N TYR A 10 -9.03 -12.92 13.52
CA TYR A 10 -8.75 -13.04 12.10
C TYR A 10 -9.13 -11.75 11.38
N THR A 11 -8.29 -11.32 10.44
CA THR A 11 -8.48 -10.05 9.79
C THR A 11 -8.75 -10.22 8.30
N TYR A 12 -9.74 -9.47 7.79
CA TYR A 12 -10.11 -9.52 6.37
C TYR A 12 -9.10 -8.74 5.51
N ALA A 13 -8.23 -8.00 6.17
CA ALA A 13 -7.29 -7.13 5.47
C ALA A 13 -6.20 -7.95 4.77
N LEU A 14 -6.27 -7.97 3.44
CA LEU A 14 -5.28 -8.63 2.59
C LEU A 14 -5.25 -10.14 2.85
N ARG A 15 -6.21 -10.84 2.27
CA ARG A 15 -6.28 -12.28 2.40
C ARG A 15 -5.48 -12.95 1.29
N ALA A 16 -5.34 -12.24 0.19
CA ALA A 16 -4.57 -12.72 -0.95
C ALA A 16 -3.70 -11.57 -1.48
N ALA A 17 -2.45 -11.86 -1.78
CA ALA A 17 -1.50 -10.81 -2.12
C ALA A 17 -0.57 -11.22 -3.27
N ASP A 18 -0.68 -10.47 -4.37
CA ASP A 18 0.21 -10.62 -5.51
C ASP A 18 0.53 -9.23 -6.05
N GLY A 19 1.43 -9.15 -7.02
CA GLY A 19 1.72 -7.87 -7.64
C GLY A 19 0.67 -7.47 -8.66
N ARG A 20 -0.18 -8.43 -9.01
CA ARG A 20 -1.25 -8.19 -9.98
C ARG A 20 -2.57 -8.77 -9.46
N HIS A 21 -2.64 -8.93 -8.14
CA HIS A 21 -3.79 -9.55 -7.51
C HIS A 21 -3.80 -9.22 -6.02
N ALA A 22 -4.98 -9.04 -5.48
CA ALA A 22 -5.17 -8.74 -4.07
C ALA A 22 -6.63 -8.89 -3.70
N LYS A 23 -6.90 -9.38 -2.51
CA LYS A 23 -8.28 -9.51 -2.05
C LYS A 23 -8.40 -9.07 -0.60
N VAL A 24 -9.17 -8.02 -0.38
CA VAL A 24 -9.47 -7.56 0.97
C VAL A 24 -10.92 -7.89 1.28
N ASN A 25 -11.12 -8.81 2.23
CA ASN A 25 -12.44 -9.34 2.56
C ASN A 25 -13.02 -10.08 1.35
N GLU A 26 -13.65 -9.35 0.44
CA GLU A 26 -14.22 -9.94 -0.77
C GLU A 26 -13.64 -9.26 -2.00
N GLN A 27 -13.28 -7.98 -1.86
CA GLN A 27 -12.94 -7.14 -2.98
C GLN A 27 -11.54 -7.42 -3.52
N ILE A 28 -11.47 -7.71 -4.81
CA ILE A 28 -10.20 -7.86 -5.50
C ILE A 28 -9.70 -6.49 -5.96
N LEU A 29 -8.64 -6.02 -5.33
CA LEU A 29 -8.09 -4.73 -5.65
C LEU A 29 -7.03 -4.87 -6.73
N GLN A 30 -7.21 -4.12 -7.82
CA GLN A 30 -6.33 -4.20 -8.96
C GLN A 30 -5.65 -2.85 -9.18
N GLN A 31 -5.73 -2.00 -8.18
CA GLN A 31 -5.23 -0.63 -8.27
C GLN A 31 -4.17 -0.39 -7.22
N SER A 32 -3.62 0.82 -7.21
CA SER A 32 -2.71 1.24 -6.18
C SER A 32 -3.50 1.71 -4.96
N PHE A 33 -3.59 0.87 -3.94
CA PHE A 33 -4.44 1.18 -2.80
C PHE A 33 -3.63 1.42 -1.54
N ILE A 34 -4.11 2.34 -0.73
CA ILE A 34 -3.52 2.61 0.57
C ILE A 34 -4.30 1.90 1.65
N LEU A 35 -3.71 0.87 2.23
CA LEU A 35 -4.37 0.11 3.28
C LEU A 35 -3.78 0.45 4.64
N MET A 36 -4.59 1.06 5.48
CA MET A 36 -4.22 1.33 6.86
C MET A 36 -5.27 0.69 7.75
N PRO A 37 -4.88 0.19 8.94
CA PRO A 37 -5.80 -0.49 9.86
C PRO A 37 -6.95 0.38 10.35
N ASP A 38 -7.90 0.65 9.45
CA ASP A 38 -9.15 1.35 9.74
C ASP A 38 -9.85 1.74 8.44
N GLU A 39 -9.08 2.33 7.52
CA GLU A 39 -9.63 2.83 6.26
C GLU A 39 -8.88 2.25 5.06
N LEU A 40 -9.54 2.23 3.92
CA LEU A 40 -8.96 1.73 2.69
C LEU A 40 -9.12 2.75 1.58
N VAL A 41 -8.02 3.18 1.00
CA VAL A 41 -8.04 4.13 -0.10
C VAL A 41 -7.55 3.48 -1.38
N GLU A 42 -8.45 2.84 -2.11
CA GLU A 42 -8.11 2.18 -3.37
C GLU A 42 -8.31 3.14 -4.53
N HIS A 43 -8.89 4.29 -4.23
CA HIS A 43 -9.23 5.29 -5.23
C HIS A 43 -8.07 6.27 -5.41
N TRP A 44 -6.87 5.73 -5.40
CA TRP A 44 -5.65 6.52 -5.51
C TRP A 44 -5.10 6.41 -6.93
N PRO A 45 -5.22 7.49 -7.72
CA PRO A 45 -4.89 7.47 -9.15
C PRO A 45 -3.41 7.72 -9.44
N VAL A 46 -2.58 6.76 -9.08
CA VAL A 46 -1.15 6.82 -9.40
C VAL A 46 -0.72 5.57 -10.15
N PRO A 47 -0.30 5.74 -11.42
CA PRO A 47 0.16 4.63 -12.25
C PRO A 47 1.51 4.09 -11.79
N SER A 48 1.47 3.18 -10.82
CA SER A 48 2.65 2.54 -10.24
C SER A 48 3.74 3.55 -9.87
N LEU A 49 4.83 3.56 -10.63
CA LEU A 49 5.96 4.42 -10.33
C LEU A 49 6.29 5.30 -11.54
N GLY A 50 5.25 5.60 -12.32
CA GLY A 50 5.44 6.47 -13.47
C GLY A 50 5.77 7.89 -13.06
N GLN A 51 5.32 8.28 -11.87
CA GLN A 51 5.56 9.62 -11.36
C GLN A 51 6.09 9.56 -9.93
N LEU A 52 5.20 9.18 -9.02
CA LEU A 52 5.45 9.23 -7.59
C LEU A 52 5.91 10.63 -7.18
N GLN A 53 5.25 11.61 -7.74
CA GLN A 53 5.51 13.00 -7.44
C GLN A 53 4.80 13.37 -6.15
N PRO A 54 5.44 14.17 -5.27
CA PRO A 54 4.86 14.59 -3.98
C PRO A 54 3.43 15.12 -4.10
N ALA A 55 3.11 15.70 -5.25
CA ALA A 55 1.77 16.24 -5.49
C ALA A 55 0.71 15.13 -5.46
N HIS A 56 1.10 13.93 -5.87
CA HIS A 56 0.17 12.80 -5.92
C HIS A 56 0.32 11.92 -4.68
N MET A 57 1.50 11.94 -4.07
CA MET A 57 1.76 11.14 -2.88
C MET A 57 1.43 11.95 -1.62
N ASP A 58 1.01 13.19 -1.83
CA ASP A 58 0.66 14.10 -0.73
C ASP A 58 -0.41 13.52 0.16
N ALA A 59 -1.34 12.76 -0.44
CA ALA A 59 -2.41 12.11 0.32
C ALA A 59 -1.83 11.18 1.39
N VAL A 60 -0.79 10.45 1.02
CA VAL A 60 -0.14 9.52 1.94
C VAL A 60 0.57 10.27 3.06
N LEU A 61 1.20 11.37 2.69
CA LEU A 61 1.94 12.19 3.65
C LEU A 61 1.00 12.91 4.59
N ALA A 62 -0.17 13.28 4.09
CA ALA A 62 -1.18 13.96 4.90
C ALA A 62 -1.75 13.01 5.95
N LEU A 63 -1.85 11.73 5.61
CA LEU A 63 -2.30 10.72 6.56
C LEU A 63 -1.29 10.60 7.70
N ASN A 64 -0.01 10.76 7.35
CA ASN A 64 1.09 10.78 8.30
C ASN A 64 1.16 9.50 9.13
N PRO A 65 1.76 8.44 8.58
CA PRO A 65 1.99 7.20 9.28
C PRO A 65 3.38 7.14 9.91
N ALA A 66 3.62 6.13 10.74
CA ALA A 66 4.91 5.98 11.40
C ALA A 66 5.89 5.31 10.43
N VAL A 67 5.40 4.34 9.68
CA VAL A 67 6.20 3.64 8.69
C VAL A 67 5.36 3.34 7.46
N ILE A 68 5.98 3.38 6.28
CA ILE A 68 5.25 3.18 5.03
C ILE A 68 5.84 2.01 4.25
N LEU A 69 4.98 1.08 3.88
CA LEU A 69 5.38 -0.04 3.04
C LEU A 69 4.93 0.20 1.61
N LEU A 70 5.89 0.37 0.72
CA LEU A 70 5.59 0.64 -0.67
C LEU A 70 5.86 -0.59 -1.52
N GLY A 71 4.80 -1.23 -1.99
CA GLY A 71 4.94 -2.40 -2.83
C GLY A 71 4.53 -2.13 -4.25
N THR A 72 5.43 -2.34 -5.19
CA THR A 72 5.14 -2.13 -6.59
C THR A 72 5.12 -3.45 -7.36
N GLY A 73 4.05 -4.21 -7.20
CA GLY A 73 3.93 -5.51 -7.83
C GLY A 73 5.08 -6.43 -7.44
N GLU A 74 5.58 -7.18 -8.41
CA GLU A 74 6.78 -7.98 -8.20
C GLU A 74 7.99 -7.27 -8.81
N ARG A 75 7.87 -5.97 -9.03
CA ARG A 75 8.92 -5.19 -9.65
C ARG A 75 9.38 -4.09 -8.69
N GLN A 76 10.48 -4.34 -7.99
CA GLN A 76 10.96 -3.42 -6.97
C GLN A 76 11.51 -2.14 -7.60
N GLN A 77 10.85 -1.03 -7.32
CA GLN A 77 11.29 0.28 -7.79
C GLN A 77 12.03 1.02 -6.68
N PHE A 78 12.28 2.30 -6.90
CA PHE A 78 12.93 3.13 -5.90
C PHE A 78 12.16 4.43 -5.72
N PRO A 79 12.17 5.00 -4.50
CA PRO A 79 11.50 6.26 -4.20
C PRO A 79 12.11 7.44 -4.95
N SER A 80 11.27 8.26 -5.55
CA SER A 80 11.70 9.44 -6.29
C SER A 80 12.44 10.41 -5.38
N THR A 81 13.42 11.11 -5.95
CA THR A 81 14.27 12.03 -5.20
C THR A 81 13.46 13.08 -4.44
N ASP A 82 12.38 13.54 -5.08
CA ASP A 82 11.50 14.55 -4.48
C ASP A 82 10.91 14.06 -3.17
N VAL A 83 10.60 12.77 -3.11
CA VAL A 83 9.93 12.19 -1.95
C VAL A 83 10.92 11.96 -0.81
N LEU A 84 12.19 11.80 -1.17
CA LEU A 84 13.24 11.53 -0.19
C LEU A 84 13.33 12.63 0.86
N ALA A 85 13.11 13.87 0.42
CA ALA A 85 13.19 15.02 1.31
C ALA A 85 12.16 14.93 2.43
N ALA A 86 10.94 14.53 2.09
CA ALA A 86 9.85 14.44 3.06
C ALA A 86 10.04 13.26 4.00
N CYS A 87 10.53 12.15 3.45
CA CYS A 87 10.74 10.95 4.24
C CYS A 87 11.87 11.14 5.24
N LEU A 88 12.94 11.80 4.79
CA LEU A 88 14.12 12.00 5.62
C LEU A 88 13.83 12.95 6.78
N THR A 89 13.16 14.07 6.47
CA THR A 89 12.89 15.09 7.47
C THR A 89 12.00 14.59 8.60
N ARG A 90 10.89 13.95 8.24
CA ARG A 90 9.97 13.43 9.24
C ARG A 90 10.54 12.17 9.91
N GLY A 91 11.45 11.50 9.21
CA GLY A 91 12.04 10.30 9.74
C GLY A 91 11.12 9.10 9.58
N ILE A 92 10.63 8.90 8.37
CA ILE A 92 9.73 7.80 8.09
C ILE A 92 10.41 6.75 7.24
N GLY A 93 10.34 5.50 7.67
CA GLY A 93 10.89 4.41 6.90
C GLY A 93 10.01 4.06 5.73
N LEU A 94 10.46 4.42 4.53
CA LEU A 94 9.74 4.08 3.32
C LEU A 94 10.33 2.82 2.70
N GLU A 95 9.70 1.69 2.98
CA GLU A 95 10.22 0.42 2.54
C GLU A 95 9.69 0.06 1.16
N ALA A 96 10.54 0.24 0.15
CA ALA A 96 10.20 -0.14 -1.21
C ALA A 96 10.44 -1.63 -1.41
N MET A 97 9.36 -2.37 -1.57
CA MET A 97 9.44 -3.82 -1.69
C MET A 97 8.45 -4.32 -2.74
N THR A 98 8.26 -5.62 -2.78
CA THR A 98 7.24 -6.21 -3.61
C THR A 98 5.95 -6.32 -2.81
N ASN A 99 4.83 -6.53 -3.50
CA ASN A 99 3.54 -6.69 -2.84
C ASN A 99 3.58 -7.85 -1.85
N ALA A 100 4.32 -8.90 -2.22
CA ALA A 100 4.46 -10.08 -1.36
C ALA A 100 5.34 -9.76 -0.15
N ALA A 101 6.46 -9.09 -0.38
CA ALA A 101 7.39 -8.75 0.69
C ALA A 101 6.76 -7.75 1.66
N ALA A 102 5.99 -6.81 1.12
CA ALA A 102 5.30 -5.83 1.93
C ALA A 102 4.28 -6.50 2.84
N ALA A 103 3.62 -7.53 2.33
CA ALA A 103 2.65 -8.30 3.11
C ALA A 103 3.35 -9.02 4.27
N ARG A 104 4.58 -9.45 4.03
CA ARG A 104 5.38 -10.13 5.04
C ARG A 104 5.80 -9.14 6.12
N THR A 105 6.34 -8.00 5.68
CA THR A 105 6.80 -6.97 6.61
C THR A 105 5.63 -6.37 7.39
N TYR A 106 4.46 -6.33 6.76
CA TYR A 106 3.26 -5.78 7.39
C TYR A 106 2.95 -6.51 8.70
N ASN A 107 3.08 -7.83 8.68
CA ASN A 107 2.80 -8.65 9.85
C ASN A 107 3.71 -8.26 11.01
N VAL A 108 4.97 -7.98 10.70
CA VAL A 108 5.95 -7.63 11.71
C VAL A 108 5.66 -6.25 12.30
N LEU A 109 5.44 -5.28 11.42
CA LEU A 109 5.22 -3.90 11.85
C LEU A 109 3.92 -3.75 12.63
N ALA A 110 2.90 -4.47 12.19
CA ALA A 110 1.60 -4.45 12.87
C ALA A 110 1.71 -5.04 14.27
N SER A 111 2.47 -6.14 14.38
CA SER A 111 2.68 -6.78 15.67
C SER A 111 3.56 -5.92 16.56
N GLU A 112 4.40 -5.10 15.95
CA GLU A 112 5.26 -4.19 16.68
C GLU A 112 4.44 -3.01 17.22
N GLY A 113 3.24 -2.85 16.69
CA GLY A 113 2.35 -1.80 17.15
C GLY A 113 2.60 -0.48 16.45
N ARG A 114 3.43 -0.49 15.42
CA ARG A 114 3.73 0.72 14.67
C ARG A 114 2.65 0.98 13.63
N ARG A 115 2.20 2.23 13.58
CA ARG A 115 1.18 2.63 12.61
C ARG A 115 1.77 2.62 11.20
N VAL A 116 1.53 1.53 10.51
CA VAL A 116 2.07 1.33 9.18
C VAL A 116 1.04 1.62 8.10
N ALA A 117 1.48 2.26 7.03
CA ALA A 117 0.64 2.49 5.87
C ALA A 117 1.05 1.54 4.76
N LEU A 118 0.17 0.61 4.43
CA LEU A 118 0.45 -0.35 3.39
C LEU A 118 0.04 0.19 2.02
N ALA A 119 0.99 0.78 1.32
CA ALA A 119 0.75 1.28 -0.01
C ALA A 119 1.07 0.19 -1.02
N MET A 120 0.06 -0.62 -1.33
CA MET A 120 0.25 -1.75 -2.22
C MET A 120 -0.24 -1.41 -3.61
N ILE A 121 0.71 -1.32 -4.53
CA ILE A 121 0.41 -1.02 -5.92
C ILE A 121 0.20 -2.32 -6.68
N VAL A 122 -1.03 -2.54 -7.09
CA VAL A 122 -1.37 -3.72 -7.87
C VAL A 122 -1.37 -3.38 -9.35
N GLY A 123 -0.61 -4.14 -10.12
CA GLY A 123 -0.52 -3.90 -11.55
C GLY A 123 -1.67 -4.50 -12.31
N GLY A 124 -2.84 -3.92 -12.13
CA GLY A 124 -4.02 -4.36 -12.85
C GLY A 124 -4.00 -3.90 -14.29
N LEU A 125 -4.25 -4.81 -15.21
CA LEU A 125 -4.23 -4.49 -16.63
C LEU A 125 -5.52 -3.80 -17.04
N GLU A 126 -5.46 -2.47 -17.10
CA GLU A 126 -6.60 -1.66 -17.50
C GLU A 126 -6.82 -1.76 -19.01
N HIS A 127 -8.09 -1.74 -19.41
CA HIS A 127 -8.49 -1.88 -20.80
C HIS A 127 -8.09 -3.24 -21.36
N HIS A 128 -8.79 -4.26 -20.92
CA HIS A 128 -8.54 -5.62 -21.39
C HIS A 128 -9.45 -5.95 -22.57
N HIS A 129 -9.06 -6.94 -23.36
CA HIS A 129 -9.73 -7.25 -24.61
C HIS A 129 -10.98 -8.07 -24.37
N HIS A 130 -12.06 -7.72 -25.06
CA HIS A 130 -13.29 -8.49 -24.98
C HIS A 130 -13.20 -9.71 -25.89
N HIS A 131 -12.22 -9.68 -26.78
CA HIS A 131 -11.86 -10.85 -27.57
C HIS A 131 -10.45 -11.26 -27.20
N HIS A 132 -10.33 -12.26 -26.33
CA HIS A 132 -9.03 -12.68 -25.83
C HIS A 132 -8.26 -13.43 -26.91
N MET A 1 -26.86 2.77 24.74
CA MET A 1 -27.68 2.32 23.58
C MET A 1 -27.75 0.80 23.55
N PRO A 2 -28.89 0.24 23.10
CA PRO A 2 -29.06 -1.20 22.95
C PRO A 2 -28.30 -1.72 21.74
N LEU A 3 -27.01 -1.94 21.92
CA LEU A 3 -26.14 -2.37 20.84
C LEU A 3 -26.19 -3.89 20.68
N ASN A 4 -26.89 -4.34 19.64
CA ASN A 4 -26.98 -5.76 19.34
C ASN A 4 -25.77 -6.19 18.52
N GLN A 5 -25.28 -5.29 17.69
CA GLN A 5 -24.06 -5.52 16.92
C GLN A 5 -22.86 -5.25 17.81
N GLU A 6 -22.47 -6.26 18.57
CA GLU A 6 -21.39 -6.14 19.55
C GLU A 6 -20.10 -5.66 18.89
N HIS A 7 -19.72 -6.30 17.79
CA HIS A 7 -18.58 -5.83 17.02
C HIS A 7 -19.06 -5.34 15.66
N PRO A 8 -18.53 -4.20 15.18
CA PRO A 8 -18.97 -3.59 13.93
C PRO A 8 -18.62 -4.45 12.71
N ASP A 9 -17.38 -4.36 12.26
CA ASP A 9 -16.96 -5.08 11.07
C ASP A 9 -15.64 -5.80 11.33
N TYR A 10 -15.70 -7.12 11.41
CA TYR A 10 -14.50 -7.89 11.60
C TYR A 10 -14.31 -8.86 10.44
N THR A 11 -13.68 -8.36 9.39
CA THR A 11 -13.42 -9.14 8.21
C THR A 11 -12.12 -8.67 7.56
N TYR A 12 -11.13 -9.55 7.53
CA TYR A 12 -9.83 -9.22 6.99
C TYR A 12 -9.23 -10.42 6.27
N ALA A 13 -9.18 -10.34 4.94
CA ALA A 13 -8.52 -11.39 4.17
C ALA A 13 -7.04 -11.10 4.05
N LEU A 14 -6.62 -10.52 2.91
CA LEU A 14 -5.24 -10.09 2.68
C LEU A 14 -4.25 -11.27 2.60
N ARG A 15 -4.72 -12.44 3.04
CA ARG A 15 -3.89 -13.63 3.11
C ARG A 15 -3.74 -14.31 1.75
N ALA A 16 -4.46 -13.79 0.76
CA ALA A 16 -4.36 -14.31 -0.60
C ALA A 16 -4.12 -13.16 -1.57
N ALA A 17 -2.88 -13.00 -2.01
CA ALA A 17 -2.54 -11.89 -2.87
C ALA A 17 -1.37 -12.23 -3.79
N ASP A 18 -1.36 -11.60 -4.95
CA ASP A 18 -0.25 -11.68 -5.88
C ASP A 18 0.50 -10.35 -5.84
N GLY A 19 1.35 -10.12 -6.82
CA GLY A 19 1.87 -8.79 -7.02
C GLY A 19 1.00 -8.03 -7.99
N ARG A 20 0.32 -8.79 -8.84
CA ARG A 20 -0.58 -8.21 -9.83
C ARG A 20 -2.03 -8.16 -9.34
N HIS A 21 -2.30 -8.85 -8.23
CA HIS A 21 -3.65 -8.85 -7.65
C HIS A 21 -3.56 -8.68 -6.14
N ALA A 22 -4.38 -7.80 -5.59
CA ALA A 22 -4.50 -7.69 -4.15
C ALA A 22 -5.93 -8.01 -3.72
N LYS A 23 -6.09 -9.07 -2.97
CA LYS A 23 -7.43 -9.51 -2.59
C LYS A 23 -7.76 -9.07 -1.17
N VAL A 24 -8.37 -7.90 -1.08
CA VAL A 24 -8.79 -7.38 0.20
C VAL A 24 -10.22 -7.81 0.48
N ASN A 25 -10.35 -8.92 1.22
CA ASN A 25 -11.64 -9.49 1.59
C ASN A 25 -12.33 -10.09 0.38
N GLU A 26 -13.03 -9.24 -0.37
CA GLU A 26 -13.66 -9.67 -1.62
C GLU A 26 -13.23 -8.76 -2.77
N GLN A 27 -12.70 -7.58 -2.43
CA GLN A 27 -12.35 -6.60 -3.43
C GLN A 27 -10.96 -6.86 -3.99
N ILE A 28 -10.92 -7.48 -5.16
CA ILE A 28 -9.66 -7.67 -5.86
C ILE A 28 -9.20 -6.34 -6.44
N LEU A 29 -8.29 -5.71 -5.73
CA LEU A 29 -7.79 -4.41 -6.12
C LEU A 29 -6.57 -4.57 -7.03
N GLN A 30 -6.66 -4.01 -8.21
CA GLN A 30 -5.56 -4.03 -9.16
C GLN A 30 -5.28 -2.62 -9.67
N GLN A 31 -5.34 -1.68 -8.73
CA GLN A 31 -4.98 -0.30 -8.98
C GLN A 31 -3.91 0.15 -7.98
N SER A 32 -4.34 0.78 -6.90
CA SER A 32 -3.48 1.17 -5.80
C SER A 32 -4.34 1.57 -4.61
N PHE A 33 -3.93 1.20 -3.41
CA PHE A 33 -4.72 1.53 -2.23
C PHE A 33 -3.82 1.78 -1.03
N ILE A 34 -4.36 2.50 -0.05
CA ILE A 34 -3.63 2.84 1.17
C ILE A 34 -4.27 2.13 2.36
N LEU A 35 -3.57 1.14 2.90
CA LEU A 35 -4.08 0.39 4.03
C LEU A 35 -3.38 0.80 5.31
N MET A 36 -4.14 1.26 6.28
CA MET A 36 -3.60 1.61 7.59
C MET A 36 -4.46 1.01 8.68
N PRO A 37 -3.94 0.87 9.91
CA PRO A 37 -4.69 0.35 11.06
C PRO A 37 -5.76 1.33 11.54
N ASP A 38 -6.15 2.26 10.67
CA ASP A 38 -7.18 3.24 10.99
C ASP A 38 -8.32 3.09 10.01
N GLU A 39 -8.06 3.39 8.74
CA GLU A 39 -9.03 3.19 7.67
C GLU A 39 -8.35 2.68 6.40
N LEU A 40 -9.13 2.54 5.35
CA LEU A 40 -8.63 2.02 4.09
C LEU A 40 -9.01 2.93 2.93
N VAL A 41 -8.01 3.46 2.24
CA VAL A 41 -8.23 4.24 1.03
C VAL A 41 -8.22 3.31 -0.17
N GLU A 42 -9.40 3.10 -0.76
CA GLU A 42 -9.57 2.10 -1.81
C GLU A 42 -8.85 2.45 -3.09
N HIS A 43 -8.90 3.72 -3.49
CA HIS A 43 -8.34 4.14 -4.77
C HIS A 43 -7.31 5.24 -4.61
N TRP A 44 -6.05 4.87 -4.74
CA TRP A 44 -4.96 5.82 -4.74
C TRP A 44 -4.47 5.99 -6.17
N PRO A 45 -4.63 7.20 -6.75
CA PRO A 45 -4.34 7.46 -8.17
C PRO A 45 -2.85 7.50 -8.48
N VAL A 46 -2.21 6.34 -8.44
CA VAL A 46 -0.81 6.21 -8.82
C VAL A 46 -0.62 5.00 -9.73
N PRO A 47 -0.55 5.23 -11.05
CA PRO A 47 -0.31 4.15 -12.02
C PRO A 47 1.11 3.61 -11.93
N SER A 48 1.28 2.57 -11.11
CA SER A 48 2.58 1.95 -10.82
C SER A 48 3.57 2.99 -10.26
N LEU A 49 4.79 2.56 -9.98
CA LEU A 49 5.79 3.47 -9.45
C LEU A 49 6.47 4.25 -10.57
N GLY A 50 5.65 4.76 -11.48
CA GLY A 50 6.14 5.56 -12.57
C GLY A 50 5.60 6.98 -12.52
N GLN A 51 4.52 7.16 -11.76
CA GLN A 51 3.88 8.46 -11.63
C GLN A 51 3.67 8.82 -10.16
N LEU A 52 4.54 8.29 -9.30
CA LEU A 52 4.47 8.62 -7.88
C LEU A 52 5.16 9.95 -7.62
N GLN A 53 4.35 10.98 -7.49
CA GLN A 53 4.85 12.32 -7.23
C GLN A 53 4.58 12.68 -5.77
N PRO A 54 5.39 13.57 -5.19
CA PRO A 54 5.17 14.06 -3.82
C PRO A 54 3.78 14.64 -3.63
N ALA A 55 3.21 15.17 -4.70
CA ALA A 55 1.85 15.70 -4.69
C ALA A 55 0.84 14.59 -4.42
N HIS A 56 1.09 13.40 -4.96
CA HIS A 56 0.22 12.25 -4.74
C HIS A 56 0.48 11.64 -3.36
N MET A 57 1.68 11.88 -2.84
CA MET A 57 2.07 11.34 -1.54
C MET A 57 1.51 12.19 -0.40
N ASP A 58 1.12 13.42 -0.73
CA ASP A 58 0.59 14.36 0.27
C ASP A 58 -0.55 13.75 1.06
N ALA A 59 -1.39 12.97 0.38
CA ALA A 59 -2.51 12.30 1.03
C ALA A 59 -2.04 11.38 2.14
N VAL A 60 -1.02 10.58 1.84
CA VAL A 60 -0.48 9.64 2.82
C VAL A 60 0.13 10.40 4.00
N LEU A 61 0.81 11.50 3.68
CA LEU A 61 1.40 12.35 4.71
C LEU A 61 0.33 12.95 5.61
N ALA A 62 -0.82 13.28 5.01
CA ALA A 62 -1.94 13.86 5.74
C ALA A 62 -2.53 12.84 6.72
N LEU A 63 -2.43 11.57 6.37
CA LEU A 63 -2.89 10.48 7.26
C LEU A 63 -1.98 10.35 8.48
N ASN A 64 -0.79 10.95 8.39
CA ASN A 64 0.19 10.91 9.49
C ASN A 64 0.64 9.48 9.79
N PRO A 65 1.55 8.93 8.98
CA PRO A 65 2.12 7.62 9.20
C PRO A 65 3.42 7.68 10.01
N ALA A 66 3.77 6.58 10.64
CA ALA A 66 5.03 6.47 11.35
C ALA A 66 6.05 5.74 10.49
N VAL A 67 5.53 4.87 9.61
CA VAL A 67 6.36 4.15 8.67
C VAL A 67 5.53 3.79 7.43
N ILE A 68 6.12 3.89 6.25
CA ILE A 68 5.38 3.62 5.03
C ILE A 68 6.00 2.45 4.25
N LEU A 69 5.18 1.50 3.89
CA LEU A 69 5.61 0.39 3.06
C LEU A 69 5.08 0.58 1.65
N LEU A 70 5.96 0.44 0.67
CA LEU A 70 5.57 0.65 -0.71
C LEU A 70 5.69 -0.66 -1.49
N GLY A 71 4.56 -1.18 -1.94
CA GLY A 71 4.56 -2.37 -2.75
C GLY A 71 4.41 -2.02 -4.21
N THR A 72 5.40 -2.38 -5.02
CA THR A 72 5.41 -1.99 -6.43
C THR A 72 4.82 -3.08 -7.34
N GLY A 73 3.80 -3.76 -6.85
CA GLY A 73 3.17 -4.81 -7.63
C GLY A 73 4.00 -6.07 -7.78
N GLU A 74 3.93 -6.65 -8.97
CA GLU A 74 4.57 -7.93 -9.26
C GLU A 74 6.05 -7.73 -9.62
N ARG A 75 6.41 -6.49 -9.87
CA ARG A 75 7.78 -6.14 -10.23
C ARG A 75 8.38 -5.26 -9.16
N GLN A 76 9.70 -5.16 -9.13
CA GLN A 76 10.37 -4.29 -8.18
C GLN A 76 10.76 -2.97 -8.84
N GLN A 77 10.22 -1.88 -8.34
CA GLN A 77 10.51 -0.56 -8.86
C GLN A 77 11.17 0.30 -7.78
N PHE A 78 11.95 1.29 -8.20
CA PHE A 78 12.62 2.18 -7.26
C PHE A 78 12.01 3.58 -7.35
N PRO A 79 11.63 4.19 -6.22
CA PRO A 79 11.01 5.52 -6.18
C PRO A 79 12.02 6.64 -6.45
N SER A 80 11.50 7.82 -6.73
CA SER A 80 12.34 8.97 -6.98
C SER A 80 12.92 9.52 -5.69
N THR A 81 14.08 10.15 -5.77
CA THR A 81 14.75 10.69 -4.61
C THR A 81 13.94 11.81 -3.97
N ASP A 82 13.16 12.50 -4.79
CA ASP A 82 12.28 13.57 -4.32
C ASP A 82 11.31 13.04 -3.28
N VAL A 83 10.67 11.91 -3.59
CA VAL A 83 9.72 11.28 -2.69
C VAL A 83 10.43 10.72 -1.46
N LEU A 84 11.59 10.11 -1.70
CA LEU A 84 12.40 9.56 -0.61
C LEU A 84 12.76 10.64 0.39
N ALA A 85 13.31 11.74 -0.11
CA ALA A 85 13.72 12.85 0.74
C ALA A 85 12.54 13.45 1.49
N ALA A 86 11.41 13.59 0.80
CA ALA A 86 10.20 14.13 1.40
C ALA A 86 9.78 13.33 2.63
N CYS A 87 9.77 12.01 2.48
CA CYS A 87 9.39 11.12 3.58
C CYS A 87 10.39 11.21 4.72
N LEU A 88 11.68 11.19 4.38
CA LEU A 88 12.75 11.24 5.37
C LEU A 88 12.71 12.55 6.14
N THR A 89 12.43 13.64 5.43
CA THR A 89 12.33 14.96 6.05
C THR A 89 11.16 14.99 7.05
N ARG A 90 10.09 14.28 6.71
CA ARG A 90 8.93 14.18 7.59
C ARG A 90 9.24 13.29 8.79
N GLY A 91 10.30 12.49 8.67
CA GLY A 91 10.69 11.60 9.75
C GLY A 91 10.12 10.21 9.57
N ILE A 92 9.73 9.90 8.34
CA ILE A 92 9.11 8.61 8.03
C ILE A 92 10.01 7.79 7.11
N GLY A 93 10.11 6.50 7.39
CA GLY A 93 10.86 5.62 6.54
C GLY A 93 10.01 5.04 5.43
N LEU A 94 10.56 4.96 4.24
CA LEU A 94 9.83 4.44 3.08
C LEU A 94 10.52 3.20 2.55
N GLU A 95 9.93 2.05 2.80
CA GLU A 95 10.49 0.78 2.34
C GLU A 95 9.83 0.35 1.05
N ALA A 96 10.56 0.45 -0.05
CA ALA A 96 10.05 0.05 -1.36
C ALA A 96 10.36 -1.41 -1.62
N MET A 97 9.31 -2.22 -1.71
CA MET A 97 9.46 -3.65 -1.92
C MET A 97 8.38 -4.14 -2.89
N THR A 98 8.35 -5.43 -3.14
CA THR A 98 7.29 -6.03 -3.92
C THR A 98 6.12 -6.39 -3.00
N ASN A 99 4.98 -6.72 -3.58
CA ASN A 99 3.79 -7.05 -2.80
C ASN A 99 4.06 -8.10 -1.74
N ALA A 100 4.67 -9.22 -2.16
CA ALA A 100 4.96 -10.31 -1.25
C ALA A 100 5.93 -9.87 -0.14
N ALA A 101 6.95 -9.11 -0.53
CA ALA A 101 7.97 -8.66 0.41
C ALA A 101 7.40 -7.64 1.40
N ALA A 102 6.52 -6.77 0.91
CA ALA A 102 5.88 -5.77 1.74
C ALA A 102 5.00 -6.43 2.79
N ALA A 103 4.18 -7.37 2.37
CA ALA A 103 3.29 -8.10 3.28
C ALA A 103 4.08 -8.91 4.30
N ARG A 104 5.22 -9.44 3.85
CA ARG A 104 6.12 -10.20 4.70
C ARG A 104 6.51 -9.37 5.93
N THR A 105 6.95 -8.15 5.69
CA THR A 105 7.41 -7.26 6.75
C THR A 105 6.23 -6.58 7.46
N TYR A 106 5.14 -6.40 6.72
CA TYR A 106 3.95 -5.73 7.25
C TYR A 106 3.43 -6.44 8.50
N ASN A 107 3.49 -7.77 8.49
CA ASN A 107 3.03 -8.57 9.62
C ASN A 107 3.71 -8.14 10.92
N VAL A 108 5.03 -7.96 10.85
CA VAL A 108 5.81 -7.60 12.03
C VAL A 108 5.43 -6.21 12.52
N LEU A 109 5.27 -5.28 11.57
CA LEU A 109 4.94 -3.91 11.91
C LEU A 109 3.56 -3.82 12.56
N ALA A 110 2.63 -4.64 12.07
CA ALA A 110 1.30 -4.70 12.63
C ALA A 110 1.33 -5.29 14.04
N SER A 111 2.15 -6.31 14.23
CA SER A 111 2.31 -6.95 15.52
C SER A 111 2.99 -6.01 16.52
N GLU A 112 3.84 -5.12 16.02
CA GLU A 112 4.50 -4.15 16.88
C GLU A 112 3.50 -3.12 17.39
N GLY A 113 2.57 -2.74 16.54
CA GLY A 113 1.57 -1.76 16.92
C GLY A 113 2.01 -0.35 16.58
N ARG A 114 2.61 -0.20 15.41
CA ARG A 114 3.08 1.10 14.94
C ARG A 114 2.18 1.58 13.80
N ARG A 115 2.08 2.90 13.66
CA ARG A 115 1.25 3.48 12.60
C ARG A 115 1.91 3.29 11.24
N VAL A 116 1.63 2.14 10.64
CA VAL A 116 2.19 1.81 9.35
C VAL A 116 1.21 2.14 8.23
N ALA A 117 1.72 2.76 7.18
CA ALA A 117 0.92 3.06 6.01
C ALA A 117 1.32 2.14 4.87
N LEU A 118 0.44 1.22 4.53
CA LEU A 118 0.72 0.29 3.45
C LEU A 118 0.25 0.87 2.12
N ALA A 119 1.19 1.42 1.37
CA ALA A 119 0.90 1.93 0.04
C ALA A 119 1.07 0.80 -0.96
N MET A 120 -0.01 0.10 -1.23
CA MET A 120 0.05 -1.10 -2.04
C MET A 120 -0.31 -0.79 -3.48
N ILE A 121 0.69 -0.79 -4.34
CA ILE A 121 0.49 -0.55 -5.75
C ILE A 121 0.43 -1.87 -6.51
N VAL A 122 -0.60 -2.03 -7.32
CA VAL A 122 -0.81 -3.25 -8.10
C VAL A 122 -1.12 -2.91 -9.55
N GLY A 123 -0.24 -3.35 -10.44
CA GLY A 123 -0.39 -3.01 -11.85
C GLY A 123 -1.52 -3.77 -12.53
N GLY A 124 -1.88 -4.92 -11.97
CA GLY A 124 -2.89 -5.75 -12.58
C GLY A 124 -2.37 -6.48 -13.79
N LEU A 125 -2.44 -5.83 -14.94
CA LEU A 125 -1.93 -6.40 -16.19
C LEU A 125 -1.52 -5.28 -17.14
N GLU A 126 -0.58 -5.56 -18.03
CA GLU A 126 -0.06 -4.56 -18.95
C GLU A 126 -0.49 -4.85 -20.39
N HIS A 127 -1.07 -6.02 -20.61
CA HIS A 127 -1.50 -6.40 -21.95
C HIS A 127 -2.82 -5.71 -22.32
N HIS A 128 -2.72 -4.48 -22.79
CA HIS A 128 -3.88 -3.74 -23.23
C HIS A 128 -4.02 -3.83 -24.75
N HIS A 129 -3.10 -4.57 -25.36
CA HIS A 129 -3.13 -4.81 -26.79
C HIS A 129 -2.32 -6.07 -27.12
N HIS A 130 -2.66 -6.72 -28.22
CA HIS A 130 -1.91 -7.91 -28.66
C HIS A 130 -0.60 -7.48 -29.30
N HIS A 131 0.41 -8.32 -29.19
CA HIS A 131 1.73 -7.99 -29.72
C HIS A 131 1.82 -8.38 -31.19
N HIS A 132 2.21 -7.42 -32.01
CA HIS A 132 2.41 -7.64 -33.44
C HIS A 132 3.18 -6.47 -34.02
#